data_8T21
#
_entry.id   8T21
#
_cell.length_a   1.00
_cell.length_b   1.00
_cell.length_c   1.00
_cell.angle_alpha   90.00
_cell.angle_beta   90.00
_cell.angle_gamma   90.00
#
_symmetry.space_group_name_H-M   'P 1'
#
_entity_poly.entity_id   1
_entity_poly.type   'polypeptide(L)'
_entity_poly.pdbx_seq_one_letter_code
;MFVFLVLLPLVSSQCVNLTTRTQLPPAYTNSFTRGVYYPDKVFRSSVLHSTQDLFLPFFSNVTWFHAISGTNGTKRFDNP
VLPFNDGVYFASTEKSNIIRGWIFGTTLDSKTQSLLIVNNATNVVIKVCEFQFCNDPFLGVYYHKNNKSWMESEFRVYSS
ANNCTFEYVSQPFLMDLEGKQGNFKNLREFVFKNIDGYFKIYSKHTPINLVRDLPQGFSALEPLVDLPIGINITRFQTLL
ALHRSYLTPGDSSSGWTAGAAAYYVGYLQPRTFLLKYNENGTITDAVDCALDPLSETKCTLKSFTVEKGIYQTSNFRVQP
TESIVRFPNITNLCPFGEVFNATRFASVYAWNRKRISNCVADYSVLYNSASFSTFKCYGVSPTKLNDLCFTNVYADSFVI
RGDEVRQIAPGQTGKIADYNYKLPDDFTGCVIAWNSNNLDSKVGGNYNYLFRLFRKSNLKPFERDISTEIYQAGSTPCNG
VEGFNCYFPLQSYGFQPTNGVGYQPYRVVVLSFELLHAPATVCGPKKSTNLVKNKCVNFNFNGLTGTGVLTESNKKFLPF
QQFGRDIADTTDAVRDPQTLEILDITPCSFGGVSVITPGTNTSNQVAVLYQGVNCTEVPVAIHADQLTPTWRVYSTGSNV
FQTRAGCLIGAEHVNNSYECDIPIGAGICASYQTQTNSPGSASSVASQSIIAYTMSLGAENSVAYSNNSIAIPTNFTISV
TTEILPVSMTKTSVDCTMYICGDSTECSNLLLQYGSFCTQLNRALTGIAVEQDKNTQEVFAQVKQIYKTPPIKDFGGFNF
SQILPDPSKPSKRSPIEDLLFNKVTLADAGFIKQYGDCLGDIAARDLICAQKFNGLTVLPPLLTDEMIAQYTSALLAGTI
TSGWTFGAGPALQIPFPMQMAYRFNGIGVTQNVLYENQKLIANQFNSAIGKIQDSLSSTPSALGKLQDVVNQNAQALNTL
VKQLSSNFGAISSVLNDILSRLDPPEAEVQIDRLITGRLQSLQTYVTQQLIRAAEIRASANLAATKMSECVLGQSKRVDF
CGKGYHLMSFPQSAPHGVVFLHVTYVPAQEKNFTTAPAICHDGKAHFPREGVFVSNGTHWFVTQRNFYEPQIITTDNTFV
SGNCDVVIGIVNNTVYDPLQPELDSFKEELDKYFKNHTSPDVDLGDISGINASVVNIQKEIDRLNEVAKNLNESLIDLQE
LGKYEQGSGSGSGSGYIPEAPRDGQAYVRKDGEWVLLSTFLGSGSGSGHHHHHHGLNDIFEAQKIEWHE
;
_entity_poly.pdbx_strand_id   A,B,C
#
# COMPACT_ATOMS: atom_id res chain seq x y z
N ALA A 27 -28.13 -39.31 10.32
CA ALA A 27 -29.11 -38.47 9.65
C ALA A 27 -28.66 -38.16 8.23
N TYR A 28 -27.47 -38.63 7.86
CA TYR A 28 -26.90 -38.40 6.55
C TYR A 28 -26.27 -39.68 6.03
N THR A 29 -26.17 -39.79 4.71
CA THR A 29 -25.68 -41.00 4.06
C THR A 29 -24.43 -40.70 3.24
N ASN A 30 -23.79 -41.76 2.78
CA ASN A 30 -22.57 -41.64 2.00
C ASN A 30 -22.87 -41.35 0.54
N SER A 31 -21.81 -41.08 -0.24
CA SER A 31 -22.03 -40.65 -1.61
C SER A 31 -22.42 -41.79 -2.53
N PHE A 32 -21.49 -42.73 -2.77
CA PHE A 32 -21.70 -44.08 -3.29
C PHE A 32 -22.23 -44.23 -4.71
N THR A 33 -21.67 -43.53 -5.70
CA THR A 33 -21.72 -44.16 -7.02
C THR A 33 -20.32 -44.65 -7.37
N ARG A 34 -19.95 -45.82 -6.86
CA ARG A 34 -18.72 -46.58 -7.12
C ARG A 34 -18.13 -46.61 -8.51
N GLY A 35 -16.81 -46.58 -8.50
CA GLY A 35 -15.91 -46.68 -9.61
C GLY A 35 -14.85 -45.62 -9.48
N VAL A 36 -15.24 -44.36 -9.27
CA VAL A 36 -14.35 -43.24 -9.54
C VAL A 36 -13.08 -43.34 -8.69
N TYR A 37 -11.97 -43.08 -9.35
CA TYR A 37 -10.73 -42.75 -8.69
C TYR A 37 -10.55 -41.24 -8.73
N TYR A 38 -9.40 -40.78 -8.30
CA TYR A 38 -9.22 -39.35 -8.23
C TYR A 38 -9.16 -38.81 -9.66
N PRO A 39 -9.86 -37.71 -9.95
CA PRO A 39 -10.08 -37.27 -11.32
C PRO A 39 -8.84 -37.25 -12.20
N ASP A 40 -7.72 -36.83 -11.60
CA ASP A 40 -6.53 -36.49 -12.36
C ASP A 40 -5.33 -37.14 -11.69
N LYS A 41 -4.13 -36.69 -12.09
CA LYS A 41 -2.88 -37.32 -11.68
C LYS A 41 -2.74 -37.46 -10.16
N VAL A 42 -3.22 -36.47 -9.41
CA VAL A 42 -2.92 -36.40 -7.99
C VAL A 42 -3.74 -37.43 -7.25
N PHE A 43 -3.09 -38.17 -6.36
CA PHE A 43 -3.79 -39.05 -5.43
C PHE A 43 -3.91 -38.34 -4.09
N ARG A 44 -4.82 -37.36 -4.06
CA ARG A 44 -5.02 -36.53 -2.89
C ARG A 44 -5.74 -37.29 -1.79
N SER A 45 -5.93 -36.63 -0.66
CA SER A 45 -6.63 -37.24 0.46
C SER A 45 -7.06 -36.15 1.44
N SER A 46 -8.30 -36.24 1.90
CA SER A 46 -8.82 -35.39 2.97
C SER A 46 -8.76 -33.91 2.60
N VAL A 47 -8.96 -33.62 1.32
CA VAL A 47 -8.96 -32.25 0.81
C VAL A 47 -10.15 -32.08 -0.12
N LEU A 48 -10.31 -30.86 -0.63
CA LEU A 48 -11.35 -30.54 -1.59
C LEU A 48 -10.73 -29.81 -2.77
N HIS A 49 -11.23 -30.10 -3.97
CA HIS A 49 -10.70 -29.48 -5.18
C HIS A 49 -11.79 -29.46 -6.23
N SER A 50 -11.76 -28.43 -7.07
CA SER A 50 -12.76 -28.25 -8.11
C SER A 50 -12.07 -28.06 -9.47
N THR A 51 -12.73 -28.52 -10.52
CA THR A 51 -12.22 -28.40 -11.88
C THR A 51 -13.38 -28.52 -12.85
N GLN A 52 -13.07 -28.72 -14.13
CA GLN A 52 -14.08 -28.86 -15.17
C GLN A 52 -13.93 -30.24 -15.82
N ASP A 53 -15.01 -31.00 -15.85
CA ASP A 53 -15.01 -32.35 -16.43
C ASP A 53 -16.41 -32.63 -16.98
N LEU A 54 -16.67 -33.88 -17.35
CA LEU A 54 -17.74 -34.18 -18.30
C LEU A 54 -18.60 -35.38 -17.88
N PHE A 55 -19.88 -35.12 -17.54
CA PHE A 55 -20.99 -36.06 -17.32
C PHE A 55 -22.28 -35.22 -17.30
N LEU A 56 -23.55 -35.80 -17.47
CA LEU A 56 -24.89 -35.10 -17.47
C LEU A 56 -25.08 -34.24 -16.16
N PRO A 57 -26.21 -33.93 -15.49
CA PRO A 57 -26.10 -32.99 -14.30
C PRO A 57 -26.28 -33.38 -12.79
N PHE A 58 -25.65 -34.46 -12.29
CA PHE A 58 -25.84 -35.21 -10.99
C PHE A 58 -27.18 -35.97 -10.75
N PHE A 59 -27.44 -37.15 -11.43
CA PHE A 59 -28.54 -38.19 -11.65
C PHE A 59 -29.98 -37.85 -12.20
N SER A 60 -30.22 -37.62 -13.51
CA SER A 60 -31.31 -36.74 -13.99
C SER A 60 -32.71 -37.37 -14.03
N ASN A 61 -33.68 -36.45 -14.13
CA ASN A 61 -35.10 -36.73 -14.38
C ASN A 61 -35.42 -36.36 -15.82
N VAL A 62 -36.05 -37.27 -16.55
CA VAL A 62 -36.39 -37.06 -17.96
C VAL A 62 -37.70 -37.76 -18.31
N THR A 63 -38.06 -37.63 -19.59
CA THR A 63 -39.16 -38.37 -20.19
C THR A 63 -38.58 -39.66 -20.75
N TRP A 64 -39.40 -40.45 -21.45
CA TRP A 64 -38.93 -41.67 -22.12
C TRP A 64 -39.65 -41.74 -23.46
N PHE A 65 -39.06 -41.18 -24.50
CA PHE A 65 -39.65 -41.30 -25.83
C PHE A 65 -39.61 -42.75 -26.29
N HIS A 66 -40.75 -43.42 -26.19
CA HIS A 66 -40.88 -44.85 -26.39
C HIS A 66 -40.68 -45.20 -27.87
N ALA A 67 -40.36 -46.48 -28.10
CA ALA A 67 -39.71 -46.94 -29.32
C ALA A 67 -40.62 -46.92 -30.54
N ILE A 68 -41.81 -46.34 -30.40
CA ILE A 68 -42.66 -46.05 -31.55
C ILE A 68 -43.13 -44.58 -31.62
N ASP A 78 -38.49 -42.66 -18.34
CA ASP A 78 -37.47 -41.74 -17.88
C ASP A 78 -36.12 -42.31 -18.33
N ASN A 79 -36.00 -42.68 -19.61
CA ASN A 79 -34.78 -43.29 -20.15
C ASN A 79 -34.67 -43.11 -21.66
N PRO A 80 -34.53 -41.88 -22.14
CA PRO A 80 -34.32 -41.62 -23.57
C PRO A 80 -32.84 -41.50 -23.93
N VAL A 81 -32.60 -41.10 -25.17
CA VAL A 81 -31.24 -40.91 -25.71
C VAL A 81 -30.90 -39.42 -25.64
N LEU A 82 -29.74 -39.07 -25.08
CA LEU A 82 -29.50 -37.72 -24.53
C LEU A 82 -28.03 -37.27 -24.56
N PRO A 83 -27.77 -35.92 -24.37
CA PRO A 83 -26.40 -35.36 -24.42
C PRO A 83 -25.58 -35.22 -23.12
N PHE A 84 -24.48 -34.46 -23.26
CA PHE A 84 -23.22 -34.39 -22.50
C PHE A 84 -23.23 -33.46 -21.27
N ASN A 85 -22.03 -33.12 -20.75
CA ASN A 85 -21.67 -32.01 -19.85
C ASN A 85 -21.28 -32.36 -18.41
N ASP A 86 -21.94 -31.88 -17.33
CA ASP A 86 -21.31 -31.76 -15.98
C ASP A 86 -22.10 -32.47 -14.80
N GLY A 87 -22.45 -33.78 -14.91
CA GLY A 87 -23.04 -34.59 -13.84
C GLY A 87 -23.92 -35.77 -14.33
N VAL A 88 -25.12 -35.94 -13.71
CA VAL A 88 -26.22 -36.81 -14.20
C VAL A 88 -27.75 -36.41 -13.94
N TYR A 89 -28.16 -35.21 -13.39
CA TYR A 89 -29.00 -34.52 -12.31
C TYR A 89 -30.16 -35.18 -11.48
N PHE A 90 -29.98 -35.29 -10.14
CA PHE A 90 -30.42 -36.33 -9.14
C PHE A 90 -31.87 -36.55 -8.70
N ALA A 91 -32.19 -37.86 -8.51
CA ALA A 91 -32.72 -38.45 -7.25
C ALA A 91 -32.84 -39.98 -7.39
N SER A 92 -32.28 -40.79 -6.45
CA SER A 92 -32.37 -42.27 -6.56
C SER A 92 -31.76 -43.03 -5.36
N THR A 93 -32.07 -44.37 -5.30
CA THR A 93 -31.55 -45.38 -4.33
C THR A 93 -31.81 -46.81 -4.85
N GLU A 94 -30.82 -47.73 -4.68
CA GLU A 94 -30.99 -49.20 -4.78
C GLU A 94 -29.81 -49.98 -4.20
N LYS A 95 -29.92 -51.37 -4.16
CA LYS A 95 -28.98 -52.15 -3.33
C LYS A 95 -28.41 -53.48 -3.85
N SER A 96 -29.06 -54.29 -4.72
CA SER A 96 -28.68 -55.70 -4.89
C SER A 96 -28.24 -56.17 -6.28
N ASN A 97 -29.13 -56.21 -7.29
CA ASN A 97 -28.77 -56.80 -8.60
C ASN A 97 -29.81 -56.65 -9.71
N ILE A 98 -29.43 -56.15 -10.89
CA ILE A 98 -30.07 -56.61 -12.12
C ILE A 98 -29.12 -56.87 -13.30
N ILE A 99 -28.49 -55.81 -13.81
CA ILE A 99 -27.83 -55.76 -15.12
C ILE A 99 -26.36 -56.17 -14.98
N ARG A 100 -25.66 -56.35 -16.11
CA ARG A 100 -24.21 -56.51 -16.12
C ARG A 100 -23.45 -55.33 -16.72
N GLY A 101 -23.98 -54.12 -16.65
CA GLY A 101 -23.25 -53.02 -17.25
C GLY A 101 -24.12 -51.81 -17.47
N TRP A 102 -23.49 -50.64 -17.39
CA TRP A 102 -24.13 -49.40 -17.77
C TRP A 102 -23.22 -48.66 -18.73
N ILE A 103 -23.81 -48.17 -19.82
CA ILE A 103 -23.05 -47.58 -20.92
C ILE A 103 -23.42 -46.11 -21.05
N PHE A 104 -22.73 -45.38 -21.93
CA PHE A 104 -23.04 -43.97 -22.15
C PHE A 104 -22.78 -43.61 -23.60
N GLY A 105 -23.85 -43.38 -24.36
CA GLY A 105 -23.78 -42.95 -25.74
C GLY A 105 -24.82 -41.92 -26.12
N THR A 106 -24.51 -41.02 -27.06
CA THR A 106 -25.41 -39.93 -27.40
C THR A 106 -25.77 -39.90 -28.89
N THR A 107 -24.95 -40.51 -29.75
CA THR A 107 -25.21 -40.51 -31.18
C THR A 107 -25.88 -41.79 -31.66
N LEU A 108 -25.77 -42.88 -30.91
CA LEU A 108 -26.40 -44.16 -31.24
C LEU A 108 -25.93 -44.66 -32.61
N ASP A 109 -24.65 -45.00 -32.68
CA ASP A 109 -24.06 -45.60 -33.86
C ASP A 109 -23.84 -47.10 -33.73
N SER A 110 -23.10 -47.53 -32.70
CA SER A 110 -22.79 -48.93 -32.40
C SER A 110 -21.86 -49.56 -33.42
N LYS A 111 -21.50 -48.86 -34.49
CA LYS A 111 -20.48 -49.37 -35.41
C LYS A 111 -19.10 -49.21 -34.80
N THR A 112 -18.97 -48.29 -33.85
CA THR A 112 -17.78 -48.20 -33.02
C THR A 112 -17.83 -49.28 -31.94
N GLN A 113 -16.99 -49.13 -30.93
CA GLN A 113 -16.98 -50.11 -29.86
C GLN A 113 -18.26 -50.00 -29.05
N SER A 114 -19.28 -50.77 -29.46
CA SER A 114 -20.52 -50.91 -28.71
C SER A 114 -20.32 -52.03 -27.68
N LEU A 115 -19.43 -51.75 -26.73
CA LEU A 115 -18.97 -52.75 -25.76
C LEU A 115 -18.39 -53.96 -26.49
N LEU A 116 -17.67 -53.68 -27.58
CA LEU A 116 -17.23 -54.73 -28.50
C LEU A 116 -16.11 -55.53 -27.85
N ILE A 117 -16.52 -56.41 -26.95
CA ILE A 117 -15.64 -57.31 -26.22
C ILE A 117 -16.13 -58.73 -26.45
N VAL A 118 -15.28 -59.58 -27.02
CA VAL A 118 -15.57 -61.01 -27.13
C VAL A 118 -14.95 -61.67 -25.91
N ASN A 119 -15.75 -61.77 -24.85
CA ASN A 119 -15.29 -62.37 -23.60
C ASN A 119 -15.36 -63.88 -23.72
N ASN A 120 -14.56 -64.40 -24.66
CA ASN A 120 -14.52 -65.82 -24.98
C ASN A 120 -13.76 -66.63 -23.93
N ALA A 121 -13.36 -65.99 -22.83
CA ALA A 121 -12.87 -66.65 -21.62
C ALA A 121 -11.59 -67.45 -21.84
N THR A 122 -10.84 -67.17 -22.90
CA THR A 122 -9.46 -67.64 -22.98
C THR A 122 -8.50 -66.63 -22.37
N ASN A 123 -8.49 -65.40 -22.88
CA ASN A 123 -7.99 -64.25 -22.17
C ASN A 123 -9.10 -63.20 -22.21
N VAL A 124 -9.04 -62.24 -21.30
CA VAL A 124 -10.03 -61.17 -21.33
C VAL A 124 -9.73 -60.34 -22.55
N VAL A 125 -10.50 -60.54 -23.62
CA VAL A 125 -10.20 -59.97 -24.93
C VAL A 125 -10.85 -58.59 -24.94
N ILE A 126 -10.13 -57.60 -24.42
CA ILE A 126 -10.57 -56.22 -24.50
C ILE A 126 -9.56 -55.47 -25.34
N LYS A 127 -9.79 -55.43 -26.65
CA LYS A 127 -8.82 -54.92 -27.60
C LYS A 127 -9.50 -53.89 -28.50
N VAL A 128 -8.70 -52.93 -28.99
CA VAL A 128 -9.25 -51.82 -29.74
C VAL A 128 -9.87 -52.31 -31.05
N CYS A 129 -9.41 -53.44 -31.57
CA CYS A 129 -10.09 -54.07 -32.69
C CYS A 129 -11.52 -54.43 -32.29
N GLU A 130 -12.44 -54.25 -33.22
CA GLU A 130 -13.88 -54.33 -32.92
C GLU A 130 -14.32 -55.78 -32.94
N PHE A 131 -14.77 -56.29 -31.80
CA PHE A 131 -15.34 -57.64 -31.72
C PHE A 131 -16.75 -57.56 -31.13
N GLN A 132 -17.76 -57.66 -31.98
CA GLN A 132 -19.16 -57.53 -31.55
C GLN A 132 -19.78 -58.90 -31.36
N PHE A 133 -20.23 -59.16 -30.14
CA PHE A 133 -21.05 -60.31 -29.78
C PHE A 133 -22.49 -60.03 -30.18
N CYS A 134 -23.45 -60.80 -29.66
CA CYS A 134 -24.86 -60.48 -29.82
C CYS A 134 -25.11 -59.03 -29.45
N ASN A 135 -26.18 -58.43 -29.97
CA ASN A 135 -26.43 -56.99 -29.89
C ASN A 135 -26.01 -56.39 -28.56
N ASP A 136 -26.28 -57.10 -27.47
CA ASP A 136 -25.72 -56.78 -26.15
C ASP A 136 -24.56 -57.72 -25.93
N PRO A 137 -23.32 -57.30 -26.22
CA PRO A 137 -22.19 -58.22 -26.13
C PRO A 137 -21.91 -58.63 -24.69
N PHE A 138 -22.87 -59.37 -24.14
CA PHE A 138 -22.87 -59.85 -22.77
C PHE A 138 -23.18 -61.34 -22.80
N LEU A 139 -22.61 -62.07 -21.86
CA LEU A 139 -22.95 -63.48 -21.67
C LEU A 139 -24.47 -63.67 -21.70
N GLY A 140 -24.90 -64.80 -22.24
CA GLY A 140 -26.30 -64.98 -22.53
C GLY A 140 -27.17 -65.13 -21.31
N VAL A 141 -27.30 -64.06 -20.53
CA VAL A 141 -28.14 -64.05 -19.35
C VAL A 141 -29.13 -62.89 -19.44
N ASN A 163 -7.95 -50.52 -35.46
CA ASN A 163 -6.80 -51.39 -35.70
C ASN A 163 -6.11 -51.77 -34.40
N CYS A 164 -6.15 -53.05 -34.07
CA CYS A 164 -5.48 -53.57 -32.89
C CYS A 164 -3.98 -53.62 -33.13
N THR A 165 -3.31 -52.51 -32.86
CA THR A 165 -1.86 -52.42 -32.96
C THR A 165 -1.20 -53.09 -31.76
N PHE A 166 -1.44 -52.56 -30.56
CA PHE A 166 -1.10 -53.25 -29.33
C PHE A 166 -2.30 -54.13 -28.95
N GLU A 167 -2.53 -55.15 -29.77
CA GLU A 167 -3.67 -56.02 -29.59
C GLU A 167 -3.64 -56.60 -28.19
N TYR A 168 -4.67 -56.25 -27.39
CA TYR A 168 -4.59 -56.33 -25.93
C TYR A 168 -4.90 -57.73 -25.43
N VAL A 169 -3.85 -58.54 -25.28
CA VAL A 169 -4.00 -59.81 -24.59
C VAL A 169 -3.97 -59.53 -23.09
N SER A 170 -5.14 -59.30 -22.50
CA SER A 170 -5.23 -58.94 -21.10
C SER A 170 -6.52 -59.45 -20.48
N PHE A 184 -29.60 -62.04 -8.87
CA PHE A 184 -28.34 -62.44 -8.26
C PHE A 184 -27.94 -61.33 -7.28
N LYS A 185 -26.66 -60.98 -7.17
CA LYS A 185 -26.19 -59.94 -6.25
C LYS A 185 -25.09 -59.08 -6.88
N ASN A 186 -25.26 -58.63 -8.12
CA ASN A 186 -24.20 -57.87 -8.79
C ASN A 186 -24.76 -57.12 -9.99
N LEU A 187 -23.98 -56.13 -10.45
CA LEU A 187 -24.22 -55.32 -11.64
C LEU A 187 -22.93 -54.57 -11.99
N ARG A 188 -22.71 -54.22 -13.25
CA ARG A 188 -21.49 -53.55 -13.67
C ARG A 188 -21.80 -52.23 -14.38
N GLU A 189 -20.77 -51.61 -14.96
CA GLU A 189 -20.90 -50.29 -15.58
C GLU A 189 -19.66 -49.98 -16.41
N PHE A 190 -19.86 -49.69 -17.71
CA PHE A 190 -18.77 -49.48 -18.65
C PHE A 190 -18.99 -48.17 -19.39
N VAL A 191 -18.01 -47.26 -19.36
CA VAL A 191 -18.13 -45.96 -20.01
C VAL A 191 -16.81 -45.71 -20.75
N PHE A 192 -16.78 -46.01 -22.04
CA PHE A 192 -15.52 -45.98 -22.78
C PHE A 192 -15.32 -44.62 -23.41
N LYS A 193 -14.30 -43.89 -22.96
CA LYS A 193 -14.25 -42.47 -23.28
C LYS A 193 -12.85 -42.07 -23.71
N ASN A 194 -12.55 -40.78 -23.61
CA ASN A 194 -11.38 -40.21 -24.25
C ASN A 194 -10.95 -38.96 -23.48
N ILE A 195 -9.68 -38.59 -23.63
CA ILE A 195 -9.18 -37.28 -23.29
C ILE A 195 -8.18 -36.85 -24.36
N ASP A 196 -8.35 -35.64 -24.89
CA ASP A 196 -7.43 -34.99 -25.81
C ASP A 196 -7.45 -35.66 -27.17
N GLY A 197 -7.87 -36.92 -27.24
CA GLY A 197 -7.75 -37.70 -28.46
C GLY A 197 -7.12 -39.06 -28.26
N TYR A 198 -7.29 -39.66 -27.08
CA TYR A 198 -6.74 -40.98 -26.77
C TYR A 198 -7.75 -41.72 -25.90
N PHE A 199 -8.14 -42.92 -26.33
CA PHE A 199 -9.31 -43.57 -25.74
C PHE A 199 -9.07 -44.05 -24.31
N LYS A 200 -10.15 -44.08 -23.53
CA LYS A 200 -10.13 -44.56 -22.16
C LYS A 200 -11.32 -45.47 -21.90
N ILE A 201 -11.21 -46.27 -20.84
CA ILE A 201 -12.23 -47.26 -20.49
C ILE A 201 -12.57 -47.15 -19.02
N TYR A 202 -13.85 -47.40 -18.70
CA TYR A 202 -14.41 -47.27 -17.37
C TYR A 202 -15.07 -48.59 -17.01
N SER A 203 -14.89 -49.07 -15.78
CA SER A 203 -15.42 -50.37 -15.40
C SER A 203 -15.43 -50.56 -13.89
N LYS A 204 -16.57 -50.98 -13.35
CA LYS A 204 -16.65 -51.51 -11.99
C LYS A 204 -18.00 -52.21 -11.84
N HIS A 205 -18.12 -53.04 -10.79
CA HIS A 205 -19.30 -53.84 -10.58
C HIS A 205 -19.92 -53.50 -9.23
N THR A 206 -21.27 -53.44 -9.18
CA THR A 206 -21.96 -52.92 -8.02
C THR A 206 -23.37 -53.47 -7.93
N PRO A 207 -23.99 -53.49 -6.75
CA PRO A 207 -25.37 -54.00 -6.63
C PRO A 207 -26.47 -52.92 -6.62
N ILE A 208 -27.61 -53.22 -7.28
CA ILE A 208 -28.82 -52.39 -7.20
C ILE A 208 -30.05 -53.31 -7.09
N ASN A 209 -31.01 -52.91 -6.25
CA ASN A 209 -31.85 -53.87 -5.52
C ASN A 209 -32.64 -54.85 -6.38
N LEU A 210 -33.65 -54.36 -7.08
CA LEU A 210 -34.48 -55.24 -7.89
C LEU A 210 -34.22 -54.98 -9.38
N VAL A 211 -35.05 -55.57 -10.23
CA VAL A 211 -34.81 -55.56 -11.66
C VAL A 211 -34.68 -54.16 -12.25
N ARG A 212 -35.45 -53.19 -11.76
CA ARG A 212 -35.64 -51.98 -12.54
C ARG A 212 -35.66 -50.67 -11.75
N ASP A 213 -35.52 -50.68 -10.42
CA ASP A 213 -36.02 -49.53 -9.65
C ASP A 213 -35.25 -48.26 -10.02
N LEU A 214 -34.00 -48.11 -9.52
CA LEU A 214 -32.98 -47.17 -9.98
C LEU A 214 -31.80 -47.26 -9.02
N PRO A 215 -30.54 -47.15 -9.45
CA PRO A 215 -29.40 -47.33 -8.53
C PRO A 215 -29.29 -46.26 -7.44
N GLN A 216 -28.29 -46.43 -6.57
CA GLN A 216 -28.02 -45.56 -5.43
C GLN A 216 -26.68 -44.88 -5.57
N GLY A 217 -26.62 -43.61 -5.22
CA GLY A 217 -25.36 -43.00 -4.85
C GLY A 217 -24.82 -41.99 -5.86
N PHE A 218 -23.69 -41.38 -5.49
CA PHE A 218 -23.14 -40.27 -6.27
C PHE A 218 -21.64 -40.01 -6.04
N SER A 219 -20.82 -40.52 -6.96
CA SER A 219 -19.51 -39.93 -7.20
C SER A 219 -19.05 -40.48 -8.53
N ALA A 220 -19.17 -39.69 -9.60
CA ALA A 220 -19.28 -40.23 -10.95
C ALA A 220 -17.95 -40.76 -11.47
N LEU A 221 -17.86 -42.09 -11.49
CA LEU A 221 -17.19 -42.91 -12.53
C LEU A 221 -15.71 -42.71 -12.82
N GLU A 222 -14.97 -43.88 -13.03
CA GLU A 222 -13.52 -44.14 -13.01
C GLU A 222 -12.95 -44.46 -14.37
N PRO A 223 -11.80 -43.92 -14.74
CA PRO A 223 -11.10 -44.46 -15.90
C PRO A 223 -10.14 -45.57 -15.51
N LEU A 224 -10.16 -46.63 -16.30
CA LEU A 224 -9.30 -47.79 -16.08
C LEU A 224 -8.06 -47.77 -16.97
N VAL A 225 -8.24 -47.82 -18.29
CA VAL A 225 -7.14 -47.99 -19.21
C VAL A 225 -7.17 -46.84 -20.23
N ASP A 226 -5.99 -46.44 -20.69
CA ASP A 226 -5.87 -45.40 -21.69
C ASP A 226 -5.13 -45.97 -22.89
N LEU A 227 -5.55 -45.55 -24.08
CA LEU A 227 -4.89 -45.96 -25.33
C LEU A 227 -4.62 -44.74 -26.19
N PRO A 228 -3.36 -44.42 -26.43
CA PRO A 228 -3.04 -43.25 -27.26
C PRO A 228 -2.97 -43.55 -28.74
N ILE A 229 -4.13 -43.76 -29.37
CA ILE A 229 -4.19 -44.11 -30.78
C ILE A 229 -5.08 -43.17 -31.59
N GLY A 230 -5.94 -42.38 -30.94
CA GLY A 230 -6.74 -41.42 -31.67
C GLY A 230 -8.19 -41.75 -31.94
N ILE A 231 -8.94 -42.11 -30.90
CA ILE A 231 -10.39 -42.25 -30.96
C ILE A 231 -10.98 -41.40 -29.85
N ASN A 232 -12.00 -40.59 -30.18
CA ASN A 232 -12.36 -39.40 -29.42
C ASN A 232 -13.56 -39.61 -28.52
N ILE A 233 -14.05 -38.50 -27.92
CA ILE A 233 -15.13 -38.50 -26.93
C ILE A 233 -16.35 -37.74 -27.45
N THR A 234 -17.51 -38.39 -27.42
CA THR A 234 -18.79 -37.67 -27.46
C THR A 234 -19.90 -38.26 -26.60
N ARG A 235 -19.85 -39.54 -26.26
CA ARG A 235 -21.03 -40.36 -26.03
C ARG A 235 -21.42 -40.43 -24.55
N PHE A 236 -22.47 -39.72 -24.15
CA PHE A 236 -23.01 -39.80 -22.79
C PHE A 236 -24.54 -40.00 -22.86
N GLN A 237 -24.97 -41.27 -22.84
CA GLN A 237 -26.29 -41.66 -22.36
C GLN A 237 -26.43 -43.18 -22.49
N THR A 238 -27.23 -43.82 -21.62
CA THR A 238 -27.26 -45.28 -21.55
C THR A 238 -28.01 -45.87 -22.74
N LEU A 239 -28.25 -47.18 -22.66
CA LEU A 239 -29.11 -47.89 -23.59
C LEU A 239 -30.07 -48.78 -22.83
N LEU A 240 -30.73 -49.66 -23.58
CA LEU A 240 -31.83 -50.47 -23.10
C LEU A 240 -31.51 -51.94 -23.31
N ALA A 241 -32.49 -52.79 -23.02
CA ALA A 241 -32.46 -54.19 -23.40
C ALA A 241 -33.70 -54.45 -24.25
N LEU A 242 -33.52 -54.39 -25.57
CA LEU A 242 -34.64 -54.44 -26.51
C LEU A 242 -34.34 -55.49 -27.58
N HIS A 243 -35.21 -56.48 -27.69
CA HIS A 243 -35.03 -57.56 -28.65
C HIS A 243 -36.26 -57.73 -29.53
N ALA A 261 -40.10 -48.83 -10.50
CA ALA A 261 -39.18 -49.73 -11.18
C ALA A 261 -38.97 -49.34 -12.63
N ALA A 262 -38.02 -48.42 -12.86
CA ALA A 262 -37.68 -47.91 -14.17
C ALA A 262 -36.35 -47.19 -14.09
N TYR A 263 -35.38 -47.66 -14.86
CA TYR A 263 -34.08 -47.00 -14.85
C TYR A 263 -34.01 -45.95 -15.94
N TYR A 264 -32.87 -45.25 -15.99
CA TYR A 264 -32.80 -43.88 -16.46
C TYR A 264 -31.51 -43.58 -17.21
N VAL A 265 -31.51 -42.43 -17.89
CA VAL A 265 -30.39 -41.52 -18.14
C VAL A 265 -31.05 -40.28 -18.73
N GLY A 266 -30.44 -39.11 -18.52
CA GLY A 266 -31.16 -37.90 -18.85
C GLY A 266 -30.54 -36.59 -19.28
N TYR A 267 -31.06 -35.50 -18.68
CA TYR A 267 -31.06 -34.15 -19.24
C TYR A 267 -29.71 -33.43 -19.06
N LEU A 268 -29.74 -32.11 -19.26
CA LEU A 268 -28.55 -31.27 -19.37
C LEU A 268 -28.67 -30.04 -18.49
N GLN A 269 -27.66 -29.82 -17.65
CA GLN A 269 -27.42 -28.50 -17.02
C GLN A 269 -25.94 -28.45 -16.61
N PRO A 270 -25.17 -27.54 -17.20
CA PRO A 270 -23.71 -27.60 -17.08
C PRO A 270 -23.19 -26.89 -15.85
N ARG A 271 -22.56 -27.65 -14.95
CA ARG A 271 -22.05 -27.11 -13.69
C ARG A 271 -20.76 -27.81 -13.29
N THR A 272 -19.75 -27.01 -12.95
CA THR A 272 -18.47 -27.55 -12.52
C THR A 272 -18.63 -28.32 -11.22
N PHE A 273 -17.71 -29.26 -11.00
CA PHE A 273 -17.78 -30.17 -9.86
C PHE A 273 -16.91 -29.68 -8.72
N LEU A 274 -17.30 -30.05 -7.51
CA LEU A 274 -16.46 -29.94 -6.33
C LEU A 274 -16.44 -31.31 -5.66
N LEU A 275 -15.26 -31.89 -5.51
CA LEU A 275 -15.11 -33.24 -5.00
C LEU A 275 -14.47 -33.21 -3.62
N LYS A 276 -15.02 -34.01 -2.70
CA LYS A 276 -14.50 -34.15 -1.35
C LYS A 276 -14.04 -35.58 -1.11
N TYR A 277 -12.83 -35.72 -0.59
CA TYR A 277 -12.24 -37.03 -0.35
C TYR A 277 -12.01 -37.22 1.14
N ASN A 278 -12.09 -38.46 1.60
CA ASN A 278 -11.80 -38.80 2.97
C ASN A 278 -10.37 -39.32 3.09
N GLU A 279 -9.99 -39.76 4.28
CA GLU A 279 -8.65 -40.30 4.51
C GLU A 279 -8.47 -41.68 3.87
N ASN A 280 -9.54 -42.44 3.72
CA ASN A 280 -9.44 -43.79 3.19
C ASN A 280 -9.51 -43.78 1.67
N GLY A 281 -8.66 -42.96 1.06
CA GLY A 281 -8.35 -42.97 -0.36
C GLY A 281 -9.53 -43.06 -1.30
N THR A 282 -10.66 -42.43 -0.99
CA THR A 282 -11.86 -42.58 -1.79
C THR A 282 -12.58 -41.25 -1.92
N ILE A 283 -13.36 -41.11 -2.98
CA ILE A 283 -14.16 -39.92 -3.19
C ILE A 283 -15.60 -40.19 -2.77
N THR A 284 -16.08 -39.48 -1.74
CA THR A 284 -17.40 -39.76 -1.20
C THR A 284 -18.24 -38.51 -1.00
N ASP A 285 -18.13 -37.50 -1.86
CA ASP A 285 -19.00 -36.33 -1.71
C ASP A 285 -18.81 -35.40 -2.89
N ALA A 286 -19.88 -34.69 -3.24
CA ALA A 286 -19.85 -33.71 -4.32
C ALA A 286 -21.07 -32.80 -4.22
N VAL A 287 -20.96 -31.61 -4.81
CA VAL A 287 -22.06 -30.66 -4.87
C VAL A 287 -21.99 -29.91 -6.20
N ASP A 288 -23.16 -29.71 -6.80
CA ASP A 288 -23.34 -28.93 -8.01
C ASP A 288 -23.20 -27.45 -7.69
N CYS A 289 -22.84 -26.67 -8.72
CA CYS A 289 -22.66 -25.24 -8.52
C CYS A 289 -23.93 -24.44 -8.81
N ALA A 290 -24.45 -24.52 -10.03
CA ALA A 290 -25.56 -23.66 -10.44
C ALA A 290 -26.88 -24.41 -10.61
N LEU A 291 -27.06 -25.53 -9.90
CA LEU A 291 -28.37 -26.17 -9.88
C LEU A 291 -29.42 -25.23 -9.31
N ASP A 292 -29.08 -24.54 -8.23
CA ASP A 292 -29.97 -23.59 -7.60
C ASP A 292 -29.10 -22.65 -6.76
N PRO A 293 -29.67 -21.55 -6.27
CA PRO A 293 -28.89 -20.68 -5.38
C PRO A 293 -28.36 -21.41 -4.16
N LEU A 294 -29.07 -22.42 -3.66
CA LEU A 294 -28.56 -23.19 -2.53
C LEU A 294 -27.26 -23.88 -2.87
N SER A 295 -27.18 -24.48 -4.07
CA SER A 295 -25.93 -25.11 -4.49
C SER A 295 -24.87 -24.05 -4.79
N GLU A 296 -25.29 -22.89 -5.29
CA GLU A 296 -24.33 -21.83 -5.57
C GLU A 296 -23.65 -21.37 -4.29
N THR A 297 -24.40 -21.27 -3.20
CA THR A 297 -23.80 -20.91 -1.92
C THR A 297 -22.73 -21.91 -1.51
N LYS A 298 -23.02 -23.20 -1.65
CA LYS A 298 -22.05 -24.22 -1.29
C LYS A 298 -20.80 -24.12 -2.15
N CYS A 299 -20.98 -23.88 -3.46
CA CYS A 299 -19.82 -23.73 -4.33
C CYS A 299 -18.99 -22.51 -3.95
N THR A 300 -19.64 -21.40 -3.64
CA THR A 300 -18.91 -20.16 -3.38
C THR A 300 -18.20 -20.20 -2.04
N LEU A 301 -18.87 -20.68 -1.00
CA LEU A 301 -18.28 -20.69 0.34
C LEU A 301 -17.16 -21.70 0.49
N LYS A 302 -16.94 -22.56 -0.51
CA LYS A 302 -15.88 -23.57 -0.46
C LYS A 302 -16.07 -24.51 0.72
N SER A 303 -17.33 -24.85 1.01
CA SER A 303 -17.65 -25.72 2.13
C SER A 303 -18.99 -26.39 1.86
N PHE A 304 -19.41 -27.23 2.80
CA PHE A 304 -20.64 -27.99 2.66
C PHE A 304 -21.72 -27.61 3.66
N THR A 305 -21.34 -26.99 4.77
CA THR A 305 -22.31 -26.57 5.79
C THR A 305 -22.54 -25.06 5.65
N VAL A 306 -23.81 -24.66 5.58
CA VAL A 306 -24.19 -23.27 5.41
C VAL A 306 -24.95 -22.82 6.65
N GLU A 307 -24.49 -21.72 7.24
CA GLU A 307 -25.10 -21.17 8.44
C GLU A 307 -26.11 -20.08 8.07
N LYS A 308 -26.88 -19.68 9.08
CA LYS A 308 -27.88 -18.63 8.89
C LYS A 308 -27.20 -17.32 8.51
N GLY A 309 -27.75 -16.66 7.49
CA GLY A 309 -27.20 -15.38 7.07
C GLY A 309 -27.54 -15.09 5.62
N ILE A 310 -26.90 -14.05 5.10
CA ILE A 310 -27.09 -13.60 3.73
C ILE A 310 -25.73 -13.55 3.05
N TYR A 311 -25.66 -14.05 1.82
CA TYR A 311 -24.43 -14.12 1.06
C TYR A 311 -24.67 -13.62 -0.35
N GLN A 312 -23.59 -13.19 -1.00
CA GLN A 312 -23.66 -12.58 -2.32
C GLN A 312 -23.24 -13.58 -3.37
N THR A 313 -24.02 -13.67 -4.44
CA THR A 313 -23.79 -14.59 -5.55
C THR A 313 -23.02 -13.88 -6.66
N SER A 314 -22.92 -14.53 -7.81
CA SER A 314 -22.32 -13.91 -8.98
C SER A 314 -23.24 -12.84 -9.55
N ASN A 315 -22.64 -11.80 -10.12
CA ASN A 315 -23.42 -10.69 -10.64
C ASN A 315 -24.22 -11.11 -11.86
N PHE A 316 -25.39 -10.50 -12.03
CA PHE A 316 -26.30 -10.79 -13.14
C PHE A 316 -26.35 -9.60 -14.09
N ARG A 317 -26.36 -9.87 -15.38
CA ARG A 317 -26.43 -8.84 -16.41
C ARG A 317 -27.24 -9.36 -17.59
N VAL A 318 -27.92 -8.45 -18.29
CA VAL A 318 -28.79 -8.84 -19.39
C VAL A 318 -27.96 -9.34 -20.57
N GLN A 319 -28.31 -10.50 -21.09
CA GLN A 319 -27.56 -11.09 -22.18
C GLN A 319 -27.90 -10.40 -23.51
N PRO A 320 -26.90 -10.13 -24.36
CA PRO A 320 -27.13 -9.30 -25.55
C PRO A 320 -27.81 -10.01 -26.71
N THR A 321 -29.14 -10.09 -26.69
CA THR A 321 -29.96 -10.47 -27.84
C THR A 321 -31.20 -9.57 -27.92
N GLU A 322 -31.03 -8.33 -27.50
CA GLU A 322 -32.05 -7.34 -27.20
C GLU A 322 -32.35 -6.44 -28.42
N SER A 323 -32.83 -5.22 -28.15
CA SER A 323 -33.28 -4.26 -29.15
C SER A 323 -32.08 -3.70 -29.90
N ILE A 324 -32.20 -2.55 -30.57
CA ILE A 324 -31.49 -2.37 -31.83
C ILE A 324 -30.51 -1.19 -31.97
N VAL A 325 -29.70 -0.86 -30.96
CA VAL A 325 -28.75 0.24 -31.20
C VAL A 325 -27.23 0.00 -30.96
N ARG A 326 -26.50 -0.59 -31.97
CA ARG A 326 -25.12 -0.21 -32.28
C ARG A 326 -24.70 -0.21 -33.78
N PHE A 327 -25.55 -0.65 -34.78
CA PHE A 327 -25.40 -0.22 -36.19
C PHE A 327 -26.67 -0.31 -37.09
N PRO A 328 -27.35 0.86 -37.44
CA PRO A 328 -28.53 0.84 -38.31
C PRO A 328 -28.18 0.93 -39.78
N ASN A 329 -29.19 1.21 -40.60
CA ASN A 329 -29.04 1.53 -42.02
C ASN A 329 -28.53 2.95 -42.27
N ILE A 330 -27.45 3.02 -43.06
CA ILE A 330 -27.13 4.17 -43.91
C ILE A 330 -26.32 3.63 -45.07
N THR A 331 -26.15 4.46 -46.11
CA THR A 331 -25.72 3.97 -47.42
C THR A 331 -24.45 4.68 -47.90
N ASN A 332 -23.43 4.76 -47.05
CA ASN A 332 -22.21 5.50 -47.36
C ASN A 332 -21.06 4.51 -47.57
N LEU A 333 -20.81 4.11 -48.82
CA LEU A 333 -19.70 3.22 -49.15
C LEU A 333 -19.21 3.49 -50.56
N CYS A 334 -17.96 3.13 -50.83
CA CYS A 334 -17.33 3.28 -52.13
C CYS A 334 -16.13 2.36 -52.25
N PRO A 335 -15.66 2.09 -53.47
CA PRO A 335 -14.52 1.20 -53.65
C PRO A 335 -13.17 1.90 -53.55
N PHE A 336 -12.11 1.14 -53.86
CA PHE A 336 -10.73 1.60 -53.85
C PHE A 336 -9.90 1.14 -55.05
N GLY A 337 -10.38 0.16 -55.82
CA GLY A 337 -9.49 -0.68 -56.60
C GLY A 337 -8.91 -0.07 -57.87
N GLU A 338 -9.70 0.71 -58.61
CA GLU A 338 -9.31 1.05 -59.97
C GLU A 338 -8.09 1.96 -60.06
N VAL A 339 -7.64 2.53 -58.95
CA VAL A 339 -6.49 3.41 -58.96
C VAL A 339 -5.18 2.68 -58.63
N PHE A 340 -5.25 1.53 -57.96
CA PHE A 340 -4.04 0.72 -57.76
C PHE A 340 -3.43 0.26 -59.07
N ASN A 341 -4.23 0.23 -60.14
CA ASN A 341 -3.76 -0.06 -61.49
C ASN A 341 -3.98 1.14 -62.39
N ALA A 342 -3.74 2.35 -61.86
CA ALA A 342 -3.94 3.56 -62.64
C ALA A 342 -2.93 3.64 -63.78
N THR A 343 -3.37 4.23 -64.90
CA THR A 343 -2.54 4.29 -66.08
C THR A 343 -1.37 5.26 -65.95
N ARG A 344 -1.54 6.36 -65.22
CA ARG A 344 -0.53 7.41 -65.13
C ARG A 344 0.03 7.46 -63.71
N PHE A 345 1.32 7.20 -63.57
CA PHE A 345 2.03 7.32 -62.30
C PHE A 345 3.16 8.33 -62.51
N ALA A 346 2.84 9.61 -62.29
CA ALA A 346 3.81 10.68 -62.47
C ALA A 346 4.72 10.79 -61.24
N SER A 347 5.44 11.90 -61.15
CA SER A 347 6.35 12.14 -60.05
C SER A 347 5.56 12.46 -58.78
N VAL A 348 6.26 12.89 -57.73
CA VAL A 348 5.62 13.11 -56.44
C VAL A 348 4.57 14.21 -56.52
N TYR A 349 4.69 15.12 -57.49
CA TYR A 349 3.78 16.25 -57.57
C TYR A 349 2.40 15.87 -58.08
N ALA A 350 2.24 14.67 -58.65
CA ALA A 350 1.00 14.29 -59.32
C ALA A 350 0.57 12.90 -58.89
N TRP A 351 0.51 12.68 -57.58
CA TRP A 351 0.08 11.39 -57.05
C TRP A 351 -1.36 11.09 -57.46
N ASN A 352 -1.65 9.81 -57.63
CA ASN A 352 -2.97 9.39 -58.08
C ASN A 352 -3.99 9.53 -56.94
N ARG A 353 -5.27 9.39 -57.32
CA ARG A 353 -6.37 9.56 -56.37
C ARG A 353 -7.57 8.73 -56.79
N LYS A 354 -8.16 8.02 -55.84
CA LYS A 354 -9.52 7.52 -55.92
C LYS A 354 -10.40 8.49 -55.15
N ARG A 355 -11.57 8.81 -55.69
CA ARG A 355 -12.47 9.75 -55.05
C ARG A 355 -13.77 9.07 -54.66
N ILE A 356 -14.32 9.49 -53.53
CA ILE A 356 -15.55 8.92 -52.98
C ILE A 356 -16.70 9.76 -53.56
N SER A 357 -17.17 9.37 -54.75
CA SER A 357 -18.23 10.13 -55.42
C SER A 357 -18.84 9.24 -56.49
N ASN A 358 -20.16 9.02 -56.42
CA ASN A 358 -20.89 8.24 -57.41
C ASN A 358 -20.22 6.88 -57.63
N CYS A 359 -20.11 6.14 -56.54
CA CYS A 359 -19.26 4.96 -56.48
C CYS A 359 -19.77 3.95 -55.48
N VAL A 360 -19.78 2.67 -55.89
CA VAL A 360 -20.22 1.55 -55.06
C VAL A 360 -19.46 0.30 -55.45
N ALA A 361 -18.63 -0.20 -54.54
CA ALA A 361 -18.04 -1.54 -54.62
C ALA A 361 -17.28 -1.78 -53.33
N ASP A 362 -17.34 -3.00 -52.82
CA ASP A 362 -16.64 -3.32 -51.58
C ASP A 362 -15.20 -3.75 -51.87
N TYR A 363 -14.40 -3.80 -50.80
CA TYR A 363 -13.08 -4.43 -50.88
C TYR A 363 -13.20 -5.91 -51.22
N SER A 364 -14.39 -6.50 -51.04
CA SER A 364 -14.63 -7.86 -51.50
C SER A 364 -14.44 -7.96 -53.00
N VAL A 365 -15.02 -7.02 -53.75
CA VAL A 365 -14.81 -6.98 -55.19
C VAL A 365 -13.34 -6.76 -55.51
N LEU A 366 -12.66 -5.94 -54.72
CA LEU A 366 -11.25 -5.63 -54.97
C LEU A 366 -10.33 -6.82 -54.76
N TYR A 367 -10.61 -7.69 -53.80
CA TYR A 367 -9.78 -8.87 -53.60
C TYR A 367 -10.25 -10.04 -54.46
N ASN A 368 -11.50 -10.03 -54.93
CA ASN A 368 -11.98 -11.12 -55.77
C ASN A 368 -11.24 -11.18 -57.10
N SER A 369 -10.55 -10.11 -57.48
CA SER A 369 -9.81 -10.09 -58.73
C SER A 369 -8.54 -10.92 -58.61
N ALA A 370 -7.92 -11.20 -59.76
CA ALA A 370 -6.69 -11.97 -59.82
C ALA A 370 -5.45 -11.08 -59.77
N SER A 371 -5.61 -9.78 -60.00
CA SER A 371 -4.47 -8.86 -59.91
C SER A 371 -3.97 -8.77 -58.47
N PHE A 372 -4.88 -8.59 -57.52
CA PHE A 372 -4.55 -8.69 -56.12
C PHE A 372 -4.91 -10.07 -55.60
N SER A 373 -4.29 -10.46 -54.47
CA SER A 373 -4.40 -11.82 -53.97
C SER A 373 -4.63 -11.89 -52.47
N THR A 374 -5.07 -10.80 -51.84
CA THR A 374 -5.31 -10.78 -50.41
C THR A 374 -6.55 -9.96 -50.09
N PHE A 375 -7.22 -10.31 -48.98
CA PHE A 375 -8.35 -9.55 -48.47
C PHE A 375 -8.15 -9.21 -46.99
N LYS A 376 -6.95 -8.81 -46.62
CA LYS A 376 -6.64 -8.43 -45.25
C LYS A 376 -5.61 -7.31 -45.30
N CYS A 377 -5.04 -7.01 -44.16
CA CYS A 377 -3.66 -6.59 -44.06
C CYS A 377 -2.93 -7.64 -43.25
N TYR A 378 -1.66 -7.41 -42.95
CA TYR A 378 -0.89 -8.38 -42.19
C TYR A 378 -1.22 -8.19 -40.71
N GLY A 379 -2.46 -8.50 -40.34
CA GLY A 379 -2.90 -8.52 -38.96
C GLY A 379 -3.94 -7.50 -38.55
N VAL A 380 -5.21 -7.92 -38.56
CA VAL A 380 -6.31 -7.19 -37.95
C VAL A 380 -7.27 -8.21 -37.34
N SER A 381 -7.59 -8.01 -36.07
CA SER A 381 -8.37 -8.97 -35.30
C SER A 381 -8.98 -8.25 -34.10
N PRO A 382 -9.74 -8.91 -33.24
CA PRO A 382 -10.49 -8.16 -32.22
C PRO A 382 -9.70 -7.48 -31.09
N THR A 383 -8.75 -6.57 -31.32
CA THR A 383 -8.23 -5.81 -30.17
C THR A 383 -8.29 -4.28 -30.25
N LYS A 384 -7.47 -3.59 -31.10
CA LYS A 384 -6.81 -2.43 -30.49
C LYS A 384 -6.54 -1.11 -31.24
N LEU A 385 -7.20 -0.71 -32.34
CA LEU A 385 -6.98 0.68 -32.77
C LEU A 385 -8.14 1.47 -33.41
N ASN A 386 -9.22 0.84 -33.88
CA ASN A 386 -9.88 1.33 -35.11
C ASN A 386 -11.05 2.31 -34.90
N ASP A 387 -11.30 2.78 -33.67
CA ASP A 387 -12.70 2.90 -33.22
C ASP A 387 -13.36 4.28 -33.33
N LEU A 388 -14.41 4.29 -34.17
CA LEU A 388 -15.73 4.95 -34.14
C LEU A 388 -16.63 4.18 -35.12
N CYS A 389 -17.97 4.29 -35.02
CA CYS A 389 -18.76 3.38 -35.88
C CYS A 389 -18.67 3.89 -37.30
N PHE A 390 -18.05 3.10 -38.12
CA PHE A 390 -17.26 3.70 -39.15
C PHE A 390 -16.86 2.44 -39.93
N THR A 391 -16.20 2.52 -41.09
CA THR A 391 -16.01 1.31 -41.91
C THR A 391 -14.57 0.90 -42.27
N ASN A 392 -13.78 1.81 -42.86
CA ASN A 392 -12.69 1.46 -43.79
C ASN A 392 -11.51 2.43 -43.64
N VAL A 393 -10.82 2.72 -44.75
CA VAL A 393 -9.89 3.85 -44.82
C VAL A 393 -10.35 4.83 -45.91
N TYR A 394 -10.05 6.13 -45.76
CA TYR A 394 -10.30 7.12 -46.79
C TYR A 394 -9.34 6.92 -47.96
N ALA A 395 -9.64 7.58 -49.09
CA ALA A 395 -8.89 7.39 -50.33
C ALA A 395 -7.95 8.57 -50.57
N ASP A 396 -6.72 8.39 -50.11
CA ASP A 396 -5.59 9.25 -50.43
C ASP A 396 -4.33 8.40 -50.50
N SER A 397 -3.34 8.87 -51.26
CA SER A 397 -2.12 8.11 -51.51
C SER A 397 -0.91 8.99 -51.23
N PHE A 398 0.09 8.40 -50.59
CA PHE A 398 1.34 9.10 -50.26
C PHE A 398 2.43 8.07 -49.99
N VAL A 399 3.61 8.57 -49.64
CA VAL A 399 4.80 7.75 -49.44
C VAL A 399 5.43 8.11 -48.10
N ILE A 400 5.82 7.09 -47.34
CA ILE A 400 6.46 7.25 -46.04
C ILE A 400 7.65 6.30 -45.96
N ARG A 401 8.43 6.43 -44.89
CA ARG A 401 9.64 5.64 -44.69
C ARG A 401 9.75 5.15 -43.25
N GLY A 402 10.41 4.00 -43.08
CA GLY A 402 10.50 3.34 -41.79
C GLY A 402 11.80 2.61 -41.43
N ASP A 403 12.96 3.11 -41.85
CA ASP A 403 14.16 2.27 -41.85
C ASP A 403 14.59 1.85 -40.43
N GLU A 404 14.98 2.81 -39.59
CA GLU A 404 15.62 2.49 -38.30
C GLU A 404 14.57 1.97 -37.32
N VAL A 405 14.49 0.64 -37.24
CA VAL A 405 13.56 -0.03 -36.33
C VAL A 405 14.25 -1.12 -35.52
N ARG A 406 15.38 -1.66 -36.00
CA ARG A 406 15.96 -2.81 -35.33
C ARG A 406 16.84 -2.43 -34.15
N GLN A 407 17.78 -1.51 -34.29
CA GLN A 407 18.49 -0.92 -33.17
C GLN A 407 17.67 0.20 -32.55
N ILE A 408 16.47 -0.12 -32.08
CA ILE A 408 15.44 0.86 -31.76
C ILE A 408 14.51 0.27 -30.71
N ALA A 409 14.13 1.10 -29.72
CA ALA A 409 13.04 0.84 -28.82
C ALA A 409 12.44 2.22 -28.64
N PRO A 410 11.17 2.40 -29.03
CA PRO A 410 10.68 3.74 -29.39
C PRO A 410 10.73 4.76 -28.25
N GLY A 411 10.35 5.99 -28.58
CA GLY A 411 10.24 7.04 -27.59
C GLY A 411 10.92 8.34 -27.95
N GLN A 412 11.67 8.36 -29.07
CA GLN A 412 12.42 9.54 -29.46
C GLN A 412 12.44 9.63 -30.98
N THR A 413 13.31 10.49 -31.51
CA THR A 413 13.23 10.99 -32.87
C THR A 413 14.00 10.11 -33.85
N GLY A 414 13.45 9.95 -35.05
CA GLY A 414 14.01 9.08 -36.06
C GLY A 414 14.92 9.76 -37.07
N LYS A 415 15.03 9.19 -38.27
CA LYS A 415 16.02 9.61 -39.25
C LYS A 415 15.47 9.89 -40.65
N ILE A 416 14.47 9.17 -41.13
CA ILE A 416 14.30 9.00 -42.58
C ILE A 416 13.03 9.66 -43.08
N ALA A 417 11.94 9.59 -42.31
CA ALA A 417 10.61 9.96 -42.80
C ALA A 417 10.31 11.44 -42.61
N ASP A 418 11.05 12.33 -43.28
CA ASP A 418 10.90 13.76 -43.00
C ASP A 418 10.76 14.59 -44.26
N TYR A 419 11.62 14.34 -45.26
CA TYR A 419 11.97 15.40 -46.21
C TYR A 419 10.83 15.78 -47.14
N ASN A 420 10.33 14.85 -47.94
CA ASN A 420 9.46 15.24 -49.06
C ASN A 420 7.98 15.14 -48.70
N TYR A 421 7.65 14.57 -47.53
CA TYR A 421 6.27 14.57 -47.09
C TYR A 421 6.24 14.44 -45.57
N LYS A 422 5.37 15.21 -44.93
CA LYS A 422 5.28 15.23 -43.47
C LYS A 422 4.63 13.95 -42.97
N LEU A 423 5.05 13.48 -41.79
CA LEU A 423 4.60 12.22 -41.24
C LEU A 423 4.12 12.36 -39.80
N PRO A 424 3.03 11.69 -39.43
CA PRO A 424 2.68 11.58 -38.01
C PRO A 424 3.47 10.47 -37.32
N ASP A 425 3.13 10.15 -36.07
CA ASP A 425 4.00 9.29 -35.27
C ASP A 425 3.38 7.94 -34.93
N ASP A 426 2.08 7.92 -34.56
CA ASP A 426 1.45 6.72 -34.02
C ASP A 426 1.57 5.52 -34.96
N PHE A 427 1.98 4.37 -34.42
CA PHE A 427 2.24 3.16 -35.20
C PHE A 427 1.45 2.00 -34.61
N THR A 428 0.45 1.53 -35.34
CA THR A 428 -0.31 0.33 -34.99
C THR A 428 -1.25 0.04 -36.16
N GLY A 429 -1.58 -1.23 -36.37
CA GLY A 429 -2.63 -1.55 -37.31
C GLY A 429 -2.28 -2.62 -38.32
N CYS A 430 -2.49 -2.32 -39.60
CA CYS A 430 -2.33 -3.35 -40.62
C CYS A 430 -1.48 -2.78 -41.75
N VAL A 431 -0.58 -3.62 -42.25
CA VAL A 431 0.37 -3.24 -43.29
C VAL A 431 0.46 -4.37 -44.31
N ILE A 432 0.50 -3.98 -45.60
CA ILE A 432 0.74 -4.92 -46.68
C ILE A 432 1.88 -4.38 -47.54
N ALA A 433 2.86 -5.22 -47.83
CA ALA A 433 3.97 -4.86 -48.71
C ALA A 433 4.67 -6.11 -49.19
N TRP A 434 4.73 -6.31 -50.49
CA TRP A 434 5.55 -7.35 -51.12
C TRP A 434 5.78 -6.95 -52.57
N ASN A 435 6.54 -7.79 -53.27
CA ASN A 435 7.09 -7.42 -54.58
C ASN A 435 6.20 -7.88 -55.73
N SER A 436 6.44 -7.30 -56.91
CA SER A 436 5.73 -7.63 -58.14
C SER A 436 6.58 -7.15 -59.31
N ASN A 437 7.01 -8.09 -60.16
CA ASN A 437 7.89 -7.78 -61.28
C ASN A 437 7.59 -8.56 -62.55
N ASN A 438 6.34 -8.95 -62.79
CA ASN A 438 6.04 -9.92 -63.84
C ASN A 438 5.24 -9.36 -65.01
N LEU A 439 4.12 -8.70 -64.78
CA LEU A 439 3.14 -8.45 -65.83
C LEU A 439 3.19 -7.05 -66.42
N ASP A 440 4.23 -6.28 -66.14
CA ASP A 440 4.40 -4.95 -66.72
C ASP A 440 5.81 -4.78 -67.28
N SER A 441 5.97 -5.02 -68.58
CA SER A 441 7.28 -5.04 -69.20
C SER A 441 7.45 -3.87 -70.17
N LYS A 442 8.64 -3.28 -70.15
CA LYS A 442 9.03 -2.23 -71.10
C LYS A 442 10.54 -2.16 -71.13
N VAL A 443 11.10 -2.23 -72.34
CA VAL A 443 12.55 -2.29 -72.54
C VAL A 443 13.04 -0.91 -72.97
N GLY A 444 14.22 -0.54 -72.47
CA GLY A 444 14.80 0.75 -72.80
C GLY A 444 15.57 1.37 -71.64
N GLY A 445 15.38 0.83 -70.44
CA GLY A 445 16.08 1.35 -69.28
C GLY A 445 15.23 2.30 -68.45
N ASN A 446 15.53 2.41 -67.16
CA ASN A 446 14.77 3.24 -66.24
C ASN A 446 15.72 4.23 -65.57
N TYR A 447 15.34 5.51 -65.56
CA TYR A 447 16.11 6.55 -64.90
C TYR A 447 15.23 7.51 -64.10
N ASN A 448 13.92 7.25 -64.04
CA ASN A 448 13.00 8.18 -63.38
C ASN A 448 13.12 8.11 -61.86
N TYR A 449 13.29 6.92 -61.32
CA TYR A 449 13.21 6.73 -59.87
C TYR A 449 14.44 7.30 -59.19
N LEU A 450 14.23 8.21 -58.24
CA LEU A 450 15.30 8.77 -57.44
C LEU A 450 14.79 9.03 -56.03
N PHE A 451 15.42 8.38 -55.06
CA PHE A 451 15.10 8.55 -53.65
C PHE A 451 16.40 8.93 -52.93
N ARG A 452 16.33 9.01 -51.60
CA ARG A 452 17.49 9.37 -50.80
C ARG A 452 17.56 8.51 -49.54
N LEU A 453 18.78 8.24 -49.09
CA LEU A 453 19.03 7.68 -47.77
C LEU A 453 19.29 8.74 -46.72
N PHE A 454 19.79 9.91 -47.14
CA PHE A 454 19.87 11.09 -46.31
C PHE A 454 19.67 12.32 -47.18
N ARG A 455 19.32 13.44 -46.54
CA ARG A 455 19.19 14.71 -47.24
C ARG A 455 19.72 15.81 -46.34
N LYS A 456 20.15 16.91 -46.95
CA LYS A 456 20.75 18.00 -46.19
C LYS A 456 19.69 18.98 -45.70
N SER A 457 18.87 19.51 -46.60
CA SER A 457 17.91 20.55 -46.29
C SER A 457 16.57 19.93 -45.91
N ASN A 458 15.66 20.77 -45.43
CA ASN A 458 14.30 20.37 -45.09
C ASN A 458 13.33 21.03 -46.06
N LEU A 459 12.67 20.22 -46.88
CA LEU A 459 11.84 20.74 -47.95
C LEU A 459 10.41 20.99 -47.48
N LYS A 460 9.62 21.55 -48.38
CA LYS A 460 8.23 21.96 -48.15
C LYS A 460 7.29 21.02 -48.89
N PRO A 461 6.53 20.19 -48.18
CA PRO A 461 5.70 19.19 -48.86
C PRO A 461 4.42 19.82 -49.39
N PHE A 462 3.90 19.24 -50.48
CA PHE A 462 2.56 19.53 -50.98
C PHE A 462 2.40 21.00 -51.39
N GLU A 463 3.14 21.41 -52.43
CA GLU A 463 2.85 22.64 -53.14
C GLU A 463 3.25 22.46 -54.60
N ARG A 464 2.26 22.46 -55.49
CA ARG A 464 2.49 22.19 -56.92
C ARG A 464 2.99 23.48 -57.56
N ASP A 465 4.29 23.73 -57.39
CA ASP A 465 4.90 25.01 -57.71
C ASP A 465 6.08 24.82 -58.64
N ILE A 466 6.25 25.75 -59.57
CA ILE A 466 7.40 25.77 -60.47
C ILE A 466 8.29 26.98 -60.24
N SER A 467 7.98 27.83 -59.25
CA SER A 467 8.84 28.96 -58.95
C SER A 467 10.05 28.53 -58.14
N THR A 468 10.87 29.51 -57.78
CA THR A 468 12.03 29.26 -56.93
C THR A 468 11.63 29.32 -55.46
N GLU A 469 10.62 28.56 -55.08
CA GLU A 469 10.20 28.48 -53.68
C GLU A 469 11.13 27.52 -52.96
N ILE A 470 12.12 28.07 -52.27
CA ILE A 470 13.25 27.30 -51.76
C ILE A 470 13.37 27.52 -50.25
N TYR A 471 13.79 26.48 -49.54
CA TYR A 471 14.01 26.57 -48.09
C TYR A 471 15.50 26.58 -47.79
N GLN A 472 15.88 27.03 -46.60
CA GLN A 472 17.28 27.06 -46.22
C GLN A 472 17.64 25.84 -45.38
N ALA A 473 18.89 25.41 -45.48
CA ALA A 473 19.27 24.11 -44.91
C ALA A 473 19.81 24.23 -43.48
N GLY A 474 20.92 24.95 -43.30
CA GLY A 474 21.58 24.94 -42.02
C GLY A 474 22.55 26.08 -41.84
N SER A 475 23.49 25.89 -40.91
CA SER A 475 24.40 26.96 -40.53
C SER A 475 25.80 26.73 -41.09
N THR A 476 26.29 25.49 -41.04
CA THR A 476 27.63 25.20 -41.53
C THR A 476 27.74 25.56 -43.01
N PRO A 477 28.79 26.28 -43.43
CA PRO A 477 28.83 26.81 -44.81
C PRO A 477 29.02 25.74 -45.87
N CYS A 478 28.06 24.80 -45.93
CA CYS A 478 27.97 23.90 -47.06
C CYS A 478 27.29 24.55 -48.26
N ASN A 479 26.50 25.61 -48.04
CA ASN A 479 25.84 26.36 -49.10
C ASN A 479 24.97 25.46 -49.97
N GLY A 480 24.32 24.48 -49.36
CA GLY A 480 23.43 23.60 -50.08
C GLY A 480 24.10 22.62 -51.02
N VAL A 481 25.42 22.45 -50.92
CA VAL A 481 26.16 21.53 -51.77
C VAL A 481 26.99 20.62 -50.89
N GLU A 482 27.50 19.54 -51.49
CA GLU A 482 28.27 18.55 -50.75
C GLU A 482 29.49 19.19 -50.10
N GLY A 483 29.77 18.79 -48.86
CA GLY A 483 30.89 19.33 -48.12
C GLY A 483 31.27 18.47 -46.92
N PHE A 484 31.67 19.13 -45.82
CA PHE A 484 32.07 18.43 -44.62
C PHE A 484 30.85 18.13 -43.76
N ASN A 485 30.64 16.84 -43.48
CA ASN A 485 29.50 16.38 -42.68
C ASN A 485 28.17 16.79 -43.29
N CYS A 486 28.10 16.89 -44.62
CA CYS A 486 26.88 17.22 -45.35
C CYS A 486 26.53 16.04 -46.24
N TYR A 487 25.49 15.31 -45.88
CA TYR A 487 25.12 14.09 -46.59
C TYR A 487 24.60 14.41 -47.99
N PHE A 488 24.86 13.50 -48.92
CA PHE A 488 24.37 13.66 -50.28
C PHE A 488 22.87 13.48 -50.33
N PRO A 489 22.12 14.39 -50.96
CA PRO A 489 20.65 14.36 -50.86
C PRO A 489 19.96 13.40 -51.81
N LEU A 490 20.67 12.48 -52.45
CA LEU A 490 20.05 11.59 -53.43
C LEU A 490 20.63 10.18 -53.33
N GLN A 491 19.86 9.21 -53.80
CA GLN A 491 20.27 7.81 -53.88
C GLN A 491 19.50 7.15 -55.02
N SER A 492 19.75 5.87 -55.22
CA SER A 492 19.00 5.12 -56.21
C SER A 492 17.85 4.36 -55.54
N TYR A 493 16.82 4.05 -56.34
CA TYR A 493 15.64 3.41 -55.82
C TYR A 493 15.97 2.07 -55.15
N GLY A 494 16.98 1.37 -55.66
CA GLY A 494 17.34 0.08 -55.09
C GLY A 494 17.12 -1.06 -56.06
N PHE A 495 17.16 -0.77 -57.36
CA PHE A 495 17.01 -1.80 -58.37
C PHE A 495 18.38 -2.39 -58.71
N GLN A 496 19.35 -2.22 -57.79
CA GLN A 496 20.69 -2.78 -57.82
C GLN A 496 20.69 -4.16 -57.18
N PRO A 497 21.57 -5.07 -57.63
CA PRO A 497 21.64 -6.39 -57.01
C PRO A 497 22.09 -6.37 -55.56
N THR A 498 22.74 -5.30 -55.11
CA THR A 498 23.31 -5.27 -53.77
C THR A 498 22.31 -4.87 -52.69
N ASN A 499 21.13 -4.39 -53.06
CA ASN A 499 20.16 -3.98 -52.06
C ASN A 499 19.29 -5.16 -51.64
N GLY A 500 18.92 -5.18 -50.35
CA GLY A 500 18.14 -6.27 -49.81
C GLY A 500 16.65 -6.11 -50.01
N VAL A 501 15.90 -7.09 -49.48
CA VAL A 501 14.45 -7.07 -49.62
C VAL A 501 13.81 -6.33 -48.43
N GLY A 502 14.53 -6.24 -47.31
CA GLY A 502 13.98 -5.61 -46.12
C GLY A 502 13.97 -4.10 -46.14
N TYR A 503 14.49 -3.49 -47.21
CA TYR A 503 14.52 -2.04 -47.32
C TYR A 503 13.19 -1.44 -47.75
N GLN A 504 12.13 -2.24 -47.84
CA GLN A 504 10.82 -1.70 -48.20
C GLN A 504 10.33 -0.78 -47.08
N PRO A 505 9.78 0.38 -47.43
CA PRO A 505 9.27 1.30 -46.41
C PRO A 505 8.03 0.77 -45.70
N TYR A 506 8.07 0.72 -44.37
CA TYR A 506 6.94 0.23 -43.58
C TYR A 506 5.84 1.28 -43.61
N ARG A 507 4.67 0.91 -44.12
CA ARG A 507 3.55 1.84 -44.24
C ARG A 507 2.49 1.52 -43.19
N VAL A 508 2.66 2.14 -42.02
CA VAL A 508 1.65 2.08 -40.97
C VAL A 508 0.71 3.26 -41.19
N VAL A 509 -0.52 2.97 -41.58
CA VAL A 509 -1.46 4.00 -42.02
C VAL A 509 -2.34 4.39 -40.84
N VAL A 510 -2.39 5.70 -40.55
CA VAL A 510 -3.27 6.20 -39.51
C VAL A 510 -4.68 6.33 -40.08
N LEU A 511 -5.67 6.01 -39.26
CA LEU A 511 -7.06 6.05 -39.71
C LEU A 511 -7.50 7.50 -39.83
N SER A 512 -7.15 8.14 -40.94
CA SER A 512 -7.63 9.49 -41.22
C SER A 512 -9.12 9.41 -41.49
N PHE A 513 -9.94 9.79 -40.51
CA PHE A 513 -11.32 9.32 -40.47
C PHE A 513 -12.22 9.86 -41.57
N GLU A 514 -12.43 9.03 -42.59
CA GLU A 514 -13.74 8.79 -43.17
C GLU A 514 -14.38 7.80 -42.22
N LEU A 515 -15.39 7.09 -42.67
CA LEU A 515 -16.09 6.16 -41.80
C LEU A 515 -15.18 4.92 -41.68
N LEU A 516 -14.44 4.76 -40.55
CA LEU A 516 -13.45 3.71 -40.28
C LEU A 516 -13.72 2.89 -38.98
N HIS A 517 -13.96 1.55 -39.07
CA HIS A 517 -14.70 0.62 -38.19
C HIS A 517 -14.80 0.94 -36.67
N ALA A 518 -16.08 0.99 -36.06
CA ALA A 518 -16.43 0.75 -34.62
C ALA A 518 -17.93 0.93 -34.27
N PRO A 519 -18.33 1.21 -32.94
CA PRO A 519 -19.62 1.91 -32.65
C PRO A 519 -19.64 3.44 -32.40
N ALA A 520 -20.51 4.26 -33.05
CA ALA A 520 -20.87 5.58 -32.50
C ALA A 520 -22.32 6.14 -32.58
N THR A 521 -22.89 6.50 -33.77
CA THR A 521 -24.27 7.06 -33.86
C THR A 521 -25.23 6.68 -35.03
N VAL A 522 -24.79 6.67 -36.31
CA VAL A 522 -25.59 6.37 -37.50
C VAL A 522 -24.85 5.49 -38.53
N CYS A 523 -25.07 4.14 -38.53
CA CYS A 523 -24.28 3.14 -39.28
C CYS A 523 -24.99 2.66 -40.55
N GLY A 524 -24.39 1.63 -41.16
CA GLY A 524 -24.68 1.17 -42.51
C GLY A 524 -25.67 0.03 -42.67
N PRO A 525 -26.07 -0.22 -43.92
CA PRO A 525 -27.45 -0.67 -44.18
C PRO A 525 -27.85 -1.97 -43.50
N LYS A 526 -28.86 -1.85 -42.62
CA LYS A 526 -29.65 -2.97 -42.13
C LYS A 526 -30.96 -2.41 -41.59
N LYS A 527 -31.67 -3.21 -40.80
CA LYS A 527 -32.94 -2.75 -40.26
C LYS A 527 -32.80 -2.36 -38.79
N SER A 528 -33.64 -1.42 -38.36
CA SER A 528 -33.78 -1.08 -36.96
C SER A 528 -35.18 -1.47 -36.51
N THR A 529 -35.24 -2.24 -35.41
CA THR A 529 -36.47 -2.85 -34.93
C THR A 529 -37.44 -1.77 -34.46
N ASN A 530 -38.63 -2.20 -34.05
CA ASN A 530 -39.62 -1.30 -33.49
C ASN A 530 -39.12 -0.91 -32.10
N LEU A 531 -38.43 0.23 -32.03
CA LEU A 531 -37.66 0.59 -30.86
C LEU A 531 -38.26 1.80 -30.16
N VAL A 532 -38.69 1.59 -28.92
CA VAL A 532 -38.67 2.67 -27.93
C VAL A 532 -37.32 2.53 -27.22
N LYS A 533 -36.28 3.02 -27.90
CA LYS A 533 -34.85 2.84 -27.65
C LYS A 533 -34.48 2.31 -26.26
N ASN A 534 -33.71 3.10 -25.52
CA ASN A 534 -33.54 2.96 -24.07
C ASN A 534 -33.14 1.56 -23.61
N LYS A 535 -32.07 0.98 -24.17
CA LYS A 535 -31.76 -0.39 -23.77
C LYS A 535 -30.35 -0.74 -24.24
N CYS A 536 -29.80 -1.82 -23.66
CA CYS A 536 -28.69 -2.54 -24.27
C CYS A 536 -29.25 -3.54 -25.27
N VAL A 537 -28.56 -3.70 -26.40
CA VAL A 537 -29.23 -3.77 -27.69
C VAL A 537 -28.48 -4.63 -28.69
N ASN A 538 -28.96 -4.50 -29.93
CA ASN A 538 -28.43 -4.87 -31.25
C ASN A 538 -28.30 -3.52 -31.95
N PHE A 539 -28.44 -3.45 -33.29
CA PHE A 539 -27.69 -2.54 -34.15
C PHE A 539 -28.32 -1.17 -34.54
N ASN A 540 -27.82 -0.08 -33.90
CA ASN A 540 -27.87 1.36 -34.31
C ASN A 540 -26.75 2.18 -33.63
N PHE A 541 -25.70 2.51 -34.38
CA PHE A 541 -24.63 3.54 -34.12
C PHE A 541 -24.15 4.05 -35.49
N ASN A 542 -22.89 4.60 -35.63
CA ASN A 542 -22.31 5.40 -36.78
C ASN A 542 -21.73 4.70 -38.05
N GLY A 543 -21.59 3.38 -38.24
CA GLY A 543 -20.99 2.90 -39.49
C GLY A 543 -20.50 1.46 -39.66
N LEU A 544 -20.48 0.61 -38.62
CA LEU A 544 -20.61 -0.87 -38.75
C LEU A 544 -20.74 -1.57 -37.39
N THR A 545 -20.51 -2.90 -37.41
CA THR A 545 -20.99 -3.91 -36.46
C THR A 545 -20.85 -3.52 -34.99
N GLY A 546 -21.80 -4.02 -34.17
CA GLY A 546 -21.66 -4.11 -32.72
C GLY A 546 -22.92 -4.17 -31.86
N THR A 547 -22.75 -4.24 -30.54
CA THR A 547 -23.83 -4.20 -29.55
C THR A 547 -23.61 -3.06 -28.55
N GLY A 548 -24.58 -2.14 -28.47
CA GLY A 548 -24.37 -0.88 -27.75
C GLY A 548 -25.49 -0.39 -26.84
N VAL A 549 -25.80 0.93 -26.88
CA VAL A 549 -26.82 1.57 -26.03
C VAL A 549 -27.28 2.91 -26.62
N LEU A 550 -28.59 3.15 -26.66
CA LEU A 550 -29.15 4.43 -27.08
C LEU A 550 -30.55 4.60 -26.48
N THR A 551 -30.93 5.87 -26.29
CA THR A 551 -32.27 6.24 -25.82
C THR A 551 -32.74 7.47 -26.60
N GLU A 552 -33.94 7.94 -26.27
CA GLU A 552 -34.58 9.06 -26.93
C GLU A 552 -34.25 10.36 -26.21
N SER A 553 -34.29 11.47 -26.94
CA SER A 553 -34.00 12.79 -26.38
C SER A 553 -34.74 13.86 -27.14
N ASN A 554 -34.64 15.08 -26.62
CA ASN A 554 -35.27 16.27 -27.22
C ASN A 554 -34.34 17.47 -27.14
N LYS A 555 -33.03 17.24 -27.18
CA LYS A 555 -32.06 18.32 -27.02
C LYS A 555 -32.00 19.18 -28.27
N LYS A 556 -31.56 20.42 -28.09
CA LYS A 556 -31.38 21.38 -29.18
C LYS A 556 -29.90 21.41 -29.51
N PHE A 557 -29.57 21.10 -30.76
CA PHE A 557 -28.19 20.91 -31.17
C PHE A 557 -27.75 21.93 -32.21
N LEU A 558 -26.45 22.20 -32.22
CA LEU A 558 -25.85 22.97 -33.30
C LEU A 558 -25.75 22.12 -34.55
N PRO A 559 -25.88 22.72 -35.74
CA PRO A 559 -26.04 21.91 -36.95
C PRO A 559 -24.80 21.15 -37.37
N PHE A 560 -23.62 21.52 -36.88
CA PHE A 560 -22.37 20.90 -37.32
C PHE A 560 -21.87 19.83 -36.36
N GLN A 561 -22.29 19.85 -35.09
CA GLN A 561 -21.78 18.92 -34.11
C GLN A 561 -22.20 17.49 -34.44
N GLN A 562 -21.31 16.53 -34.21
CA GLN A 562 -21.61 15.14 -34.49
C GLN A 562 -21.75 14.29 -33.24
N PHE A 563 -21.02 14.60 -32.17
CA PHE A 563 -21.01 13.79 -30.96
C PHE A 563 -21.57 14.59 -29.80
N GLY A 564 -22.24 13.88 -28.89
CA GLY A 564 -22.65 14.47 -27.63
C GLY A 564 -22.15 13.64 -26.47
N ARG A 565 -21.26 14.21 -25.66
CA ARG A 565 -20.63 13.47 -24.57
C ARG A 565 -21.00 14.11 -23.24
N ASP A 566 -20.87 13.32 -22.18
CA ASP A 566 -21.26 13.72 -20.85
C ASP A 566 -20.03 14.11 -20.05
N ILE A 567 -20.23 14.36 -18.74
CA ILE A 567 -19.14 14.74 -17.86
C ILE A 567 -18.12 13.60 -17.74
N ALA A 568 -18.60 12.35 -17.78
CA ALA A 568 -17.74 11.19 -17.65
C ALA A 568 -17.03 10.83 -18.95
N ASP A 569 -16.92 11.78 -19.89
CA ASP A 569 -16.29 11.54 -21.18
C ASP A 569 -16.92 10.35 -21.90
N THR A 570 -18.24 10.24 -21.78
CA THR A 570 -18.99 9.16 -22.39
C THR A 570 -20.09 9.73 -23.27
N THR A 571 -20.27 9.12 -24.44
CA THR A 571 -21.32 9.56 -25.35
C THR A 571 -22.69 9.38 -24.68
N ASP A 572 -23.53 10.41 -24.79
CA ASP A 572 -24.85 10.34 -24.19
C ASP A 572 -25.94 10.98 -25.05
N ALA A 573 -25.60 11.47 -26.24
CA ALA A 573 -26.60 12.12 -27.10
C ALA A 573 -26.09 12.10 -28.53
N VAL A 574 -26.91 11.61 -29.45
CA VAL A 574 -26.51 11.42 -30.83
C VAL A 574 -27.60 12.00 -31.73
N ARG A 575 -27.23 12.24 -32.99
CA ARG A 575 -28.15 12.81 -33.96
C ARG A 575 -28.00 12.06 -35.27
N ASP A 576 -29.11 11.89 -36.00
CA ASP A 576 -29.05 11.11 -37.22
C ASP A 576 -29.52 11.91 -38.43
N PRO A 577 -28.88 11.71 -39.59
CA PRO A 577 -29.25 12.45 -40.79
C PRO A 577 -30.43 11.87 -41.53
N GLN A 578 -30.80 10.61 -41.25
CA GLN A 578 -31.99 10.03 -41.84
C GLN A 578 -33.21 10.89 -41.52
N THR A 579 -33.38 11.25 -40.25
CA THR A 579 -34.29 12.29 -39.83
C THR A 579 -33.64 12.98 -38.64
N LEU A 580 -33.73 14.31 -38.58
CA LEU A 580 -32.78 15.09 -37.81
C LEU A 580 -33.11 15.17 -36.33
N GLU A 581 -33.86 14.20 -35.80
CA GLU A 581 -34.12 14.16 -34.36
C GLU A 581 -32.84 13.77 -33.61
N ILE A 582 -32.92 13.86 -32.28
CA ILE A 582 -31.79 13.61 -31.40
C ILE A 582 -32.09 12.38 -30.55
N LEU A 583 -31.08 11.54 -30.36
CA LEU A 583 -31.20 10.32 -29.57
C LEU A 583 -30.22 10.37 -28.41
N ASP A 584 -30.61 9.81 -27.27
CA ASP A 584 -29.85 9.87 -26.04
C ASP A 584 -29.32 8.48 -25.68
N ILE A 585 -28.68 8.37 -24.51
CA ILE A 585 -28.01 7.13 -24.09
C ILE A 585 -28.28 6.88 -22.61
N THR A 586 -28.59 5.63 -22.27
CA THR A 586 -28.74 5.17 -20.89
C THR A 586 -28.36 3.70 -20.86
N PRO A 587 -27.39 3.30 -20.04
CA PRO A 587 -26.70 2.03 -20.27
C PRO A 587 -27.56 0.82 -19.98
N CYS A 588 -26.91 -0.34 -20.07
CA CYS A 588 -27.60 -1.62 -19.91
C CYS A 588 -28.27 -1.76 -18.55
N SER A 589 -29.30 -2.57 -18.49
CA SER A 589 -29.84 -3.01 -17.22
C SER A 589 -28.98 -4.12 -16.65
N PHE A 590 -28.50 -3.93 -15.43
CA PHE A 590 -27.65 -4.91 -14.78
C PHE A 590 -27.67 -4.65 -13.29
N GLY A 591 -27.22 -5.65 -12.53
CA GLY A 591 -27.18 -5.53 -11.09
C GLY A 591 -26.81 -6.82 -10.40
N GLY A 592 -26.09 -6.71 -9.28
CA GLY A 592 -25.72 -7.90 -8.54
C GLY A 592 -26.92 -8.54 -7.87
N VAL A 593 -26.82 -9.84 -7.66
CA VAL A 593 -27.87 -10.63 -7.03
C VAL A 593 -27.27 -11.33 -5.81
N SER A 594 -27.98 -11.29 -4.70
CA SER A 594 -27.57 -11.94 -3.46
C SER A 594 -28.68 -12.84 -2.97
N VAL A 595 -28.28 -13.92 -2.32
CA VAL A 595 -29.22 -14.94 -1.84
C VAL A 595 -29.44 -14.75 -0.35
N ILE A 596 -30.59 -15.24 0.12
CA ILE A 596 -30.93 -15.20 1.53
C ILE A 596 -31.53 -16.55 1.92
N THR A 597 -31.13 -17.05 3.07
CA THR A 597 -31.59 -18.35 3.55
C THR A 597 -31.23 -18.48 5.02
N PRO A 598 -32.02 -19.24 5.78
CA PRO A 598 -31.61 -19.60 7.14
C PRO A 598 -30.52 -20.67 7.11
N GLY A 599 -30.13 -21.16 8.27
CA GLY A 599 -29.10 -22.19 8.31
C GLY A 599 -29.58 -23.49 7.71
N THR A 600 -28.63 -24.34 7.30
CA THR A 600 -28.95 -25.65 6.74
C THR A 600 -29.10 -26.71 7.81
N ASN A 601 -29.04 -26.32 9.09
CA ASN A 601 -29.13 -27.28 10.18
C ASN A 601 -30.47 -28.00 10.17
N THR A 602 -31.55 -27.28 9.91
CA THR A 602 -32.88 -27.88 9.95
C THR A 602 -33.63 -27.78 8.64
N SER A 603 -33.61 -26.60 8.01
CA SER A 603 -34.42 -26.33 6.84
C SER A 603 -33.52 -25.97 5.68
N ASN A 604 -34.03 -26.13 4.45
CA ASN A 604 -33.26 -25.86 3.25
C ASN A 604 -34.07 -25.07 2.21
N GLN A 605 -35.12 -24.40 2.64
CA GLN A 605 -35.81 -23.48 1.76
C GLN A 605 -35.00 -22.19 1.60
N VAL A 606 -35.14 -21.55 0.44
CA VAL A 606 -34.28 -20.43 0.09
C VAL A 606 -35.12 -19.36 -0.61
N ALA A 607 -34.60 -18.13 -0.62
CA ALA A 607 -35.21 -17.02 -1.32
C ALA A 607 -34.11 -16.22 -2.01
N VAL A 608 -34.50 -15.52 -3.08
CA VAL A 608 -33.57 -14.78 -3.93
C VAL A 608 -33.94 -13.31 -3.90
N LEU A 609 -32.93 -12.46 -4.04
CA LEU A 609 -33.11 -11.01 -4.03
C LEU A 609 -32.32 -10.39 -5.17
N TYR A 610 -32.98 -9.55 -5.95
CA TYR A 610 -32.33 -8.78 -7.01
C TYR A 610 -32.21 -7.33 -6.59
N GLN A 611 -31.05 -6.74 -6.82
CA GLN A 611 -30.75 -5.40 -6.32
C GLN A 611 -30.94 -4.38 -7.43
N GLY A 612 -31.75 -3.36 -7.16
CA GLY A 612 -31.89 -2.23 -8.06
C GLY A 612 -32.69 -2.50 -9.32
N VAL A 613 -32.89 -3.78 -9.65
CA VAL A 613 -33.59 -4.14 -10.88
C VAL A 613 -35.09 -4.13 -10.63
N ASN A 614 -35.81 -3.39 -11.48
CA ASN A 614 -37.27 -3.40 -11.40
C ASN A 614 -37.79 -4.76 -11.83
N CYS A 615 -38.82 -5.23 -11.13
CA CYS A 615 -39.31 -6.60 -11.35
C CYS A 615 -39.87 -6.78 -12.75
N THR A 616 -40.62 -5.79 -13.25
CA THR A 616 -41.29 -5.94 -14.53
C THR A 616 -40.31 -6.17 -15.66
N GLU A 617 -39.09 -5.64 -15.55
CA GLU A 617 -38.10 -5.76 -16.60
C GLU A 617 -37.37 -7.10 -16.59
N VAL A 618 -37.61 -7.94 -15.59
CA VAL A 618 -36.95 -9.24 -15.53
C VAL A 618 -37.58 -10.21 -16.51
N ASN A 639 -45.78 -14.12 -3.57
CA ASN A 639 -44.76 -14.74 -4.41
C ASN A 639 -43.75 -13.70 -4.89
N VAL A 640 -44.20 -12.81 -5.78
CA VAL A 640 -43.36 -11.78 -6.35
C VAL A 640 -43.72 -10.45 -5.69
N PHE A 641 -42.69 -9.72 -5.26
CA PHE A 641 -42.90 -8.47 -4.53
C PHE A 641 -41.78 -7.51 -4.90
N GLN A 642 -42.15 -6.35 -5.42
CA GLN A 642 -41.19 -5.31 -5.76
C GLN A 642 -41.05 -4.36 -4.58
N THR A 643 -39.85 -4.31 -4.00
CA THR A 643 -39.55 -3.48 -2.86
C THR A 643 -38.92 -2.17 -3.31
N ARG A 644 -38.73 -1.27 -2.36
CA ARG A 644 -37.95 -0.07 -2.64
C ARG A 644 -36.47 -0.41 -2.77
N ALA A 645 -36.02 -1.48 -2.12
CA ALA A 645 -34.64 -1.93 -2.27
C ALA A 645 -34.42 -2.61 -3.61
N GLY A 646 -35.41 -3.36 -4.08
CA GLY A 646 -35.27 -4.06 -5.35
C GLY A 646 -36.36 -5.09 -5.53
N CYS A 647 -36.06 -6.09 -6.35
CA CYS A 647 -36.99 -7.17 -6.64
C CYS A 647 -36.79 -8.32 -5.67
N LEU A 648 -37.89 -8.88 -5.18
CA LEU A 648 -37.85 -9.96 -4.21
C LEU A 648 -38.81 -11.06 -4.63
N ILE A 649 -38.40 -12.31 -4.42
CA ILE A 649 -39.18 -13.47 -4.82
C ILE A 649 -39.22 -14.46 -3.65
N GLY A 650 -40.40 -14.99 -3.36
CA GLY A 650 -40.57 -15.97 -2.31
C GLY A 650 -40.92 -15.40 -0.96
N ALA A 651 -41.34 -14.14 -0.87
CA ALA A 651 -41.67 -13.50 0.38
C ALA A 651 -43.15 -13.18 0.44
N GLU A 652 -43.62 -12.92 1.66
CA GLU A 652 -45.03 -12.62 1.90
C GLU A 652 -45.18 -11.32 2.69
N HIS A 653 -46.12 -10.49 2.25
CA HIS A 653 -46.47 -9.27 2.97
C HIS A 653 -47.32 -9.64 4.18
N VAL A 654 -46.66 -9.91 5.30
CA VAL A 654 -47.39 -10.09 6.55
C VAL A 654 -47.83 -8.71 7.01
N ASN A 655 -48.77 -8.67 7.95
CA ASN A 655 -49.31 -7.39 8.38
C ASN A 655 -49.04 -7.18 9.87
N ASN A 656 -47.81 -7.51 10.29
CA ASN A 656 -47.43 -7.35 11.69
C ASN A 656 -46.19 -6.49 11.80
N SER A 657 -45.61 -6.44 13.00
CA SER A 657 -44.38 -5.69 13.22
C SER A 657 -43.58 -6.39 14.30
N TYR A 658 -42.30 -6.63 14.04
CA TYR A 658 -41.43 -7.32 14.97
C TYR A 658 -40.06 -6.66 14.96
N GLU A 659 -39.14 -7.23 15.73
CA GLU A 659 -37.75 -6.83 15.68
C GLU A 659 -37.08 -7.47 14.46
N CYS A 660 -35.79 -7.23 14.30
CA CYS A 660 -35.07 -7.69 13.12
C CYS A 660 -34.39 -9.03 13.41
N ASP A 661 -34.62 -9.99 12.52
CA ASP A 661 -33.92 -11.27 12.56
C ASP A 661 -32.79 -11.31 11.54
N ILE A 662 -33.12 -11.11 10.27
CA ILE A 662 -32.12 -11.02 9.20
C ILE A 662 -32.33 -9.72 8.45
N PRO A 663 -31.43 -8.76 8.57
CA PRO A 663 -31.62 -7.48 7.89
C PRO A 663 -31.37 -7.59 6.39
N ILE A 664 -32.23 -6.92 5.62
CA ILE A 664 -32.09 -6.89 4.17
C ILE A 664 -31.91 -5.48 3.63
N GLY A 665 -32.24 -4.44 4.39
CA GLY A 665 -32.09 -3.09 3.90
C GLY A 665 -33.40 -2.31 3.90
N ALA A 666 -33.29 -0.98 4.01
CA ALA A 666 -34.45 -0.10 4.00
C ALA A 666 -35.47 -0.48 5.08
N GLY A 667 -34.96 -0.88 6.24
CA GLY A 667 -35.83 -1.23 7.36
C GLY A 667 -36.72 -2.42 7.13
N ILE A 668 -36.23 -3.44 6.43
CA ILE A 668 -36.99 -4.66 6.15
C ILE A 668 -36.18 -5.84 6.66
N CYS A 669 -36.85 -6.76 7.36
CA CYS A 669 -36.20 -7.92 7.93
C CYS A 669 -37.01 -9.16 7.60
N ALA A 670 -36.33 -10.31 7.59
CA ALA A 670 -36.94 -11.58 7.23
C ALA A 670 -36.60 -12.63 8.26
N SER A 671 -37.46 -13.65 8.36
CA SER A 671 -37.27 -14.71 9.33
C SER A 671 -38.02 -15.95 8.86
N TYR A 672 -37.64 -17.09 9.44
CA TYR A 672 -38.24 -18.38 9.11
C TYR A 672 -39.35 -18.65 10.12
N GLN A 673 -40.58 -18.28 9.76
CA GLN A 673 -41.72 -18.39 10.64
C GLN A 673 -42.87 -19.08 9.92
N THR A 674 -43.81 -19.61 10.71
CA THR A 674 -45.00 -20.26 10.18
C THR A 674 -45.82 -19.32 9.32
N SER A 687 -45.06 -25.59 8.50
CA SER A 687 -45.58 -24.58 7.59
C SER A 687 -44.68 -23.35 7.57
N GLN A 688 -43.55 -23.45 8.27
CA GLN A 688 -42.63 -22.32 8.36
C GLN A 688 -42.01 -22.03 7.00
N SER A 689 -41.82 -20.74 6.72
CA SER A 689 -41.28 -20.29 5.44
C SER A 689 -40.66 -18.92 5.64
N ILE A 690 -40.35 -18.26 4.54
CA ILE A 690 -39.71 -16.95 4.58
C ILE A 690 -40.77 -15.86 4.47
N ILE A 691 -40.70 -14.88 5.36
CA ILE A 691 -41.65 -13.78 5.40
C ILE A 691 -40.89 -12.47 5.42
N ALA A 692 -41.59 -11.40 5.03
CA ALA A 692 -41.03 -10.06 5.01
C ALA A 692 -41.95 -9.12 5.76
N TYR A 693 -41.37 -8.19 6.52
CA TYR A 693 -42.14 -7.29 7.35
C TYR A 693 -41.31 -6.04 7.62
N THR A 694 -42.00 -5.00 8.09
CA THR A 694 -41.33 -3.77 8.51
C THR A 694 -40.90 -3.91 9.96
N MET A 695 -39.64 -3.57 10.24
CA MET A 695 -39.12 -3.72 11.58
C MET A 695 -39.82 -2.76 12.54
N SER A 696 -39.90 -3.16 13.80
CA SER A 696 -40.57 -2.39 14.84
C SER A 696 -39.55 -1.89 15.84
N LEU A 697 -39.64 -0.61 16.19
CA LEU A 697 -38.67 -0.02 17.10
C LEU A 697 -38.74 -0.64 18.49
N GLY A 698 -39.95 -0.82 19.01
CA GLY A 698 -40.11 -1.39 20.33
C GLY A 698 -41.47 -1.04 20.91
N ALA A 699 -41.65 -1.45 22.16
CA ALA A 699 -42.91 -1.22 22.85
C ALA A 699 -43.09 0.25 23.20
N GLU A 700 -44.34 0.69 23.17
CA GLU A 700 -44.69 2.07 23.49
C GLU A 700 -45.06 2.18 24.96
N ASN A 701 -44.68 3.31 25.57
CA ASN A 701 -44.99 3.56 26.96
C ASN A 701 -45.29 5.04 27.14
N SER A 702 -46.09 5.36 28.15
CA SER A 702 -46.46 6.73 28.47
C SER A 702 -46.40 6.92 29.98
N VAL A 703 -46.10 8.14 30.40
CA VAL A 703 -45.97 8.48 31.81
C VAL A 703 -46.94 9.61 32.14
N ALA A 704 -47.62 9.48 33.28
CA ALA A 704 -48.60 10.48 33.73
C ALA A 704 -47.86 11.58 34.47
N TYR A 705 -47.49 12.62 33.71
CA TYR A 705 -46.80 13.76 34.29
C TYR A 705 -47.79 14.77 34.84
N SER A 706 -47.45 15.36 35.98
CA SER A 706 -48.29 16.37 36.60
C SER A 706 -47.37 17.36 37.30
N ASN A 707 -47.92 18.16 38.22
CA ASN A 707 -47.13 19.16 38.92
C ASN A 707 -46.94 18.87 40.40
N ASN A 708 -47.67 17.93 40.98
CA ASN A 708 -47.58 17.65 42.41
C ASN A 708 -47.59 16.15 42.68
N SER A 709 -46.86 15.38 41.88
CA SER A 709 -46.81 13.94 42.04
C SER A 709 -45.36 13.47 42.00
N ILE A 710 -45.10 12.30 42.59
CA ILE A 710 -43.76 11.78 42.72
C ILE A 710 -43.84 10.27 42.95
N ALA A 711 -42.87 9.54 42.41
CA ALA A 711 -42.77 8.10 42.56
C ALA A 711 -41.51 7.76 43.34
N ILE A 712 -41.63 6.84 44.29
CA ILE A 712 -40.53 6.48 45.17
C ILE A 712 -40.34 4.96 45.18
N PRO A 713 -39.12 4.46 45.04
CA PRO A 713 -38.90 3.03 45.14
C PRO A 713 -39.06 2.52 46.57
N THR A 714 -39.35 1.22 46.67
CA THR A 714 -39.55 0.58 47.96
C THR A 714 -38.75 -0.71 48.14
N ASN A 715 -38.29 -1.35 47.07
CA ASN A 715 -37.50 -2.57 47.17
C ASN A 715 -36.50 -2.58 46.04
N PHE A 716 -35.48 -3.44 46.18
CA PHE A 716 -34.39 -3.43 45.22
C PHE A 716 -34.01 -4.84 44.77
N THR A 717 -32.92 -4.94 44.00
CA THR A 717 -32.44 -6.22 43.51
C THR A 717 -30.97 -6.07 43.12
N ILE A 718 -30.31 -7.22 42.93
CA ILE A 718 -28.91 -7.28 42.55
C ILE A 718 -28.80 -8.02 41.23
N SER A 719 -27.93 -7.53 40.35
CA SER A 719 -27.77 -8.12 39.03
C SER A 719 -26.29 -8.25 38.70
N VAL A 720 -25.98 -9.20 37.82
CA VAL A 720 -24.62 -9.48 37.38
C VAL A 720 -24.61 -9.58 35.87
N THR A 721 -23.62 -8.97 35.23
CA THR A 721 -23.49 -8.97 33.78
C THR A 721 -22.10 -9.42 33.38
N THR A 722 -21.78 -9.29 32.09
CA THR A 722 -20.53 -9.79 31.53
C THR A 722 -20.07 -8.86 30.42
N GLU A 723 -18.77 -8.93 30.12
CA GLU A 723 -18.17 -8.11 29.07
C GLU A 723 -16.91 -8.79 28.56
N ILE A 724 -16.68 -8.68 27.25
CA ILE A 724 -15.59 -9.39 26.57
C ILE A 724 -14.76 -8.40 25.79
N LEU A 725 -13.43 -8.59 25.79
CA LEU A 725 -12.52 -7.71 25.07
C LEU A 725 -11.29 -8.46 24.57
N PRO A 726 -10.86 -8.22 23.34
CA PRO A 726 -9.63 -8.85 22.84
C PRO A 726 -8.40 -8.07 23.24
N VAL A 727 -7.26 -8.77 23.26
CA VAL A 727 -6.04 -8.15 23.77
C VAL A 727 -4.88 -8.21 22.77
N SER A 728 -4.84 -9.25 21.94
CA SER A 728 -3.68 -9.47 21.08
C SER A 728 -3.97 -10.59 20.11
N MET A 729 -2.98 -10.92 19.27
CA MET A 729 -3.09 -12.03 18.32
C MET A 729 -1.77 -12.78 18.34
N THR A 730 -1.60 -13.67 17.36
CA THR A 730 -0.38 -14.45 17.24
C THR A 730 0.74 -13.61 16.60
N LYS A 731 1.95 -14.13 16.71
CA LYS A 731 3.15 -13.48 16.17
C LYS A 731 3.74 -14.35 15.08
N THR A 732 4.03 -13.75 13.92
CA THR A 732 4.54 -14.47 12.77
C THR A 732 5.71 -13.72 12.16
N SER A 733 6.48 -14.43 11.34
CA SER A 733 7.59 -13.85 10.61
C SER A 733 7.82 -14.67 9.36
N VAL A 734 8.28 -14.00 8.29
CA VAL A 734 8.48 -14.63 7.00
C VAL A 734 9.79 -14.12 6.40
N ASP A 735 10.57 -15.04 5.84
CA ASP A 735 11.81 -14.69 5.15
C ASP A 735 11.50 -14.35 3.70
N CYS A 736 11.98 -13.18 3.26
CA CYS A 736 11.75 -12.73 1.89
C CYS A 736 12.51 -13.58 0.89
N THR A 737 13.81 -13.79 1.11
CA THR A 737 14.68 -14.36 0.10
C THR A 737 14.26 -15.78 -0.26
N MET A 738 14.18 -16.66 0.74
CA MET A 738 13.84 -18.05 0.46
C MET A 738 12.43 -18.16 -0.11
N TYR A 739 11.49 -17.36 0.41
CA TYR A 739 10.13 -17.43 -0.08
C TYR A 739 10.05 -17.06 -1.56
N ILE A 740 10.76 -16.01 -1.96
CA ILE A 740 10.71 -15.57 -3.35
C ILE A 740 11.47 -16.51 -4.28
N CYS A 741 12.68 -16.93 -3.89
CA CYS A 741 13.59 -17.54 -4.83
C CYS A 741 13.62 -19.07 -4.75
N GLY A 742 13.19 -19.67 -3.65
CA GLY A 742 13.25 -21.11 -3.53
C GLY A 742 14.66 -21.67 -3.53
N ASP A 743 15.60 -20.95 -2.91
CA ASP A 743 16.98 -21.41 -2.75
C ASP A 743 17.65 -21.66 -4.11
N SER A 744 17.61 -20.67 -4.98
CA SER A 744 18.30 -20.71 -6.26
C SER A 744 19.34 -19.60 -6.28
N THR A 745 20.58 -19.94 -6.61
CA THR A 745 21.64 -18.94 -6.67
C THR A 745 21.37 -17.93 -7.78
N GLU A 746 20.88 -18.41 -8.93
CA GLU A 746 20.58 -17.51 -10.04
C GLU A 746 19.50 -16.50 -9.65
N CYS A 747 18.41 -16.98 -9.07
CA CYS A 747 17.37 -16.07 -8.59
C CYS A 747 17.91 -15.12 -7.53
N SER A 748 18.75 -15.63 -6.63
CA SER A 748 19.29 -14.81 -5.56
C SER A 748 20.10 -13.65 -6.11
N ASN A 749 21.04 -13.93 -7.02
CA ASN A 749 21.87 -12.85 -7.54
C ASN A 749 21.09 -11.95 -8.47
N LEU A 750 20.05 -12.47 -9.14
CA LEU A 750 19.22 -11.62 -9.97
C LEU A 750 18.37 -10.68 -9.12
N LEU A 751 18.02 -11.09 -7.91
CA LEU A 751 17.17 -10.26 -7.06
C LEU A 751 17.86 -8.96 -6.65
N LEU A 752 19.19 -8.93 -6.62
CA LEU A 752 19.91 -7.77 -6.14
C LEU A 752 19.76 -6.55 -7.02
N GLN A 753 19.22 -6.69 -8.23
CA GLN A 753 19.03 -5.57 -9.12
C GLN A 753 17.81 -4.73 -8.78
N TYR A 754 17.24 -4.91 -7.59
CA TYR A 754 16.03 -4.21 -7.20
C TYR A 754 16.21 -3.34 -5.97
N GLY A 755 16.76 -3.88 -4.90
CA GLY A 755 16.94 -3.13 -3.68
C GLY A 755 16.86 -4.04 -2.47
N SER A 756 16.56 -3.44 -1.33
CA SER A 756 16.50 -4.15 -0.05
C SER A 756 15.19 -3.88 0.67
N PHE A 757 14.08 -3.90 -0.08
CA PHE A 757 12.79 -3.59 0.50
C PHE A 757 12.33 -4.67 1.49
N CYS A 758 12.66 -5.93 1.20
CA CYS A 758 12.26 -6.98 2.12
C CYS A 758 12.90 -6.82 3.49
N THR A 759 14.05 -6.15 3.56
CA THR A 759 14.65 -5.86 4.86
C THR A 759 13.72 -4.99 5.71
N GLN A 760 13.23 -3.87 5.15
CA GLN A 760 12.31 -3.05 5.92
C GLN A 760 10.97 -3.75 6.13
N LEU A 761 10.60 -4.67 5.24
CA LEU A 761 9.44 -5.50 5.51
C LEU A 761 9.63 -6.30 6.80
N ASN A 762 10.77 -6.97 6.93
CA ASN A 762 11.06 -7.69 8.17
C ASN A 762 11.12 -6.74 9.36
N ARG A 763 11.66 -5.54 9.16
CA ARG A 763 11.72 -4.57 10.23
C ARG A 763 10.32 -4.22 10.74
N ALA A 764 9.39 -3.96 9.84
CA ALA A 764 8.02 -3.64 10.24
C ALA A 764 7.38 -4.83 10.95
N LEU A 765 7.59 -6.04 10.43
CA LEU A 765 7.02 -7.22 11.07
C LEU A 765 7.51 -7.37 12.50
N THR A 766 8.83 -7.29 12.70
CA THR A 766 9.37 -7.35 14.04
C THR A 766 8.89 -6.20 14.91
N GLY A 767 8.67 -5.02 14.33
CA GLY A 767 8.16 -3.92 15.11
C GLY A 767 6.79 -4.20 15.70
N ILE A 768 5.88 -4.76 14.88
CA ILE A 768 4.57 -5.09 15.44
C ILE A 768 4.68 -6.25 16.42
N ALA A 769 5.56 -7.21 16.16
CA ALA A 769 5.71 -8.34 17.06
C ALA A 769 6.17 -7.88 18.43
N VAL A 770 7.06 -6.88 18.47
CA VAL A 770 7.53 -6.36 19.75
C VAL A 770 6.38 -5.70 20.51
N GLU A 771 5.58 -4.88 19.82
CA GLU A 771 4.53 -4.12 20.47
C GLU A 771 3.44 -5.03 21.05
N GLN A 772 3.21 -6.19 20.44
CA GLN A 772 2.25 -7.13 21.02
C GLN A 772 2.58 -7.43 22.48
N ASP A 773 3.84 -7.78 22.75
CA ASP A 773 4.25 -8.11 24.11
C ASP A 773 4.14 -6.90 25.02
N LYS A 774 4.44 -5.71 24.50
CA LYS A 774 4.29 -4.50 25.31
C LYS A 774 2.85 -4.35 25.79
N ASN A 775 1.88 -4.51 24.89
CA ASN A 775 0.48 -4.43 25.30
C ASN A 775 0.14 -5.49 26.34
N THR A 776 0.54 -6.74 26.07
CA THR A 776 0.16 -7.84 26.95
C THR A 776 0.72 -7.65 28.35
N GLN A 777 1.97 -7.18 28.45
CA GLN A 777 2.55 -6.91 29.75
C GLN A 777 1.85 -5.72 30.42
N GLU A 778 1.59 -4.66 29.65
CA GLU A 778 1.12 -3.43 30.26
C GLU A 778 -0.28 -3.57 30.83
N VAL A 779 -1.12 -4.40 30.22
CA VAL A 779 -2.49 -4.52 30.72
C VAL A 779 -2.50 -5.19 32.09
N PHE A 780 -1.68 -6.22 32.29
CA PHE A 780 -1.70 -7.01 33.53
C PHE A 780 -0.57 -6.65 34.49
N ALA A 781 0.22 -5.62 34.22
CA ALA A 781 1.37 -5.29 35.06
C ALA A 781 1.07 -4.13 36.00
N GLN A 782 -0.11 -4.13 36.63
CA GLN A 782 -0.56 -3.04 37.46
C GLN A 782 -0.51 -3.34 38.95
N VAL A 783 0.29 -4.31 39.38
CA VAL A 783 0.40 -4.66 40.79
C VAL A 783 1.87 -4.81 41.14
N LYS A 784 2.16 -4.73 42.44
CA LYS A 784 3.52 -4.78 42.95
C LYS A 784 3.86 -6.07 43.68
N GLN A 785 2.99 -6.55 44.55
CA GLN A 785 3.28 -7.71 45.38
C GLN A 785 2.21 -8.77 45.17
N ILE A 786 2.56 -10.00 45.53
CA ILE A 786 1.66 -11.15 45.38
C ILE A 786 1.02 -11.42 46.73
N TYR A 787 -0.30 -11.31 46.79
CA TYR A 787 -1.03 -11.57 48.02
C TYR A 787 -1.57 -13.00 48.01
N LYS A 788 -2.17 -13.39 49.14
CA LYS A 788 -2.75 -14.71 49.28
C LYS A 788 -3.92 -14.63 50.25
N THR A 789 -4.85 -15.56 50.09
CA THR A 789 -6.04 -15.58 50.91
C THR A 789 -5.84 -16.44 52.15
N PRO A 790 -6.45 -16.06 53.28
CA PRO A 790 -6.36 -16.89 54.48
C PRO A 790 -7.09 -18.20 54.28
N PRO A 791 -6.68 -19.27 54.97
CA PRO A 791 -7.38 -20.55 54.81
C PRO A 791 -8.83 -20.52 55.25
N ILE A 792 -9.18 -19.71 56.24
CA ILE A 792 -10.55 -19.66 56.75
C ILE A 792 -11.41 -18.87 55.78
N LYS A 793 -12.67 -19.28 55.64
CA LYS A 793 -13.56 -18.68 54.66
C LYS A 793 -14.85 -18.15 55.29
N ASP A 794 -14.72 -17.43 56.41
CA ASP A 794 -15.89 -16.86 57.10
C ASP A 794 -16.07 -15.42 56.64
N PHE A 795 -16.78 -15.26 55.51
CA PHE A 795 -17.04 -13.96 54.93
C PHE A 795 -18.48 -13.53 55.10
N GLY A 796 -19.08 -13.86 56.24
CA GLY A 796 -20.45 -13.43 56.51
C GLY A 796 -21.47 -13.97 55.54
N GLY A 797 -21.35 -15.24 55.15
CA GLY A 797 -22.31 -15.89 54.32
C GLY A 797 -22.05 -15.82 52.83
N PHE A 798 -21.17 -14.93 52.39
CA PHE A 798 -20.85 -14.83 50.97
C PHE A 798 -20.03 -16.03 50.54
N ASN A 799 -20.43 -16.66 49.45
CA ASN A 799 -19.75 -17.83 48.92
C ASN A 799 -19.05 -17.44 47.62
N PHE A 800 -17.72 -17.57 47.60
CA PHE A 800 -16.92 -17.24 46.44
C PHE A 800 -16.24 -18.46 45.84
N SER A 801 -16.80 -19.65 46.04
CA SER A 801 -16.16 -20.87 45.57
C SER A 801 -16.02 -20.87 44.06
N GLN A 802 -17.05 -20.42 43.35
CA GLN A 802 -17.05 -20.48 41.89
C GLN A 802 -16.02 -19.56 41.26
N ILE A 803 -15.46 -18.62 42.01
CA ILE A 803 -14.53 -17.66 41.45
C ILE A 803 -13.10 -17.85 41.94
N LEU A 804 -12.89 -18.49 43.08
CA LEU A 804 -11.56 -18.64 43.64
C LEU A 804 -10.80 -19.75 42.93
N PRO A 805 -9.46 -19.71 42.98
CA PRO A 805 -8.67 -20.78 42.37
C PRO A 805 -8.93 -22.12 43.05
N ASP A 806 -8.83 -23.18 42.27
CA ASP A 806 -9.09 -24.53 42.75
C ASP A 806 -7.78 -25.31 42.84
N PRO A 807 -7.33 -25.66 44.05
CA PRO A 807 -6.12 -26.49 44.16
C PRO A 807 -6.28 -27.89 43.58
N SER A 808 -7.53 -28.37 43.42
CA SER A 808 -7.74 -29.72 42.94
C SER A 808 -7.22 -29.90 41.52
N LYS A 809 -7.44 -28.91 40.67
CA LYS A 809 -6.97 -29.00 39.29
C LYS A 809 -5.45 -28.97 39.25
N PRO A 810 -4.84 -29.56 38.21
CA PRO A 810 -3.38 -29.44 38.06
C PRO A 810 -2.92 -28.01 37.96
N SER A 811 -3.70 -27.16 37.32
CA SER A 811 -3.45 -25.72 37.31
C SER A 811 -4.21 -25.05 38.45
N LYS A 812 -4.15 -23.72 38.48
CA LYS A 812 -4.84 -22.94 39.48
C LYS A 812 -6.10 -22.27 38.94
N ARG A 813 -6.58 -22.72 37.79
CA ARG A 813 -7.70 -22.05 37.13
C ARG A 813 -8.99 -22.22 37.93
N SER A 814 -9.80 -21.17 37.95
CA SER A 814 -11.12 -21.23 38.55
C SER A 814 -12.03 -22.12 37.71
N PRO A 815 -13.10 -22.65 38.30
CA PRO A 815 -14.03 -23.45 37.49
C PRO A 815 -14.63 -22.70 36.32
N ILE A 816 -14.92 -21.41 36.49
CA ILE A 816 -15.47 -20.64 35.37
C ILE A 816 -14.44 -20.50 34.26
N GLU A 817 -13.18 -20.23 34.62
CA GLU A 817 -12.14 -20.13 33.62
C GLU A 817 -11.94 -21.48 32.91
N ASP A 818 -12.04 -22.57 33.66
CA ASP A 818 -11.93 -23.89 33.06
C ASP A 818 -13.06 -24.13 32.06
N LEU A 819 -14.28 -23.74 32.42
CA LEU A 819 -15.39 -23.86 31.49
C LEU A 819 -15.14 -23.04 30.24
N LEU A 820 -14.60 -21.83 30.41
CA LEU A 820 -14.31 -20.98 29.26
C LEU A 820 -13.26 -21.62 28.36
N PHE A 821 -12.23 -22.21 28.95
CA PHE A 821 -11.17 -22.83 28.16
C PHE A 821 -11.69 -23.97 27.30
N ASN A 822 -12.58 -24.80 27.87
CA ASN A 822 -13.17 -25.87 27.07
C ASN A 822 -14.03 -25.32 25.95
N LYS A 823 -14.78 -24.25 26.23
CA LYS A 823 -15.62 -23.64 25.20
C LYS A 823 -14.78 -23.12 24.04
N VAL A 824 -13.66 -22.47 24.34
CA VAL A 824 -12.81 -21.89 23.31
C VAL A 824 -11.81 -22.95 22.88
N THR A 825 -11.98 -23.46 21.66
CA THR A 825 -11.07 -24.47 21.11
C THR A 825 -9.68 -23.90 20.92
N LYS A 852 3.18 -24.15 4.39
CA LYS A 852 3.22 -24.30 5.84
C LYS A 852 4.66 -24.24 6.35
N PHE A 853 5.61 -24.49 5.44
CA PHE A 853 7.02 -24.51 5.82
C PHE A 853 7.91 -23.76 4.86
N ASN A 854 7.35 -22.94 3.97
CA ASN A 854 8.15 -22.18 3.01
C ASN A 854 8.46 -20.79 3.56
N GLY A 855 9.24 -20.77 4.64
CA GLY A 855 9.64 -19.52 5.27
C GLY A 855 8.67 -18.98 6.29
N LEU A 856 7.53 -19.64 6.49
CA LEU A 856 6.57 -19.19 7.49
C LEU A 856 6.99 -19.66 8.87
N THR A 857 6.92 -18.77 9.86
CA THR A 857 7.33 -19.07 11.22
C THR A 857 6.32 -18.50 12.20
N VAL A 858 6.27 -19.12 13.38
CA VAL A 858 5.39 -18.70 14.47
C VAL A 858 6.24 -18.57 15.72
N LEU A 859 6.07 -17.46 16.45
CA LEU A 859 6.85 -17.21 17.64
C LEU A 859 5.99 -17.29 18.88
N PRO A 860 6.36 -18.13 19.86
CA PRO A 860 5.56 -18.22 21.07
C PRO A 860 5.64 -16.93 21.87
N PRO A 861 4.62 -16.64 22.68
CA PRO A 861 4.64 -15.40 23.47
C PRO A 861 5.57 -15.53 24.66
N LEU A 862 5.80 -14.39 25.32
CA LEU A 862 6.68 -14.36 26.47
C LEU A 862 5.97 -14.83 27.73
N LEU A 863 4.93 -14.12 28.14
CA LEU A 863 4.19 -14.50 29.33
C LEU A 863 3.40 -15.78 29.08
N THR A 864 3.12 -16.52 30.15
CA THR A 864 2.42 -17.78 30.03
C THR A 864 1.16 -17.80 30.89
N ASP A 865 0.30 -18.77 30.59
CA ASP A 865 -1.05 -18.78 31.15
C ASP A 865 -1.04 -18.95 32.66
N GLU A 866 -0.10 -19.75 33.18
CA GLU A 866 -0.03 -19.92 34.62
C GLU A 866 0.29 -18.61 35.32
N MET A 867 1.21 -17.82 34.75
CA MET A 867 1.53 -16.53 35.34
C MET A 867 0.36 -15.56 35.20
N ILE A 868 -0.35 -15.63 34.08
CA ILE A 868 -1.54 -14.80 33.94
C ILE A 868 -2.57 -15.14 35.02
N ALA A 869 -2.79 -16.42 35.25
CA ALA A 869 -3.72 -16.85 36.29
C ALA A 869 -3.26 -16.41 37.66
N GLN A 870 -1.95 -16.46 37.91
CA GLN A 870 -1.43 -15.99 39.19
C GLN A 870 -1.69 -14.50 39.37
N TYR A 871 -1.49 -13.73 38.31
CA TYR A 871 -1.78 -12.29 38.37
C TYR A 871 -3.24 -12.04 38.71
N THR A 872 -4.14 -12.74 38.02
CA THR A 872 -5.56 -12.54 38.27
C THR A 872 -5.92 -12.94 39.70
N SER A 873 -5.39 -14.06 40.17
CA SER A 873 -5.68 -14.50 41.53
C SER A 873 -5.16 -13.49 42.55
N ALA A 874 -3.97 -12.95 42.32
CA ALA A 874 -3.43 -11.96 43.24
C ALA A 874 -4.32 -10.73 43.28
N LEU A 875 -4.76 -10.25 42.12
CA LEU A 875 -5.65 -9.08 42.10
C LEU A 875 -6.94 -9.36 42.86
N LEU A 876 -7.54 -10.52 42.61
CA LEU A 876 -8.81 -10.84 43.26
C LEU A 876 -8.65 -10.94 44.77
N ALA A 877 -7.60 -11.62 45.23
CA ALA A 877 -7.38 -11.73 46.67
C ALA A 877 -7.14 -10.37 47.29
N GLY A 878 -6.32 -9.52 46.64
CA GLY A 878 -6.06 -8.21 47.18
C GLY A 878 -7.33 -7.38 47.34
N THR A 879 -8.15 -7.33 46.29
CA THR A 879 -9.36 -6.52 46.41
C THR A 879 -10.32 -7.09 47.45
N ILE A 880 -10.50 -8.41 47.47
CA ILE A 880 -11.47 -8.98 48.39
C ILE A 880 -11.00 -8.83 49.83
N THR A 881 -9.69 -8.76 50.06
CA THR A 881 -9.20 -8.68 51.44
C THR A 881 -8.92 -7.28 51.93
N SER A 882 -8.75 -6.29 51.04
CA SER A 882 -8.39 -4.97 51.50
C SER A 882 -9.14 -3.83 50.80
N GLY A 883 -10.21 -4.13 50.07
CA GLY A 883 -10.94 -3.06 49.42
C GLY A 883 -10.08 -2.35 48.39
N TRP A 884 -10.23 -1.03 48.30
CA TRP A 884 -9.51 -0.22 47.34
C TRP A 884 -8.26 0.42 47.92
N THR A 885 -7.94 0.16 49.19
CA THR A 885 -6.81 0.83 49.82
C THR A 885 -5.50 0.44 49.15
N PHE A 886 -5.34 -0.84 48.82
CA PHE A 886 -4.08 -1.32 48.28
C PHE A 886 -3.74 -0.71 46.92
N GLY A 887 -4.73 -0.15 46.23
CA GLY A 887 -4.47 0.44 44.93
C GLY A 887 -3.66 1.72 44.98
N ALA A 888 -3.65 2.40 46.12
CA ALA A 888 -2.94 3.68 46.24
C ALA A 888 -1.70 3.62 47.10
N GLY A 889 -1.60 2.67 48.02
CA GLY A 889 -0.46 2.58 48.89
C GLY A 889 -0.34 1.22 49.56
N PRO A 890 0.01 1.20 50.84
CA PRO A 890 0.11 -0.07 51.56
C PRO A 890 -1.26 -0.60 51.94
N ALA A 891 -1.42 -1.92 51.79
CA ALA A 891 -2.71 -2.55 52.02
C ALA A 891 -3.08 -2.51 53.50
N LEU A 892 -4.35 -2.24 53.77
CA LEU A 892 -4.90 -2.24 55.12
C LEU A 892 -6.14 -3.12 55.16
N GLN A 893 -6.18 -4.04 56.11
CA GLN A 893 -7.32 -4.95 56.19
C GLN A 893 -8.55 -4.23 56.73
N ILE A 894 -9.71 -4.77 56.39
CA ILE A 894 -10.99 -4.17 56.79
C ILE A 894 -12.09 -5.20 56.64
N PRO A 895 -13.05 -5.29 57.56
CA PRO A 895 -14.12 -6.28 57.42
C PRO A 895 -14.94 -6.08 56.16
N PHE A 896 -15.29 -7.20 55.54
CA PHE A 896 -16.05 -7.18 54.29
C PHE A 896 -17.42 -6.53 54.42
N PRO A 897 -18.25 -6.83 55.43
CA PRO A 897 -19.53 -6.12 55.53
C PRO A 897 -19.38 -4.63 55.70
N MET A 898 -18.36 -4.18 56.43
CA MET A 898 -18.13 -2.75 56.55
C MET A 898 -17.72 -2.14 55.21
N GLN A 899 -16.90 -2.87 54.45
CA GLN A 899 -16.54 -2.38 53.11
C GLN A 899 -17.78 -2.25 52.24
N MET A 900 -18.66 -3.25 52.29
CA MET A 900 -19.89 -3.17 51.50
C MET A 900 -20.78 -2.03 51.97
N ALA A 901 -20.80 -1.76 53.27
CA ALA A 901 -21.56 -0.61 53.76
C ALA A 901 -21.01 0.70 53.21
N TYR A 902 -19.68 0.82 53.15
CA TYR A 902 -19.10 2.01 52.53
C TYR A 902 -19.49 2.12 51.07
N ARG A 903 -19.46 0.99 50.35
CA ARG A 903 -19.87 1.00 48.95
C ARG A 903 -21.31 1.50 48.82
N PHE A 904 -22.20 0.98 49.68
CA PHE A 904 -23.60 1.40 49.63
C PHE A 904 -23.74 2.89 49.92
N ASN A 905 -23.03 3.38 50.92
CA ASN A 905 -23.05 4.81 51.21
C ASN A 905 -22.52 5.62 50.04
N GLY A 906 -21.67 5.04 49.21
CA GLY A 906 -21.14 5.75 48.07
C GLY A 906 -22.16 6.21 47.05
N ILE A 907 -23.36 5.64 47.07
CA ILE A 907 -24.39 6.04 46.11
C ILE A 907 -25.57 6.66 46.83
N GLY A 908 -25.30 7.35 47.92
CA GLY A 908 -26.33 8.10 48.62
C GLY A 908 -27.42 7.27 49.27
N VAL A 909 -27.06 6.20 49.95
CA VAL A 909 -28.00 5.39 50.71
C VAL A 909 -27.45 5.20 52.11
N THR A 910 -28.29 5.43 53.12
CA THR A 910 -27.87 5.22 54.50
C THR A 910 -27.47 3.77 54.73
N GLN A 911 -26.43 3.56 55.54
CA GLN A 911 -25.80 2.25 55.62
C GLN A 911 -26.55 1.26 56.49
N ASN A 912 -27.44 1.73 57.38
CA ASN A 912 -28.18 0.79 58.23
C ASN A 912 -29.08 -0.12 57.40
N VAL A 913 -29.49 0.33 56.21
CA VAL A 913 -30.32 -0.50 55.34
C VAL A 913 -29.59 -1.80 55.01
N LEU A 914 -28.29 -1.71 54.73
CA LEU A 914 -27.52 -2.92 54.47
C LEU A 914 -27.51 -3.82 55.69
N TYR A 915 -27.33 -3.24 56.89
CA TYR A 915 -27.27 -4.05 58.09
C TYR A 915 -28.61 -4.72 58.38
N GLU A 916 -29.70 -4.17 57.85
CA GLU A 916 -31.01 -4.74 58.14
C GLU A 916 -31.48 -5.74 57.09
N ASN A 917 -30.68 -6.04 56.07
CA ASN A 917 -31.10 -6.96 55.01
C ASN A 917 -29.93 -7.84 54.56
N GLN A 918 -29.04 -8.14 55.50
CA GLN A 918 -27.78 -8.80 55.15
C GLN A 918 -28.03 -10.18 54.55
N LYS A 919 -28.84 -11.00 55.21
CA LYS A 919 -29.05 -12.37 54.75
C LYS A 919 -29.74 -12.40 53.39
N LEU A 920 -30.74 -11.55 53.19
CA LEU A 920 -31.42 -11.49 51.90
C LEU A 920 -30.47 -11.07 50.80
N ILE A 921 -29.64 -10.06 51.07
CA ILE A 921 -28.68 -9.62 50.06
C ILE A 921 -27.72 -10.74 49.72
N ALA A 922 -27.24 -11.46 50.74
CA ALA A 922 -26.32 -12.56 50.49
C ALA A 922 -26.96 -13.64 49.63
N ASN A 923 -28.21 -14.00 49.93
CA ASN A 923 -28.88 -15.01 49.14
C ASN A 923 -29.05 -14.58 47.69
N GLN A 924 -29.47 -13.32 47.48
CA GLN A 924 -29.63 -12.84 46.12
C GLN A 924 -28.32 -12.86 45.36
N PHE A 925 -27.23 -12.42 46.01
CA PHE A 925 -25.93 -12.40 45.36
C PHE A 925 -25.48 -13.82 45.00
N ASN A 926 -25.70 -14.77 45.92
CA ASN A 926 -25.30 -16.14 45.65
C ASN A 926 -26.05 -16.73 44.47
N SER A 927 -27.36 -16.46 44.39
CA SER A 927 -28.13 -16.96 43.25
C SER A 927 -27.66 -16.31 41.95
N ALA A 928 -27.40 -15.01 41.98
CA ALA A 928 -26.96 -14.30 40.78
C ALA A 928 -25.63 -14.86 40.29
N ILE A 929 -24.73 -15.19 41.21
CA ILE A 929 -23.46 -15.79 40.81
C ILE A 929 -23.69 -17.12 40.11
N GLY A 930 -24.60 -17.94 40.66
CA GLY A 930 -24.86 -19.24 40.06
C GLY A 930 -25.46 -19.15 38.67
N LYS A 931 -26.28 -18.13 38.42
CA LYS A 931 -26.97 -18.05 37.12
C LYS A 931 -25.99 -17.94 35.95
N ILE A 932 -24.87 -17.24 36.14
CA ILE A 932 -24.01 -16.91 35.01
C ILE A 932 -23.36 -18.16 34.44
N GLN A 933 -23.05 -19.15 35.29
CA GLN A 933 -22.46 -20.39 34.78
C GLN A 933 -23.41 -21.09 33.83
N ASP A 934 -24.69 -21.18 34.20
CA ASP A 934 -25.67 -21.78 33.31
C ASP A 934 -25.83 -20.96 32.04
N SER A 935 -25.82 -19.64 32.16
CA SER A 935 -25.95 -18.79 30.97
C SER A 935 -24.82 -19.06 29.99
N LEU A 936 -23.58 -19.11 30.49
CA LEU A 936 -22.44 -19.36 29.62
C LEU A 936 -22.46 -20.77 29.05
N SER A 937 -22.82 -21.76 29.87
CA SER A 937 -22.87 -23.12 29.38
C SER A 937 -23.93 -23.28 28.30
N SER A 938 -25.02 -22.51 28.38
CA SER A 938 -26.08 -22.57 27.39
C SER A 938 -25.70 -21.86 26.09
N THR A 939 -25.41 -20.56 26.17
CA THR A 939 -25.19 -19.78 24.97
C THR A 939 -23.70 -19.66 24.67
N PRO A 940 -23.21 -20.23 23.57
CA PRO A 940 -21.79 -20.07 23.19
C PRO A 940 -21.51 -18.97 22.17
N SER A 941 -22.54 -18.25 21.70
CA SER A 941 -22.36 -17.28 20.63
C SER A 941 -21.65 -16.01 21.09
N ALA A 942 -21.43 -15.83 22.39
CA ALA A 942 -20.84 -14.59 22.88
C ALA A 942 -19.38 -14.45 22.49
N LEU A 943 -18.70 -15.57 22.20
CA LEU A 943 -17.26 -15.57 21.95
C LEU A 943 -16.92 -15.31 20.49
N GLY A 944 -17.87 -14.83 19.69
CA GLY A 944 -17.57 -14.53 18.31
C GLY A 944 -16.51 -13.46 18.15
N LYS A 945 -16.47 -12.52 19.10
CA LYS A 945 -15.45 -11.47 19.06
C LYS A 945 -14.06 -12.07 19.07
N LEU A 946 -13.82 -13.04 19.93
CA LEU A 946 -12.51 -13.68 19.98
C LEU A 946 -12.32 -14.64 18.81
N GLN A 947 -13.39 -15.30 18.38
CA GLN A 947 -13.26 -16.28 17.29
C GLN A 947 -12.85 -15.60 15.99
N ASP A 948 -13.43 -14.43 15.71
CA ASP A 948 -13.18 -13.76 14.44
C ASP A 948 -11.72 -13.38 14.28
N VAL A 949 -11.09 -12.89 15.35
CA VAL A 949 -9.70 -12.47 15.28
C VAL A 949 -8.82 -13.65 14.91
N VAL A 950 -9.06 -14.81 15.52
CA VAL A 950 -8.31 -16.01 15.18
C VAL A 950 -8.56 -16.39 13.74
N ASN A 951 -9.81 -16.28 13.28
CA ASN A 951 -10.14 -16.71 11.92
C ASN A 951 -9.42 -15.86 10.87
N GLN A 952 -9.34 -14.55 11.09
CA GLN A 952 -8.84 -13.66 10.04
C GLN A 952 -7.39 -13.96 9.68
N ASN A 953 -6.53 -14.15 10.69
CA ASN A 953 -5.12 -14.39 10.41
C ASN A 953 -4.92 -15.67 9.64
N ALA A 954 -5.62 -16.73 10.03
CA ALA A 954 -5.52 -18.00 9.31
C ALA A 954 -6.00 -17.84 7.88
N GLN A 955 -7.09 -17.11 7.67
CA GLN A 955 -7.60 -16.90 6.33
C GLN A 955 -6.57 -16.19 5.46
N ALA A 956 -5.98 -15.12 5.99
CA ALA A 956 -5.00 -14.36 5.22
C ALA A 956 -3.77 -15.20 4.90
N LEU A 957 -3.29 -15.96 5.88
CA LEU A 957 -2.12 -16.81 5.65
C LEU A 957 -2.40 -17.87 4.60
N ASN A 958 -3.59 -18.48 4.66
CA ASN A 958 -3.95 -19.47 3.65
C ASN A 958 -4.01 -18.86 2.27
N THR A 959 -4.58 -17.66 2.15
CA THR A 959 -4.59 -16.99 0.86
C THR A 959 -3.17 -16.75 0.35
N LEU A 960 -2.29 -16.27 1.23
CA LEU A 960 -0.93 -15.98 0.81
C LEU A 960 -0.22 -17.24 0.31
N VAL A 961 -0.31 -18.32 1.06
CA VAL A 961 0.39 -19.54 0.66
C VAL A 961 -0.24 -20.11 -0.61
N LYS A 962 -1.56 -19.98 -0.76
CA LYS A 962 -2.21 -20.46 -1.97
C LYS A 962 -1.74 -19.68 -3.19
N GLN A 963 -1.44 -18.39 -3.03
CA GLN A 963 -1.03 -17.56 -4.15
C GLN A 963 0.23 -18.07 -4.87
N LEU A 964 0.90 -19.09 -4.35
CA LEU A 964 2.15 -19.54 -4.97
C LEU A 964 1.92 -20.14 -6.34
N SER A 965 0.85 -20.93 -6.50
CA SER A 965 0.67 -21.72 -7.71
C SER A 965 0.36 -20.89 -8.95
N SER A 966 0.10 -19.59 -8.79
CA SER A 966 -0.23 -18.76 -9.94
C SER A 966 0.93 -18.70 -10.92
N ASN A 967 0.60 -18.64 -12.21
CA ASN A 967 1.60 -18.67 -13.27
C ASN A 967 2.05 -17.28 -13.70
N PHE A 968 1.18 -16.28 -13.60
CA PHE A 968 1.49 -14.90 -13.99
C PHE A 968 1.88 -14.81 -15.46
N GLY A 969 1.28 -15.64 -16.31
CA GLY A 969 1.54 -15.57 -17.73
C GLY A 969 2.86 -16.15 -18.17
N ALA A 970 3.60 -16.80 -17.28
CA ALA A 970 4.83 -17.46 -17.66
C ALA A 970 4.52 -18.79 -18.32
N ILE A 971 5.56 -19.45 -18.86
CA ILE A 971 5.34 -20.74 -19.49
C ILE A 971 5.16 -21.86 -18.47
N SER A 972 5.54 -21.63 -17.22
CA SER A 972 5.40 -22.64 -16.18
C SER A 972 5.44 -21.93 -14.83
N SER A 973 5.00 -22.65 -13.80
CA SER A 973 5.00 -22.13 -12.44
C SER A 973 6.03 -22.80 -11.55
N VAL A 974 6.97 -23.56 -12.12
CA VAL A 974 8.01 -24.24 -11.36
C VAL A 974 9.35 -23.68 -11.79
N LEU A 975 10.01 -22.97 -10.86
CA LEU A 975 11.30 -22.37 -11.15
C LEU A 975 12.34 -23.45 -11.46
N ASN A 976 12.33 -24.54 -10.69
CA ASN A 976 13.27 -25.62 -10.96
C ASN A 976 13.08 -26.18 -12.36
N ASP A 977 11.82 -26.39 -12.77
CA ASP A 977 11.56 -26.93 -14.10
C ASP A 977 12.03 -25.98 -15.19
N ILE A 978 11.74 -24.68 -15.03
CA ILE A 978 12.13 -23.76 -16.10
C ILE A 978 13.65 -23.63 -16.17
N LEU A 979 14.35 -23.61 -15.03
CA LEU A 979 15.80 -23.47 -15.09
C LEU A 979 16.45 -24.75 -15.61
N SER A 980 15.84 -25.90 -15.36
CA SER A 980 16.36 -27.14 -15.90
C SER A 980 16.10 -27.30 -17.39
N ARG A 981 15.02 -26.70 -17.90
CA ARG A 981 14.69 -26.80 -19.32
C ARG A 981 15.41 -25.77 -20.18
N LEU A 982 15.42 -24.50 -19.77
CA LEU A 982 15.84 -23.41 -20.63
C LEU A 982 17.20 -22.88 -20.21
N ASP A 983 17.72 -21.95 -20.99
CA ASP A 983 19.04 -21.35 -20.79
C ASP A 983 18.90 -19.92 -20.29
N PRO A 984 19.92 -19.40 -19.59
CA PRO A 984 19.82 -18.07 -18.94
C PRO A 984 19.33 -16.97 -19.88
N PRO A 985 19.98 -16.74 -21.03
CA PRO A 985 19.69 -15.51 -21.77
C PRO A 985 18.30 -15.45 -22.34
N GLU A 986 17.50 -16.50 -22.18
CA GLU A 986 16.08 -16.48 -22.50
C GLU A 986 15.20 -16.79 -21.30
N ALA A 987 15.76 -17.37 -20.24
CA ALA A 987 14.97 -17.70 -19.06
C ALA A 987 14.81 -16.50 -18.14
N GLU A 988 15.81 -15.61 -18.11
CA GLU A 988 15.69 -14.41 -17.28
C GLU A 988 14.45 -13.60 -17.65
N VAL A 989 14.00 -13.69 -18.90
CA VAL A 989 12.87 -12.90 -19.38
C VAL A 989 11.60 -13.25 -18.61
N GLN A 990 11.42 -14.52 -18.27
CA GLN A 990 10.25 -14.91 -17.49
C GLN A 990 10.53 -14.94 -15.99
N ILE A 991 11.80 -15.11 -15.60
CA ILE A 991 12.11 -15.00 -14.17
C ILE A 991 11.76 -13.63 -13.65
N ASP A 992 12.08 -12.59 -14.42
CA ASP A 992 11.72 -11.23 -14.01
C ASP A 992 10.21 -11.06 -13.91
N ARG A 993 9.43 -11.69 -14.80
CA ARG A 993 7.98 -11.62 -14.68
C ARG A 993 7.50 -12.28 -13.41
N LEU A 994 8.10 -13.40 -13.04
CA LEU A 994 7.66 -14.11 -11.83
C LEU A 994 7.94 -13.28 -10.57
N ILE A 995 9.11 -12.63 -10.52
CA ILE A 995 9.51 -11.92 -9.30
C ILE A 995 8.52 -10.80 -9.00
N THR A 996 8.23 -9.96 -9.99
CA THR A 996 7.32 -8.85 -9.78
C THR A 996 5.91 -9.34 -9.47
N GLY A 997 5.55 -10.51 -9.99
CA GLY A 997 4.26 -11.09 -9.63
C GLY A 997 4.16 -11.40 -8.16
N ARG A 998 5.21 -11.98 -7.58
CA ARG A 998 5.13 -12.34 -6.17
C ARG A 998 5.25 -11.11 -5.25
N LEU A 999 6.00 -10.09 -5.69
CA LEU A 999 6.26 -8.95 -4.83
C LEU A 999 4.98 -8.23 -4.43
N GLN A 1000 4.03 -8.09 -5.36
CA GLN A 1000 2.81 -7.37 -5.07
C GLN A 1000 2.00 -8.06 -3.98
N SER A 1001 1.91 -9.39 -4.04
CA SER A 1001 1.21 -10.12 -3.00
C SER A 1001 1.87 -9.90 -1.65
N LEU A 1002 3.19 -9.93 -1.61
CA LEU A 1002 3.87 -9.68 -0.34
C LEU A 1002 3.51 -8.30 0.22
N GLN A 1003 3.56 -7.28 -0.63
CA GLN A 1003 3.25 -5.92 -0.18
C GLN A 1003 1.83 -5.82 0.35
N THR A 1004 0.87 -6.41 -0.37
CA THR A 1004 -0.52 -6.33 0.07
C THR A 1004 -0.69 -6.97 1.43
N TYR A 1005 -0.06 -8.13 1.64
CA TYR A 1005 -0.20 -8.80 2.92
C TYR A 1005 0.31 -7.93 4.06
N VAL A 1006 1.52 -7.37 3.92
CA VAL A 1006 2.04 -6.58 5.03
C VAL A 1006 1.19 -5.33 5.25
N THR A 1007 0.68 -4.73 4.17
CA THR A 1007 -0.13 -3.53 4.31
C THR A 1007 -1.39 -3.82 5.12
N GLN A 1008 -2.05 -4.94 4.86
CA GLN A 1008 -3.23 -5.29 5.65
C GLN A 1008 -2.86 -5.53 7.12
N GLN A 1009 -1.74 -6.24 7.34
CA GLN A 1009 -1.36 -6.58 8.70
C GLN A 1009 -1.17 -5.33 9.55
N LEU A 1010 -0.58 -4.28 8.98
CA LEU A 1010 -0.34 -3.07 9.76
C LEU A 1010 -1.64 -2.48 10.31
N ILE A 1011 -2.66 -2.36 9.46
CA ILE A 1011 -3.92 -1.77 9.89
C ILE A 1011 -4.57 -2.62 10.97
N ARG A 1012 -4.56 -3.94 10.78
CA ARG A 1012 -5.17 -4.80 11.78
C ARG A 1012 -4.49 -4.63 13.14
N ALA A 1013 -3.15 -4.58 13.13
CA ALA A 1013 -2.42 -4.41 14.38
C ALA A 1013 -2.77 -3.09 15.06
N ALA A 1014 -2.87 -2.01 14.28
CA ALA A 1014 -3.19 -0.72 14.88
C ALA A 1014 -4.56 -0.75 15.57
N GLU A 1015 -5.56 -1.34 14.90
CA GLU A 1015 -6.88 -1.37 15.51
C GLU A 1015 -6.87 -2.19 16.79
N ILE A 1016 -6.14 -3.32 16.79
CA ILE A 1016 -6.05 -4.12 18.01
C ILE A 1016 -5.41 -3.31 19.13
N ARG A 1017 -4.39 -2.53 18.80
CA ARG A 1017 -3.73 -1.72 19.84
C ARG A 1017 -4.72 -0.73 20.47
N ALA A 1018 -5.55 -0.10 19.63
CA ALA A 1018 -6.54 0.82 20.18
C ALA A 1018 -7.50 0.10 21.13
N SER A 1019 -7.96 -1.08 20.72
CA SER A 1019 -8.86 -1.84 21.60
C SER A 1019 -8.18 -2.19 22.92
N ALA A 1020 -6.90 -2.57 22.86
CA ALA A 1020 -6.18 -2.92 24.07
C ALA A 1020 -6.06 -1.73 25.02
N ASN A 1021 -5.80 -0.54 24.47
CA ASN A 1021 -5.75 0.64 25.32
C ASN A 1021 -7.07 0.88 26.02
N LEU A 1022 -8.18 0.74 25.28
CA LEU A 1022 -9.48 0.92 25.92
C LEU A 1022 -9.68 -0.09 27.04
N ALA A 1023 -9.32 -1.35 26.80
CA ALA A 1023 -9.50 -2.38 27.81
C ALA A 1023 -8.69 -2.08 29.07
N ALA A 1024 -7.44 -1.63 28.89
CA ALA A 1024 -6.61 -1.31 30.04
C ALA A 1024 -7.21 -0.16 30.84
N THR A 1025 -7.73 0.86 30.16
CA THR A 1025 -8.37 1.96 30.88
C THR A 1025 -9.57 1.47 31.68
N LYS A 1026 -10.40 0.63 31.06
CA LYS A 1026 -11.56 0.08 31.77
C LYS A 1026 -11.14 -0.66 33.02
N MET A 1027 -10.14 -1.54 32.90
CA MET A 1027 -9.72 -2.33 34.04
C MET A 1027 -9.21 -1.42 35.15
N SER A 1028 -8.34 -0.47 34.80
CA SER A 1028 -7.75 0.40 35.82
C SER A 1028 -8.82 1.20 36.55
N GLU A 1029 -9.80 1.73 35.83
CA GLU A 1029 -10.80 2.56 36.49
C GLU A 1029 -11.83 1.76 37.27
N CYS A 1030 -12.26 0.60 36.77
CA CYS A 1030 -13.40 -0.09 37.36
C CYS A 1030 -13.02 -1.27 38.25
N VAL A 1031 -11.75 -1.60 38.40
CA VAL A 1031 -11.31 -2.67 39.27
C VAL A 1031 -10.73 -2.14 40.58
N LEU A 1032 -9.78 -1.21 40.49
CA LEU A 1032 -9.10 -0.71 41.67
C LEU A 1032 -9.97 0.23 42.49
N GLY A 1033 -11.09 0.69 41.97
CA GLY A 1033 -11.94 1.59 42.72
C GLY A 1033 -13.36 1.56 42.20
N GLN A 1034 -14.13 2.55 42.64
CA GLN A 1034 -15.54 2.67 42.27
C GLN A 1034 -15.70 3.85 41.32
N SER A 1035 -16.43 3.63 40.23
CA SER A 1035 -16.57 4.62 39.18
C SER A 1035 -17.93 5.30 39.27
N LYS A 1036 -17.95 6.61 38.98
CA LYS A 1036 -19.17 7.39 38.99
C LYS A 1036 -19.71 7.67 37.59
N ARG A 1037 -18.95 7.34 36.55
CA ARG A 1037 -19.41 7.56 35.19
C ARG A 1037 -20.60 6.68 34.87
N VAL A 1038 -21.57 7.23 34.17
CA VAL A 1038 -22.81 6.51 33.88
C VAL A 1038 -22.58 5.54 32.73
N ASP A 1039 -22.98 4.29 32.94
CA ASP A 1039 -22.95 3.22 31.95
C ASP A 1039 -21.55 2.87 31.48
N PHE A 1040 -20.51 3.40 32.14
CA PHE A 1040 -19.15 3.03 31.76
C PHE A 1040 -18.88 1.56 32.06
N CYS A 1041 -19.42 1.05 33.17
CA CYS A 1041 -19.24 -0.33 33.58
C CYS A 1041 -20.59 -0.90 33.99
N GLY A 1042 -21.30 -1.47 33.03
CA GLY A 1042 -22.57 -2.10 33.28
C GLY A 1042 -23.72 -1.11 33.35
N LYS A 1043 -24.92 -1.67 33.49
CA LYS A 1043 -26.14 -0.87 33.58
C LYS A 1043 -26.55 -0.70 35.03
N GLY A 1044 -26.95 0.52 35.38
CA GLY A 1044 -27.29 0.83 36.75
C GLY A 1044 -26.09 1.34 37.53
N TYR A 1045 -26.25 1.36 38.84
CA TYR A 1045 -25.21 1.86 39.73
C TYR A 1045 -24.18 0.76 39.95
N HIS A 1046 -22.91 1.08 39.72
CA HIS A 1046 -21.85 0.10 39.84
C HIS A 1046 -21.39 -0.04 41.29
N LEU A 1047 -21.12 -1.26 41.71
CA LEU A 1047 -20.62 -1.52 43.06
C LEU A 1047 -19.20 -2.09 43.06
N MET A 1048 -18.97 -3.24 42.43
CA MET A 1048 -17.67 -3.89 42.43
C MET A 1048 -17.46 -4.57 41.08
N SER A 1049 -16.33 -5.23 40.94
CA SER A 1049 -16.02 -5.94 39.70
C SER A 1049 -14.97 -7.02 39.97
N PHE A 1050 -14.96 -8.03 39.09
CA PHE A 1050 -13.99 -9.12 39.17
C PHE A 1050 -13.51 -9.42 37.76
N PRO A 1051 -12.21 -9.51 37.53
CA PRO A 1051 -11.69 -9.91 36.22
C PRO A 1051 -11.43 -11.40 36.15
N GLN A 1052 -11.38 -11.90 34.91
CA GLN A 1052 -11.07 -13.30 34.65
C GLN A 1052 -10.23 -13.40 33.39
N SER A 1053 -9.42 -14.45 33.33
CA SER A 1053 -8.52 -14.66 32.21
C SER A 1053 -9.21 -15.41 31.07
N ALA A 1054 -8.68 -15.25 29.88
CA ALA A 1054 -9.21 -15.91 28.69
C ALA A 1054 -8.12 -15.96 27.63
N PRO A 1055 -8.20 -16.88 26.68
CA PRO A 1055 -7.20 -16.92 25.61
C PRO A 1055 -7.23 -15.67 24.74
N HIS A 1056 -6.14 -14.91 24.77
CA HIS A 1056 -6.02 -13.66 24.01
C HIS A 1056 -7.09 -12.64 24.37
N GLY A 1057 -7.62 -12.69 25.59
CA GLY A 1057 -8.66 -11.76 25.96
C GLY A 1057 -8.91 -11.78 27.46
N VAL A 1058 -9.82 -10.90 27.88
CA VAL A 1058 -10.16 -10.75 29.29
C VAL A 1058 -11.68 -10.72 29.41
N VAL A 1059 -12.16 -11.09 30.59
CA VAL A 1059 -13.59 -11.13 30.88
C VAL A 1059 -13.84 -10.37 32.17
N PHE A 1060 -14.88 -9.54 32.17
CA PHE A 1060 -15.23 -8.73 33.33
C PHE A 1060 -16.62 -9.08 33.82
N LEU A 1061 -16.81 -8.98 35.13
CA LEU A 1061 -18.11 -9.14 35.77
C LEU A 1061 -18.43 -7.89 36.57
N HIS A 1062 -19.70 -7.52 36.60
CA HIS A 1062 -20.14 -6.33 37.30
C HIS A 1062 -21.27 -6.65 38.27
N VAL A 1063 -21.32 -5.90 39.35
CA VAL A 1063 -22.39 -6.01 40.34
C VAL A 1063 -23.12 -4.68 40.38
N THR A 1064 -24.43 -4.71 40.18
CA THR A 1064 -25.22 -3.49 40.05
C THR A 1064 -26.41 -3.52 41.00
N TYR A 1065 -26.93 -2.33 41.29
CA TYR A 1065 -28.04 -2.14 42.21
C TYR A 1065 -29.19 -1.51 41.44
N VAL A 1066 -30.38 -2.10 41.55
CA VAL A 1066 -31.52 -1.66 40.75
C VAL A 1066 -32.78 -1.60 41.61
N PRO A 1067 -33.52 -0.50 41.59
CA PRO A 1067 -34.78 -0.43 42.35
C PRO A 1067 -35.84 -1.32 41.72
N ALA A 1068 -36.77 -1.78 42.56
CA ALA A 1068 -37.75 -2.78 42.12
C ALA A 1068 -39.18 -2.27 42.14
N GLN A 1069 -39.70 -1.82 43.28
CA GLN A 1069 -41.12 -1.57 43.47
C GLN A 1069 -41.34 -0.10 43.84
N GLU A 1070 -42.33 0.51 43.21
CA GLU A 1070 -42.59 1.93 43.34
C GLU A 1070 -43.97 2.18 43.95
N LYS A 1071 -44.28 3.47 44.14
CA LYS A 1071 -45.54 3.88 44.73
C LYS A 1071 -45.73 5.37 44.48
N ASN A 1072 -47.00 5.78 44.39
CA ASN A 1072 -47.35 7.17 44.14
C ASN A 1072 -47.53 7.92 45.45
N PHE A 1073 -47.12 9.18 45.45
CA PHE A 1073 -47.26 10.05 46.62
C PHE A 1073 -47.46 11.47 46.16
N THR A 1074 -47.92 12.31 47.09
CA THR A 1074 -48.11 13.73 46.84
C THR A 1074 -47.00 14.52 47.53
N THR A 1075 -46.48 15.52 46.84
CA THR A 1075 -45.32 16.27 47.29
C THR A 1075 -45.61 17.77 47.27
N ALA A 1076 -44.80 18.51 48.02
CA ALA A 1076 -44.87 19.96 48.10
C ALA A 1076 -43.45 20.50 48.18
N PRO A 1077 -43.21 21.71 47.70
CA PRO A 1077 -41.84 22.24 47.70
C PRO A 1077 -41.36 22.74 49.06
N ALA A 1078 -42.23 23.38 49.84
CA ALA A 1078 -41.80 24.02 51.07
C ALA A 1078 -42.95 24.07 52.07
N ILE A 1079 -42.60 24.37 53.32
CA ILE A 1079 -43.55 24.40 54.42
C ILE A 1079 -43.36 25.70 55.19
N CYS A 1080 -44.46 26.39 55.48
CA CYS A 1080 -44.46 27.66 56.19
C CYS A 1080 -45.20 27.49 57.51
N HIS A 1081 -44.46 27.15 58.57
CA HIS A 1081 -45.11 26.93 59.87
C HIS A 1081 -45.31 28.24 60.63
N ASP A 1082 -44.23 28.89 61.03
CA ASP A 1082 -44.31 30.14 61.78
C ASP A 1082 -43.99 31.34 60.88
N GLY A 1083 -44.73 31.45 59.78
CA GLY A 1083 -44.51 32.55 58.87
C GLY A 1083 -43.11 32.56 58.26
N LYS A 1084 -42.41 31.43 58.36
CA LYS A 1084 -41.06 31.31 57.85
C LYS A 1084 -40.95 30.05 57.00
N ALA A 1085 -40.22 30.16 55.89
CA ALA A 1085 -40.03 29.01 55.01
C ALA A 1085 -39.13 27.99 55.67
N HIS A 1086 -39.29 26.73 55.26
CA HIS A 1086 -38.47 25.64 55.75
C HIS A 1086 -38.11 24.73 54.58
N PHE A 1087 -36.86 24.28 54.56
CA PHE A 1087 -36.38 23.43 53.48
C PHE A 1087 -35.72 22.20 54.05
N PRO A 1088 -35.79 21.07 53.35
CA PRO A 1088 -35.17 19.85 53.86
C PRO A 1088 -33.66 19.88 53.68
N ARG A 1089 -32.95 19.41 54.71
CA ARG A 1089 -31.51 19.26 54.57
C ARG A 1089 -31.17 18.24 53.48
N GLU A 1090 -31.89 17.12 53.45
CA GLU A 1090 -31.71 16.12 52.42
C GLU A 1090 -32.97 15.26 52.37
N GLY A 1091 -33.63 15.25 51.23
CA GLY A 1091 -34.83 14.48 51.04
C GLY A 1091 -35.93 15.31 50.42
N VAL A 1092 -37.14 14.76 50.44
CA VAL A 1092 -38.30 15.41 49.84
C VAL A 1092 -39.48 15.26 50.79
N PHE A 1093 -40.21 16.35 50.99
CA PHE A 1093 -41.43 16.30 51.79
C PHE A 1093 -42.51 15.50 51.05
N VAL A 1094 -43.13 14.56 51.75
CA VAL A 1094 -44.19 13.75 51.19
C VAL A 1094 -45.36 13.72 52.18
N SER A 1095 -46.53 13.34 51.67
CA SER A 1095 -47.74 13.26 52.47
C SER A 1095 -48.55 12.07 52.04
N ASN A 1096 -48.83 11.15 52.97
CA ASN A 1096 -49.68 10.00 52.66
C ASN A 1096 -51.15 10.38 52.56
N GLY A 1097 -51.52 11.60 52.95
CA GLY A 1097 -52.90 12.03 52.89
C GLY A 1097 -53.35 12.67 54.19
N THR A 1098 -52.68 12.32 55.29
CA THR A 1098 -53.04 12.84 56.61
C THR A 1098 -51.88 13.46 57.36
N HIS A 1099 -50.64 13.09 57.07
CA HIS A 1099 -49.48 13.63 57.75
C HIS A 1099 -48.40 13.98 56.73
N TRP A 1100 -47.27 14.44 57.23
CA TRP A 1100 -46.15 14.82 56.37
C TRP A 1100 -44.86 14.24 56.94
N PHE A 1101 -44.00 13.75 56.07
CA PHE A 1101 -42.73 13.16 56.47
C PHE A 1101 -41.67 13.54 55.46
N VAL A 1102 -40.43 13.15 55.75
CA VAL A 1102 -39.29 13.39 54.87
C VAL A 1102 -38.47 12.11 54.78
N THR A 1103 -38.05 11.76 53.57
CA THR A 1103 -37.27 10.55 53.33
C THR A 1103 -36.27 10.80 52.22
N GLN A 1104 -35.26 9.93 52.14
CA GLN A 1104 -34.23 10.08 51.14
C GLN A 1104 -34.76 9.72 49.76
N ARG A 1105 -33.97 10.04 48.74
CA ARG A 1105 -34.45 10.01 47.36
C ARG A 1105 -34.54 8.60 46.80
N ASN A 1106 -33.65 7.69 47.19
CA ASN A 1106 -33.58 6.37 46.57
C ASN A 1106 -34.21 5.28 47.42
N PHE A 1107 -34.91 5.63 48.50
CA PHE A 1107 -35.54 4.62 49.34
C PHE A 1107 -36.65 5.29 50.13
N TYR A 1108 -37.59 4.47 50.59
CA TYR A 1108 -38.74 4.97 51.34
C TYR A 1108 -38.56 4.67 52.82
N GLU A 1109 -38.50 5.73 53.63
CA GLU A 1109 -38.43 5.60 55.08
C GLU A 1109 -38.89 6.90 55.74
N PRO A 1110 -40.16 7.01 56.09
CA PRO A 1110 -40.67 8.28 56.64
C PRO A 1110 -40.09 8.59 58.01
N GLN A 1111 -39.99 9.88 58.31
CA GLN A 1111 -39.55 10.36 59.60
C GLN A 1111 -40.33 11.61 59.97
N ILE A 1112 -40.33 11.93 61.27
CA ILE A 1112 -41.02 13.10 61.77
C ILE A 1112 -40.25 14.36 61.41
N ILE A 1113 -40.96 15.40 61.00
CA ILE A 1113 -40.34 16.65 60.60
C ILE A 1113 -39.99 17.46 61.84
N THR A 1114 -38.71 17.78 62.00
CA THR A 1114 -38.23 18.61 63.10
C THR A 1114 -37.24 19.62 62.56
N THR A 1115 -36.71 20.46 63.45
CA THR A 1115 -35.80 21.52 63.06
C THR A 1115 -34.37 21.04 62.86
N ASP A 1116 -34.03 19.84 63.35
CA ASP A 1116 -32.65 19.38 63.23
C ASP A 1116 -32.29 19.03 61.79
N ASN A 1117 -33.23 18.49 61.02
CA ASN A 1117 -33.00 18.12 59.64
C ASN A 1117 -33.52 19.14 58.64
N THR A 1118 -33.83 20.34 59.10
CA THR A 1118 -34.34 21.40 58.24
C THR A 1118 -33.69 22.71 58.62
N PHE A 1119 -33.80 23.70 57.73
CA PHE A 1119 -33.28 25.02 57.98
C PHE A 1119 -34.25 26.06 57.44
N VAL A 1120 -34.07 27.30 57.89
CA VAL A 1120 -34.98 28.39 57.58
C VAL A 1120 -34.28 29.37 56.64
N SER A 1121 -35.00 29.83 55.63
CA SER A 1121 -34.45 30.77 54.66
C SER A 1121 -35.57 31.67 54.16
N GLY A 1122 -35.67 32.87 54.72
CA GLY A 1122 -36.60 33.86 54.23
C GLY A 1122 -38.04 33.63 54.69
N ASN A 1123 -38.91 34.50 54.19
CA ASN A 1123 -40.33 34.45 54.51
C ASN A 1123 -41.07 33.58 53.48
N CYS A 1124 -42.40 33.67 53.51
CA CYS A 1124 -43.24 32.75 52.75
C CYS A 1124 -44.02 33.41 51.62
N ASP A 1125 -43.71 34.67 51.28
CA ASP A 1125 -44.49 35.38 50.27
C ASP A 1125 -43.89 35.30 48.88
N VAL A 1126 -42.80 34.56 48.69
CA VAL A 1126 -42.13 34.48 47.39
C VAL A 1126 -42.30 33.10 46.76
N VAL A 1127 -42.04 32.04 47.53
CA VAL A 1127 -42.10 30.69 46.99
C VAL A 1127 -43.55 30.34 46.63
N ILE A 1128 -43.71 29.60 45.55
CA ILE A 1128 -45.03 29.20 45.06
C ILE A 1128 -45.26 27.75 45.43
N GLY A 1129 -46.42 27.47 46.01
CA GLY A 1129 -46.78 26.12 46.38
C GLY A 1129 -46.54 25.74 47.83
N ILE A 1130 -46.20 26.71 48.68
CA ILE A 1130 -45.97 26.40 50.09
C ILE A 1130 -47.29 25.96 50.73
N VAL A 1131 -47.16 25.29 51.87
CA VAL A 1131 -48.32 24.76 52.60
C VAL A 1131 -48.23 25.20 54.06
N ASN A 1132 -49.36 25.13 54.74
CA ASN A 1132 -49.47 25.49 56.14
C ASN A 1132 -49.50 24.19 56.95
N ASN A 1133 -48.42 23.94 57.66
CA ASN A 1133 -48.31 22.78 58.55
C ASN A 1133 -47.45 23.12 59.74
N THR A 1134 -47.54 22.29 60.77
CA THR A 1134 -46.78 22.51 61.99
C THR A 1134 -45.39 21.87 61.89
N VAL A 1135 -44.46 22.42 62.67
CA VAL A 1135 -43.10 21.90 62.75
C VAL A 1135 -42.85 21.47 64.18
N TYR A 1136 -42.45 20.23 64.36
CA TYR A 1136 -42.16 19.70 65.69
C TYR A 1136 -40.84 20.27 66.19
N ASP A 1137 -40.82 20.71 67.44
CA ASP A 1137 -39.60 21.18 68.08
C ASP A 1137 -39.18 20.16 69.13
N PRO A 1138 -38.08 19.42 68.93
CA PRO A 1138 -37.65 18.46 69.95
C PRO A 1138 -37.19 19.11 71.24
N LEU A 1139 -36.77 20.37 71.20
CA LEU A 1139 -36.28 21.02 72.42
C LEU A 1139 -37.41 21.39 73.36
N GLN A 1140 -38.59 21.70 72.82
CA GLN A 1140 -39.70 22.18 73.65
C GLN A 1140 -40.09 21.20 74.75
N PRO A 1141 -40.30 19.90 74.49
CA PRO A 1141 -40.66 19.00 75.60
C PRO A 1141 -39.57 18.85 76.64
N GLU A 1142 -38.32 19.19 76.32
CA GLU A 1142 -37.25 19.08 77.30
C GLU A 1142 -37.17 20.27 78.24
N LEU A 1143 -37.79 21.40 77.89
CA LEU A 1143 -37.74 22.59 78.72
C LEU A 1143 -38.66 22.50 79.94
N ASP A 1144 -39.80 21.82 79.81
CA ASP A 1144 -40.78 21.79 80.90
C ASP A 1144 -40.20 21.20 82.18
N SER A 1145 -39.35 20.18 82.08
CA SER A 1145 -38.76 19.57 83.27
C SER A 1145 -37.60 20.42 83.81
N ALA B 27 -0.26 51.99 -23.81
CA ALA B 27 -0.90 50.68 -23.83
C ALA B 27 -1.61 50.44 -25.17
N TYR B 28 -2.48 49.43 -25.16
CA TYR B 28 -3.20 49.00 -26.36
C TYR B 28 -4.53 48.45 -25.87
N THR B 29 -5.19 47.63 -26.68
CA THR B 29 -6.24 46.77 -26.15
C THR B 29 -5.76 45.33 -26.24
N ASN B 30 -6.21 44.54 -25.28
CA ASN B 30 -6.11 43.10 -25.38
C ASN B 30 -6.79 42.66 -26.67
N SER B 31 -6.39 41.50 -27.18
CA SER B 31 -7.13 40.88 -28.27
C SER B 31 -8.53 40.48 -27.86
N PHE B 32 -8.96 40.90 -26.67
CA PHE B 32 -10.19 40.49 -26.00
C PHE B 32 -10.13 38.97 -25.87
N THR B 33 -11.25 38.29 -25.97
CA THR B 33 -11.20 36.84 -26.13
C THR B 33 -11.67 36.51 -27.53
N ARG B 34 -11.33 37.37 -28.49
CA ARG B 34 -11.60 37.15 -29.90
C ARG B 34 -10.58 36.17 -30.43
N GLY B 35 -10.89 35.54 -31.56
CA GLY B 35 -9.93 34.65 -32.20
C GLY B 35 -9.95 33.23 -31.70
N VAL B 36 -10.22 33.03 -30.41
CA VAL B 36 -10.27 31.69 -29.85
C VAL B 36 -11.52 30.98 -30.40
N TYR B 37 -11.36 29.74 -30.83
CA TYR B 37 -12.44 29.02 -31.49
C TYR B 37 -12.79 27.74 -30.75
N TYR B 38 -13.90 27.14 -31.19
CA TYR B 38 -14.33 25.83 -30.70
C TYR B 38 -13.41 24.75 -31.26
N PRO B 39 -12.78 23.94 -30.41
CA PRO B 39 -11.78 22.98 -30.90
C PRO B 39 -12.32 21.66 -31.41
N ASP B 40 -13.61 21.39 -31.24
CA ASP B 40 -14.17 20.11 -31.64
C ASP B 40 -15.68 20.25 -31.81
N LYS B 41 -16.30 19.19 -32.34
CA LYS B 41 -17.73 19.17 -32.63
C LYS B 41 -18.51 18.35 -31.62
N VAL B 42 -18.09 18.37 -30.36
CA VAL B 42 -18.72 17.58 -29.30
C VAL B 42 -19.55 18.52 -28.44
N PHE B 43 -20.83 18.19 -28.28
CA PHE B 43 -21.73 19.03 -27.51
C PHE B 43 -21.54 18.79 -26.02
N ARG B 44 -21.55 19.89 -25.26
CA ARG B 44 -21.41 19.85 -23.81
C ARG B 44 -22.36 20.86 -23.20
N SER B 45 -22.39 20.91 -21.88
CA SER B 45 -23.22 21.88 -21.16
C SER B 45 -22.70 22.03 -19.75
N SER B 46 -22.26 23.24 -19.40
CA SER B 46 -21.82 23.58 -18.05
C SER B 46 -20.63 22.70 -17.62
N VAL B 47 -19.55 22.78 -18.39
CA VAL B 47 -18.34 22.02 -18.15
C VAL B 47 -17.16 22.79 -18.72
N LEU B 48 -15.95 22.34 -18.39
CA LEU B 48 -14.71 22.98 -18.81
C LEU B 48 -13.85 21.99 -19.59
N HIS B 49 -12.76 22.49 -20.17
CA HIS B 49 -11.93 21.66 -21.03
C HIS B 49 -10.54 22.30 -21.18
N SER B 50 -9.75 21.78 -22.11
CA SER B 50 -8.39 22.26 -22.37
C SER B 50 -7.97 21.86 -23.79
N THR B 51 -7.23 22.77 -24.45
CA THR B 51 -6.91 22.64 -25.87
C THR B 51 -5.43 22.96 -26.12
N GLN B 52 -4.96 22.70 -27.35
CA GLN B 52 -3.58 22.96 -27.78
C GLN B 52 -3.58 23.33 -29.27
N ASP B 53 -3.23 24.58 -29.57
CA ASP B 53 -3.17 25.06 -30.97
C ASP B 53 -2.30 26.33 -30.95
N LEU B 54 -2.44 27.19 -31.96
CA LEU B 54 -1.56 28.34 -32.18
C LEU B 54 -1.92 29.52 -31.25
N PHE B 55 -0.98 29.90 -30.37
CA PHE B 55 -1.20 30.97 -29.39
C PHE B 55 -1.53 32.32 -30.00
N LEU B 56 -2.36 33.08 -29.27
CA LEU B 56 -2.01 34.42 -28.81
C LEU B 56 -2.70 34.61 -27.45
N PRO B 57 -1.95 34.81 -26.38
CA PRO B 57 -2.60 35.10 -25.10
C PRO B 57 -3.26 36.47 -25.14
N PHE B 58 -4.22 36.66 -24.25
CA PHE B 58 -4.88 37.95 -24.17
C PHE B 58 -3.95 39.00 -23.60
N PHE B 59 -4.30 40.27 -23.84
CA PHE B 59 -3.49 41.40 -23.40
C PHE B 59 -2.07 41.29 -23.94
N SER B 60 -1.95 41.34 -25.26
CA SER B 60 -0.72 41.07 -25.96
C SER B 60 -0.01 42.37 -26.33
N ASN B 61 1.30 42.27 -26.59
CA ASN B 61 2.12 43.45 -26.89
C ASN B 61 1.87 43.89 -28.33
N VAL B 62 0.88 44.76 -28.48
CA VAL B 62 0.47 45.28 -29.78
C VAL B 62 1.48 46.34 -30.23
N THR B 63 1.47 46.66 -31.53
CA THR B 63 2.20 47.80 -32.07
C THR B 63 1.51 48.28 -33.34
N TRP B 64 1.49 49.60 -33.55
CA TRP B 64 0.86 50.22 -34.71
C TRP B 64 1.66 49.97 -35.99
N PHE B 65 1.51 48.75 -36.51
CA PHE B 65 1.91 48.39 -37.87
C PHE B 65 0.75 47.65 -38.52
N HIS B 66 0.06 48.33 -39.43
CA HIS B 66 -1.07 47.74 -40.13
C HIS B 66 -0.59 47.12 -41.44
N ALA B 67 -1.29 46.07 -41.89
CA ALA B 67 -0.82 45.25 -42.99
C ALA B 67 -0.62 46.03 -44.29
N ILE B 68 -1.26 47.19 -44.45
CA ILE B 68 -1.04 48.01 -45.64
C ILE B 68 0.40 48.46 -45.74
N ASP B 78 7.80 44.20 -32.31
CA ASP B 78 7.49 45.43 -33.01
C ASP B 78 6.48 45.13 -34.13
N ASN B 79 6.62 43.94 -34.72
CA ASN B 79 5.67 43.43 -35.71
C ASN B 79 5.17 42.08 -35.21
N PRO B 80 4.13 42.07 -34.39
CA PRO B 80 3.68 40.81 -33.77
C PRO B 80 3.26 39.79 -34.83
N VAL B 81 3.62 38.54 -34.55
CA VAL B 81 3.38 37.42 -35.46
C VAL B 81 2.41 36.48 -34.74
N LEU B 82 2.06 35.36 -35.36
CA LEU B 82 1.03 34.46 -34.86
C LEU B 82 1.58 33.04 -34.77
N PRO B 83 2.57 32.81 -33.91
CA PRO B 83 3.18 31.48 -33.82
C PRO B 83 2.35 30.53 -32.94
N PHE B 84 2.76 29.26 -32.99
CA PHE B 84 1.86 28.17 -32.62
C PHE B 84 1.84 27.92 -31.12
N ASN B 85 2.93 27.36 -30.60
CA ASN B 85 3.07 26.81 -29.25
C ASN B 85 1.69 26.21 -28.91
N ASP B 86 0.98 26.70 -27.86
CA ASP B 86 -0.29 26.10 -27.37
C ASP B 86 -1.37 27.18 -27.17
N GLY B 87 -2.09 27.53 -28.25
CA GLY B 87 -3.15 28.51 -28.14
C GLY B 87 -4.22 28.44 -29.22
N VAL B 88 -4.75 29.59 -29.69
CA VAL B 88 -5.72 29.68 -30.79
C VAL B 88 -5.62 31.04 -31.49
N TYR B 89 -5.32 31.06 -32.80
CA TYR B 89 -5.51 32.26 -33.62
C TYR B 89 -5.18 32.18 -35.12
N PHE B 90 -5.75 33.14 -35.87
CA PHE B 90 -5.33 33.74 -37.14
C PHE B 90 -6.39 34.78 -37.45
N ALA B 91 -6.08 35.73 -38.34
CA ALA B 91 -7.07 36.76 -38.60
C ALA B 91 -6.80 37.47 -39.92
N SER B 92 -7.82 38.22 -40.36
CA SER B 92 -7.73 39.20 -41.44
C SER B 92 -9.02 40.03 -41.47
N THR B 93 -8.89 41.33 -41.71
CA THR B 93 -10.05 42.22 -41.83
C THR B 93 -9.58 43.52 -42.45
N GLU B 94 -10.56 44.36 -42.80
CA GLU B 94 -10.28 45.61 -43.50
C GLU B 94 -11.37 46.62 -43.15
N LYS B 95 -11.09 47.88 -43.47
CA LYS B 95 -12.07 48.95 -43.23
C LYS B 95 -13.41 48.64 -43.91
N SER B 96 -13.40 48.53 -45.24
CA SER B 96 -14.60 48.18 -45.98
C SER B 96 -14.41 46.97 -46.89
N ASN B 97 -13.49 46.06 -46.55
CA ASN B 97 -13.31 44.81 -47.29
C ASN B 97 -12.94 45.06 -48.75
N ILE B 98 -11.74 45.60 -48.96
CA ILE B 98 -11.21 45.85 -50.29
C ILE B 98 -9.81 45.27 -50.36
N ILE B 99 -9.63 44.18 -51.11
CA ILE B 99 -8.31 43.69 -51.51
C ILE B 99 -8.49 42.82 -52.75
N ARG B 100 -7.70 43.06 -53.78
CA ARG B 100 -7.82 42.31 -55.02
C ARG B 100 -6.67 41.33 -55.13
N GLY B 101 -6.92 40.08 -54.79
CA GLY B 101 -5.92 39.04 -54.89
C GLY B 101 -5.89 38.14 -53.66
N TRP B 102 -5.71 36.85 -53.90
CA TRP B 102 -5.55 35.86 -52.85
C TRP B 102 -4.09 35.41 -52.79
N ILE B 103 -3.50 35.50 -51.60
CA ILE B 103 -2.08 35.20 -51.40
C ILE B 103 -1.97 34.21 -50.24
N PHE B 104 -1.34 33.06 -50.50
CA PHE B 104 -0.97 32.13 -49.45
C PHE B 104 0.16 31.25 -49.94
N GLY B 105 0.89 30.69 -48.99
CA GLY B 105 2.10 29.94 -49.27
C GLY B 105 3.19 30.24 -48.25
N THR B 106 4.36 29.66 -48.50
CA THR B 106 5.48 29.85 -47.59
C THR B 106 6.32 31.06 -47.99
N THR B 107 6.43 31.33 -49.29
CA THR B 107 7.19 32.49 -49.74
C THR B 107 6.28 33.59 -50.25
N LEU B 108 5.12 33.21 -50.81
CA LEU B 108 4.08 34.16 -51.21
C LEU B 108 4.58 35.13 -52.28
N ASP B 109 5.06 34.60 -53.40
CA ASP B 109 5.56 35.43 -54.50
C ASP B 109 4.84 35.22 -55.82
N SER B 110 4.54 33.97 -56.20
CA SER B 110 3.70 33.65 -57.35
C SER B 110 4.32 34.13 -58.68
N LYS B 111 5.59 33.78 -58.86
CA LYS B 111 6.19 33.83 -60.20
C LYS B 111 6.15 32.41 -60.81
N THR B 112 4.93 31.91 -60.90
CA THR B 112 4.69 30.49 -61.12
C THR B 112 3.20 30.28 -61.36
N GLN B 113 2.81 29.01 -61.43
CA GLN B 113 1.42 28.63 -61.20
C GLN B 113 1.02 29.04 -59.79
N SER B 114 -0.15 29.66 -59.65
CA SER B 114 -0.63 30.12 -58.35
C SER B 114 -2.03 29.59 -58.07
N LEU B 115 -2.32 29.41 -56.79
CA LEU B 115 -3.58 28.81 -56.35
C LEU B 115 -4.75 29.73 -56.68
N LEU B 116 -5.53 29.34 -57.68
CA LEU B 116 -6.73 30.08 -58.09
C LEU B 116 -7.92 29.46 -57.35
N ILE B 117 -8.23 30.01 -56.18
CA ILE B 117 -9.31 29.52 -55.34
C ILE B 117 -10.47 30.50 -55.46
N VAL B 118 -11.56 30.04 -56.06
CA VAL B 118 -12.79 30.82 -56.17
C VAL B 118 -13.88 30.07 -55.43
N ASN B 119 -14.47 30.72 -54.43
CA ASN B 119 -15.55 30.16 -53.65
C ASN B 119 -16.72 31.13 -53.63
N ASN B 120 -17.91 30.60 -53.91
CA ASN B 120 -19.15 31.38 -53.90
C ASN B 120 -20.20 30.65 -53.07
N ALA B 121 -19.75 30.05 -51.97
CA ALA B 121 -20.59 29.32 -51.02
C ALA B 121 -21.26 28.11 -51.67
N THR B 122 -20.84 27.77 -52.90
CA THR B 122 -21.39 26.62 -53.60
C THR B 122 -20.31 25.63 -54.03
N ASN B 123 -19.18 26.12 -54.53
CA ASN B 123 -18.09 25.23 -54.95
C ASN B 123 -16.77 26.00 -54.81
N VAL B 124 -15.80 25.38 -54.16
CA VAL B 124 -14.48 25.96 -54.00
C VAL B 124 -13.55 25.35 -55.04
N VAL B 125 -12.95 26.21 -55.87
CA VAL B 125 -12.08 25.76 -56.94
C VAL B 125 -10.64 25.70 -56.45
N ILE B 126 -9.90 24.69 -56.86
CA ILE B 126 -8.47 24.59 -56.60
C ILE B 126 -7.79 24.52 -57.95
N LYS B 127 -7.37 25.67 -58.47
CA LYS B 127 -6.60 25.75 -59.70
C LYS B 127 -5.20 26.22 -59.35
N VAL B 128 -4.24 25.31 -59.44
CA VAL B 128 -2.86 25.63 -59.08
C VAL B 128 -2.22 26.59 -60.06
N CYS B 129 -2.77 26.76 -61.26
CA CYS B 129 -2.18 27.60 -62.29
C CYS B 129 -2.84 28.97 -62.27
N GLU B 130 -2.08 29.96 -62.75
CA GLU B 130 -2.47 31.36 -62.69
C GLU B 130 -3.52 31.72 -63.74
N PHE B 131 -4.16 32.86 -63.53
CA PHE B 131 -4.98 33.53 -64.53
C PHE B 131 -4.32 34.85 -64.90
N GLN B 132 -4.86 35.50 -65.93
CA GLN B 132 -4.23 36.70 -66.45
C GLN B 132 -4.66 37.94 -65.66
N PHE B 133 -4.39 37.92 -64.36
CA PHE B 133 -4.66 39.06 -63.48
C PHE B 133 -3.68 38.95 -62.31
N CYS B 134 -2.56 39.67 -62.40
CA CYS B 134 -1.44 39.42 -61.50
C CYS B 134 -1.47 40.28 -60.25
N ASN B 135 -1.45 41.61 -60.40
CA ASN B 135 -1.32 42.51 -59.27
C ASN B 135 -2.67 42.90 -58.65
N ASP B 136 -3.53 43.56 -59.41
CA ASP B 136 -4.86 43.90 -58.90
C ASP B 136 -5.90 43.59 -59.97
N PRO B 137 -6.53 42.42 -59.90
CA PRO B 137 -7.55 42.07 -60.90
C PRO B 137 -8.70 43.05 -60.92
N PHE B 138 -9.17 43.33 -62.13
CA PHE B 138 -10.31 44.23 -62.31
C PHE B 138 -10.95 43.91 -63.65
N LEU B 139 -12.28 43.78 -63.64
CA LEU B 139 -13.02 43.40 -64.84
C LEU B 139 -14.42 43.97 -64.74
N GLY B 140 -14.85 44.70 -65.76
CA GLY B 140 -16.18 45.26 -65.78
C GLY B 140 -17.26 44.20 -65.80
N VAL B 141 -17.99 44.07 -64.69
CA VAL B 141 -19.03 43.06 -64.58
C VAL B 141 -20.25 43.61 -63.85
N ASN B 163 -0.05 23.86 -68.31
CA ASN B 163 1.12 23.95 -67.45
C ASN B 163 0.76 23.44 -66.05
N CYS B 164 -0.54 23.43 -65.75
CA CYS B 164 -1.04 22.92 -64.48
C CYS B 164 -1.77 21.62 -64.75
N THR B 165 -1.55 20.64 -63.88
CA THR B 165 -1.99 19.27 -64.12
C THR B 165 -2.67 18.61 -62.93
N PHE B 166 -3.28 19.38 -62.03
CA PHE B 166 -4.05 18.80 -60.94
C PHE B 166 -5.06 19.82 -60.46
N GLU B 167 -6.32 19.41 -60.37
CA GLU B 167 -7.42 20.32 -60.08
C GLU B 167 -8.34 19.70 -59.04
N TYR B 168 -9.15 20.55 -58.41
CA TYR B 168 -10.14 20.08 -57.43
C TYR B 168 -11.15 21.19 -57.21
N VAL B 169 -12.43 20.88 -57.40
CA VAL B 169 -13.51 21.84 -57.20
C VAL B 169 -14.58 21.18 -56.34
N SER B 170 -14.98 21.86 -55.28
CA SER B 170 -16.03 21.36 -54.40
C SER B 170 -16.67 22.49 -53.61
N PHE B 184 -16.40 44.92 -40.00
CA PHE B 184 -15.99 43.57 -39.62
C PHE B 184 -17.02 42.56 -40.06
N LYS B 185 -17.71 42.83 -41.18
CA LYS B 185 -18.81 41.99 -41.61
C LYS B 185 -18.36 40.54 -41.80
N ASN B 186 -17.46 40.31 -42.73
CA ASN B 186 -16.88 38.99 -42.93
C ASN B 186 -15.66 38.84 -42.03
N LEU B 187 -15.92 38.86 -40.72
CA LEU B 187 -14.86 38.66 -39.73
C LEU B 187 -14.50 37.18 -39.81
N ARG B 188 -13.76 36.85 -40.86
CA ARG B 188 -13.47 35.47 -41.23
C ARG B 188 -12.40 34.95 -40.28
N GLU B 189 -12.21 33.64 -40.27
CA GLU B 189 -10.96 33.08 -39.79
C GLU B 189 -10.73 31.69 -40.39
N PHE B 190 -9.92 31.65 -41.44
CA PHE B 190 -9.37 30.40 -41.95
C PHE B 190 -8.23 30.01 -41.01
N VAL B 191 -8.37 28.87 -40.36
CA VAL B 191 -7.37 28.42 -39.39
C VAL B 191 -6.17 27.91 -40.18
N PHE B 192 -5.15 28.75 -40.31
CA PHE B 192 -4.01 28.46 -41.17
C PHE B 192 -3.09 27.48 -40.46
N LYS B 193 -3.63 26.30 -40.16
CA LYS B 193 -2.86 25.21 -39.60
C LYS B 193 -2.79 24.09 -40.63
N ASN B 194 -1.59 23.57 -40.84
CA ASN B 194 -1.33 22.50 -41.80
C ASN B 194 -1.30 21.18 -41.03
N ILE B 195 -2.38 20.88 -40.34
CA ILE B 195 -2.66 19.55 -39.84
C ILE B 195 -3.48 18.89 -40.93
N ASP B 196 -2.79 18.45 -41.97
CA ASP B 196 -3.35 17.93 -43.21
C ASP B 196 -4.18 19.01 -43.91
N GLY B 197 -3.89 20.27 -43.56
CA GLY B 197 -4.44 21.42 -44.24
C GLY B 197 -5.93 21.57 -44.20
N TYR B 198 -6.56 21.27 -43.07
CA TYR B 198 -7.93 21.73 -42.86
C TYR B 198 -7.88 23.21 -42.53
N PHE B 199 -7.86 24.04 -43.58
CA PHE B 199 -8.05 25.48 -43.41
C PHE B 199 -9.53 25.69 -43.10
N LYS B 200 -9.91 25.26 -41.90
CA LYS B 200 -11.31 25.26 -41.53
C LYS B 200 -11.80 26.70 -41.41
N ILE B 201 -12.92 27.00 -42.09
CA ILE B 201 -13.40 28.38 -42.16
C ILE B 201 -14.16 28.65 -40.86
N TYR B 202 -13.46 29.15 -39.85
CA TYR B 202 -14.12 29.53 -38.59
C TYR B 202 -14.45 31.00 -38.68
N SER B 203 -15.63 31.30 -39.21
CA SER B 203 -16.03 32.69 -39.44
C SER B 203 -17.20 33.06 -38.55
N LYS B 204 -16.97 33.96 -37.60
CA LYS B 204 -18.02 34.57 -36.82
C LYS B 204 -18.36 35.92 -37.43
N HIS B 205 -19.62 36.07 -37.83
CA HIS B 205 -20.07 37.26 -38.53
C HIS B 205 -20.66 38.24 -37.52
N THR B 206 -19.81 39.15 -37.04
CA THR B 206 -20.27 40.36 -36.36
C THR B 206 -20.25 41.44 -37.42
N PRO B 207 -21.38 41.68 -38.10
CA PRO B 207 -21.35 42.52 -39.31
C PRO B 207 -20.84 43.93 -39.08
N ILE B 208 -20.61 44.67 -40.17
CA ILE B 208 -20.11 46.04 -40.09
C ILE B 208 -20.92 46.82 -39.06
N ASN B 209 -20.22 47.69 -38.33
CA ASN B 209 -20.78 48.34 -37.15
C ASN B 209 -21.95 49.25 -37.45
N LEU B 210 -22.37 49.36 -38.71
CA LEU B 210 -23.52 50.15 -39.10
C LEU B 210 -23.41 51.58 -38.58
N VAL B 211 -24.55 52.21 -38.30
CA VAL B 211 -24.56 53.62 -37.90
C VAL B 211 -24.29 53.77 -36.40
N ARG B 212 -25.13 53.16 -35.56
CA ARG B 212 -25.05 53.36 -34.12
C ARG B 212 -24.77 52.07 -33.35
N ASP B 213 -25.63 51.06 -33.47
CA ASP B 213 -25.57 49.94 -32.54
C ASP B 213 -25.88 48.65 -33.29
N LEU B 214 -24.82 47.93 -33.65
CA LEU B 214 -24.89 46.49 -33.86
C LEU B 214 -24.11 45.89 -32.70
N PRO B 215 -24.78 45.42 -31.65
CA PRO B 215 -24.12 45.28 -30.35
C PRO B 215 -22.93 44.34 -30.39
N GLN B 216 -21.84 44.76 -29.76
CA GLN B 216 -20.72 43.87 -29.49
C GLN B 216 -21.20 42.78 -28.53
N GLY B 217 -20.81 41.54 -28.78
CA GLY B 217 -21.41 40.44 -28.09
C GLY B 217 -20.48 39.26 -27.88
N PHE B 218 -20.97 38.06 -28.21
CA PHE B 218 -20.17 36.86 -28.05
C PHE B 218 -18.79 37.02 -28.65
N SER B 219 -17.79 36.96 -27.78
CA SER B 219 -16.41 36.78 -28.18
C SER B 219 -16.20 35.32 -28.55
N ALA B 220 -14.93 34.93 -28.67
CA ALA B 220 -14.59 33.57 -29.08
C ALA B 220 -15.15 33.29 -30.47
N LEU B 221 -14.87 32.12 -31.01
CA LEU B 221 -15.18 31.81 -32.39
C LEU B 221 -15.70 30.38 -32.51
N GLU B 222 -16.53 30.14 -33.55
CA GLU B 222 -17.05 28.79 -33.72
C GLU B 222 -16.95 28.35 -35.18
N PRO B 223 -16.84 27.04 -35.42
CA PRO B 223 -16.69 26.55 -36.80
C PRO B 223 -17.93 26.82 -37.65
N LEU B 224 -17.69 27.04 -38.94
CA LEU B 224 -18.77 27.09 -39.92
C LEU B 224 -18.55 26.20 -41.13
N VAL B 225 -17.31 26.10 -41.63
CA VAL B 225 -17.05 25.40 -42.88
C VAL B 225 -15.67 24.74 -42.77
N ASP B 226 -15.56 23.51 -43.28
CA ASP B 226 -14.41 22.68 -42.93
C ASP B 226 -13.94 21.95 -44.16
N LEU B 227 -12.67 22.17 -44.55
CA LEU B 227 -12.07 21.53 -45.71
C LEU B 227 -10.60 21.23 -45.47
N PRO B 228 -10.20 19.96 -45.49
CA PRO B 228 -8.77 19.63 -45.52
C PRO B 228 -8.20 19.50 -46.93
N ILE B 229 -7.07 20.18 -47.14
CA ILE B 229 -6.33 20.04 -48.39
C ILE B 229 -4.88 19.66 -48.12
N GLY B 230 -4.17 20.51 -47.37
CA GLY B 230 -2.79 20.23 -47.02
C GLY B 230 -1.73 20.93 -47.86
N ILE B 231 -1.83 22.24 -48.03
CA ILE B 231 -0.89 23.00 -48.84
C ILE B 231 0.14 23.65 -47.93
N ASN B 232 1.41 23.62 -48.36
CA ASN B 232 2.55 24.03 -47.55
C ASN B 232 2.43 25.46 -47.05
N ILE B 233 2.72 25.64 -45.77
CA ILE B 233 2.83 26.95 -45.12
C ILE B 233 3.83 26.83 -43.98
N THR B 234 4.72 27.81 -43.85
CA THR B 234 5.69 27.79 -42.76
C THR B 234 5.48 28.93 -41.76
N ARG B 235 5.48 30.18 -42.23
CA ARG B 235 5.22 31.30 -41.36
C ARG B 235 4.50 32.38 -42.17
N PHE B 236 4.01 33.40 -41.46
CA PHE B 236 2.96 34.25 -41.98
C PHE B 236 2.87 35.55 -41.18
N GLN B 237 1.80 36.29 -41.43
CA GLN B 237 1.51 37.55 -40.75
C GLN B 237 0.01 37.82 -40.85
N THR B 238 -0.42 39.01 -40.44
CA THR B 238 -1.83 39.35 -40.52
C THR B 238 -2.19 39.85 -41.92
N LEU B 239 -3.47 39.70 -42.29
CA LEU B 239 -3.93 40.03 -43.63
C LEU B 239 -5.23 40.83 -43.60
N LEU B 240 -5.90 40.96 -44.75
CA LEU B 240 -7.10 41.77 -44.87
C LEU B 240 -8.22 40.99 -45.59
N ALA B 241 -9.30 41.68 -45.97
CA ALA B 241 -10.45 41.02 -46.57
C ALA B 241 -10.97 41.87 -47.74
N LEU B 242 -11.83 41.27 -48.57
CA LEU B 242 -12.33 41.87 -49.79
C LEU B 242 -13.86 41.83 -49.82
N HIS B 243 -14.45 42.80 -50.50
CA HIS B 243 -15.89 42.83 -50.78
C HIS B 243 -16.40 41.48 -51.28
N ALA B 261 -12.59 53.01 -34.26
CA ALA B 261 -11.68 53.30 -35.36
C ALA B 261 -10.27 52.80 -35.08
N ALA B 262 -10.15 51.62 -34.47
CA ALA B 262 -8.84 51.10 -34.09
C ALA B 262 -8.87 49.58 -34.00
N TYR B 263 -7.69 48.99 -34.18
CA TYR B 263 -7.50 47.54 -34.02
C TYR B 263 -6.12 47.29 -33.40
N TYR B 264 -6.03 46.23 -32.60
CA TYR B 264 -4.79 45.92 -31.89
C TYR B 264 -4.57 44.41 -31.76
N VAL B 265 -3.43 43.96 -32.27
CA VAL B 265 -2.99 42.57 -32.21
C VAL B 265 -1.55 42.57 -31.71
N GLY B 266 -1.22 41.59 -30.86
CA GLY B 266 0.06 41.66 -30.18
C GLY B 266 0.83 40.37 -30.03
N TYR B 267 1.67 40.31 -29.00
CA TYR B 267 2.67 39.27 -28.85
C TYR B 267 2.11 38.04 -28.12
N LEU B 268 3.02 37.18 -27.65
CA LEU B 268 2.67 35.87 -27.11
C LEU B 268 3.23 35.68 -25.70
N GLN B 269 2.86 34.52 -25.11
CA GLN B 269 3.33 34.01 -23.83
C GLN B 269 2.75 32.61 -23.62
N PRO B 270 3.33 31.79 -22.74
CA PRO B 270 2.76 30.46 -22.49
C PRO B 270 1.63 30.51 -21.47
N ARG B 271 0.43 30.10 -21.92
CA ARG B 271 -0.73 29.89 -21.07
C ARG B 271 -1.39 28.56 -21.42
N THR B 272 -2.58 28.30 -20.88
CA THR B 272 -3.40 27.17 -21.26
C THR B 272 -4.85 27.61 -21.30
N PHE B 273 -5.64 26.94 -22.12
CA PHE B 273 -6.99 27.40 -22.45
C PHE B 273 -8.02 26.60 -21.69
N LEU B 274 -8.76 27.28 -20.81
CA LEU B 274 -9.91 26.71 -20.13
C LEU B 274 -11.18 27.37 -20.66
N LEU B 275 -12.09 26.55 -21.16
CA LEU B 275 -13.30 27.04 -21.82
C LEU B 275 -14.52 26.71 -20.98
N LYS B 276 -15.36 27.71 -20.71
CA LYS B 276 -16.59 27.52 -19.98
C LYS B 276 -17.77 27.51 -20.93
N TYR B 277 -18.61 26.49 -20.84
CA TYR B 277 -19.78 26.36 -21.68
C TYR B 277 -20.99 27.01 -21.02
N ASN B 278 -22.17 26.76 -21.58
CA ASN B 278 -23.39 27.44 -21.15
C ASN B 278 -24.48 26.46 -20.80
N GLU B 279 -25.70 26.95 -20.65
CA GLU B 279 -26.87 26.14 -20.29
C GLU B 279 -27.56 25.62 -21.54
N ASN B 280 -26.76 25.34 -22.59
CA ASN B 280 -27.04 24.54 -23.79
C ASN B 280 -26.57 25.26 -25.05
N GLY B 281 -25.63 24.64 -25.76
CA GLY B 281 -25.34 24.96 -27.15
C GLY B 281 -24.20 25.93 -27.38
N THR B 282 -23.79 26.73 -26.41
CA THR B 282 -22.81 27.78 -26.69
C THR B 282 -21.75 27.84 -25.60
N ILE B 283 -20.69 28.57 -25.89
CA ILE B 283 -19.67 28.94 -24.91
C ILE B 283 -19.98 30.35 -24.44
N THR B 284 -19.61 30.67 -23.19
CA THR B 284 -19.87 31.99 -22.66
C THR B 284 -18.63 32.72 -22.17
N ASP B 285 -17.64 32.01 -21.64
CA ASP B 285 -16.47 32.66 -21.07
C ASP B 285 -15.25 31.78 -21.25
N ALA B 286 -14.08 32.43 -21.21
CA ALA B 286 -12.80 31.73 -21.25
C ALA B 286 -11.84 32.49 -20.36
N VAL B 287 -10.86 31.76 -19.82
CA VAL B 287 -9.89 32.34 -18.90
C VAL B 287 -8.49 32.00 -19.37
N ASP B 288 -7.53 32.80 -18.92
CA ASP B 288 -6.12 32.62 -19.20
C ASP B 288 -5.47 31.92 -18.02
N CYS B 289 -4.38 31.21 -18.28
CA CYS B 289 -3.69 30.51 -17.20
C CYS B 289 -2.52 31.29 -16.63
N ALA B 290 -1.51 31.60 -17.44
CA ALA B 290 -0.29 32.20 -16.93
C ALA B 290 -0.17 33.68 -17.29
N LEU B 291 -1.30 34.37 -17.44
CA LEU B 291 -1.25 35.83 -17.52
C LEU B 291 -0.69 36.42 -16.23
N ASP B 292 -1.10 35.87 -15.09
CA ASP B 292 -0.58 36.26 -13.79
C ASP B 292 -0.78 35.09 -12.84
N PRO B 293 -0.09 35.10 -11.70
CA PRO B 293 -0.33 34.05 -10.72
C PRO B 293 -1.79 33.97 -10.27
N LEU B 294 -2.50 35.09 -10.30
CA LEU B 294 -3.93 35.07 -9.97
C LEU B 294 -4.69 34.14 -10.90
N SER B 295 -4.48 34.29 -12.21
CA SER B 295 -5.12 33.40 -13.16
C SER B 295 -4.57 31.99 -13.09
N GLU B 296 -3.31 31.83 -12.68
CA GLU B 296 -2.77 30.49 -12.51
C GLU B 296 -3.52 29.74 -11.42
N THR B 297 -3.89 30.41 -10.33
CA THR B 297 -4.68 29.77 -9.30
C THR B 297 -6.05 29.37 -9.83
N LYS B 298 -6.67 30.22 -10.64
CA LYS B 298 -7.96 29.87 -11.23
C LYS B 298 -7.85 28.63 -12.10
N CYS B 299 -6.79 28.54 -12.90
CA CYS B 299 -6.57 27.35 -13.71
C CYS B 299 -6.36 26.13 -12.84
N THR B 300 -5.61 26.28 -11.75
CA THR B 300 -5.28 25.13 -10.91
C THR B 300 -6.48 24.66 -10.09
N LEU B 301 -7.44 25.54 -9.83
CA LEU B 301 -8.59 25.19 -9.01
C LEU B 301 -9.79 24.72 -9.82
N LYS B 302 -9.73 24.82 -11.15
CA LYS B 302 -10.85 24.43 -12.02
C LYS B 302 -12.14 25.11 -11.59
N SER B 303 -12.04 26.40 -11.26
CA SER B 303 -13.19 27.16 -10.81
C SER B 303 -13.01 28.62 -11.19
N PHE B 304 -14.12 29.34 -11.27
CA PHE B 304 -14.11 30.76 -11.58
C PHE B 304 -14.14 31.64 -10.34
N THR B 305 -14.30 31.07 -9.15
CA THR B 305 -14.32 31.82 -7.91
C THR B 305 -13.30 31.21 -6.96
N VAL B 306 -12.38 32.03 -6.47
CA VAL B 306 -11.34 31.59 -5.54
C VAL B 306 -11.65 32.17 -4.17
N GLU B 307 -11.71 31.30 -3.17
CA GLU B 307 -12.02 31.71 -1.82
C GLU B 307 -10.76 32.20 -1.11
N LYS B 308 -10.98 32.92 -0.01
CA LYS B 308 -9.88 33.41 0.82
C LYS B 308 -9.00 32.24 1.27
N GLY B 309 -7.70 32.40 1.07
CA GLY B 309 -6.77 31.36 1.47
C GLY B 309 -5.45 31.49 0.72
N ILE B 310 -4.60 30.50 0.92
CA ILE B 310 -3.29 30.44 0.29
C ILE B 310 -3.16 29.10 -0.41
N TYR B 311 -2.68 29.11 -1.64
CA TYR B 311 -2.59 27.90 -2.46
C TYR B 311 -1.26 27.87 -3.19
N GLN B 312 -0.92 26.67 -3.64
CA GLN B 312 0.33 26.42 -4.37
C GLN B 312 0.02 26.20 -5.84
N THR B 313 0.87 26.76 -6.70
CA THR B 313 0.66 26.69 -8.15
C THR B 313 1.72 25.84 -8.85
N SER B 314 3.00 26.16 -8.69
CA SER B 314 4.05 25.45 -9.39
C SER B 314 5.35 25.60 -8.62
N ASN B 315 6.40 24.96 -9.13
CA ASN B 315 7.73 25.01 -8.53
C ASN B 315 8.64 25.85 -9.42
N PHE B 316 9.27 26.86 -8.81
CA PHE B 316 10.21 27.71 -9.52
C PHE B 316 11.60 27.13 -9.40
N ARG B 317 12.25 26.89 -10.54
CA ARG B 317 13.61 26.40 -10.59
C ARG B 317 14.50 27.46 -11.22
N VAL B 318 15.63 27.75 -10.57
CA VAL B 318 16.60 28.67 -11.13
C VAL B 318 17.11 28.10 -12.45
N GLN B 319 16.86 28.82 -13.53
CA GLN B 319 17.21 28.31 -14.85
C GLN B 319 18.71 28.22 -15.01
N PRO B 320 19.25 27.06 -15.41
CA PRO B 320 20.69 26.98 -15.70
C PRO B 320 21.04 27.90 -16.86
N THR B 321 22.05 28.76 -16.63
CA THR B 321 22.35 29.80 -17.59
C THR B 321 23.20 29.27 -18.73
N GLU B 322 24.40 28.79 -18.42
CA GLU B 322 25.35 28.38 -19.45
C GLU B 322 25.94 27.02 -19.07
N SER B 323 26.76 26.48 -19.97
CA SER B 323 27.49 25.24 -19.74
C SER B 323 28.98 25.51 -19.88
N ILE B 324 29.76 24.94 -18.97
CA ILE B 324 31.20 25.19 -18.91
C ILE B 324 31.92 23.84 -18.89
N VAL B 325 32.96 23.72 -19.70
CA VAL B 325 33.83 22.55 -19.71
C VAL B 325 35.24 23.04 -19.33
N ARG B 326 35.66 22.74 -18.12
CA ARG B 326 36.94 23.18 -17.58
C ARG B 326 37.66 21.94 -17.06
N PHE B 327 38.54 21.38 -17.88
CA PHE B 327 39.29 20.20 -17.47
C PHE B 327 40.74 20.55 -17.17
N PRO B 328 41.41 19.77 -16.33
CA PRO B 328 42.83 19.98 -16.10
C PRO B 328 43.64 19.82 -17.38
N ASN B 329 44.80 20.45 -17.40
CA ASN B 329 45.63 20.53 -18.58
C ASN B 329 46.85 19.63 -18.42
N ILE B 330 46.99 18.66 -19.31
CA ILE B 330 48.24 17.92 -19.46
C ILE B 330 49.02 18.41 -20.67
N THR B 331 48.46 19.35 -21.44
CA THR B 331 49.13 20.04 -22.54
C THR B 331 49.54 19.12 -23.68
N ASN B 332 49.07 17.87 -23.69
CA ASN B 332 49.43 16.92 -24.72
C ASN B 332 48.32 15.88 -24.89
N LEU B 333 48.01 15.54 -26.15
CA LEU B 333 47.12 14.41 -26.45
C LEU B 333 47.82 13.55 -27.50
N CYS B 334 48.75 12.71 -27.04
CA CYS B 334 49.50 11.79 -27.90
C CYS B 334 48.82 10.46 -28.21
N PRO B 335 48.42 9.67 -27.20
CA PRO B 335 48.24 8.23 -27.45
C PRO B 335 46.95 7.86 -28.16
N PHE B 336 46.73 8.43 -29.34
CA PHE B 336 45.62 8.03 -30.20
C PHE B 336 46.05 7.62 -31.60
N GLY B 337 47.20 8.11 -32.08
CA GLY B 337 47.64 7.76 -33.42
C GLY B 337 48.80 6.79 -33.47
N GLU B 338 49.79 6.96 -32.59
CA GLU B 338 50.95 6.10 -32.55
C GLU B 338 50.75 4.86 -31.68
N VAL B 339 49.82 4.93 -30.72
CA VAL B 339 49.58 3.82 -29.80
C VAL B 339 48.62 2.80 -30.39
N PHE B 340 47.50 3.25 -30.94
CA PHE B 340 46.44 2.35 -31.38
C PHE B 340 46.86 1.44 -32.52
N ASN B 341 47.74 1.90 -33.41
CA ASN B 341 48.22 1.12 -34.54
C ASN B 341 49.74 1.22 -34.65
N ALA B 342 50.43 0.29 -33.99
CA ALA B 342 51.88 0.25 -34.07
C ALA B 342 52.32 -0.30 -35.42
N THR B 343 53.55 0.01 -35.81
CA THR B 343 54.09 -0.53 -37.05
C THR B 343 54.82 -1.84 -36.80
N ARG B 344 55.86 -1.80 -35.97
CA ARG B 344 56.56 -3.01 -35.54
C ARG B 344 56.02 -3.41 -34.18
N PHE B 345 55.81 -4.71 -33.99
CA PHE B 345 55.28 -5.25 -32.74
C PHE B 345 56.38 -6.01 -32.04
N ALA B 346 56.96 -5.40 -31.01
CA ALA B 346 57.95 -6.09 -30.20
C ALA B 346 57.33 -7.36 -29.61
N SER B 347 58.16 -8.39 -29.48
CA SER B 347 57.66 -9.66 -28.95
C SER B 347 56.99 -9.43 -27.60
N VAL B 348 55.80 -10.00 -27.44
CA VAL B 348 55.15 -9.97 -26.14
C VAL B 348 56.03 -10.58 -25.07
N TYR B 349 56.84 -11.58 -25.44
CA TYR B 349 57.73 -12.27 -24.52
C TYR B 349 58.81 -11.33 -23.99
N ALA B 350 59.31 -10.42 -24.81
CA ALA B 350 60.12 -9.29 -24.35
C ALA B 350 59.43 -7.99 -24.67
N TRP B 351 58.52 -7.55 -23.81
CA TRP B 351 57.79 -6.33 -24.07
C TRP B 351 58.60 -5.14 -23.59
N ASN B 352 58.73 -4.11 -24.42
CA ASN B 352 59.48 -2.92 -24.06
C ASN B 352 58.52 -1.74 -24.04
N ARG B 353 58.07 -1.36 -22.84
CA ARG B 353 57.19 -0.21 -22.65
C ARG B 353 57.95 1.06 -23.04
N LYS B 354 57.23 2.09 -23.43
CA LYS B 354 57.79 3.43 -23.59
C LYS B 354 56.71 4.47 -23.28
N ARG B 355 57.09 5.50 -22.55
CA ARG B 355 56.18 6.56 -22.12
C ARG B 355 55.89 7.45 -23.32
N ILE B 356 55.00 7.00 -24.21
CA ILE B 356 54.67 7.69 -25.44
C ILE B 356 53.78 8.88 -25.08
N SER B 357 54.34 10.08 -25.18
CA SER B 357 53.61 11.31 -24.88
C SER B 357 54.38 12.48 -25.49
N ASN B 358 53.89 13.70 -25.23
CA ASN B 358 54.51 14.94 -25.70
C ASN B 358 54.62 14.98 -27.23
N CYS B 359 53.46 14.97 -27.87
CA CYS B 359 53.38 15.14 -29.32
C CYS B 359 52.01 15.72 -29.67
N VAL B 360 51.96 16.39 -30.82
CA VAL B 360 50.74 17.03 -31.31
C VAL B 360 50.69 16.86 -32.81
N ALA B 361 49.52 16.45 -33.32
CA ALA B 361 49.30 16.27 -34.75
C ALA B 361 47.89 16.72 -35.10
N ASP B 362 47.49 16.50 -36.34
CA ASP B 362 46.16 16.84 -36.84
C ASP B 362 45.26 15.64 -36.60
N TYR B 363 45.04 15.31 -35.33
CA TYR B 363 44.22 14.17 -34.95
C TYR B 363 42.73 14.40 -35.17
N SER B 364 42.30 15.66 -35.32
CA SER B 364 40.87 15.94 -35.45
C SER B 364 40.29 15.32 -36.72
N VAL B 365 41.13 15.07 -37.73
CA VAL B 365 40.65 14.48 -38.97
C VAL B 365 40.05 13.11 -38.73
N LEU B 366 40.71 12.30 -37.89
CA LEU B 366 40.26 10.93 -37.68
C LEU B 366 38.95 10.88 -36.89
N TYR B 367 38.86 11.62 -35.80
CA TYR B 367 37.73 11.49 -34.88
C TYR B 367 36.70 12.61 -35.02
N ASN B 368 36.80 13.44 -36.07
CA ASN B 368 35.79 14.48 -36.27
C ASN B 368 34.44 13.92 -36.71
N SER B 369 34.40 12.65 -37.14
CA SER B 369 33.13 12.04 -37.53
C SER B 369 32.28 11.74 -36.30
N ALA B 370 30.97 11.66 -36.52
CA ALA B 370 30.02 11.36 -35.45
C ALA B 370 29.18 10.12 -35.73
N SER B 371 29.80 9.03 -36.20
CA SER B 371 29.07 7.82 -36.55
C SER B 371 28.98 6.83 -35.39
N PHE B 372 29.07 7.29 -34.15
CA PHE B 372 28.99 6.40 -32.99
C PHE B 372 27.53 6.11 -32.69
N SER B 373 27.10 4.86 -32.86
CA SER B 373 25.69 4.53 -32.81
C SER B 373 25.28 3.81 -31.53
N THR B 374 25.91 2.69 -31.21
CA THR B 374 25.45 1.81 -30.14
C THR B 374 25.84 2.38 -28.79
N PHE B 375 24.91 2.31 -27.84
CA PHE B 375 25.11 2.82 -26.48
C PHE B 375 24.47 1.82 -25.52
N LYS B 376 24.20 0.61 -26.02
CA LYS B 376 23.41 -0.35 -25.27
C LYS B 376 24.24 -1.01 -24.17
N CYS B 377 24.09 -0.47 -22.96
CA CYS B 377 24.55 -1.08 -21.73
C CYS B 377 23.63 -0.60 -20.62
N TYR B 378 22.87 -1.55 -20.08
CA TYR B 378 21.54 -1.32 -19.52
C TYR B 378 21.61 -0.60 -18.18
N GLY B 379 20.45 -0.45 -17.58
CA GLY B 379 20.31 -0.01 -16.20
C GLY B 379 20.40 1.47 -15.95
N VAL B 380 21.50 2.06 -16.35
CA VAL B 380 21.73 3.48 -16.14
C VAL B 380 20.70 4.30 -16.94
N SER B 381 20.24 5.37 -16.33
CA SER B 381 19.30 6.34 -16.87
C SER B 381 20.08 7.36 -17.72
N PRO B 382 19.41 8.11 -18.65
CA PRO B 382 20.14 8.53 -19.86
C PRO B 382 21.00 9.79 -19.84
N THR B 383 20.89 10.64 -18.82
CA THR B 383 21.12 12.06 -19.01
C THR B 383 22.55 12.39 -19.47
N LYS B 384 23.56 12.16 -18.63
CA LYS B 384 24.82 12.90 -18.73
C LYS B 384 26.05 11.99 -18.83
N LEU B 385 26.09 11.09 -19.82
CA LEU B 385 27.34 10.36 -20.05
C LEU B 385 28.36 11.14 -20.88
N ASN B 386 27.91 11.83 -21.94
CA ASN B 386 28.75 12.13 -23.10
C ASN B 386 30.06 12.84 -22.79
N ASP B 387 30.29 13.30 -21.56
CA ASP B 387 31.51 14.05 -21.28
C ASP B 387 32.41 13.33 -20.28
N LEU B 388 32.44 12.01 -20.33
CA LEU B 388 33.24 11.20 -19.41
C LEU B 388 34.63 10.97 -19.99
N CYS B 389 35.65 11.16 -19.17
CA CYS B 389 37.02 10.77 -19.53
C CYS B 389 37.28 9.42 -18.88
N PHE B 390 37.27 8.36 -19.70
CA PHE B 390 37.17 6.99 -19.20
C PHE B 390 38.58 6.43 -19.00
N THR B 391 38.67 5.25 -18.37
CA THR B 391 39.92 4.73 -17.84
C THR B 391 40.45 3.52 -18.61
N ASN B 392 39.63 2.49 -18.83
CA ASN B 392 40.18 1.18 -19.18
C ASN B 392 39.64 0.72 -20.54
N VAL B 393 40.54 0.19 -21.37
CA VAL B 393 40.21 -0.37 -22.68
C VAL B 393 41.23 -1.44 -23.02
N TYR B 394 40.77 -2.60 -23.48
CA TYR B 394 41.62 -3.66 -24.01
C TYR B 394 40.83 -4.60 -24.91
N ALA B 395 41.55 -5.30 -25.79
CA ALA B 395 40.95 -6.23 -26.74
C ALA B 395 42.03 -7.21 -27.23
N ASP B 396 41.72 -7.93 -28.30
CA ASP B 396 42.66 -8.88 -28.91
C ASP B 396 42.64 -8.68 -30.42
N SER B 397 43.74 -9.07 -31.08
CA SER B 397 43.86 -9.06 -32.54
C SER B 397 44.41 -10.44 -32.94
N PHE B 398 43.77 -11.10 -33.88
CA PHE B 398 43.83 -12.55 -33.99
C PHE B 398 43.64 -13.03 -35.41
N VAL B 399 44.12 -14.25 -35.68
CA VAL B 399 43.56 -15.08 -36.74
C VAL B 399 42.70 -16.14 -36.04
N ILE B 400 41.44 -15.82 -35.81
CA ILE B 400 40.52 -16.82 -35.30
C ILE B 400 40.16 -17.74 -36.44
N ARG B 401 40.09 -19.04 -36.17
CA ARG B 401 39.69 -20.01 -37.19
C ARG B 401 38.37 -19.56 -37.80
N GLY B 402 38.41 -19.19 -39.08
CA GLY B 402 37.32 -18.50 -39.75
C GLY B 402 35.96 -19.16 -39.61
N ASP B 403 35.95 -20.43 -39.21
CA ASP B 403 34.68 -21.11 -38.94
C ASP B 403 33.99 -20.54 -37.71
N GLU B 404 34.73 -19.82 -36.87
CA GLU B 404 34.19 -19.23 -35.66
C GLU B 404 34.50 -17.73 -35.62
N VAL B 405 33.60 -16.94 -36.21
CA VAL B 405 33.81 -15.50 -36.25
C VAL B 405 33.19 -14.83 -35.03
N ARG B 406 32.07 -15.36 -34.55
CA ARG B 406 31.28 -14.73 -33.52
C ARG B 406 31.50 -15.34 -32.13
N GLN B 407 32.65 -15.96 -31.90
CA GLN B 407 32.95 -16.57 -30.60
C GLN B 407 34.22 -15.99 -29.98
N ILE B 408 34.37 -14.67 -30.03
CA ILE B 408 35.40 -13.99 -29.25
C ILE B 408 34.89 -13.83 -27.83
N ALA B 409 35.21 -14.79 -26.98
CA ALA B 409 34.64 -14.84 -25.64
C ALA B 409 35.64 -15.51 -24.72
N PRO B 410 35.55 -15.25 -23.40
CA PRO B 410 36.42 -15.94 -22.45
C PRO B 410 36.20 -17.44 -22.48
N GLY B 411 37.27 -18.17 -22.16
CA GLY B 411 37.18 -19.61 -22.02
C GLY B 411 37.91 -20.41 -23.08
N GLN B 412 39.06 -19.91 -23.55
CA GLN B 412 39.79 -20.55 -24.64
C GLN B 412 41.25 -20.75 -24.25
N THR B 413 41.97 -21.49 -25.09
CA THR B 413 43.39 -21.77 -24.91
C THR B 413 44.22 -20.99 -25.91
N GLY B 414 45.54 -21.09 -25.77
CA GLY B 414 46.46 -20.34 -26.59
C GLY B 414 47.27 -19.34 -25.79
N LYS B 415 48.44 -18.96 -26.30
CA LYS B 415 49.38 -18.14 -25.53
C LYS B 415 48.74 -16.87 -25.01
N ILE B 416 47.80 -16.29 -25.77
CA ILE B 416 47.11 -15.09 -25.34
C ILE B 416 45.76 -15.38 -24.68
N ALA B 417 45.01 -16.35 -25.18
CA ALA B 417 43.68 -16.62 -24.66
C ALA B 417 43.69 -17.28 -23.29
N ASP B 418 44.52 -18.29 -23.06
CA ASP B 418 44.44 -19.02 -21.80
C ASP B 418 45.30 -18.43 -20.70
N TYR B 419 46.52 -17.99 -21.00
CA TYR B 419 47.49 -17.65 -19.94
C TYR B 419 48.43 -16.54 -20.43
N ASN B 420 48.09 -15.30 -20.06
CA ASN B 420 49.00 -14.16 -20.18
C ASN B 420 49.09 -13.33 -18.91
N TYR B 421 47.99 -13.15 -18.19
CA TYR B 421 47.78 -11.98 -17.35
C TYR B 421 47.01 -12.34 -16.08
N LYS B 422 47.32 -11.63 -15.00
CA LYS B 422 46.48 -11.69 -13.81
C LYS B 422 45.25 -10.82 -14.02
N LEU B 423 44.12 -11.45 -14.37
CA LEU B 423 42.92 -10.75 -14.77
C LEU B 423 41.76 -11.06 -13.81
N PRO B 424 41.26 -10.06 -13.10
CA PRO B 424 40.06 -10.26 -12.28
C PRO B 424 38.80 -10.10 -13.13
N ASP B 425 37.66 -10.10 -12.46
CA ASP B 425 36.37 -9.84 -13.11
C ASP B 425 36.09 -8.34 -13.15
N ASP B 426 37.01 -7.62 -13.78
CA ASP B 426 37.02 -6.16 -13.81
C ASP B 426 36.43 -5.69 -15.14
N PHE B 427 35.10 -5.55 -15.16
CA PHE B 427 34.37 -5.12 -16.35
C PHE B 427 33.69 -3.79 -16.05
N THR B 428 34.31 -2.71 -16.51
CA THR B 428 33.72 -1.37 -16.38
C THR B 428 33.79 -0.71 -17.75
N GLY B 429 32.65 -0.47 -18.35
CA GLY B 429 32.58 0.15 -19.65
C GLY B 429 31.64 -0.60 -20.56
N CYS B 430 31.39 0.00 -21.73
CA CYS B 430 30.51 -0.57 -22.73
C CYS B 430 31.34 -0.79 -23.99
N VAL B 431 31.27 -2.02 -24.51
CA VAL B 431 32.37 -2.60 -25.30
C VAL B 431 32.62 -1.78 -26.56
N ILE B 432 33.89 -1.79 -27.00
CA ILE B 432 34.34 -1.08 -28.20
C ILE B 432 35.04 -2.07 -29.11
N ALA B 433 34.72 -2.05 -30.40
CA ALA B 433 35.40 -2.86 -31.40
C ALA B 433 35.18 -2.23 -32.77
N TRP B 434 36.11 -2.48 -33.69
CA TRP B 434 36.02 -1.92 -35.03
C TRP B 434 36.88 -2.75 -35.99
N ASN B 435 36.84 -2.36 -37.27
CA ASN B 435 37.58 -3.03 -38.32
C ASN B 435 38.41 -2.01 -39.09
N SER B 436 39.51 -2.48 -39.68
CA SER B 436 40.39 -1.61 -40.46
C SER B 436 41.15 -2.50 -41.45
N ASN B 437 40.94 -2.26 -42.75
CA ASN B 437 41.53 -3.11 -43.77
C ASN B 437 42.55 -2.38 -44.65
N ASN B 438 42.14 -1.29 -45.29
CA ASN B 438 42.98 -0.67 -46.30
C ASN B 438 44.17 0.09 -45.72
N LEU B 439 43.97 0.83 -44.63
CA LEU B 439 44.99 1.72 -44.10
C LEU B 439 46.16 0.95 -43.47
N ASP B 440 45.86 -0.11 -42.72
CA ASP B 440 46.87 -0.77 -41.91
C ASP B 440 47.17 -2.19 -42.37
N SER B 441 46.15 -3.03 -42.47
CA SER B 441 46.34 -4.47 -42.54
C SER B 441 46.35 -4.96 -43.99
N LYS B 442 46.68 -6.23 -44.14
CA LYS B 442 46.59 -6.95 -45.41
C LYS B 442 45.64 -8.13 -45.25
N VAL B 443 44.91 -8.44 -46.31
CA VAL B 443 43.98 -9.57 -46.28
C VAL B 443 44.77 -10.86 -46.17
N GLY B 444 44.47 -11.65 -45.14
CA GLY B 444 45.13 -12.92 -44.93
C GLY B 444 45.42 -13.25 -43.48
N GLY B 445 45.63 -12.24 -42.64
CA GLY B 445 45.71 -12.46 -41.22
C GLY B 445 47.07 -12.27 -40.57
N ASN B 446 47.08 -12.22 -39.24
CA ASN B 446 48.28 -12.17 -38.42
C ASN B 446 48.26 -13.38 -37.49
N TYR B 447 49.30 -14.21 -37.56
CA TYR B 447 49.31 -15.52 -36.95
C TYR B 447 49.79 -15.52 -35.49
N ASN B 448 49.63 -14.40 -34.78
CA ASN B 448 50.18 -14.27 -33.44
C ASN B 448 49.30 -14.88 -32.35
N TYR B 449 48.07 -14.40 -32.17
CA TYR B 449 47.24 -14.78 -31.04
C TYR B 449 46.01 -15.53 -31.54
N LEU B 450 45.35 -16.25 -30.63
CA LEU B 450 44.29 -17.17 -31.01
C LEU B 450 43.24 -17.30 -29.92
N PHE B 451 41.99 -17.44 -30.34
CA PHE B 451 40.88 -17.87 -29.50
C PHE B 451 40.15 -18.98 -30.25
N ARG B 452 39.14 -19.56 -29.61
CA ARG B 452 38.47 -20.72 -30.17
C ARG B 452 37.14 -20.91 -29.43
N LEU B 453 36.49 -22.04 -29.68
CA LEU B 453 35.37 -22.50 -28.85
C LEU B 453 35.37 -24.00 -28.59
N PHE B 454 36.14 -24.78 -29.36
CA PHE B 454 36.10 -26.23 -29.30
C PHE B 454 37.51 -26.79 -29.23
N ARG B 455 37.74 -27.62 -28.21
CA ARG B 455 39.00 -28.34 -28.06
C ARG B 455 38.67 -29.79 -27.69
N LYS B 456 39.71 -30.57 -27.40
CA LYS B 456 39.51 -31.95 -26.99
C LYS B 456 38.81 -32.05 -25.63
N SER B 457 38.96 -31.05 -24.78
CA SER B 457 38.33 -31.05 -23.46
C SER B 457 37.99 -29.61 -23.12
N ASN B 458 37.67 -29.36 -21.85
CA ASN B 458 37.37 -28.00 -21.42
C ASN B 458 38.63 -27.13 -21.54
N LEU B 459 38.43 -25.94 -22.06
CA LEU B 459 39.49 -24.94 -22.14
C LEU B 459 39.59 -24.22 -20.80
N LYS B 460 40.67 -23.46 -20.65
CA LYS B 460 40.99 -22.85 -19.36
C LYS B 460 40.46 -21.42 -19.32
N PRO B 461 39.33 -21.18 -18.65
CA PRO B 461 38.50 -20.00 -18.94
C PRO B 461 38.98 -18.74 -18.23
N PHE B 462 39.64 -17.86 -18.99
CA PHE B 462 40.01 -16.50 -18.55
C PHE B 462 40.51 -16.44 -17.11
N GLU B 463 41.15 -17.53 -16.67
CA GLU B 463 42.31 -17.38 -15.82
C GLU B 463 43.53 -17.05 -16.65
N ARG B 464 43.52 -15.91 -17.34
CA ARG B 464 44.40 -15.69 -18.47
C ARG B 464 45.80 -15.49 -17.95
N ASP B 465 46.30 -16.47 -17.20
CA ASP B 465 47.31 -16.28 -16.18
C ASP B 465 48.56 -17.04 -16.61
N ILE B 466 49.58 -16.32 -17.11
CA ILE B 466 50.63 -16.89 -17.94
C ILE B 466 51.20 -18.21 -17.40
N SER B 467 50.99 -18.47 -16.12
CA SER B 467 51.36 -19.76 -15.53
C SER B 467 50.72 -20.91 -16.33
N THR B 468 51.29 -22.10 -16.20
CA THR B 468 50.84 -23.26 -16.97
C THR B 468 49.97 -24.19 -16.13
N GLU B 469 49.14 -23.62 -15.27
CA GLU B 469 48.16 -24.40 -14.52
C GLU B 469 47.14 -25.01 -15.48
N ILE B 470 46.71 -26.24 -15.19
CA ILE B 470 45.81 -26.95 -16.08
C ILE B 470 44.50 -27.22 -15.36
N TYR B 471 43.40 -26.90 -16.03
CA TYR B 471 42.06 -27.30 -15.60
C TYR B 471 41.79 -28.70 -16.15
N GLN B 472 41.80 -29.68 -15.26
CA GLN B 472 41.86 -31.09 -15.65
C GLN B 472 40.45 -31.63 -15.85
N ALA B 473 40.19 -32.19 -17.03
CA ALA B 473 38.93 -32.87 -17.34
C ALA B 473 39.20 -34.14 -18.13
N GLY B 474 40.26 -34.86 -17.76
CA GLY B 474 40.64 -36.06 -18.47
C GLY B 474 40.56 -37.29 -17.57
N SER B 475 40.37 -38.43 -18.22
CA SER B 475 40.27 -39.72 -17.53
C SER B 475 41.44 -40.65 -17.83
N THR B 476 41.70 -40.93 -19.11
CA THR B 476 42.79 -41.81 -19.48
C THR B 476 43.62 -41.19 -20.59
N PRO B 477 44.95 -41.36 -20.57
CA PRO B 477 45.79 -40.78 -21.61
C PRO B 477 46.00 -41.74 -22.79
N CYS B 478 45.81 -41.17 -23.98
CA CYS B 478 46.17 -41.88 -25.21
C CYS B 478 47.66 -41.78 -25.52
N ASN B 479 48.38 -40.89 -24.84
CA ASN B 479 49.83 -40.73 -24.97
C ASN B 479 50.28 -40.44 -26.40
N GLY B 480 49.46 -39.71 -27.16
CA GLY B 480 49.83 -39.37 -28.52
C GLY B 480 49.75 -40.52 -29.51
N VAL B 481 49.17 -41.64 -29.11
CA VAL B 481 49.02 -42.79 -29.99
C VAL B 481 47.55 -43.20 -30.01
N GLU B 482 47.15 -43.86 -31.09
CA GLU B 482 45.76 -44.22 -31.27
C GLU B 482 45.48 -45.60 -30.67
N GLY B 483 44.22 -46.01 -30.77
CA GLY B 483 43.80 -47.29 -30.23
C GLY B 483 42.31 -47.40 -30.05
N PHE B 484 41.87 -47.87 -28.89
CA PHE B 484 40.45 -48.00 -28.58
C PHE B 484 39.98 -46.71 -27.93
N ASN B 485 39.05 -46.01 -28.58
CA ASN B 485 38.48 -44.76 -28.08
C ASN B 485 39.57 -43.70 -27.90
N CYS B 486 40.26 -43.38 -29.00
CA CYS B 486 41.22 -42.29 -29.03
C CYS B 486 41.05 -41.56 -30.36
N TYR B 487 40.51 -40.34 -30.30
CA TYR B 487 40.27 -39.55 -31.50
C TYR B 487 41.59 -39.04 -32.07
N PHE B 488 41.55 -38.61 -33.32
CA PHE B 488 42.71 -38.03 -33.98
C PHE B 488 42.90 -36.60 -33.51
N PRO B 489 44.04 -36.27 -32.87
CA PRO B 489 44.22 -34.90 -32.36
C PRO B 489 44.19 -33.83 -33.44
N LEU B 490 44.67 -34.11 -34.64
CA LEU B 490 44.59 -33.17 -35.74
C LEU B 490 43.22 -33.25 -36.40
N GLN B 491 42.83 -32.17 -37.07
CA GLN B 491 41.54 -32.12 -37.73
C GLN B 491 41.66 -31.26 -38.98
N SER B 492 40.70 -31.43 -39.89
CA SER B 492 40.70 -30.72 -41.16
C SER B 492 39.58 -29.68 -41.17
N TYR B 493 39.94 -28.44 -40.86
CA TYR B 493 39.03 -27.32 -40.96
C TYR B 493 39.11 -26.64 -42.32
N GLY B 494 40.31 -26.51 -42.88
CA GLY B 494 40.46 -26.03 -44.23
C GLY B 494 40.80 -24.56 -44.37
N PHE B 495 41.95 -24.27 -44.98
CA PHE B 495 42.33 -22.91 -45.31
C PHE B 495 41.63 -22.51 -46.61
N GLN B 496 40.43 -21.96 -46.48
CA GLN B 496 39.61 -21.63 -47.65
C GLN B 496 39.22 -20.17 -47.61
N PRO B 497 39.14 -19.51 -48.77
CA PRO B 497 38.60 -18.15 -48.80
C PRO B 497 37.08 -18.10 -48.77
N THR B 498 36.41 -19.25 -48.93
CA THR B 498 34.96 -19.30 -48.88
C THR B 498 34.42 -19.43 -47.47
N ASN B 499 35.29 -19.61 -46.48
CA ASN B 499 34.88 -19.70 -45.08
C ASN B 499 34.67 -18.29 -44.52
N GLY B 500 34.58 -18.18 -43.20
CA GLY B 500 34.40 -16.88 -42.58
C GLY B 500 35.60 -15.98 -42.78
N VAL B 501 35.32 -14.67 -42.84
CA VAL B 501 36.37 -13.67 -43.06
C VAL B 501 37.22 -13.42 -41.83
N GLY B 502 36.77 -13.83 -40.65
CA GLY B 502 37.45 -13.47 -39.41
C GLY B 502 38.75 -14.22 -39.19
N TYR B 503 39.59 -14.25 -40.22
CA TYR B 503 40.96 -14.76 -40.14
C TYR B 503 41.90 -13.61 -40.48
N GLN B 504 41.60 -12.41 -39.99
CA GLN B 504 42.20 -11.20 -40.52
C GLN B 504 42.85 -10.36 -39.41
N PRO B 505 43.88 -9.57 -39.73
CA PRO B 505 44.72 -8.99 -38.69
C PRO B 505 44.28 -7.60 -38.23
N TYR B 506 44.63 -7.32 -36.98
CA TYR B 506 44.42 -6.01 -36.36
C TYR B 506 45.53 -5.79 -35.34
N ARG B 507 45.34 -4.81 -34.46
CA ARG B 507 46.09 -4.75 -33.21
C ARG B 507 45.34 -3.85 -32.23
N VAL B 508 45.61 -4.06 -30.95
CA VAL B 508 44.88 -3.40 -29.87
C VAL B 508 45.81 -2.40 -29.18
N VAL B 509 45.25 -1.71 -28.18
CA VAL B 509 45.76 -0.42 -27.73
C VAL B 509 46.33 -0.54 -26.32
N VAL B 510 47.05 0.51 -25.92
CA VAL B 510 47.58 0.66 -24.57
C VAL B 510 47.32 2.09 -24.08
N LEU B 511 46.73 2.19 -22.89
CA LEU B 511 46.42 3.50 -22.32
C LEU B 511 46.63 3.44 -20.81
N SER B 512 47.16 4.53 -20.27
CA SER B 512 47.50 4.61 -18.86
C SER B 512 46.64 5.65 -18.16
N PHE B 513 45.80 5.20 -17.23
CA PHE B 513 45.01 6.07 -16.38
C PHE B 513 44.88 5.42 -15.01
N GLU B 514 44.71 6.27 -13.99
CA GLU B 514 44.81 5.81 -12.60
C GLU B 514 43.54 6.21 -11.86
N LEU B 515 43.29 5.52 -10.73
CA LEU B 515 42.25 5.88 -9.79
C LEU B 515 42.93 6.24 -8.48
N LEU B 516 42.61 7.41 -7.93
CA LEU B 516 43.43 8.01 -6.88
C LEU B 516 42.55 8.93 -6.02
N HIS B 517 43.13 9.46 -4.93
CA HIS B 517 42.38 9.90 -3.75
C HIS B 517 42.40 11.39 -3.46
N ALA B 518 43.57 12.05 -3.45
CA ALA B 518 43.63 13.46 -3.06
C ALA B 518 44.69 14.18 -3.89
N PRO B 519 44.63 15.53 -4.02
CA PRO B 519 44.87 16.16 -5.34
C PRO B 519 46.11 15.72 -6.12
N ALA B 520 45.86 15.04 -7.23
CA ALA B 520 46.74 14.86 -8.39
C ALA B 520 46.39 15.94 -9.42
N THR B 521 46.85 15.80 -10.66
CA THR B 521 46.40 16.77 -11.66
C THR B 521 46.19 16.16 -13.05
N VAL B 522 45.53 15.00 -13.15
CA VAL B 522 45.42 14.30 -14.44
C VAL B 522 43.99 13.79 -14.65
N CYS B 523 43.14 14.60 -15.30
CA CYS B 523 42.38 14.11 -16.46
C CYS B 523 41.76 15.32 -17.15
N GLY B 524 42.29 15.70 -18.32
CA GLY B 524 41.62 16.66 -19.15
C GLY B 524 42.24 16.84 -20.52
N PRO B 525 41.42 16.70 -21.56
CA PRO B 525 41.95 16.75 -22.93
C PRO B 525 41.73 18.07 -23.68
N LYS B 526 40.89 18.96 -23.18
CA LYS B 526 40.30 19.99 -24.02
C LYS B 526 40.94 21.35 -23.78
N LYS B 527 40.75 22.24 -24.76
CA LYS B 527 41.03 23.66 -24.61
C LYS B 527 39.99 24.23 -23.65
N SER B 528 40.40 24.52 -22.43
CA SER B 528 39.45 24.79 -21.36
C SER B 528 39.26 26.29 -21.15
N THR B 529 38.01 26.70 -20.99
CA THR B 529 37.71 28.10 -20.70
C THR B 529 38.10 28.44 -19.26
N ASN B 530 38.23 29.73 -19.01
CA ASN B 530 38.46 30.21 -17.65
C ASN B 530 37.26 29.87 -16.77
N LEU B 531 37.52 29.34 -15.58
CA LEU B 531 36.45 28.93 -14.68
C LEU B 531 35.73 30.16 -14.13
N VAL B 532 34.41 30.15 -14.21
CA VAL B 532 33.59 31.26 -13.74
C VAL B 532 33.12 30.97 -12.33
N LYS B 533 33.68 31.69 -11.35
CA LYS B 533 33.36 31.49 -9.95
C LYS B 533 32.07 32.20 -9.58
N ASN B 534 31.41 31.67 -8.55
CA ASN B 534 30.17 32.25 -8.00
C ASN B 534 29.10 32.40 -9.08
N LYS B 535 28.96 31.40 -9.93
CA LYS B 535 27.98 31.42 -11.00
C LYS B 535 27.30 30.07 -11.11
N CYS B 536 25.98 30.09 -11.24
CA CYS B 536 25.19 28.86 -11.41
C CYS B 536 25.19 28.51 -12.90
N VAL B 537 26.16 27.68 -13.28
CA VAL B 537 26.32 27.24 -14.66
C VAL B 537 26.48 25.74 -14.67
N ASN B 538 26.22 25.14 -15.83
CA ASN B 538 26.52 23.73 -16.01
C ASN B 538 28.03 23.54 -16.15
N PHE B 539 28.56 22.58 -15.40
CA PHE B 539 30.00 22.36 -15.35
C PHE B 539 30.34 21.01 -15.96
N ASN B 540 31.63 20.78 -16.14
CA ASN B 540 32.15 19.53 -16.67
C ASN B 540 33.58 19.39 -16.19
N PHE B 541 33.81 18.47 -15.25
CA PHE B 541 35.12 18.28 -14.65
C PHE B 541 35.44 16.79 -14.63
N ASN B 542 36.61 16.43 -15.14
CA ASN B 542 37.19 15.10 -14.96
C ASN B 542 36.27 13.97 -15.43
N GLY B 543 35.25 14.29 -16.22
CA GLY B 543 34.37 13.30 -16.80
C GLY B 543 32.91 13.43 -16.43
N LEU B 544 32.58 14.03 -15.30
CA LEU B 544 31.21 14.09 -14.83
C LEU B 544 30.71 15.53 -14.87
N THR B 545 29.47 15.71 -15.32
CA THR B 545 28.90 17.02 -15.49
C THR B 545 27.90 17.33 -14.37
N GLY B 546 27.25 18.48 -14.51
CA GLY B 546 26.28 18.92 -13.53
C GLY B 546 26.13 20.42 -13.62
N THR B 547 25.19 20.92 -12.82
CA THR B 547 24.93 22.36 -12.75
C THR B 547 25.12 22.81 -11.31
N GLY B 548 25.84 23.91 -11.14
CA GLY B 548 26.05 24.43 -9.79
C GLY B 548 27.05 25.55 -9.76
N VAL B 549 27.58 25.80 -8.57
CA VAL B 549 28.52 26.89 -8.32
C VAL B 549 29.79 26.30 -7.72
N LEU B 550 30.94 26.70 -8.25
CA LEU B 550 32.24 26.24 -7.79
C LEU B 550 32.82 27.28 -6.84
N THR B 551 33.21 26.84 -5.64
CA THR B 551 33.68 27.75 -4.62
C THR B 551 34.97 27.23 -4.00
N GLU B 552 35.41 27.90 -2.94
CA GLU B 552 36.68 27.60 -2.28
C GLU B 552 36.48 26.61 -1.13
N SER B 553 37.43 25.70 -1.01
CA SER B 553 37.39 24.64 -0.01
C SER B 553 38.57 24.79 0.94
N ASN B 554 38.63 23.90 1.93
CA ASN B 554 39.68 23.92 2.94
C ASN B 554 40.18 22.54 3.34
N LYS B 555 39.76 21.49 2.66
CA LYS B 555 40.10 20.14 3.08
C LYS B 555 41.56 19.82 2.76
N LYS B 556 42.34 19.58 3.80
CA LYS B 556 43.74 19.19 3.64
C LYS B 556 43.81 17.72 3.26
N PHE B 557 44.77 17.39 2.39
CA PHE B 557 44.68 16.22 1.53
C PHE B 557 46.06 15.61 1.33
N LEU B 558 46.12 14.57 0.51
CA LEU B 558 47.35 13.83 0.20
C LEU B 558 47.47 13.57 -1.30
N PRO B 559 48.53 14.08 -1.93
CA PRO B 559 48.49 14.31 -3.40
C PRO B 559 48.51 13.07 -4.28
N PHE B 560 47.43 12.28 -4.26
CA PHE B 560 47.21 11.18 -5.20
C PHE B 560 45.73 11.09 -5.58
N GLN B 561 45.16 12.15 -6.20
CA GLN B 561 43.72 12.21 -6.55
C GLN B 561 43.36 11.62 -7.90
N GLN B 562 42.12 11.13 -7.97
CA GLN B 562 41.33 11.07 -9.19
C GLN B 562 40.03 11.84 -9.06
N PHE B 563 39.30 11.66 -7.96
CA PHE B 563 37.94 12.17 -7.81
C PHE B 563 37.54 12.20 -6.34
N GLY B 564 36.66 13.13 -6.00
CA GLY B 564 36.12 13.25 -4.65
C GLY B 564 34.60 13.24 -4.66
N ARG B 565 34.00 12.68 -3.61
CA ARG B 565 32.56 12.46 -3.55
C ARG B 565 32.05 12.69 -2.13
N ASP B 566 30.74 12.85 -2.00
CA ASP B 566 30.09 13.17 -0.74
C ASP B 566 29.45 11.93 -0.11
N ILE B 567 28.75 12.15 1.01
CA ILE B 567 28.14 11.05 1.75
C ILE B 567 26.95 10.47 0.99
N ALA B 568 26.17 11.32 0.34
CA ALA B 568 24.93 10.90 -0.30
C ALA B 568 25.15 10.40 -1.72
N ASP B 569 26.34 9.89 -2.03
CA ASP B 569 26.73 9.36 -3.33
C ASP B 569 26.83 10.45 -4.39
N THR B 570 26.50 11.68 -4.05
CA THR B 570 26.70 12.80 -4.97
C THR B 570 28.11 13.36 -4.80
N THR B 571 28.54 14.13 -5.79
CA THR B 571 29.89 14.69 -5.77
C THR B 571 29.95 15.85 -4.79
N ASP B 572 30.95 15.85 -3.92
CA ASP B 572 31.13 16.93 -2.96
C ASP B 572 32.03 18.02 -3.52
N ALA B 573 33.27 17.67 -3.85
CA ALA B 573 34.27 18.65 -4.24
C ALA B 573 35.14 18.07 -5.34
N VAL B 574 35.57 18.93 -6.24
CA VAL B 574 36.50 18.55 -7.31
C VAL B 574 37.80 19.31 -7.09
N ARG B 575 38.77 19.06 -7.95
CA ARG B 575 40.12 19.56 -7.72
C ARG B 575 40.53 20.51 -8.84
N ASP B 576 41.48 21.39 -8.52
CA ASP B 576 41.87 22.45 -9.45
C ASP B 576 42.44 21.86 -10.73
N PRO B 577 42.03 22.39 -11.89
CA PRO B 577 42.57 21.91 -13.16
C PRO B 577 44.05 22.16 -13.34
N GLN B 578 44.50 23.41 -13.15
CA GLN B 578 45.90 23.74 -13.36
C GLN B 578 46.72 23.50 -12.10
N THR B 579 46.27 24.02 -10.97
CA THR B 579 47.02 23.92 -9.72
C THR B 579 46.55 22.72 -8.91
N LEU B 580 47.05 22.64 -7.69
CA LEU B 580 46.75 21.54 -6.79
C LEU B 580 45.63 21.87 -5.80
N GLU B 581 44.74 22.79 -6.16
CA GLU B 581 43.71 23.28 -5.26
C GLU B 581 42.44 22.44 -5.40
N ILE B 582 41.55 22.55 -4.42
CA ILE B 582 40.31 21.78 -4.39
C ILE B 582 39.13 22.74 -4.51
N LEU B 583 38.21 22.44 -5.41
CA LEU B 583 37.02 23.25 -5.66
C LEU B 583 35.79 22.52 -5.17
N ASP B 584 34.79 23.28 -4.70
CA ASP B 584 33.57 22.66 -4.21
C ASP B 584 32.48 22.68 -5.29
N ILE B 585 31.37 22.02 -4.98
CA ILE B 585 30.20 21.99 -5.84
C ILE B 585 28.97 22.26 -4.98
N THR B 586 28.13 23.18 -5.43
CA THR B 586 26.91 23.52 -4.73
C THR B 586 25.75 23.58 -5.72
N PRO B 587 24.67 22.84 -5.46
CA PRO B 587 23.55 22.81 -6.40
C PRO B 587 22.84 24.15 -6.49
N CYS B 588 22.27 24.40 -7.67
CA CYS B 588 21.54 25.64 -7.89
C CYS B 588 20.19 25.60 -7.19
N SER B 589 19.65 26.78 -6.92
CA SER B 589 18.46 26.91 -6.09
C SER B 589 17.20 26.52 -6.85
N PHE B 590 16.16 26.21 -6.09
CA PHE B 590 14.83 25.92 -6.62
C PHE B 590 13.85 25.96 -5.46
N GLY B 591 12.56 25.98 -5.78
CA GLY B 591 11.55 25.98 -4.75
C GLY B 591 10.17 26.14 -5.33
N GLY B 592 9.18 25.91 -4.48
CA GLY B 592 7.79 26.05 -4.88
C GLY B 592 7.33 27.49 -4.86
N VAL B 593 6.17 27.71 -5.45
CA VAL B 593 5.53 29.02 -5.53
C VAL B 593 4.15 28.93 -4.92
N SER B 594 3.86 29.83 -3.98
CA SER B 594 2.57 29.86 -3.31
C SER B 594 1.96 31.24 -3.47
N VAL B 595 0.64 31.29 -3.64
CA VAL B 595 -0.09 32.52 -3.87
C VAL B 595 -0.93 32.81 -2.63
N ILE B 596 -0.84 34.03 -2.13
CA ILE B 596 -1.61 34.48 -0.98
C ILE B 596 -2.58 35.55 -1.45
N THR B 597 -3.86 35.36 -1.14
CA THR B 597 -4.89 36.30 -1.57
C THR B 597 -6.19 36.11 -0.80
N PRO B 598 -6.95 37.17 -0.57
CA PRO B 598 -8.31 37.00 -0.03
C PRO B 598 -9.25 36.49 -1.10
N GLY B 599 -10.53 36.36 -0.77
CA GLY B 599 -11.50 35.91 -1.75
C GLY B 599 -11.63 36.90 -2.90
N THR B 600 -12.07 36.42 -4.06
CA THR B 600 -12.15 37.23 -5.27
C THR B 600 -13.53 37.86 -5.41
N ASN B 601 -14.35 37.73 -4.38
CA ASN B 601 -15.72 38.26 -4.43
C ASN B 601 -15.70 39.78 -4.59
N THR B 602 -14.80 40.47 -3.91
CA THR B 602 -14.74 41.93 -3.97
C THR B 602 -13.41 42.48 -4.47
N SER B 603 -12.28 41.88 -4.12
CA SER B 603 -10.97 42.43 -4.44
C SER B 603 -10.28 41.56 -5.48
N ASN B 604 -9.47 42.18 -6.32
CA ASN B 604 -8.71 41.46 -7.33
C ASN B 604 -7.23 41.39 -7.03
N GLN B 605 -6.71 42.32 -6.23
CA GLN B 605 -5.28 42.35 -5.93
C GLN B 605 -4.85 41.09 -5.21
N VAL B 606 -3.65 40.61 -5.56
CA VAL B 606 -3.09 39.37 -4.99
C VAL B 606 -1.62 39.62 -4.68
N ALA B 607 -0.97 38.58 -4.13
CA ALA B 607 0.44 38.64 -3.78
C ALA B 607 1.07 37.29 -4.03
N VAL B 608 2.40 37.25 -3.98
CA VAL B 608 3.18 36.07 -4.34
C VAL B 608 4.23 35.82 -3.25
N LEU B 609 4.48 34.55 -2.96
CA LEU B 609 5.47 34.16 -1.97
C LEU B 609 6.46 33.17 -2.57
N TYR B 610 7.73 33.35 -2.24
CA TYR B 610 8.80 32.43 -2.61
C TYR B 610 9.32 31.76 -1.35
N GLN B 611 9.49 30.44 -1.40
CA GLN B 611 9.81 29.65 -0.23
C GLN B 611 11.28 29.23 -0.24
N GLY B 612 11.99 29.52 0.85
CA GLY B 612 13.33 29.02 1.03
C GLY B 612 14.35 29.54 0.04
N VAL B 613 14.15 30.74 -0.51
CA VAL B 613 15.07 31.33 -1.47
C VAL B 613 15.47 32.70 -0.96
N ASN B 614 16.77 32.98 -0.97
CA ASN B 614 17.25 34.30 -0.58
C ASN B 614 16.72 35.35 -1.54
N CYS B 615 16.33 36.50 -1.00
CA CYS B 615 15.67 37.51 -1.80
C CYS B 615 16.59 38.06 -2.89
N THR B 616 17.87 38.24 -2.56
CA THR B 616 18.81 38.83 -3.50
C THR B 616 19.05 37.97 -4.73
N GLU B 617 18.64 36.70 -4.72
CA GLU B 617 18.94 35.77 -5.79
C GLU B 617 17.93 35.82 -6.93
N VAL B 618 16.89 36.64 -6.83
CA VAL B 618 15.90 36.73 -7.90
C VAL B 618 15.87 38.13 -8.48
N ASN B 639 7.44 46.21 -4.21
CA ASN B 639 8.00 46.13 -2.86
C ASN B 639 8.51 44.72 -2.56
N VAL B 640 9.63 44.64 -1.85
CA VAL B 640 10.27 43.38 -1.53
C VAL B 640 10.54 43.34 -0.02
N PHE B 641 10.17 42.24 0.62
CA PHE B 641 10.44 42.04 2.04
C PHE B 641 10.98 40.64 2.26
N GLN B 642 11.97 40.53 3.14
CA GLN B 642 12.62 39.26 3.44
C GLN B 642 12.18 38.78 4.82
N THR B 643 11.76 37.52 4.89
CA THR B 643 11.40 36.88 6.15
C THR B 643 12.17 35.58 6.28
N ARG B 644 12.18 35.03 7.50
CA ARG B 644 12.83 33.74 7.72
C ARG B 644 12.14 32.62 6.97
N ALA B 645 10.88 32.80 6.57
CA ALA B 645 10.18 31.78 5.81
C ALA B 645 10.49 31.85 4.32
N GLY B 646 11.10 32.93 3.86
CA GLY B 646 11.42 33.08 2.46
C GLY B 646 11.32 34.53 2.04
N CYS B 647 11.05 34.74 0.76
CA CYS B 647 10.93 36.07 0.19
C CYS B 647 9.47 36.41 -0.03
N LEU B 648 9.06 37.59 0.41
CA LEU B 648 7.69 38.06 0.28
C LEU B 648 7.68 39.30 -0.62
N ILE B 649 6.73 39.34 -1.55
CA ILE B 649 6.62 40.43 -2.50
C ILE B 649 5.17 40.91 -2.54
N GLY B 650 4.99 42.22 -2.41
CA GLY B 650 3.67 42.82 -2.49
C GLY B 650 3.00 43.14 -1.17
N ALA B 651 3.72 43.03 -0.06
CA ALA B 651 3.16 43.26 1.26
C ALA B 651 3.78 44.51 1.88
N GLU B 652 3.19 44.96 2.99
CA GLU B 652 3.67 46.11 3.73
C GLU B 652 3.93 45.71 5.17
N HIS B 653 5.09 46.11 5.69
CA HIS B 653 5.47 45.81 7.06
C HIS B 653 5.12 46.97 7.97
N VAL B 654 4.36 46.69 9.03
CA VAL B 654 3.89 47.73 9.93
C VAL B 654 4.42 47.48 11.34
N ASN B 655 4.18 48.42 12.25
CA ASN B 655 4.53 48.29 13.66
C ASN B 655 3.23 48.23 14.44
N ASN B 656 2.67 47.02 14.53
CA ASN B 656 1.38 46.80 15.17
C ASN B 656 1.20 45.29 15.27
N SER B 657 0.29 44.87 16.14
CA SER B 657 0.03 43.44 16.33
C SER B 657 -1.46 43.19 16.38
N TYR B 658 -1.93 42.24 15.57
CA TYR B 658 -3.28 41.71 15.70
C TYR B 658 -3.22 40.18 15.79
N GLU B 659 -4.38 39.55 15.89
CA GLU B 659 -4.44 38.10 15.82
C GLU B 659 -4.41 37.66 14.36
N CYS B 660 -4.20 36.35 14.15
CA CYS B 660 -4.02 35.83 12.80
C CYS B 660 -5.30 35.92 11.99
N ASP B 661 -5.13 36.17 10.69
CA ASP B 661 -6.21 36.09 9.71
C ASP B 661 -5.96 35.01 8.68
N ILE B 662 -4.81 35.03 8.02
CA ILE B 662 -4.40 34.01 7.07
C ILE B 662 -3.03 33.51 7.49
N PRO B 663 -2.87 32.24 7.84
CA PRO B 663 -1.55 31.75 8.28
C PRO B 663 -0.55 31.77 7.14
N ILE B 664 0.70 32.05 7.49
CA ILE B 664 1.82 32.01 6.55
C ILE B 664 2.93 31.10 7.06
N GLY B 665 3.43 31.36 8.25
CA GLY B 665 4.50 30.60 8.85
C GLY B 665 5.41 31.49 9.67
N ALA B 666 6.14 30.86 10.60
CA ALA B 666 7.08 31.55 11.48
C ALA B 666 6.41 32.70 12.23
N GLY B 667 5.18 32.48 12.67
CA GLY B 667 4.48 33.48 13.45
C GLY B 667 4.10 34.74 12.70
N ILE B 668 3.92 34.65 11.39
CA ILE B 668 3.57 35.79 10.55
C ILE B 668 2.22 35.51 9.91
N CYS B 669 1.30 36.48 10.01
CA CYS B 669 -0.01 36.37 9.40
C CYS B 669 -0.31 37.65 8.64
N ALA B 670 -1.08 37.51 7.56
CA ALA B 670 -1.41 38.62 6.69
C ALA B 670 -2.92 38.77 6.58
N SER B 671 -3.36 39.98 6.20
CA SER B 671 -4.78 40.25 6.06
C SER B 671 -4.97 41.43 5.11
N TYR B 672 -6.19 41.56 4.62
CA TYR B 672 -6.56 42.67 3.74
C TYR B 672 -7.19 43.78 4.57
N GLN B 673 -6.44 44.86 4.78
CA GLN B 673 -6.89 45.95 5.63
C GLN B 673 -6.64 47.28 4.94
N THR B 674 -7.41 48.28 5.33
CA THR B 674 -7.29 49.63 4.77
C THR B 674 -5.93 50.23 5.09
N SER B 687 -6.30 52.07 -0.94
CA SER B 687 -6.03 52.19 0.47
C SER B 687 -5.87 50.83 1.11
N GLN B 688 -6.54 49.84 0.53
CA GLN B 688 -6.56 48.48 1.05
C GLN B 688 -5.49 47.65 0.36
N SER B 689 -4.69 46.95 1.15
CA SER B 689 -3.61 46.13 0.61
C SER B 689 -3.28 45.05 1.63
N ILE B 690 -2.57 44.03 1.16
CA ILE B 690 -2.15 42.94 2.03
C ILE B 690 -0.94 43.39 2.83
N ILE B 691 -1.01 43.23 4.15
CA ILE B 691 0.05 43.64 5.06
C ILE B 691 0.41 42.46 5.95
N ALA B 692 1.69 42.36 6.29
CA ALA B 692 2.21 41.29 7.12
C ALA B 692 2.60 41.85 8.49
N TYR B 693 2.23 41.11 9.54
CA TYR B 693 2.52 41.54 10.90
C TYR B 693 2.88 40.34 11.74
N THR B 694 3.12 40.58 13.02
CA THR B 694 3.60 39.56 13.95
C THR B 694 2.45 39.05 14.82
N MET B 695 2.69 37.90 15.45
CA MET B 695 1.69 37.26 16.29
C MET B 695 1.30 38.15 17.46
N SER B 696 0.05 38.05 17.88
CA SER B 696 -0.45 38.69 19.09
C SER B 696 -1.32 37.69 19.82
N LEU B 697 -0.84 37.19 20.96
CA LEU B 697 -1.55 36.13 21.68
C LEU B 697 -2.88 36.63 22.23
N GLY B 698 -2.89 37.80 22.83
CA GLY B 698 -4.11 38.34 23.39
C GLY B 698 -3.81 39.41 24.43
N ALA B 699 -4.88 39.87 25.07
CA ALA B 699 -4.76 40.92 26.06
C ALA B 699 -4.07 40.41 27.31
N GLU B 700 -3.52 41.34 28.08
CA GLU B 700 -2.83 41.03 29.32
C GLU B 700 -3.70 41.37 30.52
N ASN B 701 -3.48 40.65 31.62
CA ASN B 701 -4.23 40.86 32.84
C ASN B 701 -3.33 40.59 34.03
N SER B 702 -3.70 41.19 35.16
CA SER B 702 -3.00 40.98 36.42
C SER B 702 -4.01 41.06 37.56
N VAL B 703 -3.80 40.26 38.60
CA VAL B 703 -4.70 40.21 39.74
C VAL B 703 -3.92 40.60 40.98
N ALA B 704 -4.48 41.53 41.77
CA ALA B 704 -3.83 42.00 42.98
C ALA B 704 -3.89 40.90 44.04
N TYR B 705 -2.78 40.19 44.22
CA TYR B 705 -2.70 39.11 45.18
C TYR B 705 -2.25 39.63 46.54
N SER B 706 -2.85 39.10 47.60
CA SER B 706 -2.48 39.45 48.95
C SER B 706 -2.82 38.29 49.87
N ASN B 707 -2.27 38.34 51.08
CA ASN B 707 -2.45 37.23 52.01
C ASN B 707 -3.82 37.23 52.69
N ASN B 708 -4.63 38.26 52.52
CA ASN B 708 -5.92 38.33 53.18
C ASN B 708 -6.98 38.92 52.27
N SER B 709 -7.04 38.46 51.02
CA SER B 709 -8.02 38.96 50.06
C SER B 709 -8.73 37.79 49.40
N ILE B 710 -10.03 37.94 49.17
CA ILE B 710 -10.83 36.91 48.51
C ILE B 710 -12.00 37.58 47.82
N ALA B 711 -12.35 37.10 46.62
CA ALA B 711 -13.46 37.63 45.84
C ALA B 711 -14.63 36.66 45.85
N ILE B 712 -15.83 37.21 45.68
CA ILE B 712 -17.05 36.42 45.75
C ILE B 712 -18.02 36.87 44.66
N PRO B 713 -18.65 35.95 43.94
CA PRO B 713 -19.65 36.36 42.94
C PRO B 713 -21.00 36.67 43.56
N THR B 714 -21.80 37.43 42.82
CA THR B 714 -23.09 37.87 43.33
C THR B 714 -24.24 37.58 42.37
N ASN B 715 -23.97 37.59 41.07
CA ASN B 715 -25.01 37.37 40.07
C ASN B 715 -24.51 36.40 39.02
N PHE B 716 -25.44 35.74 38.35
CA PHE B 716 -25.12 34.65 37.43
C PHE B 716 -25.88 34.83 36.12
N THR B 717 -25.70 33.87 35.21
CA THR B 717 -26.34 33.90 33.91
C THR B 717 -26.31 32.49 33.33
N ILE B 718 -27.06 32.31 32.23
CA ILE B 718 -27.19 31.02 31.56
C ILE B 718 -26.73 31.18 30.12
N SER B 719 -26.20 30.10 29.54
CA SER B 719 -25.69 30.13 28.18
C SER B 719 -25.90 28.78 27.51
N VAL B 720 -25.85 28.79 26.18
CA VAL B 720 -26.08 27.61 25.36
C VAL B 720 -25.04 27.57 24.24
N THR B 721 -24.50 26.39 23.97
CA THR B 721 -23.49 26.18 22.95
C THR B 721 -23.98 25.17 21.91
N THR B 722 -23.08 24.78 21.00
CA THR B 722 -23.42 23.89 19.90
C THR B 722 -22.21 23.09 19.47
N GLU B 723 -22.41 21.81 19.17
CA GLU B 723 -21.35 20.92 18.71
C GLU B 723 -21.87 20.05 17.58
N ILE B 724 -20.95 19.58 16.73
CA ILE B 724 -21.28 18.78 15.55
C ILE B 724 -20.29 17.63 15.44
N LEU B 725 -20.80 16.45 15.08
CA LEU B 725 -19.95 15.26 14.95
C LEU B 725 -20.46 14.33 13.86
N PRO B 726 -19.60 13.88 12.94
CA PRO B 726 -20.04 12.96 11.90
C PRO B 726 -20.16 11.54 12.42
N VAL B 727 -20.98 10.74 11.73
CA VAL B 727 -21.26 9.40 12.21
C VAL B 727 -20.97 8.31 11.17
N SER B 728 -21.14 8.63 9.90
CA SER B 728 -21.02 7.60 8.87
C SER B 728 -21.03 8.25 7.49
N MET B 729 -20.81 7.43 6.47
CA MET B 729 -20.78 7.86 5.08
C MET B 729 -21.45 6.78 4.23
N THR B 730 -21.37 6.92 2.91
CA THR B 730 -22.08 6.01 2.02
C THR B 730 -21.30 4.72 1.83
N LYS B 731 -21.93 3.77 1.14
CA LYS B 731 -21.35 2.46 0.88
C LYS B 731 -21.43 2.16 -0.61
N THR B 732 -20.37 1.57 -1.15
CA THR B 732 -20.27 1.30 -2.58
C THR B 732 -19.78 -0.12 -2.81
N SER B 733 -19.84 -0.53 -4.07
CA SER B 733 -19.33 -1.83 -4.50
C SER B 733 -19.03 -1.76 -5.99
N VAL B 734 -18.05 -2.54 -6.42
CA VAL B 734 -17.57 -2.51 -7.81
C VAL B 734 -17.38 -3.93 -8.30
N ASP B 735 -17.81 -4.18 -9.54
CA ASP B 735 -17.58 -5.46 -10.20
C ASP B 735 -16.26 -5.40 -10.94
N CYS B 736 -15.30 -6.22 -10.52
CA CYS B 736 -13.97 -6.20 -11.11
C CYS B 736 -13.99 -6.60 -12.58
N THR B 737 -14.71 -7.69 -12.89
CA THR B 737 -14.59 -8.33 -14.19
C THR B 737 -15.04 -7.40 -15.31
N MET B 738 -16.24 -6.84 -15.20
CA MET B 738 -16.73 -5.96 -16.24
C MET B 738 -15.93 -4.66 -16.31
N TYR B 739 -15.55 -4.14 -15.15
CA TYR B 739 -14.77 -2.90 -15.12
C TYR B 739 -13.45 -3.06 -15.86
N ILE B 740 -12.78 -4.18 -15.66
CA ILE B 740 -11.48 -4.38 -16.29
C ILE B 740 -11.66 -4.79 -17.74
N CYS B 741 -12.28 -5.94 -17.97
CA CYS B 741 -12.31 -6.50 -19.31
C CYS B 741 -13.30 -5.78 -20.23
N GLY B 742 -14.49 -5.46 -19.75
CA GLY B 742 -15.51 -4.97 -20.65
C GLY B 742 -16.06 -6.07 -21.52
N ASP B 743 -16.56 -7.13 -20.87
CA ASP B 743 -17.22 -8.28 -21.52
C ASP B 743 -16.43 -8.80 -22.72
N SER B 744 -15.10 -8.75 -22.65
CA SER B 744 -14.25 -9.30 -23.69
C SER B 744 -13.79 -10.69 -23.26
N THR B 745 -14.17 -11.71 -24.03
CA THR B 745 -13.76 -13.07 -23.70
C THR B 745 -12.25 -13.24 -23.80
N GLU B 746 -11.63 -12.57 -24.77
CA GLU B 746 -10.19 -12.63 -24.92
C GLU B 746 -9.50 -12.04 -23.71
N CYS B 747 -10.02 -10.93 -23.19
CA CYS B 747 -9.51 -10.39 -21.93
C CYS B 747 -9.72 -11.37 -20.79
N SER B 748 -10.91 -11.97 -20.73
CA SER B 748 -11.28 -12.79 -19.57
C SER B 748 -10.41 -14.03 -19.48
N ASN B 749 -10.25 -14.75 -20.59
CA ASN B 749 -9.60 -16.05 -20.53
C ASN B 749 -8.10 -15.95 -20.31
N LEU B 750 -7.50 -14.76 -20.47
CA LEU B 750 -6.11 -14.56 -20.09
C LEU B 750 -5.96 -13.74 -18.82
N LEU B 751 -7.05 -13.17 -18.29
CA LEU B 751 -6.96 -12.49 -17.02
C LEU B 751 -6.89 -13.46 -15.86
N LEU B 752 -7.38 -14.68 -16.05
CA LEU B 752 -7.48 -15.65 -14.97
C LEU B 752 -6.13 -16.18 -14.49
N GLN B 753 -5.03 -15.81 -15.13
CA GLN B 753 -3.71 -16.27 -14.72
C GLN B 753 -3.27 -15.68 -13.38
N TYR B 754 -4.00 -14.70 -12.85
CA TYR B 754 -3.63 -14.03 -11.62
C TYR B 754 -4.29 -14.59 -10.39
N GLY B 755 -5.61 -14.78 -10.40
CA GLY B 755 -6.28 -15.40 -9.28
C GLY B 755 -7.50 -14.68 -8.74
N SER B 756 -7.61 -14.59 -7.42
CA SER B 756 -8.76 -14.03 -6.73
C SER B 756 -8.63 -12.51 -6.52
N PHE B 757 -7.85 -11.87 -7.39
CA PHE B 757 -7.32 -10.53 -7.14
C PHE B 757 -8.41 -9.52 -6.83
N CYS B 758 -9.61 -9.73 -7.38
CA CYS B 758 -10.70 -8.84 -7.06
C CYS B 758 -11.65 -9.43 -6.02
N THR B 759 -11.63 -10.76 -5.85
CA THR B 759 -12.48 -11.36 -4.83
C THR B 759 -12.05 -10.92 -3.44
N GLN B 760 -10.73 -10.85 -3.19
CA GLN B 760 -10.35 -10.34 -1.87
C GLN B 760 -10.73 -8.87 -1.71
N LEU B 761 -10.70 -8.10 -2.80
CA LEU B 761 -11.16 -6.71 -2.70
C LEU B 761 -12.62 -6.64 -2.32
N ASN B 762 -13.46 -7.48 -2.92
CA ASN B 762 -14.88 -7.49 -2.57
C ASN B 762 -15.07 -7.87 -1.11
N ARG B 763 -14.37 -8.91 -0.66
CA ARG B 763 -14.55 -9.34 0.72
C ARG B 763 -13.96 -8.32 1.70
N ALA B 764 -13.04 -7.49 1.24
CA ALA B 764 -12.56 -6.40 2.08
C ALA B 764 -13.59 -5.28 2.18
N LEU B 765 -14.23 -4.95 1.05
CA LEU B 765 -15.23 -3.88 1.07
C LEU B 765 -16.46 -4.27 1.88
N THR B 766 -16.80 -5.55 1.90
CA THR B 766 -17.95 -6.00 2.68
C THR B 766 -17.78 -5.65 4.16
N GLY B 767 -16.55 -5.72 4.67
CA GLY B 767 -16.33 -5.38 6.06
C GLY B 767 -16.69 -3.94 6.39
N ILE B 768 -16.26 -3.01 5.54
CA ILE B 768 -16.63 -1.60 5.73
C ILE B 768 -18.14 -1.43 5.63
N ALA B 769 -18.74 -2.13 4.67
CA ALA B 769 -20.19 -2.03 4.49
C ALA B 769 -20.93 -2.43 5.77
N VAL B 770 -20.49 -3.51 6.41
CA VAL B 770 -21.13 -3.94 7.65
C VAL B 770 -20.81 -2.97 8.78
N GLU B 771 -19.58 -2.48 8.82
CA GLU B 771 -19.14 -1.66 9.95
C GLU B 771 -19.90 -0.35 10.03
N GLN B 772 -20.23 0.23 8.87
CA GLN B 772 -21.01 1.47 8.88
C GLN B 772 -22.35 1.26 9.58
N ASP B 773 -23.07 0.20 9.23
CA ASP B 773 -24.33 -0.11 9.88
C ASP B 773 -24.14 -0.39 11.36
N LYS B 774 -23.06 -1.09 11.72
CA LYS B 774 -22.79 -1.33 13.13
C LYS B 774 -22.70 -0.02 13.90
N ASN B 775 -21.91 0.93 13.40
CA ASN B 775 -21.76 2.20 14.09
C ASN B 775 -23.09 2.94 14.18
N THR B 776 -23.83 2.98 13.07
CA THR B 776 -25.08 3.74 13.07
C THR B 776 -26.07 3.16 14.07
N GLN B 777 -26.16 1.83 14.12
CA GLN B 777 -27.07 1.20 15.08
C GLN B 777 -26.61 1.46 16.51
N GLU B 778 -25.32 1.32 16.77
CA GLU B 778 -24.83 1.39 18.13
C GLU B 778 -24.99 2.79 18.71
N VAL B 779 -24.77 3.83 17.90
CA VAL B 779 -24.79 5.18 18.45
C VAL B 779 -26.19 5.58 18.90
N PHE B 780 -27.23 5.01 18.32
CA PHE B 780 -28.60 5.43 18.59
C PHE B 780 -29.47 4.36 19.22
N ALA B 781 -28.94 3.17 19.51
CA ALA B 781 -29.73 2.07 20.06
C ALA B 781 -29.53 1.92 21.56
N GLN B 782 -29.45 3.05 22.28
CA GLN B 782 -29.17 3.01 23.71
C GLN B 782 -30.42 2.90 24.56
N VAL B 783 -31.61 3.01 23.99
CA VAL B 783 -32.85 2.91 24.75
C VAL B 783 -33.61 1.67 24.29
N LYS B 784 -34.52 1.21 25.14
CA LYS B 784 -35.27 -0.01 24.88
C LYS B 784 -36.78 0.19 24.79
N GLN B 785 -37.29 1.36 25.17
CA GLN B 785 -38.72 1.62 25.14
C GLN B 785 -38.99 2.97 24.51
N ILE B 786 -40.19 3.14 23.98
CA ILE B 786 -40.59 4.36 23.32
C ILE B 786 -41.58 5.11 24.21
N TYR B 787 -41.24 6.35 24.53
CA TYR B 787 -42.09 7.21 25.33
C TYR B 787 -42.72 8.28 24.46
N LYS B 788 -43.70 8.98 25.03
CA LYS B 788 -44.36 10.07 24.32
C LYS B 788 -44.78 11.14 25.32
N THR B 789 -44.70 12.38 24.88
CA THR B 789 -45.00 13.52 25.72
C THR B 789 -46.51 13.65 25.96
N PRO B 790 -46.90 14.14 27.13
CA PRO B 790 -48.33 14.40 27.38
C PRO B 790 -48.82 15.55 26.52
N PRO B 791 -50.11 15.58 26.20
CA PRO B 791 -50.62 16.64 25.33
C PRO B 791 -50.55 18.03 25.94
N ILE B 792 -50.59 18.15 27.27
CA ILE B 792 -50.64 19.44 27.93
C ILE B 792 -49.23 19.91 28.23
N LYS B 793 -48.90 21.11 27.76
CA LYS B 793 -47.56 21.67 27.93
C LYS B 793 -47.55 22.66 29.09
N ASP B 794 -47.49 22.11 30.30
CA ASP B 794 -47.44 22.89 31.53
C ASP B 794 -46.11 22.59 32.22
N PHE B 795 -45.13 23.50 32.03
CA PHE B 795 -43.80 23.30 32.58
C PHE B 795 -43.30 24.52 33.36
N GLY B 796 -44.21 25.31 33.91
CA GLY B 796 -43.81 26.46 34.72
C GLY B 796 -43.06 27.53 33.95
N GLY B 797 -43.54 27.86 32.75
CA GLY B 797 -43.02 28.97 31.99
C GLY B 797 -42.01 28.61 30.92
N PHE B 798 -41.42 27.42 30.99
CA PHE B 798 -40.43 27.03 30.00
C PHE B 798 -41.14 26.71 28.68
N ASN B 799 -40.61 27.23 27.58
CA ASN B 799 -41.21 27.07 26.26
C ASN B 799 -40.27 26.20 25.43
N PHE B 800 -40.62 24.92 25.29
CA PHE B 800 -39.84 23.96 24.52
C PHE B 800 -40.41 23.75 23.12
N SER B 801 -41.24 24.66 22.63
CA SER B 801 -41.84 24.48 21.31
C SER B 801 -40.78 24.42 20.22
N GLN B 802 -39.72 25.20 20.36
CA GLN B 802 -38.68 25.26 19.34
C GLN B 802 -37.92 23.96 19.19
N ILE B 803 -38.03 23.04 20.14
CA ILE B 803 -37.27 21.80 20.11
C ILE B 803 -38.15 20.56 19.94
N LEU B 804 -39.45 20.65 20.19
CA LEU B 804 -40.31 19.50 20.06
C LEU B 804 -40.78 19.33 18.61
N PRO B 805 -41.11 18.10 18.21
CA PRO B 805 -41.58 17.87 16.84
C PRO B 805 -42.92 18.55 16.58
N ASP B 806 -43.15 18.86 15.31
CA ASP B 806 -44.40 19.48 14.90
C ASP B 806 -45.26 18.45 14.19
N PRO B 807 -46.32 17.94 14.83
CA PRO B 807 -47.18 16.95 14.15
C PRO B 807 -47.83 17.47 12.89
N SER B 808 -48.14 18.77 12.83
CA SER B 808 -48.85 19.33 11.68
C SER B 808 -48.01 19.21 10.41
N LYS B 809 -46.70 19.40 10.52
CA LYS B 809 -45.85 19.36 9.35
C LYS B 809 -45.80 17.94 8.77
N PRO B 810 -45.54 17.83 7.46
CA PRO B 810 -45.51 16.48 6.85
C PRO B 810 -44.48 15.56 7.48
N SER B 811 -43.35 16.09 7.91
CA SER B 811 -42.34 15.31 8.62
C SER B 811 -42.34 15.71 10.09
N LYS B 812 -42.43 14.72 10.96
CA LYS B 812 -42.48 14.96 12.40
C LYS B 812 -41.09 15.38 12.89
N ARG B 813 -40.77 16.64 12.62
CA ARG B 813 -39.49 17.22 12.98
C ARG B 813 -39.68 18.57 13.66
N SER B 814 -38.76 18.88 14.56
CA SER B 814 -38.76 20.18 15.21
C SER B 814 -38.41 21.27 14.19
N PRO B 815 -38.83 22.51 14.43
CA PRO B 815 -38.50 23.58 13.48
C PRO B 815 -37.00 23.78 13.30
N ILE B 816 -36.22 23.64 14.37
CA ILE B 816 -34.78 23.76 14.23
C ILE B 816 -34.22 22.60 13.40
N GLU B 817 -34.80 21.41 13.57
CA GLU B 817 -34.37 20.27 12.76
C GLU B 817 -34.67 20.51 11.28
N ASP B 818 -35.85 21.05 10.98
CA ASP B 818 -36.21 21.32 9.60
C ASP B 818 -35.32 22.40 9.00
N LEU B 819 -35.00 23.43 9.79
CA LEU B 819 -34.07 24.45 9.33
C LEU B 819 -32.70 23.86 9.05
N LEU B 820 -32.24 22.96 9.91
CA LEU B 820 -30.96 22.29 9.66
C LEU B 820 -31.01 21.46 8.39
N PHE B 821 -32.11 20.74 8.16
CA PHE B 821 -32.25 19.96 6.95
C PHE B 821 -32.18 20.85 5.72
N ASN B 822 -32.81 22.02 5.78
CA ASN B 822 -32.70 22.97 4.68
C ASN B 822 -31.27 23.47 4.51
N LYS B 823 -30.57 23.72 5.62
CA LYS B 823 -29.19 24.21 5.54
C LYS B 823 -28.29 23.21 4.84
N VAL B 824 -28.37 21.94 5.22
CA VAL B 824 -27.52 20.91 4.62
C VAL B 824 -28.10 20.52 3.27
N THR B 825 -27.23 20.37 2.28
CA THR B 825 -27.67 19.99 0.94
C THR B 825 -27.91 18.49 0.87
N LYS B 852 -20.67 6.33 -12.50
CA LYS B 852 -21.94 6.02 -11.83
C LYS B 852 -22.64 4.85 -12.50
N PHE B 853 -22.10 4.41 -13.63
CA PHE B 853 -22.76 3.39 -14.44
C PHE B 853 -21.84 2.30 -14.94
N ASN B 854 -20.52 2.44 -14.85
CA ASN B 854 -19.59 1.41 -15.31
C ASN B 854 -19.14 0.53 -14.15
N GLY B 855 -20.09 -0.25 -13.63
CA GLY B 855 -19.84 -1.08 -12.48
C GLY B 855 -19.90 -0.38 -11.15
N LEU B 856 -20.25 0.90 -11.13
CA LEU B 856 -20.34 1.66 -9.90
C LEU B 856 -21.72 1.45 -9.27
N THR B 857 -21.74 1.01 -8.02
CA THR B 857 -22.98 0.72 -7.32
C THR B 857 -22.96 1.39 -5.95
N VAL B 858 -24.15 1.79 -5.50
CA VAL B 858 -24.33 2.43 -4.20
C VAL B 858 -25.46 1.71 -3.47
N LEU B 859 -25.21 1.32 -2.24
CA LEU B 859 -26.23 0.65 -1.48
C LEU B 859 -26.96 1.62 -0.57
N PRO B 860 -28.24 1.38 -0.28
CA PRO B 860 -28.98 2.25 0.61
C PRO B 860 -28.75 1.87 2.07
N PRO B 861 -28.83 2.83 2.99
CA PRO B 861 -28.64 2.51 4.41
C PRO B 861 -29.80 1.70 4.96
N LEU B 862 -29.52 0.96 6.03
CA LEU B 862 -30.56 0.14 6.63
C LEU B 862 -31.58 0.99 7.38
N LEU B 863 -31.12 1.96 8.16
CA LEU B 863 -32.00 2.80 8.95
C LEU B 863 -32.34 4.08 8.19
N THR B 864 -33.50 4.63 8.48
CA THR B 864 -34.01 5.80 7.79
C THR B 864 -34.25 6.96 8.75
N ASP B 865 -34.31 8.15 8.15
CA ASP B 865 -34.52 9.37 8.94
C ASP B 865 -35.78 9.31 9.77
N GLU B 866 -36.79 8.55 9.32
CA GLU B 866 -38.03 8.48 10.07
C GLU B 866 -37.81 7.89 11.46
N MET B 867 -37.24 6.70 11.52
CA MET B 867 -37.01 6.11 12.84
C MET B 867 -35.85 6.80 13.56
N ILE B 868 -34.94 7.44 12.83
CA ILE B 868 -33.94 8.26 13.52
C ILE B 868 -34.61 9.38 14.31
N ALA B 869 -35.53 10.10 13.66
CA ALA B 869 -36.25 11.17 14.33
C ALA B 869 -37.13 10.62 15.44
N GLN B 870 -37.72 9.44 15.23
CA GLN B 870 -38.50 8.83 16.30
C GLN B 870 -37.65 8.55 17.52
N TYR B 871 -36.44 8.02 17.32
CA TYR B 871 -35.55 7.76 18.44
C TYR B 871 -35.18 9.05 19.17
N THR B 872 -34.85 10.10 18.40
CA THR B 872 -34.48 11.37 19.03
C THR B 872 -35.65 11.93 19.85
N SER B 873 -36.86 11.88 19.28
CA SER B 873 -38.03 12.38 19.99
C SER B 873 -38.29 11.58 21.25
N ALA B 874 -38.14 10.26 21.17
CA ALA B 874 -38.35 9.43 22.36
C ALA B 874 -37.35 9.78 23.45
N LEU B 875 -36.08 9.95 23.08
CA LEU B 875 -35.07 10.32 24.07
C LEU B 875 -35.40 11.65 24.72
N LEU B 876 -35.76 12.65 23.89
CA LEU B 876 -36.06 13.97 24.43
C LEU B 876 -37.26 13.93 25.37
N ALA B 877 -38.32 13.23 24.97
CA ALA B 877 -39.48 13.12 25.83
C ALA B 877 -39.15 12.42 27.14
N GLY B 878 -38.37 11.34 27.08
CA GLY B 878 -38.02 10.63 28.30
C GLY B 878 -37.25 11.50 29.27
N THR B 879 -36.24 12.22 28.77
CA THR B 879 -35.47 13.05 29.68
C THR B 879 -36.30 14.21 30.23
N ILE B 880 -37.07 14.90 29.38
CA ILE B 880 -37.84 16.03 29.87
C ILE B 880 -38.92 15.57 30.85
N THR B 881 -39.37 14.33 30.75
CA THR B 881 -40.41 13.84 31.64
C THR B 881 -39.84 13.37 32.98
N SER B 882 -38.83 12.50 32.96
CA SER B 882 -38.42 11.81 34.18
C SER B 882 -36.95 12.03 34.52
N GLY B 883 -36.33 13.10 34.04
CA GLY B 883 -34.94 13.35 34.41
C GLY B 883 -34.03 12.24 33.97
N TRP B 884 -33.19 11.76 34.89
CA TRP B 884 -32.23 10.71 34.60
C TRP B 884 -32.62 9.37 35.22
N THR B 885 -33.81 9.26 35.80
CA THR B 885 -34.19 8.02 36.47
C THR B 885 -34.27 6.86 35.50
N PHE B 886 -34.83 7.10 34.31
CA PHE B 886 -35.03 6.02 33.35
C PHE B 886 -33.73 5.46 32.80
N GLY B 887 -32.61 6.15 33.03
CA GLY B 887 -31.34 5.64 32.54
C GLY B 887 -30.95 4.31 33.13
N ALA B 888 -31.25 4.10 34.41
CA ALA B 888 -30.84 2.88 35.10
C ALA B 888 -31.97 1.88 35.27
N GLY B 889 -33.22 2.33 35.35
CA GLY B 889 -34.33 1.45 35.56
C GLY B 889 -35.65 2.03 35.07
N PRO B 890 -36.74 1.74 35.77
CA PRO B 890 -38.04 2.26 35.35
C PRO B 890 -38.18 3.74 35.67
N ALA B 891 -38.76 4.47 34.73
CA ALA B 891 -38.87 5.92 34.87
C ALA B 891 -39.85 6.28 35.99
N LEU B 892 -39.54 7.37 36.69
CA LEU B 892 -40.39 7.89 37.75
C LEU B 892 -40.66 9.37 37.49
N GLN B 893 -41.92 9.76 37.55
CA GLN B 893 -42.29 11.13 37.25
C GLN B 893 -41.78 12.09 38.31
N ILE B 894 -41.29 13.24 37.87
CA ILE B 894 -40.74 14.26 38.76
C ILE B 894 -41.10 15.64 38.23
N PRO B 895 -41.58 16.54 39.08
CA PRO B 895 -41.84 17.92 38.62
C PRO B 895 -40.57 18.58 38.11
N PHE B 896 -40.72 19.38 37.06
CA PHE B 896 -39.57 20.02 36.44
C PHE B 896 -38.80 20.95 37.38
N PRO B 897 -39.44 21.85 38.13
CA PRO B 897 -38.66 22.63 39.11
C PRO B 897 -37.98 21.76 40.15
N MET B 898 -38.61 20.67 40.56
CA MET B 898 -37.95 19.76 41.49
C MET B 898 -36.68 19.20 40.90
N GLN B 899 -36.73 18.79 39.63
CA GLN B 899 -35.53 18.27 38.97
C GLN B 899 -34.46 19.35 38.86
N MET B 900 -34.86 20.57 38.49
CA MET B 900 -33.88 21.64 38.35
C MET B 900 -33.24 21.99 39.69
N ALA B 901 -33.99 21.83 40.78
CA ALA B 901 -33.38 22.04 42.10
C ALA B 901 -32.25 21.06 42.35
N TYR B 902 -32.47 19.78 42.01
CA TYR B 902 -31.40 18.80 42.14
C TYR B 902 -30.21 19.16 41.27
N ARG B 903 -30.48 19.60 40.04
CA ARG B 903 -29.39 20.00 39.15
C ARG B 903 -28.57 21.13 39.76
N PHE B 904 -29.25 22.13 40.31
CA PHE B 904 -28.54 23.24 40.93
C PHE B 904 -27.73 22.77 42.13
N ASN B 905 -28.33 21.93 42.97
CA ASN B 905 -27.61 21.44 44.15
C ASN B 905 -26.41 20.59 43.77
N GLY B 906 -26.43 19.97 42.58
CA GLY B 906 -25.32 19.13 42.17
C GLY B 906 -24.00 19.87 41.99
N ILE B 907 -24.03 21.20 41.91
CA ILE B 907 -22.81 21.97 41.72
C ILE B 907 -22.54 22.83 42.94
N GLY B 908 -22.93 22.34 44.11
CA GLY B 908 -22.62 23.03 45.35
C GLY B 908 -23.30 24.37 45.55
N VAL B 909 -24.58 24.46 45.25
CA VAL B 909 -25.39 25.64 45.53
C VAL B 909 -26.64 25.20 46.27
N THR B 910 -26.97 25.90 47.35
CA THR B 910 -28.16 25.55 48.11
C THR B 910 -29.40 25.70 47.24
N GLN B 911 -30.32 24.74 47.38
CA GLN B 911 -31.47 24.66 46.48
C GLN B 911 -32.44 25.82 46.67
N ASN B 912 -32.35 26.55 47.78
CA ASN B 912 -33.30 27.62 48.02
C ASN B 912 -33.17 28.75 47.00
N VAL B 913 -31.97 28.93 46.44
CA VAL B 913 -31.70 30.08 45.58
C VAL B 913 -32.60 30.06 44.36
N LEU B 914 -32.87 28.87 43.81
CA LEU B 914 -33.61 28.78 42.57
C LEU B 914 -35.03 29.31 42.72
N TYR B 915 -35.64 29.09 43.88
CA TYR B 915 -37.07 29.35 44.03
C TYR B 915 -37.41 30.82 43.86
N GLU B 916 -36.59 31.72 44.41
CA GLU B 916 -36.91 33.13 44.36
C GLU B 916 -36.40 33.82 43.09
N ASN B 917 -35.96 33.07 42.09
CA ASN B 917 -35.50 33.65 40.83
C ASN B 917 -36.04 32.89 39.63
N GLN B 918 -37.15 32.16 39.82
CA GLN B 918 -37.65 31.28 38.78
C GLN B 918 -38.06 32.07 37.54
N LYS B 919 -38.73 33.20 37.73
CA LYS B 919 -39.19 33.99 36.59
C LYS B 919 -38.02 34.49 35.76
N LEU B 920 -37.02 35.06 36.42
CA LEU B 920 -35.85 35.56 35.71
C LEU B 920 -35.11 34.44 34.99
N ILE B 921 -34.94 33.31 35.65
CA ILE B 921 -34.24 32.19 35.03
C ILE B 921 -35.00 31.71 33.80
N ALA B 922 -36.32 31.60 33.90
CA ALA B 922 -37.11 31.17 32.76
C ALA B 922 -37.01 32.16 31.61
N ASN B 923 -37.03 33.46 31.91
CA ASN B 923 -36.92 34.46 30.85
C ASN B 923 -35.58 34.34 30.13
N GLN B 924 -34.49 34.20 30.89
CA GLN B 924 -33.19 34.08 30.26
C GLN B 924 -33.11 32.81 29.42
N PHE B 925 -33.64 31.70 29.94
CA PHE B 925 -33.60 30.45 29.20
C PHE B 925 -34.39 30.56 27.91
N ASN B 926 -35.55 31.21 27.95
CA ASN B 926 -36.35 31.38 26.75
C ASN B 926 -35.62 32.22 25.72
N SER B 927 -34.97 33.30 26.17
CA SER B 927 -34.25 34.16 25.23
C SER B 927 -33.09 33.43 24.58
N ALA B 928 -32.41 32.57 25.34
CA ALA B 928 -31.23 31.88 24.83
C ALA B 928 -31.57 31.01 23.63
N ILE B 929 -32.72 30.34 23.64
CA ILE B 929 -33.07 29.45 22.53
C ILE B 929 -33.24 30.24 21.24
N GLY B 930 -33.94 31.36 21.29
CA GLY B 930 -34.05 32.21 20.13
C GLY B 930 -32.71 32.72 19.66
N LYS B 931 -31.82 33.05 20.61
CA LYS B 931 -30.49 33.53 20.23
C LYS B 931 -29.76 32.48 19.40
N ILE B 932 -29.71 31.24 19.88
CA ILE B 932 -28.97 30.21 19.16
C ILE B 932 -29.66 29.87 17.84
N GLN B 933 -30.99 29.89 17.82
CA GLN B 933 -31.69 29.67 16.55
C GLN B 933 -31.27 30.69 15.51
N ASP B 934 -31.28 31.96 15.88
CA ASP B 934 -30.90 33.02 14.94
C ASP B 934 -29.43 32.89 14.53
N SER B 935 -28.56 32.59 15.49
CA SER B 935 -27.14 32.47 15.16
C SER B 935 -26.88 31.33 14.19
N LEU B 936 -27.52 30.18 14.41
CA LEU B 936 -27.37 29.06 13.50
C LEU B 936 -27.95 29.38 12.13
N SER B 937 -29.09 30.07 12.10
CA SER B 937 -29.68 30.46 10.83
C SER B 937 -28.76 31.41 10.07
N SER B 938 -28.05 32.27 10.79
CA SER B 938 -27.18 33.25 10.15
C SER B 938 -25.90 32.61 9.63
N THR B 939 -25.12 32.02 10.53
CA THR B 939 -23.79 31.54 10.14
C THR B 939 -23.89 30.29 9.28
N PRO B 940 -23.37 30.31 8.06
CA PRO B 940 -23.47 29.13 7.19
C PRO B 940 -22.21 28.25 7.20
N SER B 941 -21.15 28.71 7.84
CA SER B 941 -19.85 28.07 7.75
C SER B 941 -19.56 27.08 8.87
N ALA B 942 -20.58 26.70 9.64
CA ALA B 942 -20.34 25.81 10.77
C ALA B 942 -20.35 24.34 10.38
N LEU B 943 -20.83 24.00 9.18
CA LEU B 943 -21.02 22.62 8.77
C LEU B 943 -19.92 22.13 7.83
N GLY B 944 -18.72 22.70 7.96
CA GLY B 944 -17.64 22.35 7.07
C GLY B 944 -17.24 20.89 7.15
N LYS B 945 -17.27 20.32 8.35
CA LYS B 945 -16.91 18.91 8.52
C LYS B 945 -17.86 18.02 7.74
N LEU B 946 -19.17 18.21 7.96
CA LEU B 946 -20.15 17.38 7.26
C LEU B 946 -20.08 17.60 5.76
N GLN B 947 -19.77 18.82 5.32
CA GLN B 947 -19.63 19.06 3.89
C GLN B 947 -18.44 18.31 3.31
N ASP B 948 -17.27 18.45 3.95
CA ASP B 948 -16.06 17.88 3.37
C ASP B 948 -16.08 16.36 3.42
N VAL B 949 -16.81 15.79 4.39
CA VAL B 949 -16.92 14.33 4.44
C VAL B 949 -17.51 13.80 3.15
N VAL B 950 -18.60 14.41 2.67
CA VAL B 950 -19.20 13.99 1.41
C VAL B 950 -18.31 14.37 0.24
N ASN B 951 -17.71 15.56 0.31
CA ASN B 951 -16.91 16.05 -0.81
C ASN B 951 -15.74 15.13 -1.11
N GLN B 952 -15.10 14.60 -0.07
CA GLN B 952 -13.95 13.72 -0.29
C GLN B 952 -14.35 12.47 -1.07
N ASN B 953 -15.45 11.83 -0.66
CA ASN B 953 -15.90 10.63 -1.36
C ASN B 953 -16.29 10.95 -2.81
N ALA B 954 -16.99 12.07 -3.01
CA ALA B 954 -17.38 12.43 -4.36
C ALA B 954 -16.16 12.64 -5.24
N GLN B 955 -15.16 13.36 -4.74
CA GLN B 955 -13.95 13.60 -5.52
C GLN B 955 -13.21 12.30 -5.82
N ALA B 956 -13.14 11.40 -4.83
CA ALA B 956 -12.45 10.13 -5.05
C ALA B 956 -13.13 9.31 -6.14
N LEU B 957 -14.46 9.24 -6.09
CA LEU B 957 -15.18 8.48 -7.12
C LEU B 957 -15.00 9.13 -8.49
N ASN B 958 -15.03 10.46 -8.55
CA ASN B 958 -14.83 11.14 -9.83
C ASN B 958 -13.45 10.84 -10.40
N THR B 959 -12.42 10.88 -9.55
CA THR B 959 -11.09 10.54 -10.02
C THR B 959 -11.02 9.11 -10.53
N LEU B 960 -11.62 8.18 -9.78
CA LEU B 960 -11.56 6.78 -10.18
C LEU B 960 -12.21 6.57 -11.55
N VAL B 961 -13.38 7.15 -11.77
CA VAL B 961 -14.04 6.95 -13.06
C VAL B 961 -13.28 7.68 -14.16
N LYS B 962 -12.69 8.83 -13.85
CA LYS B 962 -11.94 9.57 -14.85
C LYS B 962 -10.71 8.80 -15.31
N GLN B 963 -10.12 8.01 -14.42
CA GLN B 963 -8.85 7.34 -14.73
C GLN B 963 -8.93 6.43 -15.94
N LEU B 964 -10.13 6.00 -16.32
CA LEU B 964 -10.26 5.02 -17.41
C LEU B 964 -9.75 5.54 -18.74
N SER B 965 -9.62 6.86 -18.90
CA SER B 965 -9.26 7.45 -20.18
C SER B 965 -7.77 7.66 -20.35
N SER B 966 -6.94 6.83 -19.72
CA SER B 966 -5.49 6.92 -19.87
C SER B 966 -4.98 5.77 -20.70
N ASN B 967 -4.00 6.05 -21.57
CA ASN B 967 -3.49 5.04 -22.48
C ASN B 967 -2.60 4.03 -21.79
N PHE B 968 -1.90 4.44 -20.73
CA PHE B 968 -0.96 3.57 -20.03
C PHE B 968 0.11 3.01 -20.95
N GLY B 969 0.59 3.83 -21.88
CA GLY B 969 1.60 3.39 -22.83
C GLY B 969 1.05 2.76 -24.09
N ALA B 970 -0.25 2.46 -24.13
CA ALA B 970 -0.85 1.97 -25.37
C ALA B 970 -1.23 3.15 -26.26
N ILE B 971 -1.68 2.84 -27.47
CA ILE B 971 -2.08 3.91 -28.39
C ILE B 971 -3.38 4.56 -27.93
N SER B 972 -4.32 3.78 -27.44
CA SER B 972 -5.65 4.29 -27.12
C SER B 972 -6.04 3.86 -25.72
N SER B 973 -7.03 4.56 -25.17
CA SER B 973 -7.46 4.35 -23.79
C SER B 973 -8.90 3.87 -23.66
N VAL B 974 -9.67 3.85 -24.75
CA VAL B 974 -11.08 3.46 -24.67
C VAL B 974 -11.18 2.00 -24.23
N LEU B 975 -12.24 1.69 -23.47
CA LEU B 975 -12.50 0.29 -23.13
C LEU B 975 -12.64 -0.56 -24.39
N ASN B 976 -13.11 0.05 -25.48
CA ASN B 976 -13.21 -0.62 -26.76
C ASN B 976 -11.84 -0.92 -27.35
N ASP B 977 -10.77 -0.36 -26.77
CA ASP B 977 -9.44 -0.52 -27.36
C ASP B 977 -8.91 -1.93 -27.17
N ILE B 978 -9.73 -2.83 -26.64
CA ILE B 978 -9.31 -4.21 -26.46
C ILE B 978 -10.34 -5.15 -27.09
N LEU B 979 -11.13 -4.64 -28.04
CA LEU B 979 -12.34 -5.35 -28.46
C LEU B 979 -12.34 -5.87 -29.88
N SER B 980 -12.09 -5.03 -30.90
CA SER B 980 -12.43 -5.48 -32.25
C SER B 980 -11.46 -5.03 -33.35
N ARG B 981 -10.17 -4.86 -33.07
CA ARG B 981 -9.40 -3.96 -33.93
C ARG B 981 -7.99 -4.43 -34.38
N LEU B 982 -7.34 -5.39 -33.73
CA LEU B 982 -5.96 -5.74 -34.14
C LEU B 982 -5.64 -7.20 -33.82
N ASP B 983 -4.60 -7.70 -34.49
CA ASP B 983 -4.28 -9.13 -34.54
C ASP B 983 -3.83 -9.68 -33.18
N PRO B 984 -4.08 -10.97 -32.93
CA PRO B 984 -3.65 -11.58 -31.65
C PRO B 984 -2.14 -11.57 -31.47
N PRO B 985 -1.36 -12.17 -32.38
CA PRO B 985 0.05 -12.45 -32.04
C PRO B 985 0.91 -11.21 -31.85
N GLU B 986 0.37 -10.03 -32.12
CA GLU B 986 1.00 -8.78 -31.73
C GLU B 986 0.21 -7.99 -30.71
N ALA B 987 -1.08 -8.30 -30.52
CA ALA B 987 -1.89 -7.53 -29.59
C ALA B 987 -1.96 -8.17 -28.20
N GLU B 988 -1.64 -9.45 -28.09
CA GLU B 988 -1.61 -10.09 -26.78
C GLU B 988 -0.46 -9.55 -25.95
N VAL B 989 0.62 -9.12 -26.59
CA VAL B 989 1.73 -8.49 -25.89
C VAL B 989 1.47 -7.03 -25.60
N GLN B 990 0.34 -6.49 -26.03
CA GLN B 990 -0.04 -5.10 -25.79
C GLN B 990 -1.16 -4.95 -24.78
N ILE B 991 -2.16 -5.82 -24.84
CA ILE B 991 -3.30 -5.72 -23.93
C ILE B 991 -2.87 -5.97 -22.49
N ASP B 992 -1.82 -6.78 -22.30
CA ASP B 992 -1.35 -7.08 -20.96
C ASP B 992 -0.91 -5.82 -20.23
N ARG B 993 -0.25 -4.92 -20.95
CA ARG B 993 0.19 -3.67 -20.34
C ARG B 993 -1.01 -2.87 -19.82
N LEU B 994 -2.07 -2.79 -20.61
CA LEU B 994 -3.26 -2.06 -20.17
C LEU B 994 -3.90 -2.73 -18.96
N ILE B 995 -4.03 -4.06 -18.99
CA ILE B 995 -4.71 -4.73 -17.89
C ILE B 995 -3.90 -4.63 -16.61
N THR B 996 -2.57 -4.66 -16.71
CA THR B 996 -1.77 -4.50 -15.50
C THR B 996 -1.66 -3.05 -15.07
N GLY B 997 -1.93 -2.11 -15.97
CA GLY B 997 -1.92 -0.72 -15.57
C GLY B 997 -3.21 -0.29 -14.91
N ARG B 998 -4.29 -1.04 -15.14
CA ARG B 998 -5.57 -0.65 -14.55
C ARG B 998 -5.80 -1.16 -13.13
N LEU B 999 -4.89 -1.93 -12.55
CA LEU B 999 -5.21 -2.60 -11.29
C LEU B 999 -4.72 -1.83 -10.06
N GLN B 1000 -3.54 -1.22 -10.14
CA GLN B 1000 -3.05 -0.42 -9.02
C GLN B 1000 -4.00 0.74 -8.73
N SER B 1001 -4.70 1.22 -9.75
CA SER B 1001 -5.72 2.25 -9.54
C SER B 1001 -6.82 1.78 -8.61
N LEU B 1002 -7.18 0.50 -8.65
CA LEU B 1002 -8.12 -0.06 -7.68
C LEU B 1002 -7.48 -0.25 -6.32
N GLN B 1003 -6.23 -0.71 -6.32
CA GLN B 1003 -5.54 -0.97 -5.05
C GLN B 1003 -5.45 0.30 -4.21
N THR B 1004 -5.02 1.40 -4.81
CA THR B 1004 -4.89 2.65 -4.07
C THR B 1004 -6.24 3.09 -3.53
N TYR B 1005 -7.29 2.95 -4.33
CA TYR B 1005 -8.62 3.36 -3.90
C TYR B 1005 -9.07 2.58 -2.67
N VAL B 1006 -8.87 1.26 -2.70
CA VAL B 1006 -9.33 0.47 -1.55
C VAL B 1006 -8.51 0.81 -0.30
N THR B 1007 -7.21 1.07 -0.45
CA THR B 1007 -6.42 1.45 0.72
C THR B 1007 -6.91 2.78 1.29
N GLN B 1008 -7.20 3.74 0.42
CA GLN B 1008 -7.70 5.03 0.88
C GLN B 1008 -9.01 4.87 1.65
N GLN B 1009 -9.93 4.07 1.12
CA GLN B 1009 -11.19 3.84 1.82
C GLN B 1009 -10.95 3.18 3.17
N LEU B 1010 -10.01 2.23 3.23
CA LEU B 1010 -9.71 1.59 4.49
C LEU B 1010 -9.27 2.60 5.54
N ILE B 1011 -8.35 3.50 5.17
CA ILE B 1011 -7.86 4.48 6.14
C ILE B 1011 -8.99 5.40 6.60
N ARG B 1012 -9.80 5.88 5.66
CA ARG B 1012 -10.88 6.80 6.01
C ARG B 1012 -11.86 6.14 6.97
N ALA B 1013 -12.26 4.90 6.68
CA ALA B 1013 -13.17 4.20 7.59
C ALA B 1013 -12.53 4.00 8.95
N ALA B 1014 -11.23 3.71 8.97
CA ALA B 1014 -10.55 3.49 10.23
C ALA B 1014 -10.65 4.71 11.14
N GLU B 1015 -10.45 5.91 10.58
CA GLU B 1015 -10.58 7.08 11.44
C GLU B 1015 -12.03 7.43 11.77
N ILE B 1016 -12.95 7.18 10.84
CA ILE B 1016 -14.36 7.45 11.10
C ILE B 1016 -14.85 6.63 12.29
N ARG B 1017 -14.35 5.40 12.43
CA ARG B 1017 -14.77 4.57 13.55
C ARG B 1017 -14.41 5.22 14.89
N ALA B 1018 -13.20 5.74 15.01
CA ALA B 1018 -12.80 6.40 16.26
C ALA B 1018 -13.66 7.63 16.52
N SER B 1019 -13.95 8.40 15.47
CA SER B 1019 -14.85 9.54 15.66
C SER B 1019 -16.20 9.10 16.21
N ALA B 1020 -16.75 8.01 15.65
CA ALA B 1020 -18.05 7.53 16.10
C ALA B 1020 -18.00 7.07 17.56
N ASN B 1021 -16.93 6.39 17.95
CA ASN B 1021 -16.80 5.97 19.34
C ASN B 1021 -16.78 7.16 20.28
N LEU B 1022 -16.04 8.21 19.91
CA LEU B 1022 -16.03 9.41 20.73
C LEU B 1022 -17.42 10.02 20.86
N ALA B 1023 -18.15 10.09 19.74
CA ALA B 1023 -19.49 10.65 19.79
C ALA B 1023 -20.41 9.84 20.71
N ALA B 1024 -20.33 8.52 20.61
CA ALA B 1024 -21.17 7.66 21.45
C ALA B 1024 -20.85 7.88 22.93
N THR B 1025 -19.56 7.94 23.27
CA THR B 1025 -19.21 8.17 24.67
C THR B 1025 -19.73 9.53 25.15
N LYS B 1026 -19.59 10.56 24.31
CA LYS B 1026 -20.09 11.87 24.70
C LYS B 1026 -21.58 11.83 24.99
N MET B 1027 -22.36 11.21 24.10
CA MET B 1027 -23.79 11.16 24.32
C MET B 1027 -24.12 10.40 25.58
N SER B 1028 -23.45 9.27 25.79
CA SER B 1028 -23.74 8.44 26.96
C SER B 1028 -23.49 9.20 28.26
N GLU B 1029 -22.39 9.96 28.33
CA GLU B 1029 -22.04 10.61 29.59
C GLU B 1029 -22.60 12.02 29.74
N CYS B 1030 -23.11 12.64 28.68
CA CYS B 1030 -23.65 13.99 28.83
C CYS B 1030 -25.15 14.07 28.70
N VAL B 1031 -25.82 13.04 28.20
CA VAL B 1031 -27.28 13.07 28.02
C VAL B 1031 -27.99 12.33 29.14
N LEU B 1032 -27.68 11.04 29.32
CA LEU B 1032 -28.42 10.23 30.28
C LEU B 1032 -28.16 10.62 31.73
N GLY B 1033 -27.16 11.43 32.00
CA GLY B 1033 -26.87 11.83 33.37
C GLY B 1033 -26.21 13.18 33.47
N GLN B 1034 -25.47 13.40 34.56
CA GLN B 1034 -24.74 14.64 34.78
C GLN B 1034 -23.27 14.32 34.99
N SER B 1035 -22.40 15.11 34.37
CA SER B 1035 -20.97 14.83 34.35
C SER B 1035 -20.21 15.84 35.19
N LYS B 1036 -19.17 15.36 35.88
CA LYS B 1036 -18.32 16.21 36.69
C LYS B 1036 -17.00 16.53 36.04
N ARG B 1037 -16.67 15.89 34.92
CA ARG B 1037 -15.42 16.17 34.23
C ARG B 1037 -15.44 17.60 33.71
N VAL B 1038 -14.34 18.32 33.93
CA VAL B 1038 -14.30 19.73 33.59
C VAL B 1038 -14.16 19.88 32.08
N ASP B 1039 -14.97 20.77 31.50
CA ASP B 1039 -14.88 21.13 30.09
C ASP B 1039 -15.06 19.90 29.19
N PHE B 1040 -15.91 18.98 29.62
CA PHE B 1040 -16.25 17.83 28.79
C PHE B 1040 -17.52 18.08 27.98
N CYS B 1041 -18.63 18.32 28.68
CA CYS B 1041 -19.89 18.62 28.03
C CYS B 1041 -20.09 20.13 27.97
N GLY B 1042 -19.22 20.79 27.21
CA GLY B 1042 -19.29 22.22 27.04
C GLY B 1042 -18.38 22.99 27.99
N LYS B 1043 -18.42 24.31 27.86
CA LYS B 1043 -17.61 25.20 28.66
C LYS B 1043 -18.42 25.75 29.83
N GLY B 1044 -17.84 25.70 31.03
CA GLY B 1044 -18.53 26.12 32.23
C GLY B 1044 -19.12 24.95 32.98
N TYR B 1045 -20.00 25.30 33.93
CA TYR B 1045 -20.67 24.29 34.74
C TYR B 1045 -21.83 23.70 33.96
N HIS B 1046 -21.80 22.39 33.74
CA HIS B 1046 -22.80 21.73 32.93
C HIS B 1046 -24.08 21.48 33.72
N LEU B 1047 -25.22 21.69 33.07
CA LEU B 1047 -26.51 21.42 33.68
C LEU B 1047 -27.28 20.33 32.95
N MET B 1048 -27.54 20.49 31.66
CA MET B 1048 -28.38 19.56 30.90
C MET B 1048 -27.96 19.58 29.45
N SER B 1049 -28.51 18.66 28.67
CA SER B 1049 -28.18 18.55 27.27
C SER B 1049 -29.38 18.01 26.49
N PHE B 1050 -29.40 18.32 25.20
CA PHE B 1050 -30.45 17.86 24.29
C PHE B 1050 -29.83 17.46 22.96
N PRO B 1051 -30.17 16.28 22.44
CA PRO B 1051 -29.62 15.85 21.15
C PRO B 1051 -30.53 16.22 19.99
N GLN B 1052 -29.92 16.34 18.80
CA GLN B 1052 -30.65 16.60 17.57
C GLN B 1052 -29.99 15.82 16.44
N SER B 1053 -30.80 15.40 15.47
CA SER B 1053 -30.31 14.57 14.38
C SER B 1053 -30.00 15.43 13.15
N ALA B 1054 -29.16 14.87 12.29
CA ALA B 1054 -28.72 15.56 11.07
C ALA B 1054 -28.23 14.51 10.09
N PRO B 1055 -28.20 14.83 8.80
CA PRO B 1055 -27.70 13.87 7.81
C PRO B 1055 -26.24 13.53 8.07
N HIS B 1056 -25.98 12.24 8.29
CA HIS B 1056 -24.63 11.72 8.50
C HIS B 1056 -23.95 12.34 9.72
N GLY B 1057 -24.74 12.73 10.72
CA GLY B 1057 -24.14 13.36 11.89
C GLY B 1057 -25.17 13.60 12.97
N VAL B 1058 -24.68 14.09 14.10
CA VAL B 1058 -25.50 14.41 15.25
C VAL B 1058 -25.11 15.79 15.76
N VAL B 1059 -26.03 16.42 16.49
CA VAL B 1059 -25.82 17.76 17.02
C VAL B 1059 -26.28 17.79 18.47
N PHE B 1060 -25.47 18.41 19.33
CA PHE B 1060 -25.76 18.50 20.75
C PHE B 1060 -26.05 19.94 21.14
N LEU B 1061 -26.87 20.10 22.17
CA LEU B 1061 -27.23 21.41 22.72
C LEU B 1061 -26.89 21.38 24.21
N HIS B 1062 -25.92 22.20 24.61
CA HIS B 1062 -25.48 22.20 26.00
C HIS B 1062 -26.06 23.38 26.75
N VAL B 1063 -26.25 23.20 28.06
CA VAL B 1063 -26.74 24.23 28.96
C VAL B 1063 -25.71 24.43 30.06
N THR B 1064 -25.34 25.68 30.31
CA THR B 1064 -24.25 26.00 31.22
C THR B 1064 -24.67 27.08 32.20
N TYR B 1065 -23.86 27.25 33.24
CA TYR B 1065 -24.11 28.21 34.30
C TYR B 1065 -22.83 28.99 34.57
N VAL B 1066 -22.94 30.32 34.66
CA VAL B 1066 -21.78 31.19 34.74
C VAL B 1066 -22.05 32.38 35.65
N PRO B 1067 -21.15 32.70 36.58
CA PRO B 1067 -21.29 33.91 37.39
C PRO B 1067 -20.70 35.12 36.68
N ALA B 1068 -21.22 36.31 37.03
CA ALA B 1068 -20.88 37.50 36.26
C ALA B 1068 -20.67 38.78 37.06
N GLN B 1069 -20.77 38.77 38.39
CA GLN B 1069 -20.58 39.99 39.14
C GLN B 1069 -19.85 39.69 40.44
N GLU B 1070 -18.84 40.50 40.75
CA GLU B 1070 -17.94 40.20 41.86
C GLU B 1070 -17.72 41.45 42.71
N LYS B 1071 -17.49 41.21 43.99
CA LYS B 1071 -16.95 42.20 44.91
C LYS B 1071 -15.96 41.47 45.82
N ASN B 1072 -15.37 42.20 46.76
CA ASN B 1072 -14.37 41.59 47.63
C ASN B 1072 -14.12 42.39 48.90
N PHE B 1073 -13.91 41.70 50.01
CA PHE B 1073 -13.51 42.30 51.28
C PHE B 1073 -12.42 41.43 51.92
N THR B 1074 -11.98 41.86 53.10
CA THR B 1074 -10.94 41.18 53.85
C THR B 1074 -11.51 39.90 54.46
N THR B 1075 -10.62 38.93 54.66
CA THR B 1075 -11.03 37.64 55.23
C THR B 1075 -10.13 37.22 56.37
N ALA B 1076 -10.36 36.02 56.90
CA ALA B 1076 -9.58 35.47 58.00
C ALA B 1076 -9.76 33.96 57.99
N PRO B 1077 -8.76 33.21 58.42
CA PRO B 1077 -8.86 31.74 58.35
C PRO B 1077 -9.63 31.11 59.49
N ALA B 1078 -9.61 31.72 60.68
CA ALA B 1078 -10.26 31.09 61.82
C ALA B 1078 -10.51 32.15 62.90
N ILE B 1079 -11.29 31.78 63.90
CA ILE B 1079 -11.74 32.68 64.96
C ILE B 1079 -11.38 32.09 66.30
N CYS B 1080 -10.85 32.93 67.19
CA CYS B 1080 -10.61 32.55 68.58
C CYS B 1080 -11.67 33.17 69.48
N HIS B 1081 -12.19 32.37 70.41
CA HIS B 1081 -13.18 32.85 71.36
C HIS B 1081 -13.10 31.97 72.60
N ASP B 1082 -13.00 32.60 73.77
CA ASP B 1082 -12.88 31.89 75.04
C ASP B 1082 -11.67 30.96 75.06
N GLY B 1083 -10.61 31.34 74.35
CA GLY B 1083 -9.42 30.52 74.30
C GLY B 1083 -9.51 29.30 73.42
N LYS B 1084 -10.59 29.15 72.66
CA LYS B 1084 -10.81 27.99 71.80
C LYS B 1084 -11.02 28.44 70.37
N ALA B 1085 -10.41 27.71 69.44
CA ALA B 1085 -10.52 28.01 68.02
C ALA B 1085 -11.79 27.43 67.44
N HIS B 1086 -12.24 28.02 66.34
CA HIS B 1086 -13.43 27.56 65.63
C HIS B 1086 -13.17 27.55 64.14
N PHE B 1087 -13.82 26.63 63.45
CA PHE B 1087 -13.70 26.52 62.00
C PHE B 1087 -15.08 26.46 61.38
N PRO B 1088 -15.25 26.98 60.17
CA PRO B 1088 -16.56 26.91 59.50
C PRO B 1088 -16.84 25.48 59.04
N ARG B 1089 -18.05 25.00 59.32
CA ARG B 1089 -18.43 23.67 58.86
C ARG B 1089 -18.43 23.59 57.34
N GLU B 1090 -18.97 24.62 56.68
CA GLU B 1090 -18.92 24.69 55.22
C GLU B 1090 -19.12 26.14 54.82
N GLY B 1091 -18.08 26.76 54.28
CA GLY B 1091 -18.10 28.15 53.88
C GLY B 1091 -16.83 28.83 54.31
N VAL B 1092 -16.86 30.16 54.27
CA VAL B 1092 -15.70 30.98 54.61
C VAL B 1092 -16.13 32.09 55.56
N PHE B 1093 -15.15 32.70 56.21
CA PHE B 1093 -15.37 33.83 57.10
C PHE B 1093 -15.07 35.13 56.36
N VAL B 1094 -16.06 36.00 56.26
CA VAL B 1094 -15.92 37.27 55.54
C VAL B 1094 -16.35 38.39 56.47
N SER B 1095 -15.58 39.48 56.45
CA SER B 1095 -15.87 40.66 57.26
C SER B 1095 -16.14 41.84 56.35
N ASN B 1096 -17.19 42.60 56.66
CA ASN B 1096 -17.52 43.82 55.93
C ASN B 1096 -16.82 45.05 56.50
N GLY B 1097 -15.91 44.86 57.46
CA GLY B 1097 -15.20 45.95 58.09
C GLY B 1097 -15.71 46.26 59.49
N THR B 1098 -16.91 45.81 59.83
CA THR B 1098 -17.48 46.08 61.14
C THR B 1098 -18.05 44.83 61.77
N HIS B 1099 -18.38 43.83 60.94
CA HIS B 1099 -19.00 42.61 61.42
C HIS B 1099 -18.42 41.41 60.66
N TRP B 1100 -18.66 40.23 61.19
CA TRP B 1100 -18.16 38.98 60.61
C TRP B 1100 -19.32 38.09 60.22
N PHE B 1101 -19.22 37.48 59.04
CA PHE B 1101 -20.29 36.63 58.52
C PHE B 1101 -19.68 35.41 57.84
N VAL B 1102 -20.50 34.39 57.68
CA VAL B 1102 -20.11 33.14 57.02
C VAL B 1102 -20.97 32.95 55.78
N THR B 1103 -20.34 32.65 54.66
CA THR B 1103 -21.03 32.56 53.37
C THR B 1103 -20.52 31.36 52.59
N GLN B 1104 -21.37 30.83 51.71
CA GLN B 1104 -20.96 29.78 50.81
C GLN B 1104 -20.06 30.35 49.72
N ARG B 1105 -19.49 29.45 48.91
CA ARG B 1105 -18.37 29.79 48.05
C ARG B 1105 -18.76 30.11 46.62
N ASN B 1106 -20.05 30.18 46.30
CA ASN B 1106 -20.45 30.51 44.94
C ASN B 1106 -21.57 31.53 44.85
N PHE B 1107 -22.13 31.97 45.97
CA PHE B 1107 -23.17 32.99 45.93
C PHE B 1107 -23.14 33.72 47.26
N TYR B 1108 -23.30 35.05 47.21
CA TYR B 1108 -23.10 35.88 48.39
C TYR B 1108 -24.43 36.09 49.11
N GLU B 1109 -24.48 35.69 50.37
CA GLU B 1109 -25.53 36.05 51.29
C GLU B 1109 -25.03 35.85 52.72
N PRO B 1110 -25.06 36.89 53.55
CA PRO B 1110 -24.40 36.80 54.86
C PRO B 1110 -25.26 36.09 55.89
N GLN B 1111 -24.59 35.28 56.71
CA GLN B 1111 -25.22 34.59 57.82
C GLN B 1111 -24.55 35.00 59.13
N ILE B 1112 -25.32 34.93 60.21
CA ILE B 1112 -24.77 35.21 61.54
C ILE B 1112 -23.96 34.02 62.00
N ILE B 1113 -22.75 34.28 62.48
CA ILE B 1113 -21.86 33.21 62.91
C ILE B 1113 -22.46 32.56 64.15
N THR B 1114 -22.67 31.25 64.08
CA THR B 1114 -23.35 30.54 65.16
C THR B 1114 -22.78 29.13 65.25
N THR B 1115 -22.89 28.54 66.45
CA THR B 1115 -22.21 27.29 66.73
C THR B 1115 -22.78 26.11 65.96
N ASP B 1116 -23.99 26.22 65.43
CA ASP B 1116 -24.57 25.09 64.71
C ASP B 1116 -23.92 24.86 63.36
N ASN B 1117 -23.14 25.82 62.86
CA ASN B 1117 -22.45 25.68 61.59
C ASN B 1117 -20.94 25.77 61.76
N THR B 1118 -20.43 25.46 62.95
CA THR B 1118 -19.00 25.50 63.23
C THR B 1118 -18.66 24.37 64.19
N PHE B 1119 -17.39 24.00 64.21
CA PHE B 1119 -16.90 22.97 65.12
C PHE B 1119 -15.59 23.44 65.75
N VAL B 1120 -15.31 22.90 66.94
CA VAL B 1120 -14.21 23.36 67.78
C VAL B 1120 -13.14 22.29 67.84
N SER B 1121 -11.88 22.70 67.69
CA SER B 1121 -10.76 21.77 67.79
C SER B 1121 -9.50 22.55 68.13
N GLY B 1122 -8.78 22.11 69.15
CA GLY B 1122 -7.51 22.71 69.49
C GLY B 1122 -7.64 23.98 70.31
N ASN B 1123 -6.49 24.61 70.53
CA ASN B 1123 -6.38 25.86 71.27
C ASN B 1123 -5.94 26.98 70.32
N CYS B 1124 -5.70 28.16 70.90
CA CYS B 1124 -5.43 29.36 70.12
C CYS B 1124 -3.96 29.63 69.87
N ASP B 1125 -3.05 28.81 70.40
CA ASP B 1125 -1.63 29.13 70.36
C ASP B 1125 -0.87 28.45 69.23
N VAL B 1126 -1.54 27.69 68.38
CA VAL B 1126 -0.87 26.93 67.33
C VAL B 1126 -1.18 27.50 65.94
N VAL B 1127 -2.44 27.81 65.66
CA VAL B 1127 -2.82 28.26 64.34
C VAL B 1127 -2.24 29.65 64.09
N ILE B 1128 -1.98 29.95 62.82
CA ILE B 1128 -1.37 31.21 62.41
C ILE B 1128 -2.43 32.09 61.78
N GLY B 1129 -2.45 33.36 62.17
CA GLY B 1129 -3.35 34.32 61.58
C GLY B 1129 -4.74 34.37 62.18
N ILE B 1130 -4.99 33.67 63.28
CA ILE B 1130 -6.31 33.71 63.89
C ILE B 1130 -6.58 35.10 64.45
N VAL B 1131 -7.87 35.41 64.62
CA VAL B 1131 -8.29 36.72 65.08
C VAL B 1131 -9.27 36.55 66.24
N ASN B 1132 -9.44 37.62 67.00
CA ASN B 1132 -10.31 37.61 68.17
C ASN B 1132 -11.68 38.16 67.79
N ASN B 1133 -12.73 37.46 68.21
CA ASN B 1133 -14.10 37.90 68.01
C ASN B 1133 -15.00 37.10 68.93
N THR B 1134 -16.27 37.46 68.95
CA THR B 1134 -17.27 36.81 69.78
C THR B 1134 -18.10 35.85 68.96
N VAL B 1135 -18.23 34.62 69.45
CA VAL B 1135 -19.00 33.58 68.78
C VAL B 1135 -20.38 33.56 69.42
N TYR B 1136 -21.41 33.86 68.63
CA TYR B 1136 -22.77 33.84 69.15
C TYR B 1136 -23.32 32.42 69.13
N ASP B 1137 -23.56 31.88 70.31
CA ASP B 1137 -24.22 30.65 70.70
C ASP B 1137 -25.72 30.77 70.36
N PRO B 1138 -26.42 29.72 69.93
CA PRO B 1138 -27.87 29.83 69.72
C PRO B 1138 -28.76 29.45 70.89
N LEU B 1139 -28.26 29.41 72.12
CA LEU B 1139 -29.07 29.11 73.30
C LEU B 1139 -29.41 30.34 74.13
N GLN B 1140 -28.94 31.53 73.72
CA GLN B 1140 -29.19 32.75 74.50
C GLN B 1140 -30.66 33.01 74.80
N PRO B 1141 -31.60 32.93 73.84
CA PRO B 1141 -32.98 33.17 74.22
C PRO B 1141 -33.70 31.94 74.74
N GLU B 1142 -32.98 30.93 75.23
CA GLU B 1142 -33.55 29.83 75.99
C GLU B 1142 -32.94 29.70 77.38
N LEU B 1143 -31.68 30.08 77.55
CA LEU B 1143 -31.03 30.08 78.85
C LEU B 1143 -31.75 30.97 79.85
N ASP B 1144 -32.40 32.04 79.37
CA ASP B 1144 -33.23 32.88 80.23
C ASP B 1144 -34.39 32.12 80.84
N SER B 1145 -34.82 31.02 80.22
CA SER B 1145 -35.91 30.21 80.75
C SER B 1145 -35.40 28.90 81.33
N ALA C 27 49.84 -23.69 14.16
CA ALA C 27 50.34 -23.80 12.79
C ALA C 27 49.95 -22.58 11.97
N TYR C 28 49.04 -21.77 12.51
CA TYR C 28 48.52 -20.59 11.83
C TYR C 28 48.37 -19.46 12.83
N THR C 29 49.22 -18.44 12.71
CA THR C 29 49.21 -17.27 13.55
C THR C 29 48.13 -16.31 13.08
N ASN C 30 48.16 -15.10 13.61
CA ASN C 30 47.32 -14.03 13.12
C ASN C 30 48.18 -12.87 12.62
N SER C 31 47.84 -12.34 11.45
CA SER C 31 48.40 -11.08 11.01
C SER C 31 47.85 -9.91 11.81
N PHE C 32 46.85 -10.16 12.66
CA PHE C 32 46.24 -9.16 13.54
C PHE C 32 45.60 -8.12 12.63
N THR C 33 46.11 -6.90 12.55
CA THR C 33 45.52 -5.84 11.73
C THR C 33 46.34 -5.55 10.48
N ARG C 34 46.89 -6.58 9.86
CA ARG C 34 47.68 -6.40 8.65
C ARG C 34 46.91 -6.87 7.41
N GLY C 35 47.03 -6.11 6.33
CA GLY C 35 46.39 -6.46 5.09
C GLY C 35 45.18 -5.61 4.75
N VAL C 36 45.26 -4.31 5.01
CA VAL C 36 44.18 -3.37 4.73
C VAL C 36 44.68 -2.37 3.70
N TYR C 37 44.00 -2.32 2.55
CA TYR C 37 44.37 -1.40 1.48
C TYR C 37 43.12 -0.73 0.94
N TYR C 38 43.31 0.44 0.36
CA TYR C 38 42.19 1.14 -0.27
C TYR C 38 41.76 0.39 -1.52
N PRO C 39 40.55 -0.17 -1.56
CA PRO C 39 40.13 -0.86 -2.79
C PRO C 39 39.94 0.08 -3.95
N ASP C 40 39.14 1.13 -3.78
CA ASP C 40 39.04 2.23 -4.71
C ASP C 40 39.64 3.45 -4.03
N LYS C 41 39.54 4.60 -4.69
CA LYS C 41 40.10 5.85 -4.16
C LYS C 41 39.12 6.99 -4.42
N VAL C 42 38.21 7.21 -3.48
CA VAL C 42 37.38 8.41 -3.48
C VAL C 42 37.36 8.93 -2.05
N PHE C 43 37.61 10.23 -1.89
CA PHE C 43 37.77 10.80 -0.56
C PHE C 43 36.45 10.76 0.22
N ARG C 44 36.55 10.38 1.49
CA ARG C 44 35.43 10.43 2.42
C ARG C 44 35.95 10.99 3.74
N SER C 45 35.04 11.53 4.56
CA SER C 45 35.44 12.13 5.81
C SER C 45 34.40 11.85 6.88
N SER C 46 34.86 11.35 8.03
CA SER C 46 34.01 11.15 9.21
C SER C 46 32.79 10.29 8.90
N VAL C 47 33.01 9.24 8.10
CA VAL C 47 31.93 8.35 7.71
C VAL C 47 32.42 6.91 7.84
N LEU C 48 31.47 5.99 7.91
CA LEU C 48 31.75 4.56 7.96
C LEU C 48 31.26 3.91 6.68
N HIS C 49 32.13 3.14 6.03
CA HIS C 49 31.84 2.54 4.74
C HIS C 49 32.12 1.05 4.77
N SER C 50 31.38 0.31 3.95
CA SER C 50 31.55 -1.12 3.83
C SER C 50 31.58 -1.51 2.36
N THR C 51 32.24 -2.63 2.07
CA THR C 51 32.36 -3.10 0.70
C THR C 51 32.70 -4.58 0.72
N GLN C 52 32.73 -5.17 -0.48
CA GLN C 52 33.10 -6.56 -0.67
C GLN C 52 34.15 -6.64 -1.75
N ASP C 53 35.20 -7.41 -1.52
CA ASP C 53 36.29 -7.55 -2.47
C ASP C 53 37.18 -8.71 -2.00
N LEU C 54 38.22 -8.98 -2.79
CA LEU C 54 39.20 -9.99 -2.43
C LEU C 54 40.09 -9.46 -1.32
N PHE C 55 40.28 -10.26 -0.27
CA PHE C 55 41.04 -9.81 0.88
C PHE C 55 41.72 -10.99 1.57
N LEU C 56 42.75 -10.67 2.32
CA LEU C 56 43.30 -11.61 3.30
C LEU C 56 42.41 -11.60 4.54
N PRO C 57 41.96 -12.75 5.03
CA PRO C 57 41.00 -12.76 6.14
C PRO C 57 41.56 -12.08 7.38
N PHE C 58 40.68 -11.39 8.09
CA PHE C 58 41.06 -10.51 9.19
C PHE C 58 40.95 -11.22 10.53
N PHE C 59 41.93 -10.97 11.40
CA PHE C 59 41.96 -11.51 12.76
C PHE C 59 41.55 -12.98 12.78
N SER C 60 42.12 -13.74 11.87
CA SER C 60 41.69 -15.10 11.58
C SER C 60 42.89 -16.04 11.61
N ASN C 61 42.68 -17.23 11.07
CA ASN C 61 43.73 -18.25 10.99
C ASN C 61 44.70 -17.84 9.89
N VAL C 62 45.47 -16.80 10.17
CA VAL C 62 46.42 -16.28 9.19
C VAL C 62 47.60 -17.25 9.06
N THR C 63 48.14 -17.34 7.85
CA THR C 63 49.14 -18.34 7.53
C THR C 63 50.46 -17.99 8.19
N TRP C 64 50.68 -18.50 9.40
CA TRP C 64 52.03 -18.68 9.91
C TRP C 64 52.62 -19.86 9.15
N PHE C 65 53.55 -19.58 8.24
CA PHE C 65 53.82 -20.56 7.20
C PHE C 65 54.45 -21.81 7.78
N HIS C 66 53.64 -22.83 7.96
CA HIS C 66 54.05 -24.09 8.55
C HIS C 66 54.65 -25.03 7.49
N ALA C 67 55.55 -24.46 6.70
CA ALA C 67 56.46 -25.24 5.87
C ALA C 67 57.69 -25.69 6.66
N ILE C 68 57.79 -25.24 7.90
CA ILE C 68 58.86 -25.62 8.82
C ILE C 68 58.87 -27.13 9.03
N ASP C 78 61.58 -19.55 7.44
CA ASP C 78 60.32 -19.13 6.86
C ASP C 78 60.54 -18.39 5.55
N ASN C 79 60.60 -19.13 4.46
CA ASN C 79 60.79 -18.56 3.12
C ASN C 79 60.30 -19.55 2.07
N PRO C 80 58.98 -19.63 1.87
CA PRO C 80 58.44 -20.58 0.91
C PRO C 80 58.28 -20.00 -0.50
N VAL C 81 58.08 -20.87 -1.48
CA VAL C 81 57.85 -20.47 -2.88
C VAL C 81 56.59 -21.16 -3.36
N LEU C 82 55.59 -20.38 -3.77
CA LEU C 82 54.28 -20.91 -4.13
C LEU C 82 53.73 -20.15 -5.33
N PRO C 83 52.77 -20.75 -6.05
CA PRO C 83 52.08 -20.01 -7.12
C PRO C 83 51.23 -18.87 -6.60
N PHE C 84 50.53 -18.18 -7.53
CA PHE C 84 49.79 -16.97 -7.23
C PHE C 84 48.28 -17.17 -7.18
N ASN C 85 47.73 -17.98 -8.08
CA ASN C 85 46.28 -18.22 -8.19
C ASN C 85 45.62 -16.87 -8.45
N ASP C 86 44.71 -16.40 -7.59
CA ASP C 86 44.00 -15.16 -7.88
C ASP C 86 44.67 -13.97 -7.22
N GLY C 87 45.29 -14.15 -6.05
CA GLY C 87 45.91 -13.04 -5.36
C GLY C 87 46.95 -13.54 -4.39
N VAL C 88 47.94 -12.68 -4.12
CA VAL C 88 49.01 -13.00 -3.18
C VAL C 88 49.41 -11.73 -2.44
N TYR C 89 49.47 -11.82 -1.12
CA TYR C 89 49.99 -10.73 -0.31
C TYR C 89 51.49 -10.93 -0.11
N PHE C 90 52.20 -9.83 0.05
CA PHE C 90 53.67 -9.86 0.14
C PHE C 90 54.13 -8.93 1.24
N ALA C 91 55.14 -9.38 1.99
CA ALA C 91 55.74 -8.54 3.02
C ALA C 91 57.17 -9.03 3.23
N SER C 92 58.14 -8.29 2.71
CA SER C 92 59.54 -8.69 2.72
C SER C 92 60.21 -8.22 4.01
N THR C 93 61.06 -9.08 4.56
CA THR C 93 61.89 -8.75 5.71
C THR C 93 63.31 -8.51 5.18
N GLU C 94 63.55 -7.31 4.66
CA GLU C 94 64.86 -6.93 4.15
C GLU C 94 65.26 -5.59 4.73
N LYS C 95 66.47 -5.52 5.28
CA LYS C 95 66.96 -4.33 5.96
C LYS C 95 68.21 -3.74 5.34
N SER C 96 69.18 -4.56 4.96
CA SER C 96 70.42 -4.09 4.36
C SER C 96 70.46 -4.31 2.85
N ASN C 97 69.32 -4.57 2.23
CA ASN C 97 69.23 -4.84 0.80
C ASN C 97 70.16 -6.00 0.41
N ILE C 98 70.09 -7.07 1.20
CA ILE C 98 70.84 -8.28 0.88
C ILE C 98 70.43 -8.82 -0.48
N ILE C 99 69.17 -8.64 -0.83
CA ILE C 99 68.63 -9.05 -2.12
C ILE C 99 68.06 -7.81 -2.80
N ARG C 100 68.73 -7.35 -3.85
CA ARG C 100 68.44 -6.07 -4.48
C ARG C 100 67.29 -6.20 -5.48
N GLY C 101 67.28 -7.26 -6.28
CA GLY C 101 66.34 -7.32 -7.38
C GLY C 101 65.38 -8.48 -7.33
N TRP C 102 64.10 -8.18 -7.16
CA TRP C 102 63.04 -9.16 -7.27
C TRP C 102 62.91 -9.64 -8.71
N ILE C 103 62.71 -10.94 -8.86
CA ILE C 103 62.48 -11.58 -10.16
C ILE C 103 61.15 -12.31 -10.05
N PHE C 104 60.20 -11.95 -10.90
CA PHE C 104 58.91 -12.61 -10.93
C PHE C 104 58.71 -13.33 -12.26
N GLY C 105 59.20 -14.56 -12.33
CA GLY C 105 58.93 -15.42 -13.47
C GLY C 105 57.63 -16.17 -13.24
N THR C 106 57.03 -16.61 -14.35
CA THR C 106 55.75 -17.30 -14.21
C THR C 106 55.79 -18.73 -14.73
N THR C 107 56.19 -18.92 -16.00
CA THR C 107 56.20 -20.26 -16.56
C THR C 107 57.48 -20.59 -17.33
N LEU C 108 58.24 -19.60 -17.78
CA LEU C 108 59.45 -19.78 -18.56
C LEU C 108 59.21 -20.58 -19.84
N ASP C 109 58.02 -20.49 -20.42
CA ASP C 109 57.70 -21.21 -21.64
C ASP C 109 58.33 -20.61 -22.88
N SER C 110 59.18 -19.60 -22.72
CA SER C 110 59.91 -18.92 -23.78
C SER C 110 59.00 -18.18 -24.75
N LYS C 111 57.75 -17.89 -24.37
CA LYS C 111 56.80 -17.35 -25.32
C LYS C 111 56.05 -16.10 -24.88
N THR C 112 55.68 -15.96 -23.60
CA THR C 112 54.65 -14.97 -23.34
C THR C 112 55.21 -13.69 -22.71
N GLN C 113 55.81 -13.78 -21.52
CA GLN C 113 56.84 -12.86 -21.03
C GLN C 113 57.20 -13.14 -19.57
N SER C 114 58.15 -12.38 -19.05
CA SER C 114 58.47 -12.35 -17.62
C SER C 114 58.97 -10.96 -17.27
N LEU C 115 58.07 -10.08 -16.85
CA LEU C 115 58.45 -8.69 -16.63
C LEU C 115 59.34 -8.52 -15.40
N LEU C 116 60.50 -7.89 -15.58
CA LEU C 116 61.43 -7.61 -14.50
C LEU C 116 61.36 -6.11 -14.21
N ILE C 117 60.73 -5.77 -13.10
CA ILE C 117 60.57 -4.37 -12.70
C ILE C 117 61.48 -4.16 -11.48
N VAL C 118 62.64 -3.56 -11.72
CA VAL C 118 63.45 -3.04 -10.62
C VAL C 118 63.45 -1.52 -10.69
N ASN C 119 63.15 -0.87 -9.57
CA ASN C 119 62.92 0.56 -9.54
C ASN C 119 64.14 1.29 -8.97
N ASN C 120 64.56 2.34 -9.67
CA ASN C 120 65.56 3.27 -9.17
C ASN C 120 64.91 4.45 -8.45
N ALA C 121 63.70 4.27 -7.93
CA ALA C 121 62.92 5.30 -7.25
C ALA C 121 62.50 6.40 -8.21
N THR C 122 62.93 6.30 -9.47
CA THR C 122 62.57 7.27 -10.50
C THR C 122 62.11 6.55 -11.76
N ASN C 123 62.60 5.32 -11.96
CA ASN C 123 62.40 4.61 -13.20
C ASN C 123 61.94 3.19 -12.92
N VAL C 124 61.36 2.56 -13.93
CA VAL C 124 60.94 1.18 -13.88
C VAL C 124 61.46 0.46 -15.11
N VAL C 125 62.13 -0.67 -14.87
CA VAL C 125 62.66 -1.49 -15.95
C VAL C 125 61.51 -2.28 -16.56
N ILE C 126 61.38 -2.20 -17.88
CA ILE C 126 60.47 -3.05 -18.63
C ILE C 126 61.34 -3.93 -19.51
N LYS C 127 61.73 -5.08 -18.98
CA LYS C 127 62.60 -6.02 -19.67
C LYS C 127 62.53 -7.34 -18.94
N VAL C 128 63.08 -8.38 -19.55
CA VAL C 128 62.82 -9.74 -19.09
C VAL C 128 64.07 -10.59 -18.89
N CYS C 129 65.21 -10.28 -19.51
CA CYS C 129 66.41 -11.13 -19.45
C CYS C 129 66.07 -12.55 -19.90
N GLU C 130 65.68 -12.67 -21.17
CA GLU C 130 65.02 -13.88 -21.64
C GLU C 130 65.63 -14.51 -22.88
N PHE C 131 66.34 -13.75 -23.72
CA PHE C 131 67.02 -14.37 -24.85
C PHE C 131 67.93 -15.44 -24.28
N GLN C 132 67.72 -16.68 -24.72
CA GLN C 132 67.62 -17.79 -23.76
C GLN C 132 68.97 -17.99 -23.08
N PHE C 133 69.27 -17.04 -22.20
CA PHE C 133 70.38 -17.10 -21.27
C PHE C 133 69.80 -17.58 -19.93
N CYS C 134 70.67 -18.00 -19.01
CA CYS C 134 70.23 -18.47 -17.71
C CYS C 134 69.42 -17.38 -17.01
N ASN C 135 68.70 -17.81 -15.98
CA ASN C 135 67.72 -16.94 -15.32
C ASN C 135 68.16 -16.54 -13.92
N ASP C 136 68.72 -17.46 -13.16
CA ASP C 136 69.15 -17.18 -11.79
C ASP C 136 70.67 -17.05 -11.75
N PRO C 137 71.21 -15.84 -11.58
CA PRO C 137 72.65 -15.68 -11.42
C PRO C 137 73.11 -15.95 -9.99
N PHE C 138 74.36 -15.62 -9.69
CA PHE C 138 74.89 -15.75 -8.34
C PHE C 138 75.91 -14.64 -8.10
N LEU C 139 76.34 -14.51 -6.84
CA LEU C 139 77.34 -13.53 -6.45
C LEU C 139 78.71 -14.18 -6.52
N GLY C 140 79.54 -13.74 -7.47
CA GLY C 140 80.86 -14.30 -7.65
C GLY C 140 81.95 -13.54 -6.92
N VAL C 141 81.91 -13.56 -5.59
CA VAL C 141 82.93 -12.92 -4.78
C VAL C 141 83.48 -13.91 -3.77
N ASN C 163 70.81 -14.30 -17.13
CA ASN C 163 71.75 -13.69 -16.19
C ASN C 163 72.24 -12.34 -16.71
N CYS C 164 71.37 -11.63 -17.41
CA CYS C 164 71.67 -10.29 -17.89
C CYS C 164 71.09 -9.28 -16.91
N THR C 165 71.77 -8.13 -16.77
CA THR C 165 71.44 -7.16 -15.73
C THR C 165 71.36 -5.73 -16.24
N PHE C 166 70.61 -5.46 -17.31
CA PHE C 166 70.50 -4.12 -17.86
C PHE C 166 69.29 -3.40 -17.24
N GLU C 167 69.17 -2.11 -17.53
CA GLU C 167 68.21 -1.26 -16.84
C GLU C 167 67.51 -0.36 -17.85
N TYR C 168 66.27 0.02 -17.53
CA TYR C 168 65.47 0.82 -18.45
C TYR C 168 64.52 1.71 -17.65
N VAL C 169 63.96 2.72 -18.31
CA VAL C 169 63.25 3.80 -17.62
C VAL C 169 61.75 3.61 -17.73
N SER C 170 61.01 4.13 -16.75
CA SER C 170 59.55 4.20 -16.79
C SER C 170 59.01 5.03 -15.64
N PHE C 184 63.08 -3.22 13.09
CA PHE C 184 62.96 -3.09 11.64
C PHE C 184 62.39 -1.73 11.28
N LYS C 185 63.27 -0.73 11.16
CA LYS C 185 62.84 0.64 10.94
C LYS C 185 62.28 0.89 9.55
N ASN C 186 62.41 -0.05 8.63
CA ASN C 186 61.94 0.12 7.25
C ASN C 186 61.19 -1.14 6.84
N LEU C 187 59.87 -1.10 6.95
CA LEU C 187 59.03 -2.24 6.61
C LEU C 187 58.44 -2.02 5.23
N ARG C 188 58.87 -2.84 4.27
CA ARG C 188 58.36 -2.79 2.91
C ARG C 188 57.33 -3.89 2.71
N GLU C 189 56.09 -3.49 2.49
CA GLU C 189 54.98 -4.42 2.30
C GLU C 189 54.32 -4.12 0.96
N PHE C 190 53.94 -5.17 0.25
CA PHE C 190 53.44 -5.03 -1.12
C PHE C 190 52.27 -5.94 -1.35
N VAL C 191 51.32 -5.48 -2.15
CA VAL C 191 50.23 -6.28 -2.66
C VAL C 191 50.25 -6.18 -4.18
N PHE C 192 50.34 -7.33 -4.84
CA PHE C 192 50.49 -7.39 -6.29
C PHE C 192 49.16 -7.81 -6.90
N LYS C 193 48.34 -6.82 -7.25
CA LYS C 193 47.06 -7.05 -7.90
C LYS C 193 47.07 -6.39 -9.27
N ASN C 194 46.67 -7.14 -10.28
CA ASN C 194 46.71 -6.70 -11.66
C ASN C 194 45.29 -6.61 -12.18
N ILE C 195 44.92 -5.46 -12.75
CA ILE C 195 43.55 -5.14 -13.12
C ILE C 195 43.52 -4.80 -14.60
N ASP C 196 42.98 -5.72 -15.42
CA ASP C 196 42.82 -5.59 -16.86
C ASP C 196 43.94 -4.81 -17.55
N GLY C 197 45.18 -5.19 -17.24
CA GLY C 197 46.37 -4.56 -17.78
C GLY C 197 47.14 -3.74 -16.77
N TYR C 198 46.45 -3.01 -15.91
CA TYR C 198 47.05 -2.12 -14.93
C TYR C 198 47.40 -2.89 -13.65
N PHE C 199 48.69 -2.87 -13.30
CA PHE C 199 49.20 -3.55 -12.12
C PHE C 199 49.20 -2.61 -10.93
N LYS C 200 48.40 -2.92 -9.92
CA LYS C 200 48.34 -2.13 -8.70
C LYS C 200 49.46 -2.59 -7.76
N ILE C 201 50.34 -1.67 -7.40
CA ILE C 201 51.50 -1.96 -6.57
C ILE C 201 51.39 -1.13 -5.29
N TYR C 202 51.34 -1.80 -4.15
CA TYR C 202 51.09 -1.17 -2.87
C TYR C 202 52.37 -1.13 -2.05
N SER C 203 52.51 -0.11 -1.21
CA SER C 203 53.73 0.07 -0.45
C SER C 203 53.45 0.84 0.83
N LYS C 204 54.38 0.72 1.78
CA LYS C 204 54.30 1.45 3.04
C LYS C 204 55.68 1.44 3.69
N HIS C 205 55.81 2.17 4.79
CA HIS C 205 57.10 2.27 5.49
C HIS C 205 56.82 2.60 6.96
N THR C 206 56.98 1.60 7.83
CA THR C 206 56.81 1.77 9.26
C THR C 206 57.96 1.09 10.00
N PRO C 207 58.34 1.60 11.18
CA PRO C 207 59.31 0.92 12.01
C PRO C 207 58.65 0.01 13.04
N ILE C 208 59.40 -1.00 13.48
CA ILE C 208 58.98 -1.93 14.52
C ILE C 208 60.14 -2.13 15.50
N ASN C 209 59.85 -2.85 16.58
CA ASN C 209 60.85 -3.18 17.58
C ASN C 209 61.04 -4.67 17.79
N LEU C 210 59.98 -5.46 17.70
CA LEU C 210 60.09 -6.91 17.87
C LEU C 210 60.83 -7.50 16.67
N VAL C 211 62.04 -8.02 16.91
CA VAL C 211 62.85 -8.57 15.83
C VAL C 211 62.33 -9.89 15.32
N ARG C 212 61.45 -10.57 16.05
CA ARG C 212 61.03 -11.91 15.66
C ARG C 212 59.93 -11.87 14.61
N ASP C 213 58.78 -11.30 14.94
CA ASP C 213 57.60 -11.41 14.08
C ASP C 213 56.90 -10.07 14.01
N LEU C 214 55.71 -10.07 13.42
CA LEU C 214 54.98 -8.86 13.17
C LEU C 214 54.33 -8.34 14.46
N PRO C 215 54.09 -7.04 14.56
CA PRO C 215 53.41 -6.48 15.73
C PRO C 215 51.90 -6.58 15.58
N GLN C 216 51.19 -6.05 16.57
CA GLN C 216 49.74 -6.04 16.59
C GLN C 216 49.15 -4.68 16.22
N GLY C 217 49.98 -3.74 15.76
CA GLY C 217 49.51 -2.40 15.47
C GLY C 217 48.69 -2.36 14.20
N PHE C 218 48.05 -1.19 13.99
CA PHE C 218 47.18 -0.97 12.84
C PHE C 218 47.81 0.06 11.91
N SER C 219 47.66 -0.18 10.61
CA SER C 219 48.20 0.70 9.59
C SER C 219 47.39 0.55 8.32
N ALA C 220 47.54 1.53 7.43
CA ALA C 220 46.84 1.56 6.15
C ALA C 220 47.86 1.39 5.02
N LEU C 221 47.42 0.75 3.94
CA LEU C 221 48.28 0.46 2.80
C LEU C 221 47.68 1.08 1.55
N GLU C 222 48.52 1.64 0.69
CA GLU C 222 48.07 2.34 -0.49
C GLU C 222 48.86 1.91 -1.72
N PRO C 223 48.24 1.95 -2.89
CA PRO C 223 48.94 1.54 -4.12
C PRO C 223 49.74 2.69 -4.72
N LEU C 224 50.56 2.34 -5.71
CA LEU C 224 51.46 3.28 -6.35
C LEU C 224 51.14 3.51 -7.82
N VAL C 225 51.15 2.46 -8.64
CA VAL C 225 51.05 2.59 -10.09
C VAL C 225 50.00 1.62 -10.61
N ASP C 226 49.63 1.84 -11.87
CA ASP C 226 48.66 1.01 -12.60
C ASP C 226 49.16 0.73 -14.02
N LEU C 227 50.39 0.26 -14.15
CA LEU C 227 51.04 0.18 -15.46
C LEU C 227 50.31 -0.82 -16.35
N PRO C 228 49.77 -0.40 -17.50
CA PRO C 228 48.89 -1.19 -18.40
C PRO C 228 49.48 -2.03 -19.54
N ILE C 229 50.00 -3.22 -19.26
CA ILE C 229 50.42 -4.05 -20.38
C ILE C 229 49.71 -5.41 -20.36
N GLY C 230 49.67 -6.06 -19.20
CA GLY C 230 49.13 -7.40 -19.14
C GLY C 230 50.21 -8.47 -19.02
N ILE C 231 50.43 -8.96 -17.80
CA ILE C 231 51.33 -10.06 -17.50
C ILE C 231 51.01 -10.61 -16.12
N ASN C 232 51.02 -11.94 -15.99
CA ASN C 232 50.75 -12.60 -14.71
C ASN C 232 52.06 -13.03 -14.05
N ILE C 233 52.00 -13.26 -12.75
CA ILE C 233 53.14 -13.58 -11.91
C ILE C 233 52.73 -14.65 -10.91
N THR C 234 53.18 -15.90 -11.10
CA THR C 234 52.76 -16.93 -10.15
C THR C 234 53.91 -17.59 -9.41
N ARG C 235 54.89 -18.14 -10.12
CA ARG C 235 55.88 -19.03 -9.53
C ARG C 235 57.27 -18.48 -9.82
N PHE C 236 57.85 -17.83 -8.82
CA PHE C 236 59.01 -16.97 -9.03
C PHE C 236 59.99 -17.20 -7.88
N GLN C 237 61.22 -16.72 -8.08
CA GLN C 237 62.24 -16.75 -7.04
C GLN C 237 63.29 -15.71 -7.40
N THR C 238 63.79 -14.99 -6.41
CA THR C 238 64.61 -13.82 -6.69
C THR C 238 65.99 -13.92 -6.02
N LEU C 239 66.91 -13.09 -6.53
CA LEU C 239 68.28 -12.99 -6.04
C LEU C 239 68.96 -11.82 -6.76
N LEU C 240 70.25 -11.63 -6.44
CA LEU C 240 71.03 -10.48 -6.90
C LEU C 240 71.54 -10.58 -8.34
N ALA C 241 72.47 -9.72 -8.69
CA ALA C 241 73.07 -9.68 -10.02
C ALA C 241 74.59 -9.53 -9.84
N LEU C 242 75.28 -9.27 -10.95
CA LEU C 242 76.73 -9.23 -10.93
C LEU C 242 77.22 -7.94 -10.29
N HIS C 243 78.54 -7.88 -10.04
CA HIS C 243 79.22 -6.78 -9.35
C HIS C 243 78.38 -6.11 -8.26
N ALA C 261 63.03 -14.68 2.64
CA ALA C 261 62.39 -13.87 3.66
C ALA C 261 61.02 -14.44 4.01
N ALA C 262 60.38 -13.86 5.03
CA ALA C 262 59.07 -14.32 5.49
C ALA C 262 57.95 -13.57 4.78
N TYR C 263 58.02 -13.57 3.46
CA TYR C 263 56.96 -12.98 2.65
C TYR C 263 55.76 -13.91 2.67
N TYR C 264 54.81 -13.62 3.55
CA TYR C 264 53.68 -14.51 3.78
C TYR C 264 52.77 -14.48 2.57
N VAL C 265 52.67 -15.61 1.88
CA VAL C 265 51.83 -15.71 0.69
C VAL C 265 50.39 -15.87 1.16
N GLY C 266 49.70 -14.75 1.34
CA GLY C 266 48.31 -14.75 1.74
C GLY C 266 47.40 -14.67 0.53
N TYR C 267 46.86 -15.81 0.12
CA TYR C 267 46.00 -15.84 -1.06
C TYR C 267 44.76 -14.99 -0.84
N LEU C 268 44.50 -14.09 -1.79
CA LEU C 268 43.38 -13.16 -1.66
C LEU C 268 42.07 -13.92 -1.72
N GLN C 269 41.14 -13.58 -0.83
CA GLN C 269 39.86 -14.26 -0.83
C GLN C 269 38.72 -13.26 -0.77
N PRO C 270 37.59 -13.54 -1.43
CA PRO C 270 36.48 -12.59 -1.44
C PRO C 270 35.79 -12.54 -0.09
N ARG C 271 35.73 -11.35 0.50
CA ARG C 271 35.13 -11.17 1.81
C ARG C 271 34.47 -9.80 1.86
N THR C 272 33.52 -9.66 2.79
CA THR C 272 32.81 -8.41 3.01
C THR C 272 33.37 -7.73 4.24
N PHE C 273 33.74 -6.46 4.10
CA PHE C 273 34.47 -5.75 5.13
C PHE C 273 33.81 -4.41 5.43
N LEU C 274 34.04 -3.92 6.64
CA LEU C 274 33.61 -2.60 7.06
C LEU C 274 34.82 -1.77 7.45
N LEU C 275 34.85 -0.52 7.00
CA LEU C 275 36.02 0.34 7.17
C LEU C 275 35.63 1.59 7.94
N LYS C 276 36.62 2.18 8.61
CA LYS C 276 36.42 3.36 9.43
C LYS C 276 37.31 4.48 8.90
N TYR C 277 36.71 5.63 8.62
CA TYR C 277 37.43 6.80 8.14
C TYR C 277 37.45 7.87 9.21
N ASN C 278 38.63 8.47 9.41
CA ASN C 278 38.78 9.53 10.39
C ASN C 278 38.21 10.83 9.83
N GLU C 279 38.40 11.93 10.57
CA GLU C 279 37.96 13.23 10.10
C GLU C 279 38.85 13.76 8.98
N ASN C 280 40.05 13.20 8.83
CA ASN C 280 41.03 13.68 7.85
C ASN C 280 41.10 12.78 6.63
N GLY C 281 40.15 11.86 6.47
CA GLY C 281 40.16 10.97 5.33
C GLY C 281 41.18 9.85 5.40
N THR C 282 41.59 9.47 6.61
CA THR C 282 42.55 8.40 6.80
C THR C 282 41.87 7.23 7.49
N ILE C 283 42.11 6.02 6.97
CA ILE C 283 41.53 4.82 7.57
C ILE C 283 42.18 4.59 8.93
N THR C 284 41.35 4.36 9.94
CA THR C 284 41.83 4.15 11.29
C THR C 284 41.36 2.85 11.93
N ASP C 285 40.35 2.20 11.37
CA ASP C 285 39.86 0.95 11.94
C ASP C 285 39.11 0.17 10.88
N ALA C 286 38.96 -1.13 11.13
CA ALA C 286 38.23 -2.01 10.24
C ALA C 286 37.70 -3.19 11.05
N VAL C 287 36.64 -3.81 10.54
CA VAL C 287 35.98 -4.92 11.23
C VAL C 287 35.65 -6.00 10.21
N ASP C 288 36.05 -7.23 10.50
CA ASP C 288 35.66 -8.39 9.71
C ASP C 288 34.23 -8.77 10.07
N CYS C 289 33.49 -9.27 9.09
CA CYS C 289 32.09 -9.60 9.34
C CYS C 289 31.89 -11.07 9.69
N ALA C 290 32.64 -11.97 9.06
CA ALA C 290 32.41 -13.40 9.20
C ALA C 290 33.28 -14.05 10.25
N LEU C 291 34.00 -13.27 11.07
CA LEU C 291 34.89 -13.87 12.04
C LEU C 291 34.12 -14.57 13.15
N ASP C 292 33.13 -13.91 13.73
CA ASP C 292 32.38 -14.47 14.84
C ASP C 292 31.06 -13.71 14.96
N PRO C 293 30.06 -14.28 15.65
CA PRO C 293 28.77 -13.59 15.78
C PRO C 293 28.87 -12.21 16.39
N LEU C 294 29.85 -11.98 17.27
CA LEU C 294 30.02 -10.65 17.83
C LEU C 294 30.32 -9.63 16.74
N SER C 295 31.18 -9.98 15.79
CA SER C 295 31.46 -9.09 14.68
C SER C 295 30.29 -9.07 13.69
N GLU C 296 29.55 -10.17 13.59
CA GLU C 296 28.37 -10.17 12.74
C GLU C 296 27.36 -9.13 13.23
N THR C 297 27.19 -9.04 14.54
CA THR C 297 26.28 -8.04 15.10
C THR C 297 26.72 -6.62 14.76
N LYS C 298 28.03 -6.35 14.89
CA LYS C 298 28.54 -5.02 14.56
C LYS C 298 28.31 -4.70 13.10
N CYS C 299 28.56 -5.67 12.22
CA CYS C 299 28.31 -5.46 10.80
C CYS C 299 26.84 -5.20 10.54
N THR C 300 25.96 -5.90 11.25
CA THR C 300 24.53 -5.73 11.04
C THR C 300 24.06 -4.35 11.49
N LEU C 301 24.54 -3.88 12.63
CA LEU C 301 24.02 -2.65 13.22
C LEU C 301 24.68 -1.40 12.65
N LYS C 302 25.67 -1.55 11.77
CA LYS C 302 26.33 -0.41 11.11
C LYS C 302 26.94 0.55 12.14
N SER C 303 27.52 -0.02 13.20
CA SER C 303 28.14 0.80 14.23
C SER C 303 29.18 -0.04 14.97
N PHE C 304 30.09 0.67 15.65
CA PHE C 304 31.14 0.03 16.43
C PHE C 304 30.76 -0.16 17.89
N THR C 305 29.63 0.38 18.32
CA THR C 305 29.19 0.27 19.70
C THR C 305 27.82 -0.41 19.74
N VAL C 306 27.70 -1.45 20.55
CA VAL C 306 26.47 -2.22 20.68
C VAL C 306 26.04 -2.20 22.15
N GLU C 307 24.77 -1.91 22.38
CA GLU C 307 24.23 -1.84 23.72
C GLU C 307 23.63 -3.19 24.12
N LYS C 308 23.28 -3.29 25.40
CA LYS C 308 22.68 -4.52 25.92
C LYS C 308 21.34 -4.77 25.23
N GLY C 309 21.14 -6.01 24.80
CA GLY C 309 19.91 -6.38 24.14
C GLY C 309 20.08 -7.66 23.35
N ILE C 310 19.03 -7.99 22.61
CA ILE C 310 19.01 -9.19 21.76
C ILE C 310 18.66 -8.77 20.35
N TYR C 311 19.42 -9.28 19.38
CA TYR C 311 19.26 -8.88 17.99
C TYR C 311 19.22 -10.10 17.10
N GLN C 312 18.49 -9.96 15.99
CA GLN C 312 18.36 -11.03 15.00
C GLN C 312 19.33 -10.76 13.86
N THR C 313 20.25 -11.69 13.61
CA THR C 313 21.31 -11.49 12.63
C THR C 313 20.98 -12.06 11.27
N SER C 314 20.79 -13.37 11.18
CA SER C 314 20.64 -14.03 9.88
C SER C 314 19.90 -15.35 10.08
N ASN C 315 19.91 -16.17 9.03
CA ASN C 315 19.20 -17.45 9.02
C ASN C 315 20.18 -18.59 8.82
N PHE C 316 19.80 -19.76 9.32
CA PHE C 316 20.64 -20.94 9.27
C PHE C 316 20.02 -21.99 8.35
N ARG C 317 20.87 -22.63 7.55
CA ARG C 317 20.41 -23.57 6.54
C ARG C 317 21.28 -24.82 6.59
N VAL C 318 20.65 -25.99 6.40
CA VAL C 318 21.36 -27.25 6.34
C VAL C 318 21.59 -27.61 4.89
N GLN C 319 22.85 -27.85 4.52
CA GLN C 319 23.19 -28.12 3.13
C GLN C 319 22.96 -29.60 2.78
N PRO C 320 22.69 -29.88 1.50
CA PRO C 320 22.54 -31.28 1.09
C PRO C 320 23.85 -32.04 1.16
N THR C 321 23.75 -33.36 1.27
CA THR C 321 24.93 -34.19 1.46
C THR C 321 25.52 -34.64 0.13
N GLU C 322 24.72 -35.33 -0.69
CA GLU C 322 25.22 -35.90 -1.93
C GLU C 322 24.10 -35.88 -2.97
N SER C 323 24.38 -36.42 -4.15
CA SER C 323 23.43 -36.50 -5.24
C SER C 323 23.02 -37.96 -5.46
N ILE C 324 21.72 -38.20 -5.50
CA ILE C 324 21.16 -39.53 -5.69
C ILE C 324 20.21 -39.49 -6.87
N VAL C 325 20.37 -40.45 -7.80
CA VAL C 325 19.49 -40.58 -8.95
C VAL C 325 18.96 -42.01 -8.98
N ARG C 326 17.65 -42.14 -9.16
CA ARG C 326 16.97 -43.43 -9.07
C ARG C 326 16.32 -43.76 -10.40
N PHE C 327 16.56 -44.99 -10.88
CA PHE C 327 16.04 -45.38 -12.17
C PHE C 327 15.67 -46.84 -12.19
N PRO C 328 14.65 -47.24 -12.95
CA PRO C 328 14.41 -48.67 -13.19
C PRO C 328 15.20 -49.18 -14.38
N ASN C 329 15.22 -50.50 -14.53
CA ASN C 329 16.02 -51.17 -15.56
C ASN C 329 15.12 -51.61 -16.72
N ILE C 330 15.07 -50.76 -17.75
CA ILE C 330 14.17 -50.94 -18.88
C ILE C 330 14.91 -50.75 -20.20
N THR C 331 16.22 -51.00 -20.19
CA THR C 331 17.07 -50.70 -21.34
C THR C 331 16.76 -51.60 -22.53
N ASN C 332 16.78 -51.01 -23.73
CA ASN C 332 16.85 -51.77 -24.98
C ASN C 332 17.23 -50.81 -26.11
N LEU C 333 17.07 -51.28 -27.35
CA LEU C 333 17.69 -50.65 -28.51
C LEU C 333 16.81 -49.52 -29.07
N CYS C 334 17.45 -48.61 -29.87
CA CYS C 334 16.88 -47.43 -30.51
C CYS C 334 16.50 -47.72 -31.96
N PRO C 335 15.31 -47.31 -32.42
CA PRO C 335 14.89 -47.59 -33.80
C PRO C 335 15.19 -46.47 -34.80
N PHE C 336 16.01 -45.48 -34.42
CA PHE C 336 16.15 -44.23 -35.18
C PHE C 336 16.75 -44.41 -36.59
N GLY C 337 16.93 -45.60 -37.15
CA GLY C 337 17.59 -45.71 -38.44
C GLY C 337 16.88 -44.97 -39.56
N GLU C 338 15.56 -45.10 -39.63
CA GLU C 338 14.80 -44.55 -40.75
C GLU C 338 14.86 -43.02 -40.82
N VAL C 339 15.24 -42.35 -39.72
CA VAL C 339 15.10 -40.91 -39.65
C VAL C 339 16.21 -40.22 -40.44
N PHE C 340 17.06 -40.99 -41.10
CA PHE C 340 18.09 -40.43 -41.98
C PHE C 340 18.28 -41.25 -43.26
N ASN C 341 17.27 -42.03 -43.65
CA ASN C 341 17.38 -42.85 -44.85
C ASN C 341 16.12 -42.81 -45.70
N ALA C 342 15.30 -41.76 -45.57
CA ALA C 342 14.07 -41.68 -46.35
C ALA C 342 14.37 -41.32 -47.79
N THR C 343 13.77 -42.07 -48.72
CA THR C 343 13.91 -41.78 -50.15
C THR C 343 12.85 -40.77 -50.60
N ARG C 344 11.60 -41.01 -50.23
CA ARG C 344 10.50 -40.12 -50.59
C ARG C 344 9.94 -39.43 -49.36
N PHE C 345 9.20 -38.36 -49.59
CA PHE C 345 8.61 -37.58 -48.52
C PHE C 345 7.50 -38.38 -47.83
N ALA C 346 7.27 -38.05 -46.56
CA ALA C 346 6.17 -38.62 -45.80
C ALA C 346 5.11 -37.52 -45.59
N SER C 347 3.85 -37.86 -45.85
CA SER C 347 2.80 -36.87 -45.87
C SER C 347 2.31 -36.55 -44.46
N VAL C 348 1.55 -35.46 -44.35
CA VAL C 348 0.92 -35.11 -43.09
C VAL C 348 -0.11 -36.16 -42.68
N TYR C 349 -0.63 -36.91 -43.65
CA TYR C 349 -1.44 -38.09 -43.38
C TYR C 349 -0.58 -39.32 -43.10
N ALA C 350 0.71 -39.27 -43.43
CA ALA C 350 1.65 -40.34 -43.13
C ALA C 350 2.39 -40.05 -41.82
N TRP C 351 2.03 -38.94 -41.18
CA TRP C 351 2.49 -38.66 -39.83
C TRP C 351 2.36 -39.88 -38.93
N ASN C 352 3.48 -40.32 -38.37
CA ASN C 352 3.54 -41.57 -37.62
C ASN C 352 4.02 -41.32 -36.20
N ARG C 353 3.93 -42.36 -35.38
CA ARG C 353 4.40 -42.32 -33.99
C ARG C 353 5.74 -43.05 -33.93
N LYS C 354 6.80 -42.31 -33.59
CA LYS C 354 8.05 -42.95 -33.24
C LYS C 354 7.92 -43.49 -31.82
N ARG C 355 7.32 -44.66 -31.70
CA ARG C 355 7.05 -45.24 -30.40
C ARG C 355 8.37 -45.41 -29.65
N ILE C 356 8.38 -45.07 -28.37
CA ILE C 356 9.62 -45.13 -27.60
C ILE C 356 9.78 -46.56 -27.10
N SER C 357 10.84 -47.23 -27.54
CA SER C 357 11.19 -48.56 -27.05
C SER C 357 12.06 -48.42 -25.79
N ASN C 358 11.89 -47.28 -25.14
CA ASN C 358 12.69 -46.87 -24.00
C ASN C 358 14.17 -46.77 -24.35
N CYS C 359 14.47 -46.07 -25.45
CA CYS C 359 15.84 -45.81 -25.85
C CYS C 359 15.89 -44.42 -26.47
N VAL C 360 16.89 -43.63 -26.08
CA VAL C 360 17.11 -42.31 -26.64
C VAL C 360 18.56 -42.20 -27.06
N ALA C 361 18.78 -41.81 -28.31
CA ALA C 361 20.12 -41.65 -28.85
C ALA C 361 20.66 -40.28 -28.44
N ASP C 362 21.91 -40.00 -28.80
CA ASP C 362 22.57 -38.76 -28.41
C ASP C 362 22.26 -37.70 -29.45
N TYR C 363 21.33 -36.80 -29.13
CA TYR C 363 20.97 -35.73 -30.04
C TYR C 363 22.13 -34.80 -30.34
N SER C 364 23.04 -34.61 -29.37
CA SER C 364 24.25 -33.84 -29.67
C SER C 364 25.10 -34.54 -30.73
N VAL C 365 25.24 -35.86 -30.61
CA VAL C 365 25.94 -36.62 -31.65
C VAL C 365 25.23 -36.47 -32.99
N LEU C 366 23.89 -36.45 -32.98
CA LEU C 366 23.17 -36.28 -34.22
C LEU C 366 23.46 -34.91 -34.84
N TYR C 367 23.07 -33.84 -34.16
CA TYR C 367 23.12 -32.53 -34.80
C TYR C 367 24.52 -31.92 -34.85
N ASN C 368 25.51 -32.53 -34.20
CA ASN C 368 26.87 -32.03 -34.29
C ASN C 368 27.59 -32.52 -35.54
N SER C 369 27.03 -33.50 -36.26
CA SER C 369 27.67 -33.99 -37.46
C SER C 369 27.56 -32.97 -38.59
N ALA C 370 28.44 -33.11 -39.59
CA ALA C 370 28.39 -32.25 -40.76
C ALA C 370 27.14 -32.48 -41.59
N SER C 371 26.41 -33.57 -41.35
CA SER C 371 25.16 -33.84 -42.04
C SER C 371 24.01 -33.18 -41.30
N PHE C 372 24.33 -32.23 -40.42
CA PHE C 372 23.33 -31.38 -39.75
C PHE C 372 24.01 -30.04 -39.50
N SER C 373 23.79 -29.09 -40.40
CA SER C 373 24.46 -27.80 -40.33
C SER C 373 23.49 -26.66 -40.01
N THR C 374 22.38 -26.59 -40.74
CA THR C 374 21.38 -25.55 -40.54
C THR C 374 20.45 -25.98 -39.42
N PHE C 375 21.04 -26.32 -38.28
CA PHE C 375 20.30 -26.85 -37.13
C PHE C 375 19.57 -25.74 -36.40
N LYS C 376 18.49 -25.27 -37.03
CA LYS C 376 17.70 -24.14 -36.51
C LYS C 376 16.45 -24.67 -35.80
N CYS C 377 16.64 -25.33 -34.67
CA CYS C 377 15.53 -25.90 -33.92
C CYS C 377 15.18 -24.96 -32.76
N TYR C 378 13.90 -24.93 -32.40
CA TYR C 378 13.39 -23.96 -31.46
C TYR C 378 12.85 -24.64 -30.21
N GLY C 379 12.37 -23.83 -29.28
CA GLY C 379 11.73 -24.33 -28.07
C GLY C 379 12.60 -24.54 -26.84
N VAL C 380 13.58 -25.44 -26.93
CA VAL C 380 14.43 -25.79 -25.80
C VAL C 380 15.89 -25.73 -26.25
N SER C 381 16.77 -25.47 -25.28
CA SER C 381 18.19 -25.40 -25.53
C SER C 381 18.69 -26.78 -25.97
N PRO C 382 19.39 -26.88 -27.10
CA PRO C 382 19.81 -28.18 -27.64
C PRO C 382 21.00 -28.79 -26.90
N THR C 383 21.47 -28.10 -25.86
CA THR C 383 22.60 -28.58 -25.07
C THR C 383 22.20 -29.50 -23.94
N LYS C 384 20.92 -29.56 -23.58
CA LYS C 384 20.45 -30.43 -22.50
C LYS C 384 19.30 -31.32 -22.94
N LEU C 385 19.10 -31.48 -24.25
CA LEU C 385 18.00 -32.32 -24.74
C LEU C 385 18.17 -33.78 -24.34
N ASN C 386 19.39 -34.21 -24.04
CA ASN C 386 19.66 -35.63 -23.82
C ASN C 386 19.31 -36.09 -22.41
N ASP C 387 18.79 -35.21 -21.56
CA ASP C 387 18.65 -35.49 -20.14
C ASP C 387 17.23 -35.25 -19.63
N LEU C 388 16.21 -35.77 -20.33
CA LEU C 388 14.83 -35.59 -19.92
C LEU C 388 14.06 -36.90 -19.97
N CYS C 389 13.29 -37.17 -18.91
CA CYS C 389 12.31 -38.26 -18.88
C CYS C 389 11.04 -37.69 -19.50
N PHE C 390 10.81 -38.00 -20.77
CA PHE C 390 9.73 -37.36 -21.51
C PHE C 390 9.09 -38.43 -22.38
N THR C 391 7.77 -38.62 -22.24
CA THR C 391 7.19 -39.95 -22.37
C THR C 391 6.97 -40.41 -23.80
N ASN C 392 6.07 -39.77 -24.58
CA ASN C 392 5.75 -40.28 -25.91
C ASN C 392 6.26 -39.30 -26.95
N VAL C 393 7.49 -39.54 -27.39
CA VAL C 393 8.15 -38.72 -28.40
C VAL C 393 7.82 -39.31 -29.77
N TYR C 394 6.69 -38.89 -30.33
CA TYR C 394 6.32 -39.29 -31.68
C TYR C 394 7.04 -38.37 -32.67
N ALA C 395 7.92 -38.94 -33.47
CA ALA C 395 8.58 -38.21 -34.55
C ALA C 395 7.70 -38.30 -35.81
N ASP C 396 6.65 -37.49 -35.82
CA ASP C 396 5.66 -37.54 -36.88
C ASP C 396 6.30 -37.35 -38.25
N SER C 397 6.14 -38.34 -39.11
CA SER C 397 6.69 -38.34 -40.45
C SER C 397 5.74 -37.60 -41.38
N PHE C 398 5.88 -36.28 -41.44
CA PHE C 398 5.02 -35.44 -42.24
C PHE C 398 5.83 -34.34 -42.91
N VAL C 399 5.40 -33.93 -44.10
CA VAL C 399 6.11 -32.93 -44.89
C VAL C 399 5.13 -31.81 -45.25
N ILE C 400 5.45 -30.60 -44.81
CA ILE C 400 4.75 -29.38 -45.19
C ILE C 400 5.81 -28.42 -45.73
N ARG C 401 5.39 -27.20 -46.06
CA ARG C 401 6.33 -26.21 -46.56
C ARG C 401 6.91 -25.39 -45.42
N GLY C 402 8.12 -24.87 -45.62
CA GLY C 402 8.83 -24.11 -44.62
C GLY C 402 9.14 -22.67 -44.97
N ASP C 403 8.47 -22.09 -45.97
CA ASP C 403 8.72 -20.69 -46.31
C ASP C 403 8.34 -19.78 -45.16
N GLU C 404 7.19 -20.02 -44.53
CA GLU C 404 6.69 -19.16 -43.45
C GLU C 404 7.36 -19.49 -42.13
N VAL C 405 8.67 -19.30 -42.06
CA VAL C 405 9.38 -19.45 -40.79
C VAL C 405 8.99 -18.35 -39.81
N ARG C 406 8.49 -17.21 -40.30
CA ARG C 406 8.16 -16.07 -39.46
C ARG C 406 6.80 -16.18 -38.79
N GLN C 407 5.88 -16.98 -39.35
CA GLN C 407 4.55 -17.14 -38.76
C GLN C 407 4.18 -18.59 -38.48
N ILE C 408 4.98 -19.56 -38.91
CA ILE C 408 4.72 -20.97 -38.69
C ILE C 408 5.90 -21.57 -37.95
N ALA C 409 5.62 -22.23 -36.83
CA ALA C 409 6.62 -22.93 -36.04
C ALA C 409 5.90 -23.83 -35.05
N PRO C 410 6.53 -24.94 -34.65
CA PRO C 410 5.92 -25.77 -33.59
C PRO C 410 5.76 -24.95 -32.32
N GLY C 411 4.52 -24.69 -31.95
CA GLY C 411 4.22 -23.82 -30.83
C GLY C 411 3.36 -22.60 -31.15
N GLN C 412 2.63 -22.61 -32.26
CA GLN C 412 1.85 -21.43 -32.66
C GLN C 412 0.44 -21.85 -33.06
N THR C 413 -0.30 -20.93 -33.68
CA THR C 413 -1.69 -21.19 -34.03
C THR C 413 -1.93 -21.00 -35.53
N GLY C 414 -3.09 -21.43 -36.01
CA GLY C 414 -3.45 -21.25 -37.40
C GLY C 414 -4.32 -22.35 -37.98
N LYS C 415 -4.45 -22.36 -39.30
CA LYS C 415 -5.23 -23.35 -40.03
C LYS C 415 -4.82 -24.78 -39.69
N ILE C 416 -3.61 -24.98 -39.18
CA ILE C 416 -2.99 -26.30 -39.16
C ILE C 416 -3.91 -27.32 -38.49
N ALA C 417 -4.26 -27.10 -37.22
CA ALA C 417 -5.48 -27.67 -36.67
C ALA C 417 -6.35 -26.62 -36.00
N ASP C 418 -6.53 -25.48 -36.68
CA ASP C 418 -7.86 -24.91 -36.68
C ASP C 418 -8.79 -25.93 -37.29
N TYR C 419 -8.26 -26.79 -38.17
CA TYR C 419 -8.93 -27.98 -38.68
C TYR C 419 -8.23 -29.31 -38.37
N ASN C 420 -6.98 -29.52 -38.82
CA ASN C 420 -6.47 -30.88 -38.91
C ASN C 420 -5.25 -31.18 -38.03
N TYR C 421 -4.11 -30.51 -38.22
CA TYR C 421 -2.82 -31.07 -37.77
C TYR C 421 -1.90 -30.03 -37.13
N LYS C 422 -2.41 -29.27 -36.14
CA LYS C 422 -1.70 -28.16 -35.52
C LYS C 422 -0.26 -28.49 -35.16
N LEU C 423 0.60 -27.50 -35.33
CA LEU C 423 1.77 -27.39 -34.49
C LEU C 423 1.34 -26.79 -33.15
N PRO C 424 1.53 -27.52 -32.06
CA PRO C 424 0.69 -27.32 -30.86
C PRO C 424 0.67 -25.87 -30.38
N ASP C 425 -0.43 -25.51 -29.71
CA ASP C 425 -0.66 -24.16 -29.25
C ASP C 425 0.44 -23.63 -28.33
N ASP C 426 1.13 -24.49 -27.61
CA ASP C 426 2.19 -24.10 -26.69
C ASP C 426 3.53 -24.24 -27.39
N PHE C 427 4.43 -23.28 -27.15
CA PHE C 427 5.70 -23.20 -27.86
C PHE C 427 6.63 -24.32 -27.38
N THR C 428 6.63 -25.41 -28.15
CA THR C 428 7.49 -26.55 -27.87
C THR C 428 7.86 -27.23 -29.18
N GLY C 429 9.06 -27.81 -29.23
CA GLY C 429 9.48 -28.58 -30.38
C GLY C 429 10.65 -27.98 -31.13
N CYS C 430 11.67 -28.79 -31.42
CA CYS C 430 12.82 -28.37 -32.21
C CYS C 430 12.62 -28.75 -33.67
N VAL C 431 12.90 -27.80 -34.55
CA VAL C 431 12.83 -28.02 -35.99
C VAL C 431 14.22 -28.37 -36.48
N ILE C 432 14.46 -29.64 -36.73
CA ILE C 432 15.72 -30.08 -37.31
C ILE C 432 15.57 -29.95 -38.82
N ALA C 433 16.07 -28.85 -39.37
CA ALA C 433 15.99 -28.59 -40.81
C ALA C 433 17.42 -28.52 -41.34
N TRP C 434 17.98 -29.69 -41.62
CA TRP C 434 19.30 -29.77 -42.23
C TRP C 434 19.20 -29.30 -43.68
N ASN C 435 20.32 -28.80 -44.20
CA ASN C 435 20.41 -28.49 -45.62
C ASN C 435 20.50 -29.80 -46.38
N SER C 436 19.38 -30.52 -46.38
CA SER C 436 19.23 -31.83 -47.00
C SER C 436 18.71 -31.74 -48.43
N ASN C 437 19.09 -30.71 -49.16
CA ASN C 437 18.49 -30.40 -50.46
C ASN C 437 18.38 -31.62 -51.38
N ASN C 438 19.23 -32.63 -51.17
CA ASN C 438 19.23 -33.82 -52.01
C ASN C 438 18.59 -35.02 -51.29
N LEU C 439 17.63 -34.79 -50.40
CA LEU C 439 16.99 -35.88 -49.67
C LEU C 439 15.51 -36.02 -50.02
N ASP C 440 14.70 -34.98 -49.80
CA ASP C 440 13.27 -35.03 -50.05
C ASP C 440 12.78 -33.92 -50.97
N SER C 441 13.52 -33.62 -52.02
CA SER C 441 13.11 -32.58 -52.97
C SER C 441 12.40 -33.19 -54.17
N LYS C 442 11.78 -32.32 -54.97
CA LYS C 442 11.04 -32.73 -56.15
C LYS C 442 11.15 -31.66 -57.22
N VAL C 443 11.44 -32.07 -58.44
CA VAL C 443 11.58 -31.16 -59.57
C VAL C 443 10.68 -31.62 -60.71
N GLY C 444 10.04 -30.66 -61.37
CA GLY C 444 9.17 -30.94 -62.48
C GLY C 444 7.73 -30.51 -62.30
N GLY C 445 7.34 -30.10 -61.09
CA GLY C 445 5.99 -29.63 -60.86
C GLY C 445 5.13 -30.59 -60.07
N ASN C 446 4.94 -30.31 -58.79
CA ASN C 446 4.13 -31.16 -57.91
C ASN C 446 2.74 -30.56 -57.80
N TYR C 447 1.92 -30.79 -58.82
CA TYR C 447 0.66 -30.06 -58.99
C TYR C 447 -0.35 -30.35 -57.88
N ASN C 448 0.02 -31.18 -56.89
CA ASN C 448 -0.91 -31.48 -55.81
C ASN C 448 -0.55 -30.75 -54.53
N TYR C 449 0.74 -30.57 -54.25
CA TYR C 449 1.20 -29.98 -52.99
C TYR C 449 0.97 -28.47 -53.02
N LEU C 450 0.55 -27.93 -51.89
CA LEU C 450 0.14 -26.53 -51.81
C LEU C 450 0.66 -25.86 -50.54
N PHE C 451 0.06 -24.70 -50.24
CA PHE C 451 0.41 -23.84 -49.13
C PHE C 451 -0.80 -23.61 -48.24
N ARG C 452 -0.55 -23.46 -46.93
CA ARG C 452 -1.59 -23.60 -45.89
C ARG C 452 -1.84 -22.28 -45.18
N LEU C 453 -2.91 -21.61 -45.57
CA LEU C 453 -3.55 -20.59 -44.74
C LEU C 453 -5.06 -20.77 -44.63
N PHE C 454 -5.68 -21.45 -45.60
CA PHE C 454 -7.13 -21.52 -45.65
C PHE C 454 -7.60 -22.95 -45.88
N ARG C 455 -8.83 -23.23 -45.47
CA ARG C 455 -9.43 -24.55 -45.61
C ARG C 455 -10.95 -24.41 -45.61
N LYS C 456 -11.63 -25.49 -45.98
CA LYS C 456 -13.08 -25.45 -46.15
C LYS C 456 -13.83 -25.91 -44.90
N SER C 457 -13.62 -27.14 -44.49
CA SER C 457 -14.45 -27.74 -43.45
C SER C 457 -13.58 -28.62 -42.56
N ASN C 458 -14.23 -29.36 -41.67
CA ASN C 458 -13.56 -30.23 -40.71
C ASN C 458 -13.60 -31.68 -41.18
N LEU C 459 -13.09 -32.57 -40.33
CA LEU C 459 -13.21 -34.00 -40.53
C LEU C 459 -14.61 -34.42 -40.10
N LYS C 460 -14.85 -35.73 -39.98
CA LYS C 460 -16.04 -36.17 -39.28
C LYS C 460 -15.99 -35.63 -37.85
N PRO C 461 -17.08 -35.06 -37.34
CA PRO C 461 -16.97 -34.21 -36.15
C PRO C 461 -16.55 -34.98 -34.91
N PHE C 462 -15.30 -34.74 -34.50
CA PHE C 462 -14.67 -35.42 -33.36
C PHE C 462 -14.89 -36.93 -33.45
N GLU C 463 -14.69 -37.47 -34.65
CA GLU C 463 -15.11 -38.83 -34.96
C GLU C 463 -14.04 -39.51 -35.85
N ARG C 464 -14.43 -40.64 -36.42
CA ARG C 464 -13.56 -41.58 -37.10
C ARG C 464 -13.38 -41.25 -38.57
N ASP C 465 -12.59 -40.23 -38.89
CA ASP C 465 -12.44 -39.80 -40.27
C ASP C 465 -11.11 -40.31 -40.81
N ILE C 466 -11.15 -40.87 -42.03
CA ILE C 466 -9.97 -41.38 -42.71
C ILE C 466 -9.73 -40.69 -44.05
N SER C 467 -10.42 -39.58 -44.32
CA SER C 467 -10.32 -38.92 -45.62
C SER C 467 -9.11 -37.99 -45.66
N THR C 468 -8.50 -37.87 -46.83
CA THR C 468 -7.34 -37.00 -47.02
C THR C 468 -7.68 -35.85 -47.97
N GLU C 469 -8.22 -34.78 -47.38
CA GLU C 469 -8.59 -33.59 -48.14
C GLU C 469 -7.36 -32.71 -48.35
N ILE C 470 -7.32 -32.04 -49.50
CA ILE C 470 -6.19 -31.22 -49.90
C ILE C 470 -6.55 -29.75 -49.73
N TYR C 471 -5.54 -28.89 -49.66
CA TYR C 471 -5.76 -27.47 -49.48
C TYR C 471 -6.45 -26.88 -50.70
N GLN C 472 -7.23 -25.82 -50.46
CA GLN C 472 -7.95 -25.12 -51.52
C GLN C 472 -7.43 -23.69 -51.60
N ALA C 473 -7.03 -23.30 -52.82
CA ALA C 473 -6.42 -21.98 -53.01
C ALA C 473 -7.36 -20.84 -52.62
N GLY C 474 -8.64 -20.93 -52.98
CA GLY C 474 -9.60 -19.93 -52.60
C GLY C 474 -10.65 -20.51 -51.67
N SER C 475 -11.78 -19.85 -51.60
CA SER C 475 -12.93 -20.32 -50.83
C SER C 475 -13.98 -21.00 -51.71
N THR C 476 -13.88 -20.87 -53.03
CA THR C 476 -14.89 -21.40 -53.93
C THR C 476 -14.61 -22.86 -54.23
N PRO C 477 -15.57 -23.76 -54.01
CA PRO C 477 -15.39 -25.16 -54.44
C PRO C 477 -15.38 -25.25 -55.96
N CYS C 478 -14.23 -25.61 -56.52
CA CYS C 478 -14.01 -25.47 -57.95
C CYS C 478 -13.64 -26.77 -58.65
N ASN C 479 -12.87 -27.64 -58.01
CA ASN C 479 -12.58 -28.98 -58.50
C ASN C 479 -11.76 -28.96 -59.79
N GLY C 480 -11.33 -27.78 -60.23
CA GLY C 480 -10.35 -27.70 -61.29
C GLY C 480 -10.84 -27.59 -62.71
N VAL C 481 -11.67 -26.59 -63.01
CA VAL C 481 -12.08 -26.32 -64.38
C VAL C 481 -12.33 -24.83 -64.53
N GLU C 482 -12.01 -24.31 -65.72
CA GLU C 482 -12.28 -22.91 -66.02
C GLU C 482 -13.73 -22.75 -66.48
N GLY C 483 -14.39 -21.73 -65.95
CA GLY C 483 -15.78 -21.49 -66.28
C GLY C 483 -16.47 -20.54 -65.33
N PHE C 484 -17.63 -20.94 -64.82
CA PHE C 484 -18.45 -20.08 -63.97
C PHE C 484 -17.81 -19.99 -62.59
N ASN C 485 -17.12 -18.86 -62.33
CA ASN C 485 -16.62 -18.52 -61.01
C ASN C 485 -15.62 -19.54 -60.47
N CYS C 486 -14.95 -20.29 -61.36
CA CYS C 486 -14.07 -21.37 -60.92
C CYS C 486 -12.91 -21.56 -61.88
N TYR C 487 -11.82 -22.10 -61.36
CA TYR C 487 -10.58 -22.32 -62.11
C TYR C 487 -9.98 -23.66 -61.70
N PHE C 488 -8.71 -23.89 -62.04
CA PHE C 488 -8.00 -25.07 -61.59
C PHE C 488 -7.09 -24.67 -60.43
N PRO C 489 -7.51 -24.83 -59.18
CA PRO C 489 -6.71 -24.32 -58.05
C PRO C 489 -5.79 -25.32 -57.39
N LEU C 490 -5.86 -26.60 -57.73
CA LEU C 490 -4.92 -27.58 -57.19
C LEU C 490 -3.56 -27.33 -57.84
N GLN C 491 -2.69 -26.62 -57.13
CA GLN C 491 -1.51 -26.03 -57.72
C GLN C 491 -0.24 -26.75 -57.26
N SER C 492 0.89 -26.29 -57.78
CA SER C 492 2.18 -26.94 -57.60
C SER C 492 3.07 -26.09 -56.72
N TYR C 493 3.83 -26.74 -55.83
CA TYR C 493 4.90 -26.04 -55.11
C TYR C 493 6.27 -26.59 -55.50
N GLY C 494 6.48 -27.89 -55.33
CA GLY C 494 7.68 -28.52 -55.83
C GLY C 494 8.98 -28.16 -55.13
N PHE C 495 9.17 -28.66 -53.90
CA PHE C 495 10.43 -28.44 -53.17
C PHE C 495 11.59 -28.85 -54.07
N GLN C 496 12.40 -27.87 -54.48
CA GLN C 496 13.49 -28.16 -55.39
C GLN C 496 14.84 -28.13 -54.67
N PRO C 497 15.77 -29.01 -55.04
CA PRO C 497 17.09 -29.01 -54.39
C PRO C 497 17.87 -27.72 -54.61
N THR C 498 17.71 -27.08 -55.78
CA THR C 498 18.50 -25.90 -56.12
C THR C 498 17.78 -24.59 -55.85
N ASN C 499 16.49 -24.62 -55.50
CA ASN C 499 15.74 -23.40 -55.27
C ASN C 499 16.04 -22.86 -53.88
N GLY C 500 15.26 -21.86 -53.45
CA GLY C 500 15.53 -21.13 -52.23
C GLY C 500 15.39 -21.94 -50.95
N VAL C 501 15.41 -21.23 -49.81
CA VAL C 501 15.44 -21.89 -48.51
C VAL C 501 14.18 -22.71 -48.28
N GLY C 502 13.04 -22.24 -48.76
CA GLY C 502 11.79 -22.94 -48.55
C GLY C 502 11.55 -24.12 -49.44
N TYR C 503 12.56 -24.54 -50.21
CA TYR C 503 12.42 -25.67 -51.13
C TYR C 503 13.25 -26.87 -50.68
N GLN C 504 13.68 -26.89 -49.42
CA GLN C 504 14.57 -27.96 -49.00
C GLN C 504 14.00 -28.72 -47.81
N PRO C 505 14.25 -30.04 -47.73
CA PRO C 505 13.62 -30.86 -46.68
C PRO C 505 14.08 -30.58 -45.27
N TYR C 506 13.55 -31.36 -44.33
CA TYR C 506 13.67 -31.11 -42.90
C TYR C 506 13.14 -32.33 -42.15
N ARG C 507 13.06 -32.21 -40.82
CA ARG C 507 12.44 -33.23 -39.97
C ARG C 507 12.20 -32.61 -38.59
N VAL C 508 10.96 -32.69 -38.12
CA VAL C 508 10.58 -32.08 -36.83
C VAL C 508 9.97 -33.14 -35.93
N VAL C 509 10.06 -32.91 -34.62
CA VAL C 509 9.63 -33.88 -33.60
C VAL C 509 8.84 -33.14 -32.54
N VAL C 510 7.91 -33.85 -31.89
CA VAL C 510 7.17 -33.32 -30.76
C VAL C 510 7.07 -34.41 -29.69
N LEU C 511 6.90 -33.99 -28.44
CA LEU C 511 6.90 -34.94 -27.33
C LEU C 511 5.68 -34.73 -26.42
N SER C 512 5.45 -35.68 -25.49
CA SER C 512 4.32 -35.61 -24.55
C SER C 512 4.56 -36.47 -23.31
N PHE C 513 3.52 -36.63 -22.47
CA PHE C 513 3.69 -37.17 -21.12
C PHE C 513 2.77 -38.37 -20.89
N GLU C 514 2.73 -38.81 -19.63
CA GLU C 514 1.88 -39.90 -19.17
C GLU C 514 1.37 -39.53 -17.79
N LEU C 515 0.25 -40.13 -17.39
CA LEU C 515 -0.43 -39.71 -16.17
C LEU C 515 -1.14 -40.89 -15.54
N LEU C 516 -1.05 -40.97 -14.21
CA LEU C 516 -1.82 -41.90 -13.38
C LEU C 516 -1.74 -41.41 -11.93
N HIS C 517 -2.29 -42.16 -10.99
CA HIS C 517 -2.50 -41.63 -9.65
C HIS C 517 -2.00 -42.60 -8.56
N ALA C 518 -0.70 -42.57 -8.29
CA ALA C 518 -0.10 -43.30 -7.17
C ALA C 518 1.41 -42.99 -7.17
N PRO C 519 2.13 -43.29 -6.09
CA PRO C 519 3.52 -42.85 -5.97
C PRO C 519 4.41 -43.31 -7.12
N ALA C 520 5.32 -42.43 -7.53
CA ALA C 520 6.03 -42.54 -8.81
C ALA C 520 7.07 -43.66 -8.80
N THR C 521 7.26 -44.28 -9.97
CA THR C 521 8.23 -45.37 -10.12
C THR C 521 9.06 -45.37 -11.41
N VAL C 522 8.82 -44.51 -12.40
CA VAL C 522 9.32 -44.78 -13.74
C VAL C 522 10.14 -43.60 -14.28
N CYS C 523 11.34 -43.90 -14.78
CA CYS C 523 12.05 -43.11 -15.79
C CYS C 523 13.07 -44.02 -16.46
N GLY C 524 14.01 -43.40 -17.18
CA GLY C 524 14.92 -44.10 -18.05
C GLY C 524 15.98 -44.90 -17.34
N PRO C 525 17.00 -45.32 -18.09
CA PRO C 525 17.99 -46.29 -17.61
C PRO C 525 19.33 -45.74 -17.11
N LYS C 526 19.49 -44.43 -16.98
CA LYS C 526 20.82 -43.86 -16.77
C LYS C 526 21.45 -44.38 -15.47
N LYS C 527 22.73 -44.07 -15.30
CA LYS C 527 23.52 -44.59 -14.19
C LYS C 527 22.85 -44.23 -12.86
N SER C 528 22.34 -45.24 -12.18
CA SER C 528 21.54 -45.05 -10.97
C SER C 528 22.36 -45.44 -9.75
N THR C 529 22.44 -44.51 -8.79
CA THR C 529 23.06 -44.81 -7.51
C THR C 529 22.15 -45.71 -6.68
N ASN C 530 22.77 -46.42 -5.75
CA ASN C 530 22.00 -47.26 -4.84
C ASN C 530 21.12 -46.42 -3.93
N LEU C 531 20.07 -47.04 -3.42
CA LEU C 531 19.13 -46.34 -2.56
C LEU C 531 19.81 -45.87 -1.28
N VAL C 532 19.57 -44.61 -0.92
CA VAL C 532 20.12 -44.01 0.28
C VAL C 532 18.98 -43.39 1.07
N LYS C 533 18.95 -43.66 2.38
CA LYS C 533 17.86 -43.21 3.24
C LYS C 533 18.42 -42.38 4.39
N ASN C 534 17.55 -41.54 4.95
CA ASN C 534 17.84 -40.79 6.17
C ASN C 534 19.05 -39.86 5.99
N LYS C 535 19.00 -39.04 4.95
CA LYS C 535 20.06 -38.07 4.71
C LYS C 535 19.51 -36.96 3.82
N CYS C 536 19.78 -35.72 4.20
CA CYS C 536 19.35 -34.56 3.42
C CYS C 536 20.19 -34.52 2.16
N VAL C 537 19.64 -35.03 1.06
CA VAL C 537 20.35 -35.10 -0.21
C VAL C 537 19.45 -34.57 -1.31
N ASN C 538 20.08 -34.22 -2.43
CA ASN C 538 19.36 -33.78 -3.62
C ASN C 538 19.16 -34.98 -4.53
N PHE C 539 17.92 -35.25 -4.90
CA PHE C 539 17.57 -36.42 -5.70
C PHE C 539 17.24 -36.03 -7.13
N ASN C 540 17.52 -36.95 -8.04
CA ASN C 540 17.13 -36.82 -9.45
C ASN C 540 16.19 -37.99 -9.74
N PHE C 541 14.90 -37.71 -9.76
CA PHE C 541 13.87 -38.73 -9.94
C PHE C 541 12.98 -38.30 -11.09
N ASN C 542 12.83 -39.19 -12.08
CA ASN C 542 11.88 -39.00 -13.19
C ASN C 542 11.99 -37.61 -13.82
N GLY C 543 13.16 -36.99 -13.72
CA GLY C 543 13.32 -35.62 -14.14
C GLY C 543 12.73 -34.58 -13.21
N LEU C 544 11.82 -34.98 -12.31
CA LEU C 544 11.21 -34.05 -11.35
C LEU C 544 12.11 -33.94 -10.12
N THR C 545 13.35 -33.53 -10.38
CA THR C 545 14.39 -33.54 -9.37
C THR C 545 14.06 -32.59 -8.23
N GLY C 546 14.72 -32.82 -7.10
CA GLY C 546 14.51 -32.00 -5.93
C GLY C 546 15.49 -32.36 -4.84
N THR C 547 15.29 -31.76 -3.67
CA THR C 547 16.15 -31.98 -2.51
C THR C 547 15.28 -32.22 -1.29
N GLY C 548 15.67 -33.18 -0.47
CA GLY C 548 14.91 -33.48 0.73
C GLY C 548 15.44 -34.72 1.41
N VAL C 549 14.62 -35.27 2.31
CA VAL C 549 14.95 -36.48 3.06
C VAL C 549 13.86 -37.51 2.79
N LEU C 550 14.27 -38.76 2.55
CA LEU C 550 13.37 -39.84 2.21
C LEU C 550 13.16 -40.72 3.43
N THR C 551 11.90 -40.91 3.82
CA THR C 551 11.54 -41.73 4.97
C THR C 551 10.49 -42.74 4.55
N GLU C 552 10.05 -43.54 5.53
CA GLU C 552 9.03 -44.55 5.28
C GLU C 552 7.64 -43.94 5.32
N SER C 553 6.70 -44.60 4.64
CA SER C 553 5.32 -44.17 4.59
C SER C 553 4.42 -45.36 4.31
N ASN C 554 3.13 -45.18 4.60
CA ASN C 554 2.18 -46.28 4.57
C ASN C 554 0.85 -45.90 3.90
N LYS C 555 0.85 -44.89 3.03
CA LYS C 555 -0.39 -44.49 2.38
C LYS C 555 -0.90 -45.58 1.46
N LYS C 556 -2.21 -45.70 1.38
CA LYS C 556 -2.86 -46.74 0.58
C LYS C 556 -3.08 -46.25 -0.85
N PHE C 557 -2.85 -47.15 -1.81
CA PHE C 557 -3.00 -46.82 -3.22
C PHE C 557 -3.47 -48.05 -3.99
N LEU C 558 -3.84 -47.82 -5.25
CA LEU C 558 -4.25 -48.86 -6.18
C LEU C 558 -3.47 -48.73 -7.49
N PRO C 559 -3.36 -49.82 -8.27
CA PRO C 559 -2.35 -49.90 -9.34
C PRO C 559 -2.29 -48.75 -10.34
N PHE C 560 -3.28 -47.86 -10.40
CA PHE C 560 -3.23 -46.77 -11.38
C PHE C 560 -2.19 -45.73 -10.96
N GLN C 561 -0.93 -46.03 -11.25
CA GLN C 561 0.20 -45.46 -10.55
C GLN C 561 1.03 -44.53 -11.43
N GLN C 562 0.97 -43.21 -11.14
CA GLN C 562 2.06 -42.33 -11.57
C GLN C 562 2.54 -41.30 -10.56
N PHE C 563 1.65 -40.73 -9.73
CA PHE C 563 2.02 -39.52 -9.00
C PHE C 563 1.04 -39.30 -7.85
N GLY C 564 1.52 -38.67 -6.78
CA GLY C 564 0.68 -38.13 -5.72
C GLY C 564 1.27 -36.85 -5.17
N ARG C 565 0.40 -36.01 -4.59
CA ARG C 565 0.81 -34.72 -4.03
C ARG C 565 0.14 -34.53 -2.68
N ASP C 566 0.20 -33.30 -2.18
CA ASP C 566 -0.34 -32.89 -0.89
C ASP C 566 -1.30 -31.70 -1.07
N ILE C 567 -1.72 -31.12 0.06
CA ILE C 567 -2.59 -29.95 0.03
C ILE C 567 -1.85 -28.76 -0.58
N ALA C 568 -0.54 -28.66 -0.32
CA ALA C 568 0.26 -27.54 -0.80
C ALA C 568 0.68 -27.71 -2.25
N ASP C 569 -0.08 -28.50 -3.02
CA ASP C 569 0.21 -28.82 -4.42
C ASP C 569 1.71 -28.99 -4.67
N THR C 570 2.32 -29.89 -3.90
CA THR C 570 3.74 -30.20 -4.02
C THR C 570 3.94 -31.69 -3.85
N THR C 571 5.03 -32.20 -4.41
CA THR C 571 5.36 -33.60 -4.26
C THR C 571 5.62 -33.93 -2.80
N ASP C 572 5.05 -35.03 -2.33
CA ASP C 572 5.20 -35.41 -0.93
C ASP C 572 5.62 -36.86 -0.79
N ALA C 573 5.20 -37.72 -1.71
CA ALA C 573 5.48 -39.13 -1.60
C ALA C 573 5.68 -39.73 -2.99
N VAL C 574 6.61 -40.69 -3.07
CA VAL C 574 6.88 -41.44 -4.28
C VAL C 574 7.06 -42.91 -3.89
N ARG C 575 7.28 -43.75 -4.91
CA ARG C 575 7.45 -45.17 -4.71
C ARG C 575 8.82 -45.59 -5.24
N ASP C 576 9.31 -46.74 -4.79
CA ASP C 576 10.59 -47.23 -5.27
C ASP C 576 10.48 -47.54 -6.76
N PRO C 577 11.33 -46.94 -7.61
CA PRO C 577 11.24 -47.19 -9.04
C PRO C 577 11.44 -48.64 -9.45
N GLN C 578 12.21 -49.42 -8.68
CA GLN C 578 12.55 -50.77 -9.07
C GLN C 578 11.73 -51.82 -8.32
N THR C 579 11.70 -51.77 -6.99
CA THR C 579 11.00 -52.77 -6.19
C THR C 579 9.66 -52.29 -5.65
N LEU C 580 9.21 -51.11 -6.07
CA LEU C 580 7.83 -50.65 -5.84
C LEU C 580 7.52 -50.57 -4.34
N GLU C 581 8.25 -49.69 -3.66
CA GLU C 581 8.13 -49.52 -2.22
C GLU C 581 7.75 -48.08 -1.89
N ILE C 582 6.83 -47.91 -0.94
CA ILE C 582 6.30 -46.61 -0.57
C ILE C 582 7.42 -45.77 0.04
N LEU C 583 7.47 -44.49 -0.35
CA LEU C 583 8.50 -43.58 0.14
C LEU C 583 7.88 -42.23 0.48
N ASP C 584 8.54 -41.50 1.39
CA ASP C 584 8.14 -40.15 1.76
C ASP C 584 9.22 -39.16 1.39
N ILE C 585 8.86 -37.88 1.42
CA ILE C 585 9.79 -36.78 1.15
C ILE C 585 9.55 -35.69 2.18
N THR C 586 10.61 -35.26 2.86
CA THR C 586 10.56 -34.18 3.82
C THR C 586 11.66 -33.18 3.52
N PRO C 587 11.40 -31.89 3.74
CA PRO C 587 12.44 -30.88 3.46
C PRO C 587 13.49 -30.84 4.57
N CYS C 588 14.66 -30.33 4.21
CA CYS C 588 15.74 -30.19 5.19
C CYS C 588 15.48 -28.98 6.08
N SER C 589 15.89 -29.10 7.34
CA SER C 589 15.53 -28.10 8.34
C SER C 589 16.27 -26.80 8.12
N PHE C 590 15.70 -25.72 8.69
CA PHE C 590 16.30 -24.40 8.64
C PHE C 590 15.66 -23.56 9.74
N GLY C 591 16.33 -22.45 10.08
CA GLY C 591 15.80 -21.57 11.10
C GLY C 591 16.68 -20.35 11.29
N GLY C 592 16.09 -19.32 11.88
CA GLY C 592 16.81 -18.09 12.11
C GLY C 592 17.77 -18.17 13.28
N VAL C 593 18.68 -17.20 13.33
CA VAL C 593 19.74 -17.15 14.33
C VAL C 593 19.72 -15.78 14.99
N SER C 594 19.62 -15.77 16.32
CA SER C 594 19.60 -14.53 17.09
C SER C 594 20.75 -14.53 18.09
N VAL C 595 21.30 -13.34 18.32
CA VAL C 595 22.46 -13.16 19.18
C VAL C 595 22.04 -12.38 20.42
N ILE C 596 22.43 -12.88 21.58
CA ILE C 596 22.15 -12.25 22.86
C ILE C 596 23.47 -11.83 23.49
N THR C 597 23.56 -10.57 23.90
CA THR C 597 24.78 -10.05 24.50
C THR C 597 24.44 -8.86 25.38
N PRO C 598 25.22 -8.61 26.43
CA PRO C 598 25.05 -7.37 27.20
C PRO C 598 25.74 -6.22 26.52
N GLY C 599 25.79 -5.05 27.16
CA GLY C 599 26.46 -3.90 26.60
C GLY C 599 27.90 -4.17 26.26
N THR C 600 28.31 -3.86 25.04
CA THR C 600 29.66 -4.16 24.57
C THR C 600 30.61 -3.00 24.86
N ASN C 601 30.67 -2.64 26.14
CA ASN C 601 31.63 -1.67 26.64
C ASN C 601 32.42 -2.15 27.84
N THR C 602 31.93 -3.16 28.56
CA THR C 602 32.63 -3.71 29.72
C THR C 602 32.95 -5.18 29.54
N SER C 603 32.03 -5.97 29.00
CA SER C 603 32.22 -7.39 28.77
C SER C 603 32.10 -7.69 27.28
N ASN C 604 32.80 -8.73 26.82
CA ASN C 604 32.77 -9.13 25.43
C ASN C 604 32.24 -10.54 25.22
N GLN C 605 31.87 -11.24 26.28
CA GLN C 605 31.30 -12.58 26.15
C GLN C 605 29.92 -12.49 25.50
N VAL C 606 29.65 -13.43 24.59
CA VAL C 606 28.42 -13.43 23.81
C VAL C 606 27.84 -14.84 23.78
N ALA C 607 26.52 -14.94 23.93
CA ALA C 607 25.79 -16.19 23.80
C ALA C 607 24.96 -16.16 22.53
N VAL C 608 24.59 -17.35 22.06
CA VAL C 608 23.90 -17.52 20.78
C VAL C 608 22.71 -18.45 20.98
N LEU C 609 21.60 -18.13 20.31
CA LEU C 609 20.38 -18.90 20.41
C LEU C 609 19.93 -19.34 19.03
N TYR C 610 19.58 -20.63 18.89
CA TYR C 610 18.97 -21.16 17.68
C TYR C 610 17.47 -21.35 17.92
N GLN C 611 16.68 -21.12 16.88
CA GLN C 611 15.23 -21.09 17.00
C GLN C 611 14.63 -22.36 16.44
N GLY C 612 13.81 -23.04 17.24
CA GLY C 612 12.99 -24.14 16.76
C GLY C 612 13.69 -25.46 16.56
N VAL C 613 14.98 -25.42 16.23
CA VAL C 613 15.69 -26.65 15.90
C VAL C 613 15.98 -27.45 17.16
N ASN C 614 15.88 -28.77 17.06
CA ASN C 614 16.25 -29.65 18.16
C ASN C 614 17.76 -29.64 18.34
N CYS C 615 18.19 -29.87 19.57
CA CYS C 615 19.62 -29.82 19.88
C CYS C 615 20.39 -30.91 19.15
N THR C 616 19.77 -32.07 18.92
CA THR C 616 20.46 -33.15 18.24
C THR C 616 20.76 -32.83 16.78
N GLU C 617 20.07 -31.84 16.21
CA GLU C 617 20.27 -31.54 14.79
C GLU C 617 21.66 -30.96 14.52
N VAL C 618 22.16 -30.14 15.43
CA VAL C 618 23.47 -29.52 15.23
C VAL C 618 24.57 -30.55 15.39
N ASN C 639 27.67 -26.83 27.90
CA ASN C 639 27.27 -25.47 27.56
C ASN C 639 26.05 -25.46 26.65
N VAL C 640 25.35 -26.57 26.60
CA VAL C 640 24.17 -26.73 25.75
C VAL C 640 22.97 -26.92 26.65
N PHE C 641 21.95 -26.08 26.48
CA PHE C 641 20.73 -26.14 27.26
C PHE C 641 19.55 -26.12 26.31
N GLN C 642 18.62 -27.06 26.49
CA GLN C 642 17.45 -27.17 25.63
C GLN C 642 16.27 -26.48 26.31
N THR C 643 15.67 -25.53 25.63
CA THR C 643 14.52 -24.78 26.13
C THR C 643 13.30 -25.10 25.28
N ARG C 644 12.14 -24.63 25.75
CA ARG C 644 10.91 -24.81 24.99
C ARG C 644 10.93 -24.00 23.70
N ALA C 645 11.73 -22.95 23.65
CA ALA C 645 11.83 -22.12 22.45
C ALA C 645 12.96 -22.56 21.51
N GLY C 646 13.76 -23.54 21.90
CA GLY C 646 14.84 -24.01 21.07
C GLY C 646 16.02 -24.45 21.90
N CYS C 647 17.18 -24.47 21.27
CA CYS C 647 18.42 -24.87 21.90
C CYS C 647 19.27 -23.63 22.19
N LEU C 648 19.72 -23.50 23.43
CA LEU C 648 20.49 -22.35 23.87
C LEU C 648 21.90 -22.79 24.23
N ILE C 649 22.88 -21.94 23.93
CA ILE C 649 24.30 -22.26 24.10
C ILE C 649 24.94 -21.19 24.97
N GLY C 650 25.63 -21.62 26.02
CA GLY C 650 26.40 -20.73 26.86
C GLY C 650 25.73 -20.23 28.12
N ALA C 651 24.66 -20.88 28.57
CA ALA C 651 23.95 -20.45 29.76
C ALA C 651 23.85 -21.60 30.77
N GLU C 652 23.62 -21.24 32.02
CA GLU C 652 23.51 -22.20 33.11
C GLU C 652 22.14 -22.12 33.75
N HIS C 653 21.47 -23.25 33.88
CA HIS C 653 20.15 -23.32 34.49
C HIS C 653 20.31 -23.22 36.00
N VAL C 654 20.40 -21.99 36.49
CA VAL C 654 20.55 -21.75 37.92
C VAL C 654 19.24 -22.10 38.62
N ASN C 655 19.29 -22.23 39.95
CA ASN C 655 18.11 -22.54 40.74
C ASN C 655 17.84 -21.36 41.67
N ASN C 656 17.13 -20.38 41.15
CA ASN C 656 16.72 -19.20 41.90
C ASN C 656 15.69 -18.45 41.06
N SER C 657 15.25 -17.30 41.54
CA SER C 657 14.22 -16.52 40.86
C SER C 657 14.57 -15.04 40.93
N TYR C 658 14.42 -14.36 39.80
CA TYR C 658 14.72 -12.93 39.71
C TYR C 658 13.71 -12.30 38.76
N GLU C 659 13.99 -11.07 38.36
CA GLU C 659 13.18 -10.37 37.38
C GLU C 659 13.93 -10.28 36.05
N CYS C 660 13.19 -9.92 35.00
CA CYS C 660 13.73 -9.93 33.64
C CYS C 660 14.68 -8.76 33.43
N ASP C 661 15.93 -9.08 33.11
CA ASP C 661 16.87 -8.07 32.64
C ASP C 661 16.85 -7.98 31.12
N ILE C 662 16.98 -9.12 30.43
CA ILE C 662 16.91 -9.18 28.98
C ILE C 662 15.92 -10.27 28.61
N PRO C 663 14.88 -9.96 27.83
CA PRO C 663 13.87 -10.98 27.52
C PRO C 663 14.35 -11.94 26.44
N ILE C 664 13.92 -13.20 26.57
CA ILE C 664 14.20 -14.23 25.57
C ILE C 664 12.91 -14.81 25.00
N GLY C 665 12.07 -15.38 25.84
CA GLY C 665 10.81 -15.95 25.40
C GLY C 665 10.45 -17.15 26.25
N ALA C 666 9.16 -17.47 26.27
CA ALA C 666 8.62 -18.61 27.03
C ALA C 666 9.00 -18.52 28.50
N GLY C 667 8.96 -17.31 29.05
CA GLY C 667 9.22 -17.12 30.46
C GLY C 667 10.66 -17.33 30.88
N ILE C 668 11.61 -17.11 29.98
CA ILE C 668 13.03 -17.27 30.27
C ILE C 668 13.72 -15.94 30.04
N CYS C 669 14.48 -15.49 31.03
CA CYS C 669 15.26 -14.26 30.93
C CYS C 669 16.68 -14.52 31.41
N ALA C 670 17.62 -13.77 30.84
CA ALA C 670 19.04 -13.93 31.12
C ALA C 670 19.65 -12.59 31.49
N SER C 671 20.76 -12.66 32.22
CA SER C 671 21.45 -11.46 32.66
C SER C 671 22.91 -11.80 32.91
N TYR C 672 23.73 -10.75 32.98
CA TYR C 672 25.16 -10.88 33.21
C TYR C 672 25.44 -10.68 34.70
N GLN C 673 25.77 -11.76 35.39
CA GLN C 673 26.05 -11.72 36.81
C GLN C 673 27.30 -12.55 37.09
N THR C 674 27.80 -12.42 38.32
CA THR C 674 28.97 -13.18 38.74
C THR C 674 28.63 -14.66 38.87
N SER C 687 34.96 -13.32 38.01
CA SER C 687 34.24 -14.47 37.47
C SER C 687 32.80 -14.13 37.16
N GLN C 688 32.54 -13.65 35.95
CA GLN C 688 31.20 -13.29 35.52
C GLN C 688 30.87 -14.01 34.23
N SER C 689 29.59 -14.31 34.05
CA SER C 689 29.14 -15.05 32.87
C SER C 689 27.67 -14.79 32.65
N ILE C 690 27.18 -15.24 31.50
CA ILE C 690 25.77 -15.09 31.16
C ILE C 690 25.01 -16.31 31.64
N ILE C 691 23.96 -16.08 32.42
CA ILE C 691 23.18 -17.15 33.02
C ILE C 691 21.71 -16.94 32.69
N ALA C 692 20.94 -18.03 32.72
CA ALA C 692 19.51 -18.00 32.47
C ALA C 692 18.77 -18.45 33.72
N TYR C 693 17.58 -17.88 33.93
CA TYR C 693 16.81 -18.16 35.13
C TYR C 693 15.33 -18.11 34.81
N THR C 694 14.52 -18.57 35.76
CA THR C 694 13.07 -18.63 35.61
C THR C 694 12.42 -17.39 36.20
N MET C 695 11.30 -17.00 35.62
CA MET C 695 10.61 -15.77 36.01
C MET C 695 10.16 -15.82 37.46
N SER C 696 10.20 -14.67 38.12
CA SER C 696 9.61 -14.46 39.44
C SER C 696 8.68 -13.25 39.39
N LEU C 697 7.46 -13.44 39.87
CA LEU C 697 6.44 -12.39 39.80
C LEU C 697 6.57 -11.36 40.91
N GLY C 698 7.44 -11.58 41.88
CA GLY C 698 7.66 -10.63 42.96
C GLY C 698 7.54 -11.29 44.33
N ALA C 699 7.58 -10.44 45.34
CA ALA C 699 7.54 -10.91 46.71
C ALA C 699 6.12 -11.35 47.10
N GLU C 700 6.04 -12.08 48.21
CA GLU C 700 4.77 -12.54 48.74
C GLU C 700 4.36 -11.70 49.95
N ASN C 701 3.05 -11.58 50.14
CA ASN C 701 2.51 -10.81 51.26
C ASN C 701 1.30 -11.55 51.82
N SER C 702 1.03 -11.31 53.10
CA SER C 702 -0.10 -11.91 53.79
C SER C 702 -0.82 -10.82 54.57
N VAL C 703 -2.14 -10.97 54.69
CA VAL C 703 -2.99 -9.99 55.38
C VAL C 703 -3.73 -10.71 56.49
N ALA C 704 -3.69 -10.14 57.70
CA ALA C 704 -4.39 -10.70 58.84
C ALA C 704 -5.85 -10.27 58.75
N TYR C 705 -6.73 -11.24 58.59
CA TYR C 705 -8.16 -10.97 58.43
C TYR C 705 -8.93 -11.51 59.64
N SER C 706 -9.87 -10.71 60.13
CA SER C 706 -10.73 -11.14 61.22
C SER C 706 -12.03 -10.33 61.15
N ASN C 707 -13.03 -10.81 61.87
CA ASN C 707 -14.34 -10.17 61.86
C ASN C 707 -14.42 -8.95 62.77
N ASN C 708 -13.36 -8.65 63.53
CA ASN C 708 -13.41 -7.53 64.46
C ASN C 708 -12.09 -6.76 64.51
N SER C 709 -11.38 -6.69 63.40
CA SER C 709 -10.10 -5.99 63.34
C SER C 709 -10.15 -4.88 62.29
N ILE C 710 -9.30 -3.88 62.48
CA ILE C 710 -9.26 -2.74 61.57
C ILE C 710 -7.92 -2.02 61.75
N ALA C 711 -7.43 -1.43 60.66
CA ALA C 711 -6.23 -0.62 60.67
C ALA C 711 -6.57 0.81 60.25
N ILE C 712 -5.65 1.72 60.51
CA ILE C 712 -5.86 3.12 60.20
C ILE C 712 -4.51 3.84 60.15
N PRO C 713 -4.27 4.72 59.17
CA PRO C 713 -2.99 5.41 59.11
C PRO C 713 -2.89 6.54 60.12
N THR C 714 -1.66 6.96 60.37
CA THR C 714 -1.37 8.03 61.31
C THR C 714 -0.55 9.17 60.73
N ASN C 715 0.41 8.88 59.85
CA ASN C 715 1.27 9.89 59.26
C ASN C 715 1.13 9.84 57.74
N PHE C 716 1.60 10.89 57.08
CA PHE C 716 1.42 11.04 55.64
C PHE C 716 2.72 11.54 55.01
N THR C 717 2.68 11.69 53.69
CA THR C 717 3.84 12.16 52.94
C THR C 717 3.38 12.70 51.60
N ILE C 718 4.28 13.43 50.94
CA ILE C 718 4.02 14.04 49.64
C ILE C 718 5.02 13.50 48.63
N SER C 719 4.56 13.26 47.40
CA SER C 719 5.41 12.71 46.36
C SER C 719 5.12 13.40 45.05
N VAL C 720 6.11 13.35 44.15
CA VAL C 720 6.03 13.98 42.84
C VAL C 720 6.50 12.99 41.79
N THR C 721 5.75 12.90 40.69
CA THR C 721 6.07 12.00 39.59
C THR C 721 6.20 12.80 38.29
N THR C 722 6.39 12.09 37.19
CA THR C 722 6.68 12.74 35.91
C THR C 722 6.41 11.78 34.76
N GLU C 723 5.83 12.31 33.68
CA GLU C 723 5.62 11.54 32.46
C GLU C 723 5.72 12.48 31.27
N ILE C 724 5.99 11.89 30.10
CA ILE C 724 6.29 12.64 28.89
C ILE C 724 5.42 12.14 27.75
N LEU C 725 4.97 13.06 26.89
CA LEU C 725 4.13 12.72 25.77
C LEU C 725 4.58 13.47 24.52
N PRO C 726 4.43 12.87 23.35
CA PRO C 726 4.70 13.59 22.10
C PRO C 726 3.45 14.29 21.58
N VAL C 727 3.67 15.36 20.81
CA VAL C 727 2.57 16.24 20.45
C VAL C 727 2.42 16.40 18.94
N SER C 728 3.53 16.34 18.21
CA SER C 728 3.48 16.72 16.80
C SER C 728 4.54 15.95 16.03
N MET C 729 4.76 16.36 14.78
CA MET C 729 5.64 15.64 13.87
C MET C 729 6.14 16.61 12.82
N THR C 730 7.31 16.32 12.26
CA THR C 730 7.90 17.20 11.26
C THR C 730 7.08 17.20 9.97
N LYS C 731 7.28 18.22 9.15
CA LYS C 731 6.54 18.42 7.91
C LYS C 731 7.50 18.44 6.74
N THR C 732 7.14 17.73 5.67
CA THR C 732 7.99 17.63 4.49
C THR C 732 7.12 17.74 3.24
N SER C 733 7.80 17.86 2.09
CA SER C 733 7.13 17.92 0.80
C SER C 733 8.08 17.39 -0.26
N VAL C 734 7.50 16.94 -1.37
CA VAL C 734 8.26 16.31 -2.45
C VAL C 734 7.64 16.68 -3.79
N ASP C 735 8.49 16.96 -4.77
CA ASP C 735 8.08 17.20 -6.14
C ASP C 735 8.15 15.89 -6.91
N CYS C 736 7.06 15.55 -7.60
CA CYS C 736 6.97 14.24 -8.25
C CYS C 736 7.71 14.22 -9.57
N THR C 737 7.39 15.15 -10.46
CA THR C 737 7.91 15.09 -11.83
C THR C 737 9.42 15.23 -11.87
N MET C 738 9.97 16.19 -11.13
CA MET C 738 11.41 16.36 -11.15
C MET C 738 12.11 15.16 -10.54
N TYR C 739 11.58 14.63 -9.44
CA TYR C 739 12.20 13.47 -8.81
C TYR C 739 12.21 12.27 -9.74
N ILE C 740 11.12 12.05 -10.47
CA ILE C 740 11.04 10.87 -11.32
C ILE C 740 11.89 11.06 -12.58
N CYS C 741 11.63 12.13 -13.32
CA CYS C 741 12.25 12.29 -14.64
C CYS C 741 13.72 12.68 -14.56
N GLY C 742 14.11 13.44 -13.53
CA GLY C 742 15.47 13.96 -13.53
C GLY C 742 15.66 15.10 -14.51
N ASP C 743 14.57 15.81 -14.82
CA ASP C 743 14.58 16.96 -15.71
C ASP C 743 15.07 16.58 -17.12
N SER C 744 14.30 15.71 -17.76
CA SER C 744 14.53 15.32 -19.14
C SER C 744 13.24 15.55 -19.93
N THR C 745 13.34 16.32 -21.02
CA THR C 745 12.17 16.54 -21.86
C THR C 745 11.71 15.23 -22.51
N GLU C 746 12.66 14.41 -22.95
CA GLU C 746 12.34 13.11 -23.52
C GLU C 746 11.74 12.16 -22.50
N CYS C 747 11.86 12.46 -21.21
CA CYS C 747 11.15 11.72 -20.18
C CYS C 747 9.76 12.30 -19.94
N SER C 748 9.67 13.62 -19.84
CA SER C 748 8.39 14.26 -19.54
C SER C 748 7.38 14.06 -20.66
N ASN C 749 7.82 14.10 -21.92
CA ASN C 749 6.89 14.02 -23.03
C ASN C 749 6.20 12.67 -23.13
N LEU C 750 6.68 11.66 -22.39
CA LEU C 750 5.99 10.39 -22.31
C LEU C 750 5.48 10.07 -20.92
N LEU C 751 5.97 10.77 -19.89
CA LEU C 751 5.45 10.53 -18.54
C LEU C 751 4.00 10.95 -18.43
N LEU C 752 3.62 12.05 -19.10
CA LEU C 752 2.26 12.56 -18.99
C LEU C 752 1.24 11.60 -19.57
N GLN C 753 1.67 10.59 -20.30
CA GLN C 753 0.81 9.55 -20.85
C GLN C 753 0.07 8.77 -19.76
N TYR C 754 0.56 8.82 -18.52
CA TYR C 754 0.08 7.95 -17.46
C TYR C 754 -1.05 8.55 -16.64
N GLY C 755 -0.88 9.73 -16.05
CA GLY C 755 -1.94 10.31 -15.24
C GLY C 755 -1.53 11.35 -14.22
N SER C 756 -2.43 11.66 -13.28
CA SER C 756 -2.27 12.74 -12.32
C SER C 756 -2.09 12.21 -10.90
N PHE C 757 -1.56 10.99 -10.81
CA PHE C 757 -1.40 10.34 -9.52
C PHE C 757 -0.50 11.13 -8.59
N CYS C 758 0.62 11.63 -9.10
CA CYS C 758 1.49 12.45 -8.26
C CYS C 758 0.79 13.75 -7.85
N THR C 759 -0.06 14.28 -8.74
CA THR C 759 -0.81 15.48 -8.41
C THR C 759 -1.70 15.24 -7.20
N GLN C 760 -2.39 14.09 -7.15
CA GLN C 760 -3.18 13.81 -5.97
C GLN C 760 -2.33 13.40 -4.77
N LEU C 761 -1.13 12.85 -5.00
CA LEU C 761 -0.21 12.61 -3.89
C LEU C 761 0.15 13.91 -3.19
N ASN C 762 0.28 14.99 -3.96
CA ASN C 762 0.56 16.29 -3.35
C ASN C 762 -0.54 16.68 -2.36
N ARG C 763 -1.80 16.48 -2.74
CA ARG C 763 -2.90 16.76 -1.82
C ARG C 763 -2.84 15.85 -0.61
N ALA C 764 -2.49 14.57 -0.84
CA ALA C 764 -2.38 13.64 0.28
C ALA C 764 -1.36 14.12 1.30
N LEU C 765 -0.21 14.62 0.83
CA LEU C 765 0.78 15.16 1.76
C LEU C 765 0.30 16.45 2.42
N THR C 766 -0.38 17.30 1.65
CA THR C 766 -0.86 18.58 2.18
C THR C 766 -1.82 18.35 3.34
N GLY C 767 -2.60 17.27 3.28
CA GLY C 767 -3.50 16.96 4.39
C GLY C 767 -2.77 16.80 5.70
N ILE C 768 -1.70 16.00 5.70
CA ILE C 768 -0.89 15.81 6.91
C ILE C 768 -0.23 17.12 7.31
N ALA C 769 0.23 17.89 6.32
CA ALA C 769 0.86 19.16 6.61
C ALA C 769 -0.07 20.07 7.41
N VAL C 770 -1.34 20.13 7.02
CA VAL C 770 -2.30 20.94 7.76
C VAL C 770 -2.61 20.32 9.12
N GLU C 771 -2.78 19.00 9.15
CA GLU C 771 -3.17 18.33 10.39
C GLU C 771 -2.17 18.57 11.52
N GLN C 772 -0.88 18.58 11.19
CA GLN C 772 0.13 18.84 12.21
C GLN C 772 -0.15 20.14 12.94
N ASP C 773 -0.34 21.22 12.19
CA ASP C 773 -0.55 22.52 12.80
C ASP C 773 -1.90 22.58 13.50
N LYS C 774 -2.90 21.88 12.96
CA LYS C 774 -4.18 21.80 13.67
C LYS C 774 -3.98 21.26 15.07
N ASN C 775 -3.30 20.12 15.19
CA ASN C 775 -3.08 19.52 16.51
C ASN C 775 -2.30 20.46 17.41
N THR C 776 -1.22 21.05 16.88
CA THR C 776 -0.36 21.89 17.71
C THR C 776 -1.11 23.10 18.25
N GLN C 777 -1.92 23.74 17.40
CA GLN C 777 -2.70 24.89 17.85
C GLN C 777 -3.77 24.47 18.85
N GLU C 778 -4.46 23.37 18.58
CA GLU C 778 -5.59 22.98 19.41
C GLU C 778 -5.14 22.61 20.82
N VAL C 779 -4.01 21.93 20.96
CA VAL C 779 -3.63 21.43 22.29
C VAL C 779 -3.33 22.60 23.23
N PHE C 780 -2.64 23.62 22.74
CA PHE C 780 -2.18 24.71 23.60
C PHE C 780 -3.08 25.94 23.57
N ALA C 781 -4.11 25.97 22.73
CA ALA C 781 -4.93 27.18 22.58
C ALA C 781 -6.18 27.15 23.44
N GLN C 782 -6.09 26.68 24.68
CA GLN C 782 -7.25 26.60 25.55
C GLN C 782 -7.43 27.81 26.46
N VAL C 783 -6.55 28.79 26.39
CA VAL C 783 -6.64 29.98 27.25
C VAL C 783 -6.85 31.19 26.37
N LYS C 784 -7.61 32.16 26.90
CA LYS C 784 -8.01 33.33 26.14
C LYS C 784 -7.26 34.61 26.53
N GLN C 785 -6.69 34.70 27.72
CA GLN C 785 -6.07 35.93 28.17
C GLN C 785 -4.75 35.61 28.86
N ILE C 786 -3.90 36.63 28.94
CA ILE C 786 -2.54 36.48 29.47
C ILE C 786 -2.50 37.03 30.89
N TYR C 787 -1.91 36.27 31.79
CA TYR C 787 -1.70 36.69 33.17
C TYR C 787 -0.22 36.73 33.48
N LYS C 788 0.12 37.46 34.55
CA LYS C 788 1.51 37.65 34.92
C LYS C 788 1.65 37.57 36.44
N THR C 789 2.84 37.17 36.87
CA THR C 789 3.17 36.95 38.27
C THR C 789 3.31 38.28 39.01
N PRO C 790 2.80 38.37 40.24
CA PRO C 790 3.08 39.55 41.05
C PRO C 790 4.56 39.62 41.39
N PRO C 791 5.10 40.83 41.58
CA PRO C 791 6.56 40.95 41.78
C PRO C 791 7.08 40.25 43.02
N ILE C 792 6.32 40.22 44.11
CA ILE C 792 6.80 39.70 45.39
C ILE C 792 6.38 38.25 45.52
N LYS C 793 7.35 37.38 45.86
CA LYS C 793 7.09 35.95 46.01
C LYS C 793 6.91 35.60 47.48
N ASP C 794 5.71 35.95 47.98
CA ASP C 794 5.34 35.66 49.37
C ASP C 794 4.20 34.65 49.35
N PHE C 795 4.56 33.37 49.38
CA PHE C 795 3.60 32.28 49.28
C PHE C 795 3.64 31.35 50.48
N GLY C 796 3.84 31.90 51.67
CA GLY C 796 3.79 31.09 52.88
C GLY C 796 4.83 30.00 52.93
N GLY C 797 6.06 30.29 52.52
CA GLY C 797 7.15 29.34 52.61
C GLY C 797 7.31 28.43 51.42
N PHE C 798 6.40 28.47 50.46
CA PHE C 798 6.53 27.64 49.27
C PHE C 798 7.44 28.32 48.27
N ASN C 799 8.53 27.66 47.90
CA ASN C 799 9.52 28.21 46.98
C ASN C 799 9.28 27.61 45.59
N PHE C 800 9.00 28.48 44.63
CA PHE C 800 8.74 28.07 43.25
C PHE C 800 9.86 28.53 42.30
N SER C 801 11.07 28.66 42.81
CA SER C 801 12.17 29.17 42.00
C SER C 801 12.47 28.26 40.82
N GLN C 802 12.47 26.95 41.05
CA GLN C 802 12.87 26.00 40.02
C GLN C 802 11.88 25.94 38.86
N ILE C 803 10.66 26.42 39.05
CA ILE C 803 9.63 26.29 38.04
C ILE C 803 9.27 27.61 37.38
N LEU C 804 9.42 28.73 38.06
CA LEU C 804 9.05 30.01 37.48
C LEU C 804 10.04 30.42 36.39
N PRO C 805 9.60 31.19 35.41
CA PRO C 805 10.52 31.64 34.36
C PRO C 805 11.57 32.59 34.91
N ASP C 806 12.73 32.59 34.27
CA ASP C 806 13.83 33.46 34.67
C ASP C 806 13.99 34.58 33.65
N PRO C 807 13.66 35.83 34.02
CA PRO C 807 13.82 36.94 33.06
C PRO C 807 15.27 37.21 32.67
N SER C 808 16.24 36.79 33.48
CA SER C 808 17.64 37.11 33.19
C SER C 808 18.10 36.44 31.90
N LYS C 809 17.69 35.20 31.67
CA LYS C 809 18.15 34.47 30.50
C LYS C 809 17.60 35.11 29.22
N PRO C 810 18.35 35.03 28.12
CA PRO C 810 17.82 35.55 26.84
C PRO C 810 16.51 34.90 26.44
N SER C 811 16.38 33.60 26.68
CA SER C 811 15.11 32.90 26.50
C SER C 811 14.51 32.71 27.89
N LYS C 812 13.34 33.32 28.11
CA LYS C 812 12.75 33.34 29.43
C LYS C 812 12.18 31.98 29.80
N ARG C 813 13.05 31.06 30.21
CA ARG C 813 12.66 29.70 30.52
C ARG C 813 13.08 29.33 31.94
N SER C 814 12.47 28.27 32.45
CA SER C 814 12.85 27.73 33.74
C SER C 814 14.18 26.99 33.62
N PRO C 815 14.91 26.85 34.74
CA PRO C 815 16.11 26.00 34.70
C PRO C 815 15.81 24.57 34.31
N ILE C 816 14.63 24.07 34.67
CA ILE C 816 14.21 22.73 34.22
C ILE C 816 14.07 22.71 32.71
N GLU C 817 13.48 23.76 32.14
CA GLU C 817 13.34 23.84 30.69
C GLU C 817 14.71 23.93 30.02
N ASP C 818 15.67 24.59 30.65
CA ASP C 818 17.01 24.64 30.09
C ASP C 818 17.63 23.26 30.02
N LEU C 819 17.48 22.47 31.09
CA LEU C 819 17.97 21.10 31.08
C LEU C 819 17.26 20.28 30.02
N LEU C 820 15.96 20.49 29.86
CA LEU C 820 15.21 19.77 28.83
C LEU C 820 15.74 20.09 27.43
N PHE C 821 16.01 21.37 27.17
CA PHE C 821 16.57 21.76 25.89
C PHE C 821 17.94 21.13 25.68
N ASN C 822 18.79 21.15 26.70
CA ASN C 822 20.14 20.63 26.56
C ASN C 822 20.15 19.13 26.33
N LYS C 823 19.31 18.39 27.05
CA LYS C 823 19.28 16.94 26.92
C LYS C 823 18.78 16.47 25.57
N VAL C 824 18.06 17.31 24.83
CA VAL C 824 17.51 16.95 23.54
C VAL C 824 18.46 17.43 22.46
N THR C 825 18.85 16.53 21.56
CA THR C 825 19.77 16.86 20.48
C THR C 825 19.11 16.63 19.12
N LYS C 852 21.22 16.20 -1.30
CA LYS C 852 20.22 16.60 -0.30
C LYS C 852 18.93 17.05 -0.97
N PHE C 853 18.96 18.26 -1.52
CA PHE C 853 17.75 18.88 -2.05
C PHE C 853 17.38 18.33 -3.43
N ASN C 854 16.95 17.07 -3.47
CA ASN C 854 16.41 16.48 -4.70
C ASN C 854 14.89 16.61 -4.75
N GLY C 855 14.40 17.85 -4.62
CA GLY C 855 12.98 18.11 -4.57
C GLY C 855 12.35 17.92 -3.21
N LEU C 856 13.11 17.52 -2.20
CA LEU C 856 12.61 17.38 -0.85
C LEU C 856 12.79 18.69 -0.10
N THR C 857 11.78 19.06 0.69
CA THR C 857 11.78 20.33 1.40
C THR C 857 11.27 20.12 2.81
N VAL C 858 11.65 21.05 3.70
CA VAL C 858 11.21 21.05 5.09
C VAL C 858 10.53 22.37 5.38
N LEU C 859 9.33 22.31 5.93
CA LEU C 859 8.68 23.60 6.13
C LEU C 859 8.67 23.98 7.61
N PRO C 860 8.94 25.24 7.91
CA PRO C 860 8.96 25.67 9.31
C PRO C 860 7.57 25.61 9.91
N PRO C 861 7.46 25.31 11.20
CA PRO C 861 6.15 25.30 11.85
C PRO C 861 5.61 26.72 12.04
N LEU C 862 4.28 26.80 12.14
CA LEU C 862 3.65 28.11 12.29
C LEU C 862 4.02 28.74 13.63
N LEU C 863 4.03 27.97 14.70
CA LEU C 863 4.29 28.48 16.04
C LEU C 863 5.72 28.17 16.44
N THR C 864 6.25 28.95 17.39
CA THR C 864 7.61 28.81 17.84
C THR C 864 7.67 28.65 19.36
N ASP C 865 8.81 28.12 19.83
CA ASP C 865 9.02 27.93 21.25
C ASP C 865 8.90 29.24 22.01
N GLU C 866 9.15 30.37 21.36
CA GLU C 866 9.04 31.66 22.04
C GLU C 866 7.65 31.87 22.60
N MET C 867 6.62 31.72 21.78
CA MET C 867 5.27 31.87 22.30
C MET C 867 4.76 30.60 22.97
N ILE C 868 5.38 29.46 22.70
CA ILE C 868 5.04 28.26 23.48
C ILE C 868 5.36 28.49 24.96
N ALA C 869 6.53 29.04 25.23
CA ALA C 869 6.91 29.35 26.61
C ALA C 869 5.97 30.40 27.20
N GLN C 870 5.55 31.37 26.39
CA GLN C 870 4.61 32.37 26.87
C GLN C 870 3.30 31.72 27.30
N TYR C 871 2.78 30.80 26.47
CA TYR C 871 1.54 30.12 26.83
C TYR C 871 1.70 29.33 28.12
N THR C 872 2.81 28.59 28.24
CA THR C 872 3.02 27.80 29.46
C THR C 872 3.12 28.71 30.68
N SER C 873 3.85 29.82 30.57
CA SER C 873 3.99 30.73 31.69
C SER C 873 2.64 31.34 32.08
N ALA C 874 1.83 31.70 31.09
CA ALA C 874 0.51 32.24 31.38
C ALA C 874 -0.35 31.22 32.11
N LEU C 875 -0.32 29.96 31.65
CA LEU C 875 -1.06 28.92 32.33
C LEU C 875 -0.64 28.79 33.79
N LEU C 876 0.67 28.71 34.03
CA LEU C 876 1.16 28.53 35.39
C LEU C 876 0.80 29.71 36.27
N ALA C 877 0.97 30.93 35.75
CA ALA C 877 0.64 32.12 36.54
C ALA C 877 -0.84 32.17 36.87
N GLY C 878 -1.69 31.82 35.92
CA GLY C 878 -3.12 31.82 36.18
C GLY C 878 -3.51 30.80 37.25
N THR C 879 -3.00 29.57 37.13
CA THR C 879 -3.41 28.56 38.11
C THR C 879 -2.88 28.87 39.49
N ILE C 880 -1.61 29.25 39.61
CA ILE C 880 -1.02 29.51 40.92
C ILE C 880 -1.71 30.66 41.63
N THR C 881 -2.41 31.53 40.89
CA THR C 881 -3.02 32.71 41.47
C THR C 881 -4.52 32.59 41.69
N SER C 882 -5.23 31.79 40.88
CA SER C 882 -6.68 31.76 41.00
C SER C 882 -7.27 30.36 41.12
N GLY C 883 -6.43 29.32 41.24
CA GLY C 883 -7.00 27.98 41.33
C GLY C 883 -7.71 27.60 40.05
N TRP C 884 -8.93 27.10 40.18
CA TRP C 884 -9.69 26.62 39.04
C TRP C 884 -10.76 27.61 38.57
N THR C 885 -10.89 28.77 39.23
CA THR C 885 -11.96 29.70 38.88
C THR C 885 -11.81 30.20 37.45
N PHE C 886 -10.58 30.55 37.05
CA PHE C 886 -10.35 31.06 35.71
C PHE C 886 -10.62 30.03 34.64
N GLY C 887 -10.66 28.74 34.98
CA GLY C 887 -10.98 27.73 34.00
C GLY C 887 -12.44 27.72 33.58
N ALA C 888 -13.30 28.44 34.30
CA ALA C 888 -14.71 28.53 33.95
C ALA C 888 -15.23 29.95 33.83
N GLY C 889 -14.61 30.93 34.49
CA GLY C 889 -15.07 32.29 34.40
C GLY C 889 -13.94 33.28 34.61
N PRO C 890 -14.27 34.47 35.11
CA PRO C 890 -13.23 35.47 35.38
C PRO C 890 -12.36 35.05 36.55
N ALA C 891 -11.13 35.54 36.54
CA ALA C 891 -10.17 35.17 37.57
C ALA C 891 -10.54 35.78 38.90
N LEU C 892 -10.48 34.96 39.96
CA LEU C 892 -10.78 35.39 41.32
C LEU C 892 -9.58 35.05 42.20
N GLN C 893 -9.04 36.06 42.88
CA GLN C 893 -7.88 35.82 43.73
C GLN C 893 -8.30 35.08 45.00
N ILE C 894 -7.33 34.38 45.58
CA ILE C 894 -7.57 33.57 46.77
C ILE C 894 -6.23 33.18 47.39
N PRO C 895 -6.08 33.24 48.72
CA PRO C 895 -4.81 32.86 49.33
C PRO C 895 -4.44 31.41 49.05
N PHE C 896 -3.14 31.19 48.86
CA PHE C 896 -2.64 29.85 48.56
C PHE C 896 -2.93 28.83 49.66
N PRO C 897 -2.69 29.09 50.94
CA PRO C 897 -3.09 28.10 51.95
C PRO C 897 -4.58 27.86 51.97
N MET C 898 -5.38 28.88 51.67
CA MET C 898 -6.82 28.67 51.57
C MET C 898 -7.14 27.69 50.45
N GLN C 899 -6.48 27.84 49.31
CA GLN C 899 -6.72 26.92 48.20
C GLN C 899 -6.29 25.50 48.57
N MET C 900 -5.15 25.37 49.25
CA MET C 900 -4.69 24.04 49.65
C MET C 900 -5.66 23.40 50.63
N ALA C 901 -6.26 24.20 51.51
CA ALA C 901 -7.27 23.67 52.42
C ALA C 901 -8.47 23.14 51.64
N TYR C 902 -8.86 23.84 50.58
CA TYR C 902 -9.94 23.35 49.73
C TYR C 902 -9.58 22.01 49.11
N ARG C 903 -8.37 21.89 48.61
CA ARG C 903 -7.94 20.62 48.02
C ARG C 903 -7.99 19.50 49.05
N PHE C 904 -7.49 19.77 50.25
CA PHE C 904 -7.48 18.75 51.30
C PHE C 904 -8.89 18.35 51.71
N ASN C 905 -9.81 19.32 51.80
CA ASN C 905 -11.19 18.98 52.08
C ASN C 905 -11.79 18.14 50.98
N GLY C 906 -11.45 18.45 49.72
CA GLY C 906 -11.93 17.65 48.61
C GLY C 906 -11.42 16.22 48.64
N ILE C 907 -10.19 15.99 49.08
CA ILE C 907 -9.68 14.63 49.18
C ILE C 907 -10.38 13.83 50.27
N GLY C 908 -11.03 14.49 51.23
CA GLY C 908 -11.71 13.80 52.30
C GLY C 908 -11.03 13.87 53.65
N VAL C 909 -10.36 14.97 53.98
CA VAL C 909 -9.71 15.15 55.27
C VAL C 909 -10.06 16.52 55.81
N THR C 910 -10.34 16.61 57.10
CA THR C 910 -10.70 17.88 57.72
C THR C 910 -9.56 18.88 57.57
N GLN C 911 -9.92 20.14 57.32
CA GLN C 911 -8.94 21.14 56.92
C GLN C 911 -8.04 21.61 58.06
N ASN C 912 -8.40 21.34 59.31
CA ASN C 912 -7.54 21.77 60.42
C ASN C 912 -6.18 21.06 60.38
N VAL C 913 -6.13 19.85 59.82
CA VAL C 913 -4.88 19.12 59.75
C VAL C 913 -3.84 19.92 58.97
N LEU C 914 -4.25 20.52 57.87
CA LEU C 914 -3.32 21.34 57.09
C LEU C 914 -2.80 22.51 57.91
N TYR C 915 -3.69 23.19 58.63
CA TYR C 915 -3.26 24.32 59.44
C TYR C 915 -2.30 23.89 60.55
N GLU C 916 -2.41 22.65 61.00
CA GLU C 916 -1.56 22.21 62.10
C GLU C 916 -0.21 21.67 61.64
N ASN C 917 0.05 21.56 60.33
CA ASN C 917 1.29 20.98 59.86
C ASN C 917 1.87 21.74 58.67
N GLN C 918 1.59 23.04 58.60
CA GLN C 918 1.99 23.83 57.43
C GLN C 918 3.50 23.82 57.26
N LYS C 919 4.24 23.98 58.37
CA LYS C 919 5.70 24.04 58.28
C LYS C 919 6.28 22.74 57.75
N LEU C 920 5.78 21.61 58.24
CA LEU C 920 6.28 20.33 57.76
C LEU C 920 5.92 20.10 56.30
N ILE C 921 4.70 20.47 55.91
CA ILE C 921 4.27 20.25 54.53
C ILE C 921 5.13 21.07 53.58
N ALA C 922 5.41 22.33 53.93
CA ALA C 922 6.23 23.17 53.06
C ALA C 922 7.62 22.57 52.89
N ASN C 923 8.21 22.08 53.98
CA ASN C 923 9.53 21.48 53.89
C ASN C 923 9.53 20.27 53.00
N GLN C 924 8.53 19.40 53.15
CA GLN C 924 8.47 18.19 52.31
C GLN C 924 8.33 18.58 50.84
N PHE C 925 7.46 19.53 50.54
CA PHE C 925 7.25 19.94 49.16
C PHE C 925 8.54 20.53 48.56
N ASN C 926 9.22 21.38 49.32
CA ASN C 926 10.46 21.97 48.83
C ASN C 926 11.51 20.90 48.58
N SER C 927 11.62 19.93 49.49
CA SER C 927 12.60 18.87 49.31
C SER C 927 12.32 18.06 48.05
N ALA C 928 11.05 17.72 47.82
CA ALA C 928 10.70 16.95 46.63
C ALA C 928 11.00 17.74 45.35
N ILE C 929 10.71 19.05 45.37
CA ILE C 929 10.95 19.87 44.19
C ILE C 929 12.44 19.90 43.85
N GLY C 930 13.30 19.99 44.87
CA GLY C 930 14.73 19.91 44.61
C GLY C 930 15.14 18.54 44.12
N LYS C 931 14.54 17.48 44.66
CA LYS C 931 14.96 16.13 44.34
C LYS C 931 14.66 15.79 42.89
N ILE C 932 13.51 16.21 42.38
CA ILE C 932 13.07 15.76 41.05
C ILE C 932 14.02 16.28 39.97
N GLN C 933 14.49 17.52 40.11
CA GLN C 933 15.38 18.08 39.10
C GLN C 933 16.68 17.27 39.01
N ASP C 934 17.25 16.93 40.16
CA ASP C 934 18.47 16.12 40.16
C ASP C 934 18.21 14.74 39.58
N SER C 935 17.06 14.14 39.90
CA SER C 935 16.74 12.83 39.34
C SER C 935 16.68 12.89 37.82
N LEU C 936 15.98 13.89 37.28
CA LEU C 936 15.86 14.02 35.84
C LEU C 936 17.21 14.29 35.19
N SER C 937 18.03 15.15 35.82
CA SER C 937 19.34 15.45 35.28
C SER C 937 20.22 14.20 35.27
N SER C 938 20.12 13.37 36.30
CA SER C 938 20.94 12.17 36.39
C SER C 938 20.51 11.13 35.35
N THR C 939 19.23 10.78 35.32
CA THR C 939 18.76 9.72 34.44
C THR C 939 18.52 10.28 33.04
N PRO C 940 19.25 9.81 32.02
CA PRO C 940 19.05 10.31 30.65
C PRO C 940 18.15 9.47 29.78
N SER C 941 17.73 8.29 30.23
CA SER C 941 17.01 7.34 29.38
C SER C 941 15.51 7.57 29.36
N ALA C 942 15.02 8.69 29.87
CA ALA C 942 13.57 8.90 29.94
C ALA C 942 13.02 9.55 28.67
N LEU C 943 13.87 9.97 27.75
CA LEU C 943 13.44 10.70 26.56
C LEU C 943 13.48 9.84 25.29
N GLY C 944 13.54 8.52 25.45
CA GLY C 944 13.53 7.65 24.29
C GLY C 944 12.25 7.78 23.48
N LYS C 945 11.13 8.03 24.15
CA LYS C 945 9.85 8.20 23.46
C LYS C 945 9.90 9.40 22.52
N LEU C 946 10.63 10.43 22.91
CA LEU C 946 10.81 11.57 22.01
C LEU C 946 11.87 11.30 20.96
N GLN C 947 12.89 10.50 21.29
CA GLN C 947 14.00 10.30 20.37
C GLN C 947 13.58 9.44 19.17
N ASP C 948 12.88 8.35 19.42
CA ASP C 948 12.65 7.37 18.34
C ASP C 948 11.78 7.95 17.24
N VAL C 949 10.88 8.86 17.60
CA VAL C 949 10.00 9.48 16.60
C VAL C 949 10.82 10.21 15.56
N VAL C 950 11.79 11.01 16.01
CA VAL C 950 12.66 11.71 15.08
C VAL C 950 13.54 10.73 14.33
N ASN C 951 14.07 9.73 15.03
CA ASN C 951 15.00 8.79 14.40
C ASN C 951 14.35 8.04 13.25
N GLN C 952 13.09 7.62 13.44
CA GLN C 952 12.42 6.84 12.41
C GLN C 952 12.26 7.65 11.12
N ASN C 953 11.78 8.88 11.23
CA ASN C 953 11.60 9.71 10.05
C ASN C 953 12.94 10.01 9.38
N ALA C 954 13.97 10.29 10.19
CA ALA C 954 15.29 10.54 9.62
C ALA C 954 15.77 9.34 8.82
N GLN C 955 15.64 8.14 9.38
CA GLN C 955 16.08 6.95 8.68
C GLN C 955 15.27 6.71 7.41
N ALA C 956 13.96 6.95 7.48
CA ALA C 956 13.12 6.74 6.31
C ALA C 956 13.51 7.66 5.16
N LEU C 957 13.84 8.91 5.45
CA LEU C 957 14.25 9.83 4.40
C LEU C 957 15.52 9.34 3.69
N ASN C 958 16.52 8.91 4.46
CA ASN C 958 17.73 8.40 3.84
C ASN C 958 17.47 7.14 3.05
N THR C 959 16.57 6.27 3.54
CA THR C 959 16.22 5.08 2.76
C THR C 959 15.61 5.47 1.42
N LEU C 960 14.70 6.43 1.43
CA LEU C 960 14.09 6.88 0.18
C LEU C 960 15.14 7.46 -0.77
N VAL C 961 16.06 8.25 -0.23
CA VAL C 961 17.10 8.84 -1.08
C VAL C 961 17.98 7.75 -1.69
N LYS C 962 18.42 6.80 -0.87
CA LYS C 962 19.29 5.74 -1.35
C LYS C 962 18.60 4.82 -2.35
N GLN C 963 17.27 4.72 -2.28
CA GLN C 963 16.57 3.89 -3.26
C GLN C 963 16.74 4.40 -4.68
N LEU C 964 17.13 5.65 -4.87
CA LEU C 964 17.43 6.15 -6.20
C LEU C 964 18.57 5.39 -6.86
N SER C 965 19.57 4.98 -6.08
CA SER C 965 20.71 4.22 -6.58
C SER C 965 20.41 2.72 -6.60
N SER C 966 19.45 2.30 -7.43
CA SER C 966 19.10 0.90 -7.57
C SER C 966 18.85 0.56 -9.04
N ASN C 967 19.04 -0.72 -9.38
CA ASN C 967 19.07 -1.11 -10.78
C ASN C 967 17.66 -1.20 -11.37
N PHE C 968 16.71 -1.76 -10.62
CA PHE C 968 15.30 -1.77 -10.98
C PHE C 968 15.05 -2.44 -12.33
N GLY C 969 15.35 -3.75 -12.36
CA GLY C 969 15.03 -4.55 -13.52
C GLY C 969 16.13 -4.56 -14.57
N ALA C 970 16.57 -3.38 -14.97
CA ALA C 970 17.72 -3.29 -15.85
C ALA C 970 19.00 -3.33 -15.02
N ILE C 971 20.13 -3.52 -15.70
CA ILE C 971 21.32 -4.05 -15.02
C ILE C 971 22.02 -3.06 -14.09
N SER C 972 21.64 -1.79 -14.09
CA SER C 972 22.33 -0.81 -13.26
C SER C 972 21.37 0.32 -12.90
N SER C 973 21.91 1.35 -12.26
CA SER C 973 21.09 2.33 -11.58
C SER C 973 21.20 3.75 -12.10
N VAL C 974 22.42 4.29 -12.24
CA VAL C 974 22.62 5.74 -12.20
C VAL C 974 21.99 6.39 -13.43
N LEU C 975 22.00 7.72 -13.46
CA LEU C 975 21.09 8.47 -14.31
C LEU C 975 21.77 9.21 -15.46
N ASN C 976 22.73 8.59 -16.15
CA ASN C 976 23.58 9.37 -17.06
C ASN C 976 23.79 8.81 -18.47
N ASP C 977 23.53 7.53 -18.76
CA ASP C 977 24.20 6.99 -19.94
C ASP C 977 23.35 6.29 -21.01
N ILE C 978 22.22 6.88 -21.41
CA ILE C 978 21.47 6.29 -22.52
C ILE C 978 21.26 7.25 -23.68
N LEU C 979 21.19 8.55 -23.49
CA LEU C 979 20.72 9.42 -24.56
C LEU C 979 21.82 9.90 -25.50
N SER C 980 22.94 10.39 -24.97
CA SER C 980 23.87 11.22 -25.72
C SER C 980 24.78 10.43 -26.66
N ARG C 981 24.94 9.14 -26.44
CA ARG C 981 25.77 8.30 -27.29
C ARG C 981 24.95 7.31 -28.11
N LEU C 982 23.64 7.27 -27.88
CA LEU C 982 22.73 6.37 -28.56
C LEU C 982 21.90 7.12 -29.59
N ASP C 983 21.51 6.38 -30.63
CA ASP C 983 20.46 6.88 -31.51
C ASP C 983 19.17 7.04 -30.71
N PRO C 984 18.37 8.07 -30.97
CA PRO C 984 17.36 8.49 -29.99
C PRO C 984 16.35 7.40 -29.67
N PRO C 985 15.58 6.89 -30.66
CA PRO C 985 14.44 6.06 -30.23
C PRO C 985 14.83 4.62 -29.95
N GLU C 986 15.73 4.42 -28.98
CA GLU C 986 16.33 3.11 -28.79
C GLU C 986 16.09 2.48 -27.43
N ALA C 987 15.56 3.20 -26.45
CA ALA C 987 15.56 2.70 -25.08
C ALA C 987 14.20 2.83 -24.44
N GLU C 988 13.15 2.39 -25.15
CA GLU C 988 11.83 2.34 -24.52
C GLU C 988 11.82 1.36 -23.36
N VAL C 989 11.98 0.07 -23.65
CA VAL C 989 11.71 -1.00 -22.68
C VAL C 989 12.58 -0.89 -21.45
N GLN C 990 13.60 -0.04 -21.47
CA GLN C 990 14.42 0.21 -20.29
C GLN C 990 13.89 1.38 -19.48
N ILE C 991 13.70 2.53 -20.13
CA ILE C 991 13.29 3.71 -19.40
C ILE C 991 11.88 3.56 -18.87
N ASP C 992 10.99 2.88 -19.61
CA ASP C 992 9.64 2.68 -19.10
C ASP C 992 9.64 1.81 -17.85
N ARG C 993 10.38 0.70 -17.86
CA ARG C 993 10.44 -0.12 -16.66
C ARG C 993 11.09 0.65 -15.52
N LEU C 994 12.11 1.44 -15.80
CA LEU C 994 12.77 2.19 -14.74
C LEU C 994 11.83 3.22 -14.13
N ILE C 995 11.07 3.95 -14.96
CA ILE C 995 10.19 4.97 -14.43
C ILE C 995 9.04 4.34 -13.66
N THR C 996 8.50 3.23 -14.16
CA THR C 996 7.44 2.55 -13.40
C THR C 996 7.95 2.07 -12.05
N GLY C 997 9.14 1.46 -12.02
CA GLY C 997 9.69 1.02 -10.75
C GLY C 997 9.94 2.16 -9.79
N ARG C 998 10.53 3.25 -10.30
CA ARG C 998 10.82 4.39 -9.45
C ARG C 998 9.55 4.99 -8.89
N LEU C 999 8.52 5.12 -9.72
CA LEU C 999 7.24 5.65 -9.25
C LEU C 999 6.65 4.73 -8.18
N GLN C 1000 6.76 3.42 -8.37
CA GLN C 1000 6.15 2.49 -7.42
C GLN C 1000 6.70 2.67 -6.02
N SER C 1001 7.93 3.16 -5.90
CA SER C 1001 8.57 3.28 -4.58
C SER C 1001 7.99 4.41 -3.74
N LEU C 1002 7.13 5.25 -4.31
CA LEU C 1002 6.71 6.46 -3.62
C LEU C 1002 5.52 6.20 -2.69
N GLN C 1003 4.51 5.50 -3.20
CA GLN C 1003 3.29 5.29 -2.43
C GLN C 1003 3.54 4.50 -1.15
N THR C 1004 4.57 3.65 -1.13
CA THR C 1004 4.90 2.96 0.11
C THR C 1004 5.28 3.95 1.21
N TYR C 1005 6.18 4.87 0.90
CA TYR C 1005 6.57 5.88 1.86
C TYR C 1005 5.38 6.75 2.24
N VAL C 1006 4.54 7.08 1.26
CA VAL C 1006 3.35 7.88 1.55
C VAL C 1006 2.45 7.16 2.55
N THR C 1007 2.25 5.86 2.34
CA THR C 1007 1.41 5.09 3.23
C THR C 1007 1.99 5.02 4.64
N GLN C 1008 3.31 4.86 4.74
CA GLN C 1008 3.94 4.85 6.07
C GLN C 1008 3.70 6.17 6.78
N GLN C 1009 3.87 7.29 6.06
CA GLN C 1009 3.62 8.59 6.67
C GLN C 1009 2.18 8.71 7.12
N LEU C 1010 1.24 8.23 6.29
CA LEU C 1010 -0.17 8.31 6.65
C LEU C 1010 -0.45 7.56 7.95
N ILE C 1011 0.08 6.33 8.06
CA ILE C 1011 -0.18 5.53 9.25
C ILE C 1011 0.41 6.20 10.49
N ARG C 1012 1.65 6.68 10.36
CA ARG C 1012 2.29 7.31 11.52
C ARG C 1012 1.54 8.55 11.97
N ALA C 1013 1.10 9.38 11.02
CA ALA C 1013 0.33 10.56 11.38
C ALA C 1013 -0.98 10.19 12.03
N ALA C 1014 -1.62 9.12 11.55
CA ALA C 1014 -2.87 8.67 12.15
C ALA C 1014 -2.67 8.30 13.61
N GLU C 1015 -1.59 7.59 13.92
CA GLU C 1015 -1.33 7.26 15.32
C GLU C 1015 -1.02 8.52 16.14
N ILE C 1016 -0.24 9.44 15.57
CA ILE C 1016 0.14 10.64 16.29
C ILE C 1016 -1.09 11.46 16.65
N ARG C 1017 -2.09 11.46 15.78
CA ARG C 1017 -3.31 12.20 16.09
C ARG C 1017 -3.97 11.67 17.36
N ALA C 1018 -4.07 10.35 17.49
CA ALA C 1018 -4.65 9.78 18.71
C ALA C 1018 -3.83 10.13 19.93
N SER C 1019 -2.50 10.07 19.80
CA SER C 1019 -1.66 10.43 20.93
C SER C 1019 -1.90 11.88 21.35
N ALA C 1020 -2.01 12.78 20.38
CA ALA C 1020 -2.24 14.19 20.69
C ALA C 1020 -3.59 14.39 21.36
N ASN C 1021 -4.61 13.67 20.89
CA ASN C 1021 -5.92 13.79 21.53
C ASN C 1021 -5.86 13.35 22.99
N LEU C 1022 -5.17 12.24 23.26
CA LEU C 1022 -5.03 11.81 24.65
C LEU C 1022 -4.32 12.86 25.48
N ALA C 1023 -3.25 13.44 24.95
CA ALA C 1023 -2.52 14.45 25.70
C ALA C 1023 -3.40 15.67 25.98
N ALA C 1024 -4.17 16.10 24.99
CA ALA C 1024 -5.04 17.25 25.19
C ALA C 1024 -6.06 16.98 26.27
N THR C 1025 -6.67 15.79 26.26
CA THR C 1025 -7.63 15.45 27.31
C THR C 1025 -6.97 15.44 28.67
N LYS C 1026 -5.78 14.85 28.77
CA LYS C 1026 -5.10 14.79 30.06
C LYS C 1026 -4.83 16.17 30.60
N MET C 1027 -4.31 17.07 29.77
CA MET C 1027 -4.01 18.42 30.25
C MET C 1027 -5.30 19.13 30.66
N SER C 1028 -6.32 19.09 29.80
CA SER C 1028 -7.55 19.81 30.07
C SER C 1028 -8.24 19.34 31.33
N GLU C 1029 -8.08 18.06 31.67
CA GLU C 1029 -8.73 17.55 32.87
C GLU C 1029 -7.87 17.73 34.11
N CYS C 1030 -6.59 17.33 34.07
CA CYS C 1030 -5.79 17.33 35.29
C CYS C 1030 -5.33 18.72 35.69
N VAL C 1031 -5.05 19.60 34.74
CA VAL C 1031 -4.49 20.91 35.08
C VAL C 1031 -5.57 21.87 35.55
N LEU C 1032 -6.65 22.00 34.77
CA LEU C 1032 -7.65 23.01 35.07
C LEU C 1032 -8.47 22.68 36.30
N GLY C 1033 -8.45 21.44 36.76
CA GLY C 1033 -9.26 21.06 37.90
C GLY C 1033 -8.71 19.84 38.64
N GLN C 1034 -9.50 19.31 39.57
CA GLN C 1034 -9.09 18.16 40.37
C GLN C 1034 -9.81 16.92 39.88
N SER C 1035 -9.06 15.83 39.72
CA SER C 1035 -9.59 14.59 39.16
C SER C 1035 -9.96 13.62 40.26
N LYS C 1036 -11.13 12.99 40.12
CA LYS C 1036 -11.51 11.88 40.97
C LYS C 1036 -11.24 10.52 40.35
N ARG C 1037 -10.86 10.46 39.08
CA ARG C 1037 -10.55 9.20 38.44
C ARG C 1037 -9.26 8.63 39.00
N VAL C 1038 -9.26 7.34 39.28
CA VAL C 1038 -8.11 6.69 39.91
C VAL C 1038 -7.00 6.49 38.88
N ASP C 1039 -5.78 6.80 39.28
CA ASP C 1039 -4.58 6.55 38.49
C ASP C 1039 -4.58 7.27 37.15
N PHE C 1040 -5.40 8.31 37.00
CA PHE C 1040 -5.36 9.09 35.78
C PHE C 1040 -4.22 10.10 35.80
N CYS C 1041 -4.24 11.01 36.76
CA CYS C 1041 -3.22 12.05 36.88
C CYS C 1041 -2.14 11.61 37.86
N GLY C 1042 -1.54 10.45 37.60
CA GLY C 1042 -0.48 9.93 38.43
C GLY C 1042 -0.97 8.95 39.48
N LYS C 1043 -0.02 8.24 40.07
CA LYS C 1043 -0.34 7.23 41.09
C LYS C 1043 -0.70 7.89 42.42
N GLY C 1044 -1.53 7.20 43.19
CA GLY C 1044 -1.98 7.72 44.46
C GLY C 1044 -3.01 8.82 44.28
N TYR C 1045 -3.36 9.45 45.41
CA TYR C 1045 -4.31 10.55 45.36
C TYR C 1045 -3.68 11.77 44.69
N HIS C 1046 -4.51 12.55 44.00
CA HIS C 1046 -4.02 13.65 43.17
C HIS C 1046 -4.41 14.99 43.79
N LEU C 1047 -3.46 15.92 43.82
CA LEU C 1047 -3.70 17.26 44.34
C LEU C 1047 -3.50 18.34 43.29
N MET C 1048 -2.31 18.49 42.75
CA MET C 1048 -1.92 19.61 41.89
C MET C 1048 -1.55 19.10 40.50
N SER C 1049 -1.06 20.01 39.67
CA SER C 1049 -0.55 19.67 38.34
C SER C 1049 0.19 20.87 37.78
N PHE C 1050 1.35 20.61 37.16
CA PHE C 1050 2.13 21.68 36.56
C PHE C 1050 2.70 21.24 35.22
N PRO C 1051 2.43 21.97 34.15
CA PRO C 1051 2.92 21.59 32.82
C PRO C 1051 4.25 22.24 32.48
N GLN C 1052 4.96 21.61 31.56
CA GLN C 1052 6.22 22.14 31.05
C GLN C 1052 6.35 21.77 29.57
N SER C 1053 6.90 22.70 28.80
CA SER C 1053 7.02 22.52 27.36
C SER C 1053 8.31 21.79 27.02
N ALA C 1054 8.34 21.22 25.81
CA ALA C 1054 9.48 20.46 25.33
C ALA C 1054 9.42 20.41 23.81
N PRO C 1055 10.55 20.18 23.14
CA PRO C 1055 10.54 20.10 21.68
C PRO C 1055 9.67 18.94 21.20
N HIS C 1056 8.61 19.29 20.47
CA HIS C 1056 7.66 18.31 19.94
C HIS C 1056 7.06 17.44 21.05
N GLY C 1057 6.78 18.06 22.19
CA GLY C 1057 6.25 17.31 23.30
C GLY C 1057 5.84 18.20 24.44
N VAL C 1058 5.49 17.56 25.56
CA VAL C 1058 5.05 18.26 26.75
C VAL C 1058 5.32 17.36 27.94
N VAL C 1059 5.61 17.98 29.09
CA VAL C 1059 5.94 17.26 30.32
C VAL C 1059 5.03 17.75 31.43
N PHE C 1060 4.46 16.83 32.19
CA PHE C 1060 3.56 17.15 33.29
C PHE C 1060 4.21 16.82 34.62
N LEU C 1061 3.89 17.62 35.63
CA LEU C 1061 4.38 17.44 36.99
C LEU C 1061 3.16 17.23 37.88
N HIS C 1062 3.11 16.08 38.56
CA HIS C 1062 2.00 15.76 39.44
C HIS C 1062 2.42 15.85 40.90
N VAL C 1063 1.45 16.13 41.76
CA VAL C 1063 1.64 16.18 43.20
C VAL C 1063 0.66 15.20 43.82
N THR C 1064 1.16 14.32 44.69
CA THR C 1064 0.37 13.23 45.23
C THR C 1064 0.47 13.20 46.75
N TYR C 1065 -0.53 12.56 47.36
CA TYR C 1065 -0.62 12.43 48.81
C TYR C 1065 -0.66 10.94 49.15
N VAL C 1066 0.15 10.52 50.11
CA VAL C 1066 0.30 9.10 50.41
C VAL C 1066 0.35 8.88 51.93
N PRO C 1067 -0.44 7.96 52.47
CA PRO C 1067 -0.34 7.64 53.89
C PRO C 1067 0.96 6.92 54.21
N ALA C 1068 1.40 7.07 55.46
CA ALA C 1068 2.73 6.60 55.84
C ALA C 1068 2.72 5.45 56.83
N GLN C 1069 2.14 5.63 58.01
CA GLN C 1069 2.28 4.68 59.10
C GLN C 1069 0.96 4.00 59.40
N GLU C 1070 1.02 2.94 60.20
CA GLU C 1070 -0.13 2.10 60.49
C GLU C 1070 -0.20 1.79 61.98
N LYS C 1071 -1.35 1.29 62.40
CA LYS C 1071 -1.57 0.89 63.78
C LYS C 1071 -2.85 0.05 63.85
N ASN C 1072 -2.85 -0.93 64.74
CA ASN C 1072 -3.96 -1.87 64.85
C ASN C 1072 -5.00 -1.39 65.86
N PHE C 1073 -6.26 -1.70 65.60
CA PHE C 1073 -7.36 -1.33 66.49
C PHE C 1073 -8.48 -2.36 66.35
N THR C 1074 -9.36 -2.35 67.35
CA THR C 1074 -10.54 -3.21 67.36
C THR C 1074 -11.78 -2.37 67.09
N THR C 1075 -12.65 -2.88 66.23
CA THR C 1075 -13.81 -2.13 65.76
C THR C 1075 -15.11 -2.84 66.15
N ALA C 1076 -16.20 -2.11 65.99
CA ALA C 1076 -17.56 -2.60 66.21
C ALA C 1076 -18.49 -1.93 65.21
N PRO C 1077 -19.57 -2.59 64.82
CA PRO C 1077 -20.47 -2.00 63.82
C PRO C 1077 -21.40 -0.93 64.37
N ALA C 1078 -21.89 -1.11 65.60
CA ALA C 1078 -22.88 -0.20 66.16
C ALA C 1078 -22.82 -0.26 67.68
N ILE C 1079 -23.44 0.73 68.31
CA ILE C 1079 -23.44 0.87 69.76
C ILE C 1079 -24.88 0.83 70.26
N CYS C 1080 -25.12 0.01 71.28
CA CYS C 1080 -26.43 -0.11 71.91
C CYS C 1080 -26.40 0.59 73.26
N HIS C 1081 -27.38 1.46 73.49
CA HIS C 1081 -27.47 2.19 74.75
C HIS C 1081 -28.93 2.51 75.02
N ASP C 1082 -29.42 2.09 76.18
CA ASP C 1082 -30.81 2.31 76.58
C ASP C 1082 -31.80 1.73 75.57
N GLY C 1083 -31.45 0.60 74.98
CA GLY C 1083 -32.34 -0.06 74.04
C GLY C 1083 -32.52 0.65 72.73
N LYS C 1084 -31.67 1.61 72.40
CA LYS C 1084 -31.77 2.38 71.17
C LYS C 1084 -30.47 2.28 70.39
N ALA C 1085 -30.57 1.95 69.10
CA ALA C 1085 -29.38 1.82 68.28
C ALA C 1085 -28.81 3.19 67.94
N HIS C 1086 -27.50 3.21 67.67
CA HIS C 1086 -26.81 4.42 67.28
C HIS C 1086 -25.80 4.10 66.19
N PHE C 1087 -25.70 4.97 65.20
CA PHE C 1087 -24.76 4.81 64.11
C PHE C 1087 -23.93 6.07 63.95
N PRO C 1088 -22.68 5.95 63.52
CA PRO C 1088 -21.85 7.14 63.33
C PRO C 1088 -22.25 7.87 62.05
N ARG C 1089 -22.40 9.19 62.17
CA ARG C 1089 -22.71 9.99 60.99
C ARG C 1089 -21.58 9.91 59.97
N GLU C 1090 -20.34 10.06 60.44
CA GLU C 1090 -19.16 9.93 59.60
C GLU C 1090 -18.06 9.27 60.41
N GLY C 1091 -17.26 8.44 59.76
CA GLY C 1091 -16.16 7.78 60.45
C GLY C 1091 -16.49 6.37 60.87
N VAL C 1092 -15.87 5.90 61.94
CA VAL C 1092 -16.04 4.52 62.39
C VAL C 1092 -15.63 4.43 63.86
N PHE C 1093 -16.37 3.63 64.62
CA PHE C 1093 -16.06 3.42 66.02
C PHE C 1093 -14.77 2.64 66.18
N VAL C 1094 -13.96 3.03 67.17
CA VAL C 1094 -12.71 2.35 67.49
C VAL C 1094 -12.59 2.22 69.00
N SER C 1095 -11.68 1.36 69.43
CA SER C 1095 -11.49 1.11 70.85
C SER C 1095 -10.04 0.71 71.11
N ASN C 1096 -9.39 1.40 72.04
CA ASN C 1096 -8.04 1.04 72.47
C ASN C 1096 -8.07 0.13 73.69
N GLY C 1097 -8.89 -0.91 73.62
CA GLY C 1097 -9.01 -1.84 74.74
C GLY C 1097 -9.90 -1.41 75.88
N THR C 1098 -9.84 -0.13 76.28
CA THR C 1098 -10.57 0.35 77.44
C THR C 1098 -11.75 1.25 77.09
N HIS C 1099 -11.55 2.22 76.21
CA HIS C 1099 -12.58 3.20 75.89
C HIS C 1099 -12.99 3.06 74.43
N TRP C 1100 -13.86 3.97 73.99
CA TRP C 1100 -14.34 3.99 72.62
C TRP C 1100 -14.35 5.42 72.10
N PHE C 1101 -14.03 5.58 70.82
CA PHE C 1101 -13.93 6.90 70.23
C PHE C 1101 -14.35 6.82 68.76
N VAL C 1102 -14.53 8.00 68.16
CA VAL C 1102 -14.87 8.12 66.75
C VAL C 1102 -13.82 8.97 66.06
N THR C 1103 -13.49 8.58 64.83
CA THR C 1103 -12.46 9.27 64.07
C THR C 1103 -12.76 9.12 62.58
N GLN C 1104 -12.12 9.97 61.79
CA GLN C 1104 -12.28 9.93 60.34
C GLN C 1104 -11.47 8.77 59.77
N ARG C 1105 -11.54 8.60 58.46
CA ARG C 1105 -11.07 7.39 57.80
C ARG C 1105 -9.67 7.50 57.22
N ASN C 1106 -8.98 8.62 57.39
CA ASN C 1106 -7.65 8.75 56.81
C ASN C 1106 -6.64 9.42 57.74
N PHE C 1107 -7.02 9.71 58.98
CA PHE C 1107 -6.09 10.34 59.92
C PHE C 1107 -6.58 10.04 61.32
N TYR C 1108 -5.81 9.27 62.07
CA TYR C 1108 -6.24 8.85 63.40
C TYR C 1108 -6.37 10.04 64.33
N GLU C 1109 -7.57 10.25 64.87
CA GLU C 1109 -7.82 11.35 65.78
C GLU C 1109 -9.02 11.03 66.65
N PRO C 1110 -8.82 10.46 67.84
CA PRO C 1110 -9.94 10.06 68.68
C PRO C 1110 -10.73 11.26 69.19
N GLN C 1111 -12.02 11.02 69.44
CA GLN C 1111 -12.91 12.03 69.99
C GLN C 1111 -13.97 11.35 70.83
N ILE C 1112 -14.57 12.13 71.72
CA ILE C 1112 -15.59 11.63 72.63
C ILE C 1112 -16.88 11.42 71.88
N ILE C 1113 -17.52 10.28 72.11
CA ILE C 1113 -18.78 9.95 71.45
C ILE C 1113 -19.90 10.78 72.06
N THR C 1114 -20.50 11.65 71.26
CA THR C 1114 -21.62 12.47 71.68
C THR C 1114 -22.81 12.20 70.76
N THR C 1115 -23.93 12.86 71.07
CA THR C 1115 -25.12 12.72 70.24
C THR C 1115 -25.09 13.62 69.02
N ASP C 1116 -24.09 14.49 68.89
CA ASP C 1116 -24.04 15.43 67.79
C ASP C 1116 -23.44 14.84 66.52
N ASN C 1117 -22.84 13.65 66.60
CA ASN C 1117 -22.25 12.99 65.44
C ASN C 1117 -22.83 11.62 65.20
N THR C 1118 -24.00 11.33 65.76
CA THR C 1118 -24.66 10.05 65.60
C THR C 1118 -26.14 10.28 65.31
N PHE C 1119 -26.85 9.19 65.05
CA PHE C 1119 -28.29 9.24 64.88
C PHE C 1119 -28.87 7.87 65.23
N VAL C 1120 -30.15 7.86 65.53
CA VAL C 1120 -30.84 6.69 66.07
C VAL C 1120 -31.74 6.10 65.00
N SER C 1121 -31.72 4.77 64.88
CA SER C 1121 -32.58 4.07 63.93
C SER C 1121 -32.84 2.68 64.46
N GLY C 1122 -34.07 2.43 64.90
CA GLY C 1122 -34.46 1.11 65.36
C GLY C 1122 -33.90 0.77 66.72
N ASN C 1123 -34.13 -0.47 67.12
CA ASN C 1123 -33.65 -1.00 68.39
C ASN C 1123 -32.59 -2.07 68.13
N CYS C 1124 -32.06 -2.61 69.23
CA CYS C 1124 -30.87 -3.45 69.18
C CYS C 1124 -31.15 -4.92 68.91
N ASP C 1125 -32.39 -5.29 68.61
CA ASP C 1125 -32.72 -6.70 68.45
C ASP C 1125 -32.18 -7.25 67.12
N VAL C 1126 -32.29 -6.48 66.04
CA VAL C 1126 -32.03 -7.02 64.71
C VAL C 1126 -30.56 -6.96 64.35
N VAL C 1127 -29.88 -5.86 64.68
CA VAL C 1127 -28.50 -5.68 64.26
C VAL C 1127 -27.61 -6.76 64.85
N ILE C 1128 -26.60 -7.18 64.09
CA ILE C 1128 -25.70 -8.26 64.49
C ILE C 1128 -24.40 -7.63 64.99
N GLY C 1129 -23.93 -8.10 66.13
CA GLY C 1129 -22.63 -7.70 66.64
C GLY C 1129 -22.61 -6.42 67.43
N ILE C 1130 -23.77 -5.84 67.76
CA ILE C 1130 -23.78 -4.63 68.57
C ILE C 1130 -23.23 -4.92 69.97
N VAL C 1131 -22.81 -3.86 70.65
CA VAL C 1131 -22.21 -3.98 71.97
C VAL C 1131 -22.88 -2.98 72.91
N ASN C 1132 -22.73 -3.24 74.21
CA ASN C 1132 -23.26 -2.39 75.25
C ASN C 1132 -22.20 -1.40 75.69
N ASN C 1133 -22.51 -0.11 75.61
CA ASN C 1133 -21.59 0.93 76.04
C ASN C 1133 -22.35 2.21 76.29
N THR C 1134 -21.89 2.98 77.26
CA THR C 1134 -22.50 4.25 77.60
C THR C 1134 -22.30 5.26 76.47
N VAL C 1135 -23.31 6.09 76.25
CA VAL C 1135 -23.27 7.16 75.27
C VAL C 1135 -23.35 8.49 76.00
N TYR C 1136 -22.36 9.34 75.82
CA TYR C 1136 -22.34 10.63 76.48
C TYR C 1136 -23.39 11.57 75.89
N ASP C 1137 -24.08 12.29 76.76
CA ASP C 1137 -25.01 13.32 76.37
C ASP C 1137 -24.45 14.67 76.76
N PRO C 1138 -24.19 15.57 75.80
CA PRO C 1138 -23.64 16.89 76.16
C PRO C 1138 -24.67 17.87 76.70
N LEU C 1139 -25.95 17.48 76.80
CA LEU C 1139 -26.96 18.36 77.37
C LEU C 1139 -27.03 18.27 78.88
N GLN C 1140 -26.45 17.23 79.48
CA GLN C 1140 -26.51 17.06 80.92
C GLN C 1140 -25.89 18.20 81.72
N PRO C 1141 -24.68 18.70 81.42
CA PRO C 1141 -24.09 19.73 82.29
C PRO C 1141 -24.91 21.02 82.35
N GLU C 1142 -25.66 21.32 81.29
CA GLU C 1142 -26.53 22.50 81.33
C GLU C 1142 -27.78 22.28 82.18
N LEU C 1143 -28.08 21.04 82.55
CA LEU C 1143 -29.25 20.77 83.37
C LEU C 1143 -29.10 21.36 84.77
N ASP C 1144 -27.88 21.33 85.32
CA ASP C 1144 -27.67 21.80 86.68
C ASP C 1144 -28.00 23.28 86.82
N SER C 1145 -27.64 24.09 85.84
CA SER C 1145 -27.96 25.51 85.87
C SER C 1145 -29.46 25.74 85.73
#